data_8ZOS
#
_entry.id   8ZOS
#
_cell.length_a   1.00
_cell.length_b   1.00
_cell.length_c   1.00
_cell.angle_alpha   90.00
_cell.angle_beta   90.00
_cell.angle_gamma   90.00
#
_symmetry.space_group_name_H-M   'P 1'
#
loop_
_entity.id
_entity.type
_entity.pdbx_description
1 polymer 'Cytochrome b'
2 polymer 'Cytochrome c1, heme protein, mitochondrial'
3 polymer 'Cytochrome b-c1 complex subunit Rieske, mitochondrial'
4 polymer 'Cytochrome b-c1 complex subunit 1, mitochondrial'
5 polymer 'Cytochrome b-c1 complex subunit 2, mitochondrial'
6 polymer 'Cytochrome b-c1 complex subunit 6'
7 polymer 'Cytochrome b-c1 complex subunit 7'
8 polymer 'Cytochrome b-c1 complex subunit 8'
9 polymer 'Complex III subunit 9'
10 polymer 'Cytochrome b-c1 complex subunit 10'
11 polymer 'Cytochrome b-c1 complex subunit Rieske, mitochondrial'
12 non-polymer 'methyl ~{N}-[2-[[1-(4-chlorophenyl)pyrazol-3-yl]oxymethyl]phenyl]-~{N}-methoxy-carbamate'
13 non-polymer 'PROTOPORPHYRIN IX CONTAINING FE'
14 non-polymer 1,2-dioleoyl-sn-glycero-3-phosphoethanolamine
15 non-polymer 'HEME C'
16 non-polymer 'FE2/S2 (INORGANIC) CLUSTER'
17 non-polymer CARDIOLIPIN
#
loop_
_entity_poly.entity_id
_entity_poly.type
_entity_poly.pdbx_seq_one_letter_code
_entity_poly.pdbx_strand_id
1 'polypeptide(L)'
;TNIRKSHPLMKIINNAFIDLPAPSNISSWWNFGSLLGICLILQILTGLFLAMHYTSDTTTAFSSVTHICRDVNYGWVIRY
LHANGASMFFICLFIHVGRGLYYGSYMFLETWNIGVVLLFTVMATAFMGYVLPWGQMSFWGATVITNLLSAIPYIGTDLV
EWIWGGFSVDKATLTRFFAFHFILPFIITALAAVHLLFLHETGSNNPTGISSDMDKIPFHPYYTIKDILGALFMMLILLI
LVLFSPDLLGDPDNYTPANPLNTPPHIKPEWYFLFAYAILRSIPNKLGGVLALVASILILILMPMLHTSKQRSMMFRPLS
QCLFWMLVADLITLTWIGGQPVEHPFIIIGQLASILYFLIILVLMPITSIIENNLLKW
;
A,a
2 'polypeptide(L)'
;TDLELHAPSYPWSHRGLLSSLDHTSIRRGFQVYKQVCSSCHSMDYVAYRHLVGVCYTEEEAKALAEEVEVQDGPNEDGEM
FMRPGKLSDYFPKPYPNPEAARAANNGALPPDLSYIVRARHGGEDYVFSLLTGYCEPPTGVSLREGLYFNPYFPGQAIAM
APPIYNEVLEFDDGTPATMSQVAKDVCTFLRWASEPEHDHRKRMGLKMLMMMGLLLPLVYAMKRHKWSVLKSRKLAYRPP
K
;
B,b
3 'polypeptide(L)'
;SHTDIRVPDFSDYRRAEVLDSTKSSKESSDARKGFSYLITATTTVGVAYAAKNAVSQFVSSMSASADVLAMSKIEIKLSD
IPEGKNMAFKWRGKPLFVRHRTKKEIDQEAAVEVSQLRDPQHDLERVKKPEWVILIGVCTHLGCVPIANAGDFGGYYCPC
HGSHYDASGRIRKGPAPLNLEVPTYEFTSDDLVIVG
;
C,c
4 'polypeptide(L)'
;TATYAQALQSVPETQVSQLDNGLRVASEQSSQPTCTVGVWIDAGSRYENEKNNGAGYFVEHLAFKGTKNRPGSALEKEVE
SMGAHLNAYSTREHTAYYIKALSKDLPKAVELLADIVQNCSLEDSQIEKERDVILQELQENDSSMRDVVFDYLHATAFQG
TPLAQSVEGPSENVRKLSRADLTEYVSQHYKAPRMVLAAAGGVEHRQLLDLAQKHFSSLSGTYVEDAVPAFTPCRFTGSE
IRHRDDALPLAHVAIAVEGPGWANPDNVPLQVANAIIGHYDSTYGGGTHMSSTLASVAATRKLCQSFQTFNICYAETGLL
GAHFVCDNMSIDDMMFFLQGQWMRLCTSATESEVVRGKNILRNALVSHLDGTTPVCEDIGRSLLTYGRRIPLAEWESRIA
EVDASVVREVCSKYFYDQCPAVAGLGPIEQLPDYNRIRSGMFWLRF
;
D,d
5 'polypeptide(L)'
;PQDLEFTRLPNGLVIASLENYAPASRIGLFIKAGSRYEDSNNLGTSHLLRLASSLTTKGASSFKITRGIEAVGGKLSVTS
TRESMAYTVECLRDDIEILMEFLLNVTAAPEFRRWEVAALQSQLRIDKAVAFQNPQAQVLENLHAAAYRNALANSLYCPD
YRIGKVTPDQLHYYVQNHFTSARMALIGLGVSHPVLKQVAERFLNMRGGLGLSGAKAKYRGGEIRDQNGDSLVHAALVAE
SAATGSAEANAFSVLQHVLGAGPHVKRGSNATSSLYQAVAKGVHQPFDVSAFNASYSDSGLFGIYTISQAASAGDVIKSA
YDQVKAIAQGNLSNTDVQAAKNKLKAGYLMSVESSEGFLDEVGSQALVAGSYMQPSTVLQQIDSVADADVINAAKKFVSG
RKSMAASGNLGHTPFVDE
;
E,e
6 'polypeptide(L)' DPLTTVREQCEQIEKCIKARERLELCDQRVSSRSQTEEDCTEELFDFLHARDHCVAHKLFNSLK F,f
7 'polypeptide(L)'
;AVAASSKWLEGIRKWYYNAAGFNKLGLMRDDTIYEDDDVKEAIRRLPENLYNDRVFRIKRALDLTMRQQILPKEQWTKYE
EDKFYLEPYLKEVIRERKEREEWAKK
;
G,g
8 'polypeptide(L)' GREFGHLTRMRHVITYSLSPFEQRAFPHYFTKGIPNVLRRTRACILRVAPPFVVFYLVYTWGTQEFEKSKRKNPAAYEN H,h
9 'polypeptide(L)' AAPTLTARLYSLLFRRTSTFALTIAVGALFFERAFDQGADAIYEHINQGKLWKHIKHKYENK I,i
10 'polypeptide(L)' MLSRFLGPRYRELARNWIPTASMWGAVGAVGLVWATDWRLILDWVPYINGKF J,j
11 'polypeptide(L)' MLSVASRSGPFAPVLSATSRGVAGALRPLVQAALPATSESPVLDAKRSFLCRESLSG K,k
#
# COMPACT_ATOMS: atom_id res chain seq x y z
N THR A 1 -10.54 -12.21 7.41
CA THR A 1 -11.40 -12.33 8.57
C THR A 1 -10.48 -12.22 9.78
N ASN A 2 -9.19 -12.37 9.50
CA ASN A 2 -8.15 -11.91 10.42
C ASN A 2 -8.12 -10.39 10.36
N ILE A 3 -8.45 -9.73 11.46
CA ILE A 3 -8.65 -8.29 11.46
C ILE A 3 -7.33 -7.52 11.34
N ARG A 4 -6.20 -8.10 11.72
CA ARG A 4 -4.95 -7.40 11.58
C ARG A 4 -4.33 -7.56 10.21
N LYS A 5 -5.00 -8.24 9.29
CA LYS A 5 -4.56 -8.35 7.91
C LYS A 5 -5.49 -7.64 6.93
N SER A 6 -6.61 -7.10 7.40
CA SER A 6 -7.61 -6.54 6.50
C SER A 6 -8.10 -5.15 6.88
N HIS A 7 -7.93 -4.72 8.13
CA HIS A 7 -8.30 -3.36 8.52
C HIS A 7 -7.32 -2.37 7.90
N PRO A 8 -7.81 -1.23 7.38
CA PRO A 8 -6.93 -0.31 6.63
C PRO A 8 -5.82 0.33 7.46
N LEU A 9 -6.05 0.57 8.74
CA LEU A 9 -5.02 1.14 9.59
C LEU A 9 -4.18 0.06 10.29
N MET A 10 -4.80 -1.07 10.62
CA MET A 10 -4.09 -2.13 11.34
C MET A 10 -3.11 -2.87 10.44
N LYS A 11 -3.40 -2.95 9.14
CA LYS A 11 -2.51 -3.66 8.23
C LYS A 11 -1.25 -2.88 7.90
N ILE A 12 -1.24 -1.56 8.13
CA ILE A 12 -0.01 -0.80 8.02
C ILE A 12 0.92 -1.10 9.18
N ILE A 13 0.36 -1.21 10.38
CA ILE A 13 1.14 -1.53 11.59
C ILE A 13 1.66 -2.96 11.52
N ASN A 14 0.86 -3.87 10.97
CA ASN A 14 1.24 -5.28 10.89
C ASN A 14 2.40 -5.50 9.93
N ASN A 15 2.39 -4.81 8.79
CA ASN A 15 3.49 -4.93 7.84
C ASN A 15 4.75 -4.24 8.32
N ALA A 16 4.64 -3.29 9.23
CA ALA A 16 5.81 -2.52 9.67
C ALA A 16 6.49 -3.10 10.90
N PHE A 17 5.73 -3.68 11.84
CA PHE A 17 6.30 -4.05 13.12
C PHE A 17 6.07 -5.51 13.51
N ILE A 18 5.00 -6.13 13.02
CA ILE A 18 4.61 -7.44 13.53
C ILE A 18 5.07 -8.57 12.60
N ASP A 19 4.60 -8.57 11.36
CA ASP A 19 4.87 -9.65 10.41
C ASP A 19 6.05 -9.34 9.51
N LEU A 20 6.90 -8.41 9.87
CA LEU A 20 8.00 -7.99 9.03
C LEU A 20 9.12 -9.04 9.02
N PRO A 21 9.59 -9.47 7.86
CA PRO A 21 10.70 -10.44 7.82
C PRO A 21 12.02 -9.78 8.18
N ALA A 22 12.76 -10.42 9.06
CA ALA A 22 13.97 -9.86 9.64
C ALA A 22 15.06 -10.93 9.66
N PRO A 23 16.32 -10.56 9.48
CA PRO A 23 17.39 -11.55 9.59
C PRO A 23 17.52 -12.07 11.01
N SER A 24 17.93 -13.33 11.12
CA SER A 24 17.99 -14.00 12.41
C SER A 24 19.30 -13.76 13.16
N ASN A 25 20.35 -13.26 12.50
CA ASN A 25 21.65 -13.07 13.12
C ASN A 25 21.97 -11.60 13.38
N ILE A 26 20.94 -10.77 13.51
CA ILE A 26 21.08 -9.35 13.80
C ILE A 26 21.64 -9.15 15.21
N SER A 27 22.66 -8.29 15.34
CA SER A 27 23.38 -8.11 16.60
C SER A 27 22.80 -6.96 17.43
N SER A 28 23.48 -6.63 18.52
CA SER A 28 23.11 -5.51 19.37
C SER A 28 23.45 -4.16 18.76
N TRP A 29 24.30 -4.11 17.73
CA TRP A 29 24.55 -2.87 17.02
C TRP A 29 23.35 -2.40 16.19
N TRP A 30 22.38 -3.27 15.95
CA TRP A 30 21.15 -2.90 15.28
C TRP A 30 20.07 -2.42 16.23
N ASN A 31 20.39 -2.28 17.53
CA ASN A 31 19.47 -1.73 18.52
C ASN A 31 19.39 -0.21 18.51
N PHE A 32 20.40 0.48 17.99
CA PHE A 32 20.53 1.91 18.17
C PHE A 32 19.65 2.73 17.24
N GLY A 33 18.89 2.11 16.35
CA GLY A 33 17.98 2.84 15.49
C GLY A 33 16.67 3.15 16.17
N SER A 34 16.17 2.20 16.96
CA SER A 34 15.01 2.46 17.80
C SER A 34 15.36 3.24 19.06
N LEU A 35 16.63 3.22 19.49
CA LEU A 35 17.06 4.08 20.58
C LEU A 35 17.07 5.55 20.16
N LEU A 36 17.41 5.84 18.90
CA LEU A 36 17.35 7.20 18.38
C LEU A 36 15.91 7.70 18.31
N GLY A 37 14.96 6.80 18.07
CA GLY A 37 13.56 7.18 18.10
C GLY A 37 13.01 7.40 19.49
N ILE A 38 13.63 6.80 20.51
CA ILE A 38 13.24 7.06 21.89
C ILE A 38 13.82 8.39 22.36
N CYS A 39 15.08 8.68 21.98
CA CYS A 39 15.70 9.93 22.38
C CYS A 39 15.07 11.13 21.71
N LEU A 40 14.53 10.98 20.50
CA LEU A 40 13.89 12.11 19.83
C LEU A 40 12.52 12.40 20.43
N ILE A 41 11.78 11.36 20.83
CA ILE A 41 10.49 11.58 21.48
C ILE A 41 10.67 12.21 22.85
N LEU A 42 11.73 11.80 23.56
CA LEU A 42 11.98 12.32 24.90
C LEU A 42 12.40 13.78 24.88
N GLN A 43 13.14 14.19 23.86
CA GLN A 43 13.52 15.60 23.71
C GLN A 43 12.36 16.47 23.26
N ILE A 44 11.20 15.90 22.92
CA ILE A 44 10.02 16.66 22.55
C ILE A 44 9.09 16.86 23.74
N LEU A 45 8.92 15.84 24.57
CA LEU A 45 8.11 15.94 25.78
C LEU A 45 8.85 16.54 26.97
N THR A 46 9.99 17.19 26.72
CA THR A 46 10.79 17.82 27.77
C THR A 46 11.12 19.24 27.30
N GLY A 47 11.19 19.42 25.99
CA GLY A 47 11.23 20.76 25.42
C GLY A 47 9.90 21.47 25.43
N LEU A 48 8.83 20.72 25.68
CA LEU A 48 7.53 21.31 25.97
C LEU A 48 7.62 22.18 27.22
N PHE A 49 8.20 21.65 28.28
CA PHE A 49 8.25 22.30 29.58
C PHE A 49 9.09 23.56 29.55
N LEU A 50 10.24 23.51 28.87
CA LEU A 50 11.20 24.61 28.95
C LEU A 50 10.74 25.82 28.16
N ALA A 51 10.14 25.60 26.98
CA ALA A 51 9.64 26.72 26.20
C ALA A 51 8.37 27.33 26.78
N MET A 52 7.68 26.63 27.67
CA MET A 52 6.53 27.20 28.38
C MET A 52 6.97 28.35 29.28
N HIS A 53 7.84 28.06 30.25
CA HIS A 53 8.46 29.08 31.08
C HIS A 53 9.77 29.53 30.41
N TYR A 54 9.64 30.45 29.46
CA TYR A 54 10.84 30.96 28.83
C TYR A 54 10.63 32.38 28.30
N THR A 55 11.69 33.16 28.36
CA THR A 55 11.77 34.49 27.77
C THR A 55 13.16 34.63 27.16
N SER A 56 13.24 35.04 25.91
CA SER A 56 14.51 35.03 25.20
C SER A 56 14.87 36.46 24.80
N ASP A 57 15.70 37.09 25.61
CA ASP A 57 16.15 38.45 25.38
C ASP A 57 17.53 38.63 25.96
N THR A 58 18.22 39.68 25.53
CA THR A 58 19.59 39.91 25.97
C THR A 58 19.67 40.35 27.43
N THR A 59 18.55 40.74 28.04
CA THR A 59 18.51 41.23 29.40
C THR A 59 18.04 40.18 30.39
N THR A 60 17.31 39.15 29.95
CA THR A 60 16.69 38.25 30.89
C THR A 60 16.94 36.76 30.60
N ALA A 61 17.75 36.41 29.59
CA ALA A 61 17.89 35.00 29.20
C ALA A 61 18.60 34.19 30.26
N PHE A 62 19.66 34.75 30.85
CA PHE A 62 20.47 34.03 31.82
C PHE A 62 19.71 33.79 33.12
N SER A 63 18.74 34.65 33.43
CA SER A 63 17.91 34.51 34.61
C SER A 63 16.64 33.72 34.35
N SER A 64 16.21 33.61 33.10
CA SER A 64 15.03 32.82 32.79
C SER A 64 15.32 31.34 32.95
N VAL A 65 16.58 30.95 32.79
CA VAL A 65 16.96 29.56 32.97
C VAL A 65 17.23 29.22 34.44
N THR A 66 17.78 30.17 35.21
CA THR A 66 17.97 29.96 36.65
C THR A 66 16.67 30.00 37.43
N HIS A 67 15.60 30.54 36.86
CA HIS A 67 14.29 30.51 37.51
C HIS A 67 13.70 29.11 37.57
N ILE A 68 14.12 28.23 36.67
CA ILE A 68 13.47 26.93 36.54
C ILE A 68 14.05 25.92 37.50
N CYS A 69 15.35 26.01 37.76
CA CYS A 69 16.01 25.06 38.65
C CYS A 69 15.65 25.27 40.12
N ARG A 70 15.23 26.48 40.50
CA ARG A 70 14.89 26.79 41.88
C ARG A 70 13.40 26.99 42.10
N ASP A 71 12.77 27.87 41.32
CA ASP A 71 11.40 28.29 41.57
C ASP A 71 10.37 27.39 40.88
N VAL A 72 10.60 27.05 39.62
CA VAL A 72 9.62 26.25 38.88
C VAL A 72 9.66 24.82 39.38
N ASN A 73 8.49 24.31 39.79
CA ASN A 73 8.39 22.98 40.37
C ASN A 73 8.71 21.91 39.34
N TYR A 74 9.51 20.92 39.77
CA TYR A 74 10.05 19.84 38.94
C TYR A 74 10.78 20.39 37.72
N GLY A 75 11.60 21.40 37.97
CA GLY A 75 12.27 22.07 36.87
C GLY A 75 13.74 21.73 36.84
N TRP A 76 14.30 21.35 37.98
CA TRP A 76 15.68 20.88 38.00
C TRP A 76 15.81 19.52 37.35
N VAL A 77 14.80 18.66 37.52
CA VAL A 77 14.88 17.32 36.93
C VAL A 77 14.65 17.38 35.42
N ILE A 78 13.75 18.26 34.96
CA ILE A 78 13.40 18.34 33.56
C ILE A 78 14.45 19.10 32.77
N ARG A 79 15.11 20.10 33.38
CA ARG A 79 16.17 20.80 32.66
C ARG A 79 17.37 19.91 32.41
N TYR A 80 17.79 19.15 33.42
CA TYR A 80 18.96 18.29 33.25
C TYR A 80 18.62 16.97 32.57
N LEU A 81 17.34 16.62 32.47
CA LEU A 81 16.93 15.58 31.53
C LEU A 81 17.10 16.05 30.10
N HIS A 82 16.92 17.35 29.84
CA HIS A 82 17.02 17.88 28.50
C HIS A 82 18.46 18.14 28.08
N ALA A 83 19.33 18.52 29.00
CA ALA A 83 20.72 18.80 28.66
C ALA A 83 21.52 17.51 28.51
N ASN A 84 21.20 16.48 29.30
CA ASN A 84 21.86 15.19 29.18
C ASN A 84 21.16 14.28 28.17
N GLY A 85 19.87 14.50 27.91
CA GLY A 85 19.18 13.78 26.86
C GLY A 85 19.67 14.13 25.47
N ALA A 86 20.27 15.30 25.30
CA ALA A 86 20.87 15.66 24.02
C ALA A 86 22.27 15.09 23.88
N SER A 87 22.97 14.86 24.99
CA SER A 87 24.22 14.12 24.92
C SER A 87 23.98 12.65 24.65
N MET A 88 22.83 12.12 25.09
CA MET A 88 22.49 10.74 24.82
C MET A 88 22.13 10.53 23.36
N PHE A 89 21.44 11.51 22.76
CA PHE A 89 21.11 11.47 21.33
C PHE A 89 22.37 11.42 20.47
N PHE A 90 23.40 12.17 20.85
CA PHE A 90 24.59 12.26 20.03
C PHE A 90 25.50 11.05 20.18
N ILE A 91 25.44 10.32 21.30
CA ILE A 91 26.22 9.11 21.37
C ILE A 91 25.50 7.96 20.64
N CYS A 92 24.17 7.99 20.60
CA CYS A 92 23.43 6.98 19.86
C CYS A 92 23.44 7.25 18.36
N LEU A 93 23.88 8.43 17.94
CA LEU A 93 23.97 8.78 16.54
C LEU A 93 25.33 8.42 15.94
N PHE A 94 26.39 8.54 16.74
CA PHE A 94 27.73 8.20 16.24
C PHE A 94 27.96 6.69 16.20
N ILE A 95 27.30 5.94 17.09
CA ILE A 95 27.32 4.48 17.01
C ILE A 95 26.56 4.03 15.77
N HIS A 96 25.43 4.69 15.49
CA HIS A 96 24.57 4.34 14.37
C HIS A 96 25.24 4.55 13.03
N VAL A 97 25.97 5.66 12.87
CA VAL A 97 26.64 5.94 11.62
C VAL A 97 27.84 5.02 11.43
N GLY A 98 28.58 4.75 12.51
CA GLY A 98 29.73 3.86 12.42
C GLY A 98 29.37 2.41 12.16
N ARG A 99 28.16 1.99 12.57
CA ARG A 99 27.65 0.68 12.18
C ARG A 99 27.50 0.57 10.67
N GLY A 100 26.75 1.50 10.07
CA GLY A 100 26.49 1.46 8.65
C GLY A 100 27.71 1.69 7.78
N LEU A 101 28.72 2.33 8.33
CA LEU A 101 30.00 2.46 7.65
C LEU A 101 30.78 1.15 7.70
N TYR A 102 30.70 0.43 8.82
CA TYR A 102 31.48 -0.80 8.99
C TYR A 102 30.89 -1.95 8.18
N TYR A 103 29.57 -2.09 8.17
CA TYR A 103 28.94 -3.24 7.55
C TYR A 103 28.46 -2.96 6.13
N GLY A 104 28.84 -1.82 5.56
CA GLY A 104 28.48 -1.51 4.19
C GLY A 104 27.01 -1.23 3.96
N SER A 105 26.32 -0.67 4.95
CA SER A 105 24.90 -0.37 4.82
C SER A 105 24.62 0.82 3.92
N TYR A 106 25.64 1.59 3.55
CA TYR A 106 25.48 2.72 2.63
C TYR A 106 25.13 2.30 1.21
N MET A 107 25.23 1.01 0.87
CA MET A 107 24.77 0.50 -0.42
C MET A 107 23.27 0.60 -0.59
N PHE A 108 22.51 0.76 0.50
CA PHE A 108 21.12 1.19 0.43
C PHE A 108 21.16 2.70 0.21
N LEU A 109 21.16 3.12 -1.07
CA LEU A 109 21.55 4.47 -1.45
C LEU A 109 20.56 5.52 -0.97
N GLU A 110 19.26 5.25 -1.10
CA GLU A 110 18.27 6.26 -0.75
C GLU A 110 18.12 6.40 0.76
N THR A 111 18.28 5.29 1.49
CA THR A 111 18.22 5.32 2.94
C THR A 111 19.45 6.05 3.52
N TRP A 112 20.62 5.85 2.89
CA TRP A 112 21.84 6.49 3.36
C TRP A 112 21.82 8.01 3.13
N ASN A 113 21.21 8.46 2.03
CA ASN A 113 21.24 9.89 1.71
C ASN A 113 20.27 10.70 2.56
N ILE A 114 19.15 10.12 2.94
CA ILE A 114 18.24 10.76 3.89
C ILE A 114 18.89 10.79 5.28
N GLY A 115 19.76 9.83 5.58
CA GLY A 115 20.46 9.85 6.84
C GLY A 115 21.45 11.00 6.97
N VAL A 116 22.17 11.32 5.89
CA VAL A 116 23.10 12.44 5.89
C VAL A 116 22.37 13.77 6.07
N VAL A 117 21.14 13.86 5.57
CA VAL A 117 20.31 15.03 5.82
C VAL A 117 19.88 15.09 7.28
N LEU A 118 19.62 13.93 7.90
CA LEU A 118 19.25 13.89 9.31
C LEU A 118 20.42 14.25 10.23
N LEU A 119 21.65 13.96 9.81
CA LEU A 119 22.81 14.31 10.61
C LEU A 119 23.07 15.82 10.58
N PHE A 120 22.75 16.49 9.48
CA PHE A 120 22.91 17.94 9.41
C PHE A 120 21.86 18.66 10.24
N THR A 121 20.65 18.13 10.30
CA THR A 121 19.54 18.86 10.90
C THR A 121 19.60 18.82 12.41
N VAL A 122 20.05 17.72 12.99
CA VAL A 122 20.19 17.68 14.45
C VAL A 122 21.43 18.42 14.91
N MET A 123 22.45 18.53 14.06
CA MET A 123 23.66 19.27 14.44
C MET A 123 23.39 20.76 14.47
N ALA A 124 22.62 21.27 13.52
CA ALA A 124 22.27 22.68 13.48
C ALA A 124 21.24 23.04 14.54
N THR A 125 20.38 22.08 14.91
CA THR A 125 19.39 22.33 15.95
C THR A 125 20.06 22.54 17.30
N ALA A 126 20.95 21.62 17.69
CA ALA A 126 21.61 21.68 19.00
C ALA A 126 22.56 22.86 19.14
N PHE A 127 23.06 23.39 18.02
CA PHE A 127 23.83 24.63 18.06
C PHE A 127 22.94 25.81 18.44
N MET A 128 21.69 25.80 17.99
CA MET A 128 20.74 26.86 18.30
C MET A 128 19.94 26.58 19.57
N GLY A 129 20.46 25.72 20.45
CA GLY A 129 19.84 25.51 21.74
C GLY A 129 20.83 25.85 22.84
N TYR A 130 22.12 25.70 22.54
CA TYR A 130 23.17 26.12 23.44
C TYR A 130 23.40 27.62 23.42
N VAL A 131 22.88 28.32 22.41
CA VAL A 131 22.97 29.78 22.37
C VAL A 131 21.86 30.42 23.20
N LEU A 132 20.77 29.70 23.45
CA LEU A 132 19.63 30.15 24.25
C LEU A 132 19.91 30.46 25.73
N PRO A 133 20.73 29.69 26.49
CA PRO A 133 20.90 30.06 27.91
C PRO A 133 21.71 31.32 28.17
N TRP A 134 22.52 31.77 27.19
CA TRP A 134 23.23 33.05 27.20
C TRP A 134 24.21 33.14 28.37
N GLY A 135 25.25 32.33 28.26
CA GLY A 135 26.42 32.46 29.11
C GLY A 135 27.65 32.76 28.30
N GLN A 136 28.85 32.59 28.88
CA GLN A 136 30.09 32.89 28.18
C GLN A 136 30.31 31.95 27.00
N MET A 137 30.00 30.67 27.17
CA MET A 137 30.17 29.72 26.08
C MET A 137 29.10 29.90 25.01
N SER A 138 27.93 30.43 25.38
CA SER A 138 26.91 30.72 24.39
C SER A 138 27.31 31.90 23.51
N PHE A 139 27.92 32.94 24.10
CA PHE A 139 28.30 34.12 23.33
C PHE A 139 29.47 33.84 22.42
N TRP A 140 30.62 33.46 23.00
CA TRP A 140 31.85 33.35 22.22
C TRP A 140 31.83 32.17 21.26
N GLY A 141 30.93 31.21 21.45
CA GLY A 141 30.77 30.12 20.50
C GLY A 141 29.89 30.51 19.33
N ALA A 142 28.91 31.36 19.57
CA ALA A 142 28.08 31.85 18.47
C ALA A 142 28.82 32.87 17.62
N THR A 143 29.68 33.69 18.24
CA THR A 143 30.38 34.76 17.55
C THR A 143 31.65 34.30 16.84
N VAL A 144 31.93 33.00 16.81
CA VAL A 144 32.92 32.45 15.88
C VAL A 144 32.27 31.75 14.70
N ILE A 145 30.96 31.52 14.76
CA ILE A 145 30.25 31.04 13.59
C ILE A 145 30.09 32.16 12.58
N THR A 146 29.66 33.34 13.05
CA THR A 146 29.36 34.46 12.18
C THR A 146 30.61 35.11 11.59
N ASN A 147 31.79 34.85 12.16
CA ASN A 147 33.02 35.32 11.52
C ASN A 147 33.30 34.52 10.26
N LEU A 148 32.95 33.25 10.26
CA LEU A 148 33.09 32.39 9.10
C LEU A 148 31.82 32.37 8.26
N LEU A 149 30.74 32.97 8.73
CA LEU A 149 29.51 33.09 7.96
C LEU A 149 29.42 34.42 7.23
N SER A 150 30.10 35.45 7.74
CA SER A 150 30.28 36.70 7.01
C SER A 150 31.42 36.62 6.00
N ALA A 151 32.19 35.54 6.01
CA ALA A 151 33.26 35.32 5.04
C ALA A 151 32.74 34.85 3.69
N ILE A 152 31.44 34.58 3.57
CA ILE A 152 30.81 34.27 2.28
C ILE A 152 30.89 35.54 1.44
N PRO A 153 31.52 35.49 0.26
CA PRO A 153 32.02 36.73 -0.37
C PRO A 153 30.97 37.69 -0.89
N TYR A 154 29.73 37.25 -1.10
CA TYR A 154 28.71 38.14 -1.65
C TYR A 154 27.56 38.39 -0.70
N ILE A 155 26.90 37.34 -0.21
CA ILE A 155 25.62 37.50 0.49
C ILE A 155 25.77 37.43 2.01
N GLY A 156 27.01 37.29 2.51
CA GLY A 156 27.20 36.87 3.89
C GLY A 156 26.95 37.96 4.91
N THR A 157 27.22 39.22 4.55
CA THR A 157 27.08 40.30 5.52
C THR A 157 25.62 40.65 5.77
N ASP A 158 24.75 40.45 4.79
CA ASP A 158 23.32 40.63 4.98
C ASP A 158 22.63 39.35 5.41
N LEU A 159 23.34 38.23 5.37
CA LEU A 159 22.80 36.97 5.88
C LEU A 159 22.84 36.93 7.40
N VAL A 160 23.98 37.32 7.99
CA VAL A 160 24.11 37.27 9.44
C VAL A 160 23.27 38.36 10.09
N GLU A 161 23.04 39.47 9.40
CA GLU A 161 22.27 40.56 9.97
C GLU A 161 20.78 40.26 9.95
N TRP A 162 20.35 39.40 9.02
CA TRP A 162 18.97 38.95 8.93
C TRP A 162 18.64 37.90 9.98
N ILE A 163 19.62 37.16 10.48
CA ILE A 163 19.39 36.14 11.50
C ILE A 163 19.74 36.62 12.91
N TRP A 164 20.48 37.72 13.06
CA TRP A 164 20.78 38.27 14.38
C TRP A 164 19.65 39.12 14.93
N GLY A 165 18.44 39.01 14.41
CA GLY A 165 17.35 39.89 14.79
C GLY A 165 17.36 41.25 14.14
N GLY A 166 18.49 41.68 13.59
CA GLY A 166 18.59 42.96 12.92
C GLY A 166 19.88 43.74 13.07
N PHE A 167 20.58 43.69 14.21
CA PHE A 167 21.86 44.39 14.24
C PHE A 167 23.04 43.54 14.68
N SER A 168 23.00 43.02 15.86
CA SER A 168 24.06 42.48 16.69
C SER A 168 23.34 41.85 17.87
N VAL A 169 24.14 41.49 18.91
CA VAL A 169 23.62 41.11 20.23
C VAL A 169 22.59 42.13 20.73
N ASP A 170 21.35 41.67 20.90
CA ASP A 170 20.19 42.49 21.20
C ASP A 170 19.07 41.57 21.67
N LYS A 171 17.89 42.14 21.85
CA LYS A 171 16.71 41.44 22.34
C LYS A 171 16.21 40.39 21.35
N ALA A 172 16.27 40.73 20.06
CA ALA A 172 15.62 39.91 19.03
C ALA A 172 16.55 38.90 18.39
N THR A 173 17.80 38.80 18.85
CA THR A 173 18.70 37.72 18.42
C THR A 173 18.11 36.37 18.78
N LEU A 174 17.63 36.27 20.01
CA LEU A 174 17.11 35.03 20.53
C LEU A 174 15.63 34.86 20.21
N THR A 175 15.14 35.55 19.18
CA THR A 175 13.82 35.27 18.62
C THR A 175 13.92 34.56 17.27
N ARG A 176 15.10 34.54 16.67
CA ARG A 176 15.35 33.80 15.44
C ARG A 176 16.18 32.54 15.69
N PHE A 177 17.06 32.55 16.69
CA PHE A 177 17.66 31.32 17.18
C PHE A 177 16.64 30.43 17.86
N PHE A 178 15.72 31.02 18.62
CA PHE A 178 14.67 30.25 19.28
C PHE A 178 13.62 29.76 18.30
N ALA A 179 13.38 30.50 17.22
CA ALA A 179 12.44 30.05 16.21
C ALA A 179 13.01 28.89 15.41
N PHE A 180 14.30 28.96 15.04
CA PHE A 180 15.05 27.90 14.36
C PHE A 180 15.38 26.72 15.26
N HIS A 181 14.91 26.69 16.49
CA HIS A 181 15.12 25.59 17.40
C HIS A 181 13.83 24.95 17.90
N PHE A 182 12.71 25.68 17.88
CA PHE A 182 11.43 25.06 18.20
C PHE A 182 10.93 24.20 17.05
N ILE A 183 11.18 24.61 15.81
CA ILE A 183 10.52 23.99 14.67
C ILE A 183 11.39 22.97 13.93
N LEU A 184 12.71 23.03 14.07
CA LEU A 184 13.56 22.03 13.42
C LEU A 184 13.42 20.59 13.94
N PRO A 185 13.13 20.30 15.23
CA PRO A 185 12.87 18.90 15.60
C PRO A 185 11.65 18.24 14.96
N PHE A 186 10.75 18.99 14.33
CA PHE A 186 9.59 18.36 13.71
C PHE A 186 9.79 18.03 12.24
N ILE A 187 10.74 18.69 11.58
CA ILE A 187 11.19 18.26 10.26
C ILE A 187 11.96 16.95 10.37
N ILE A 188 12.60 16.70 11.52
CA ILE A 188 13.31 15.45 11.77
C ILE A 188 12.34 14.29 11.91
N THR A 189 11.18 14.54 12.51
CA THR A 189 10.19 13.47 12.71
C THR A 189 9.54 13.06 11.38
N ALA A 190 9.39 14.00 10.45
CA ALA A 190 8.85 13.66 9.14
C ALA A 190 9.92 13.04 8.24
N LEU A 191 11.17 13.44 8.40
CA LEU A 191 12.27 12.85 7.64
C LEU A 191 12.62 11.45 8.13
N ALA A 192 12.10 11.02 9.29
CA ALA A 192 12.36 9.69 9.80
C ALA A 192 11.35 8.67 9.32
N ALA A 193 10.12 9.10 9.03
CA ALA A 193 9.15 8.19 8.42
C ALA A 193 9.52 7.87 6.98
N VAL A 194 10.06 8.86 6.26
CA VAL A 194 10.53 8.64 4.89
C VAL A 194 11.78 7.79 4.89
N HIS A 195 12.59 7.93 5.94
CA HIS A 195 13.82 7.16 6.09
C HIS A 195 13.55 5.67 6.23
N LEU A 196 12.47 5.31 6.93
CA LEU A 196 12.12 3.92 7.14
C LEU A 196 11.33 3.33 5.97
N LEU A 197 10.62 4.16 5.22
CA LEU A 197 9.88 3.68 4.05
C LEU A 197 10.82 3.21 2.95
N PHE A 198 12.01 3.80 2.85
CA PHE A 198 12.98 3.34 1.87
C PHE A 198 13.69 2.07 2.33
N LEU A 199 13.85 1.87 3.64
CA LEU A 199 14.47 0.65 4.13
C LEU A 199 13.54 -0.55 3.99
N HIS A 200 12.23 -0.31 4.02
CA HIS A 200 11.23 -1.35 3.90
C HIS A 200 11.21 -2.01 2.52
N GLU A 201 11.81 -1.38 1.51
CA GLU A 201 11.86 -1.96 0.18
C GLU A 201 12.83 -3.14 0.08
N THR A 202 13.88 -3.15 0.90
CA THR A 202 14.86 -4.23 0.88
C THR A 202 14.94 -5.04 2.16
N GLY A 203 14.44 -4.53 3.28
CA GLY A 203 14.77 -5.12 4.56
C GLY A 203 16.16 -4.73 5.02
N SER A 204 16.58 -5.36 6.11
CA SER A 204 17.82 -5.01 6.77
C SER A 204 19.01 -5.80 6.23
N ASN A 205 20.19 -5.18 6.32
CA ASN A 205 21.49 -5.82 6.18
C ASN A 205 21.79 -6.60 7.46
N ASN A 206 22.81 -7.45 7.41
CA ASN A 206 23.17 -8.31 8.53
C ASN A 206 24.69 -8.33 8.63
N PRO A 207 25.26 -8.78 9.77
CA PRO A 207 26.73 -8.68 9.94
C PRO A 207 27.59 -9.46 8.96
N THR A 208 27.06 -10.44 8.23
CA THR A 208 27.89 -11.18 7.29
C THR A 208 28.00 -10.50 5.93
N GLY A 209 27.08 -9.61 5.60
CA GLY A 209 27.06 -8.97 4.29
C GLY A 209 26.46 -9.81 3.19
N ILE A 210 25.85 -10.95 3.52
CA ILE A 210 25.24 -11.85 2.56
C ILE A 210 23.74 -11.78 2.74
N SER A 211 23.00 -11.84 1.64
CA SER A 211 21.53 -11.79 1.70
C SER A 211 20.96 -12.99 2.44
N SER A 212 19.90 -12.75 3.19
CA SER A 212 19.40 -13.69 4.19
C SER A 212 17.95 -14.07 3.93
N ASP A 213 17.58 -14.23 2.68
CA ASP A 213 16.18 -14.51 2.36
C ASP A 213 15.76 -15.94 2.68
N MET A 214 16.72 -16.85 2.90
CA MET A 214 16.41 -18.20 3.32
C MET A 214 16.32 -18.36 4.84
N ASP A 215 16.59 -17.32 5.63
CA ASP A 215 16.65 -17.43 7.08
C ASP A 215 15.98 -16.24 7.77
N LYS A 216 14.75 -15.92 7.39
CA LYS A 216 14.04 -14.82 8.03
C LYS A 216 13.16 -15.30 9.18
N ILE A 217 13.01 -14.43 10.19
CA ILE A 217 12.10 -14.66 11.31
C ILE A 217 11.16 -13.46 11.41
N PRO A 218 9.99 -13.62 12.05
CA PRO A 218 9.13 -12.45 12.27
C PRO A 218 9.71 -11.48 13.30
N PHE A 219 9.33 -10.21 13.17
CA PHE A 219 9.85 -9.17 14.06
C PHE A 219 9.26 -9.30 15.47
N HIS A 220 8.00 -9.62 15.56
CA HIS A 220 7.38 -9.97 16.82
C HIS A 220 7.36 -11.48 16.97
N PRO A 221 7.79 -12.05 18.11
CA PRO A 221 8.22 -11.38 19.33
C PRO A 221 9.73 -11.27 19.54
N TYR A 222 10.54 -11.57 18.53
CA TYR A 222 11.97 -11.73 18.77
C TYR A 222 12.70 -10.40 18.94
N TYR A 223 12.39 -9.40 18.10
CA TYR A 223 13.06 -8.11 18.20
C TYR A 223 12.20 -7.05 18.86
N THR A 224 10.93 -7.34 19.15
CA THR A 224 10.15 -6.44 20.00
C THR A 224 10.56 -6.57 21.46
N ILE A 225 10.90 -7.78 21.92
CA ILE A 225 11.39 -7.95 23.28
C ILE A 225 12.87 -7.59 23.40
N LYS A 226 13.62 -7.62 22.30
CA LYS A 226 15.02 -7.25 22.35
C LYS A 226 15.23 -5.75 22.27
N ASP A 227 14.31 -5.03 21.63
CA ASP A 227 14.37 -3.57 21.59
C ASP A 227 13.84 -2.95 22.87
N ILE A 228 12.95 -3.64 23.59
CA ILE A 228 12.45 -3.15 24.86
C ILE A 228 13.51 -3.30 25.96
N LEU A 229 14.27 -4.40 25.92
CA LEU A 229 15.35 -4.61 26.89
C LEU A 229 16.48 -3.61 26.69
N GLY A 230 16.81 -3.29 25.43
CA GLY A 230 17.86 -2.34 25.16
C GLY A 230 17.48 -0.92 25.52
N ALA A 231 16.18 -0.59 25.42
CA ALA A 231 15.72 0.73 25.81
C ALA A 231 15.69 0.89 27.33
N LEU A 232 15.45 -0.19 28.08
CA LEU A 232 15.49 -0.13 29.53
C LEU A 232 16.90 0.09 30.04
N PHE A 233 17.91 -0.45 29.34
CA PHE A 233 19.28 -0.21 29.72
C PHE A 233 19.74 1.21 29.39
N MET A 234 19.08 1.87 28.44
CA MET A 234 19.38 3.26 28.13
C MET A 234 18.79 4.21 29.16
N MET A 235 17.60 3.90 29.69
CA MET A 235 17.01 4.74 30.71
C MET A 235 17.77 4.63 32.03
N LEU A 236 18.43 3.51 32.28
CA LEU A 236 19.25 3.38 33.48
C LEU A 236 20.48 4.29 33.42
N ILE A 237 21.14 4.37 32.27
CA ILE A 237 22.33 5.20 32.12
C ILE A 237 21.97 6.68 32.14
N LEU A 238 20.81 7.03 31.57
CA LEU A 238 20.41 8.43 31.51
C LEU A 238 20.00 8.95 32.88
N LEU A 239 19.23 8.16 33.64
CA LEU A 239 18.82 8.60 34.97
C LEU A 239 19.96 8.55 35.98
N ILE A 240 21.04 7.82 35.70
CA ILE A 240 22.20 7.86 36.57
C ILE A 240 22.96 9.18 36.37
N LEU A 241 23.08 9.63 35.13
CA LEU A 241 23.71 10.92 34.85
C LEU A 241 22.86 12.10 35.28
N VAL A 242 21.57 11.91 35.52
CA VAL A 242 20.72 13.03 35.93
C VAL A 242 20.61 13.09 37.45
N LEU A 243 20.51 11.95 38.12
CA LEU A 243 20.29 11.92 39.56
C LEU A 243 21.56 11.75 40.38
N PHE A 244 22.72 11.57 39.75
CA PHE A 244 23.95 11.40 40.52
C PHE A 244 25.09 12.32 40.10
N SER A 245 25.12 12.80 38.87
CA SER A 245 26.11 13.81 38.45
C SER A 245 25.57 14.60 37.27
N PRO A 246 24.65 15.54 37.52
CA PRO A 246 23.99 16.24 36.41
C PRO A 246 24.82 17.33 35.75
N ASP A 247 26.04 17.58 36.21
CA ASP A 247 26.91 18.58 35.61
C ASP A 247 28.21 17.98 35.10
N LEU A 248 28.26 16.66 34.92
CA LEU A 248 29.48 16.02 34.44
C LEU A 248 29.76 16.36 32.99
N LEU A 249 28.72 16.41 32.17
CA LEU A 249 28.83 16.82 30.77
C LEU A 249 28.39 18.27 30.70
N GLY A 250 29.36 19.18 30.75
CA GLY A 250 29.04 20.59 30.78
C GLY A 250 30.29 21.40 31.06
N ASP A 251 30.08 22.71 31.12
CA ASP A 251 31.17 23.65 31.32
C ASP A 251 30.74 24.61 32.42
N PRO A 252 31.57 24.81 33.46
CA PRO A 252 31.22 25.78 34.50
C PRO A 252 31.17 27.21 34.02
N ASP A 253 31.97 27.59 33.01
CA ASP A 253 32.03 28.96 32.52
C ASP A 253 30.74 29.43 31.85
N ASN A 254 29.82 28.52 31.52
CA ASN A 254 28.51 28.91 31.03
C ASN A 254 27.53 29.14 32.16
N TYR A 255 27.99 29.08 33.41
CA TYR A 255 27.24 29.62 34.53
C TYR A 255 27.62 31.06 34.84
N THR A 256 28.79 31.49 34.42
CA THR A 256 29.13 32.90 34.35
C THR A 256 28.31 33.56 33.25
N PRO A 257 27.58 34.64 33.53
CA PRO A 257 26.61 35.16 32.55
C PRO A 257 27.27 35.74 31.31
N ALA A 258 26.43 36.02 30.33
CA ALA A 258 26.87 36.57 29.06
C ALA A 258 26.78 38.08 29.11
N ASN A 259 27.80 38.69 28.58
CA ASN A 259 28.08 40.10 28.54
C ASN A 259 29.35 40.14 27.71
N PRO A 260 29.61 41.21 26.98
CA PRO A 260 30.98 41.42 26.46
C PRO A 260 31.95 41.99 27.49
N LEU A 261 31.60 41.80 28.78
CA LEU A 261 32.36 42.17 29.98
C LEU A 261 33.86 41.91 29.89
N ASN A 262 34.26 40.67 29.61
CA ASN A 262 35.67 40.30 29.61
C ASN A 262 35.84 39.05 28.75
N THR A 263 37.03 38.91 28.17
CA THR A 263 37.34 37.69 27.42
C THR A 263 37.44 36.50 28.36
N PRO A 264 36.91 35.35 27.97
CA PRO A 264 36.84 34.22 28.89
C PRO A 264 38.19 33.53 28.99
N PRO A 265 38.40 32.67 29.99
CA PRO A 265 39.69 31.95 30.06
C PRO A 265 39.89 30.95 28.93
N HIS A 266 38.81 30.49 28.31
CA HIS A 266 38.88 29.56 27.19
C HIS A 266 37.58 29.70 26.42
N ILE A 267 37.53 29.08 25.24
CA ILE A 267 36.31 28.95 24.46
C ILE A 267 36.19 27.50 24.02
N LYS A 268 35.11 26.83 24.46
CA LYS A 268 34.90 25.46 24.00
C LYS A 268 33.41 25.09 24.01
N PRO A 269 32.94 24.38 23.00
CA PRO A 269 31.55 23.91 22.99
C PRO A 269 31.36 22.61 23.76
N GLU A 270 30.17 22.03 23.66
CA GLU A 270 29.89 20.70 24.17
C GLU A 270 30.76 19.64 23.48
N TRP A 271 30.77 18.43 24.07
CA TRP A 271 31.73 17.40 23.67
C TRP A 271 31.48 16.91 22.24
N TYR A 272 30.23 16.95 21.77
CA TYR A 272 29.90 16.41 20.47
C TYR A 272 30.13 17.38 19.32
N PHE A 273 30.70 18.55 19.60
CA PHE A 273 31.14 19.47 18.56
C PHE A 273 32.64 19.70 18.59
N LEU A 274 33.36 19.05 19.51
CA LEU A 274 34.78 19.33 19.69
C LEU A 274 35.62 18.80 18.54
N PHE A 275 35.14 17.79 17.81
CA PHE A 275 35.88 17.32 16.65
C PHE A 275 35.80 18.30 15.49
N ALA A 276 34.68 19.04 15.39
CA ALA A 276 34.46 19.98 14.31
C ALA A 276 35.10 21.32 14.58
N TYR A 277 35.07 21.78 15.83
CA TYR A 277 35.78 22.98 16.23
C TYR A 277 37.29 22.84 16.12
N ALA A 278 37.82 21.63 16.25
CA ALA A 278 39.27 21.46 16.14
C ALA A 278 39.76 21.55 14.69
N ILE A 279 38.89 21.27 13.72
CA ILE A 279 39.31 21.27 12.32
C ILE A 279 39.35 22.69 11.76
N LEU A 280 38.31 23.49 12.03
CA LEU A 280 38.24 24.85 11.49
C LEU A 280 39.24 25.77 12.19
N ARG A 281 39.60 25.46 13.43
CA ARG A 281 40.55 26.28 14.17
C ARG A 281 41.96 26.08 13.69
N SER A 282 42.25 24.97 13.02
CA SER A 282 43.57 24.69 12.48
C SER A 282 43.72 25.15 11.04
N ILE A 283 42.82 25.99 10.54
CA ILE A 283 42.92 26.60 9.23
C ILE A 283 42.96 28.12 9.42
N PRO A 284 44.07 28.79 9.07
CA PRO A 284 44.20 30.24 9.31
C PRO A 284 43.57 31.10 8.20
N ASN A 285 42.33 30.80 7.86
CA ASN A 285 41.61 31.51 6.79
C ASN A 285 40.13 31.25 7.00
N LYS A 286 39.33 32.30 7.17
CA LYS A 286 37.93 32.13 7.53
C LYS A 286 37.06 31.68 6.37
N LEU A 287 37.60 31.49 5.18
CA LEU A 287 36.88 30.84 4.10
C LEU A 287 37.30 29.38 3.91
N GLY A 288 38.60 29.09 4.03
CA GLY A 288 39.04 27.72 4.03
C GLY A 288 38.59 26.93 5.24
N GLY A 289 38.32 27.61 6.35
CA GLY A 289 37.85 26.92 7.55
C GLY A 289 36.37 26.62 7.54
N VAL A 290 35.57 27.43 6.83
CA VAL A 290 34.15 27.13 6.72
C VAL A 290 33.87 26.12 5.61
N LEU A 291 34.81 25.93 4.68
CA LEU A 291 34.62 24.90 3.68
C LEU A 291 34.95 23.52 4.21
N ALA A 292 36.01 23.41 5.03
CA ALA A 292 36.37 22.13 5.61
C ALA A 292 35.45 21.71 6.76
N LEU A 293 34.63 22.63 7.27
CA LEU A 293 33.62 22.23 8.25
C LEU A 293 32.47 21.50 7.57
N VAL A 294 32.01 22.00 6.42
CA VAL A 294 30.93 21.34 5.70
C VAL A 294 31.45 20.10 4.98
N ALA A 295 32.74 20.08 4.63
CA ALA A 295 33.31 18.92 3.97
C ALA A 295 33.64 17.78 4.94
N SER A 296 33.47 17.98 6.25
CA SER A 296 33.69 16.91 7.20
C SER A 296 32.44 16.10 7.48
N ILE A 297 31.27 16.61 7.12
CA ILE A 297 30.03 15.86 7.27
C ILE A 297 29.46 15.40 5.94
N LEU A 298 29.53 16.20 4.88
CA LEU A 298 29.03 15.84 3.56
C LEU A 298 29.96 14.89 2.81
N ILE A 299 31.12 14.55 3.36
CA ILE A 299 31.99 13.52 2.78
C ILE A 299 31.37 12.13 2.88
N LEU A 300 30.33 11.94 3.69
CA LEU A 300 29.69 10.64 3.82
C LEU A 300 28.92 10.24 2.56
N ILE A 301 28.52 11.20 1.73
CA ILE A 301 27.77 10.91 0.52
C ILE A 301 28.64 10.26 -0.56
N LEU A 302 29.95 10.41 -0.49
CA LEU A 302 30.85 9.77 -1.44
C LEU A 302 31.17 8.33 -1.10
N MET A 303 30.65 7.81 0.01
CA MET A 303 30.95 6.42 0.39
C MET A 303 30.39 5.35 -0.55
N PRO A 304 29.20 5.48 -1.16
CA PRO A 304 28.86 4.52 -2.24
C PRO A 304 29.77 4.56 -3.45
N MET A 305 30.30 5.73 -3.82
CA MET A 305 31.11 5.83 -5.02
C MET A 305 32.53 5.33 -4.81
N LEU A 306 33.05 5.41 -3.59
CA LEU A 306 34.43 5.04 -3.32
C LEU A 306 34.63 3.57 -3.03
N HIS A 307 33.58 2.74 -3.12
CA HIS A 307 33.65 1.34 -2.74
C HIS A 307 34.23 0.50 -3.87
N THR A 308 35.30 -0.23 -3.57
CA THR A 308 36.01 -1.02 -4.56
C THR A 308 36.15 -2.49 -4.19
N SER A 309 35.58 -2.91 -3.07
CA SER A 309 35.67 -4.30 -2.65
C SER A 309 34.57 -5.12 -3.33
N LYS A 310 34.86 -6.41 -3.50
CA LYS A 310 33.87 -7.35 -4.02
C LYS A 310 32.89 -7.84 -2.95
N GLN A 311 33.22 -7.68 -1.67
CA GLN A 311 32.35 -8.00 -0.55
C GLN A 311 31.69 -6.72 -0.03
N ARG A 312 30.63 -6.91 0.75
CA ARG A 312 29.85 -5.76 1.19
C ARG A 312 30.33 -5.18 2.53
N SER A 313 30.50 -6.03 3.55
CA SER A 313 30.79 -5.59 4.90
C SER A 313 32.28 -5.74 5.19
N MET A 314 32.66 -5.52 6.45
CA MET A 314 34.04 -5.63 6.88
C MET A 314 34.32 -6.86 7.74
N MET A 315 33.39 -7.82 7.81
CA MET A 315 33.58 -8.98 8.69
C MET A 315 34.72 -9.88 8.23
N PHE A 316 34.96 -9.98 6.92
CA PHE A 316 36.00 -10.84 6.39
C PHE A 316 37.16 -10.07 5.81
N ARG A 317 37.31 -8.78 6.17
CA ARG A 317 38.35 -7.90 5.63
C ARG A 317 39.25 -7.43 6.75
N PRO A 318 40.32 -8.16 7.07
CA PRO A 318 41.16 -7.77 8.21
C PRO A 318 42.00 -6.52 8.00
N LEU A 319 42.44 -6.25 6.76
CA LEU A 319 43.22 -5.02 6.51
C LEU A 319 42.34 -3.78 6.57
N SER A 320 41.06 -3.90 6.21
CA SER A 320 40.17 -2.75 6.29
C SER A 320 39.68 -2.49 7.70
N GLN A 321 39.65 -3.51 8.56
CA GLN A 321 39.28 -3.31 9.96
C GLN A 321 40.30 -2.47 10.70
N CYS A 322 41.58 -2.59 10.33
CA CYS A 322 42.62 -1.77 10.95
C CYS A 322 42.44 -0.30 10.62
N LEU A 323 41.99 0.01 9.40
CA LEU A 323 41.80 1.39 8.99
C LEU A 323 40.56 2.00 9.60
N PHE A 324 39.54 1.19 9.87
CA PHE A 324 38.32 1.69 10.51
C PHE A 324 38.59 2.14 11.94
N TRP A 325 39.43 1.41 12.67
CA TRP A 325 39.72 1.80 14.05
C TRP A 325 40.80 2.87 14.15
N MET A 326 41.59 3.07 13.09
CA MET A 326 42.44 4.25 13.01
C MET A 326 41.62 5.50 12.82
N LEU A 327 40.47 5.39 12.14
CA LEU A 327 39.59 6.54 11.97
C LEU A 327 38.87 6.90 13.26
N VAL A 328 38.54 5.90 14.09
CA VAL A 328 37.89 6.16 15.36
C VAL A 328 38.88 6.80 16.34
N ALA A 329 40.12 6.33 16.34
CA ALA A 329 41.16 6.93 17.16
C ALA A 329 41.55 8.33 16.68
N ASP A 330 41.30 8.65 15.41
CA ASP A 330 41.54 9.99 14.91
C ASP A 330 40.47 10.97 15.33
N LEU A 331 39.24 10.51 15.53
CA LEU A 331 38.19 11.38 16.02
C LEU A 331 38.25 11.58 17.53
N ILE A 332 38.92 10.67 18.24
CA ILE A 332 39.15 10.88 19.67
C ILE A 332 40.21 11.96 19.88
N THR A 333 41.23 11.98 19.01
CA THR A 333 42.27 13.00 19.05
C THR A 333 41.70 14.39 18.78
N LEU A 334 40.77 14.51 17.83
CA LEU A 334 40.20 15.82 17.52
C LEU A 334 39.25 16.30 18.60
N THR A 335 38.63 15.39 19.35
CA THR A 335 37.78 15.80 20.46
C THR A 335 38.62 16.30 21.63
N TRP A 336 39.83 15.78 21.80
CA TRP A 336 40.71 16.26 22.86
C TRP A 336 41.37 17.58 22.47
N ILE A 337 41.81 17.70 21.22
CA ILE A 337 42.49 18.91 20.75
C ILE A 337 41.53 20.10 20.76
N GLY A 338 40.26 19.86 20.46
CA GLY A 338 39.27 20.93 20.42
C GLY A 338 38.86 21.50 21.76
N GLY A 339 39.46 21.06 22.86
CA GLY A 339 39.19 21.63 24.17
C GLY A 339 40.45 22.15 24.83
N GLN A 340 41.52 22.16 24.10
CA GLN A 340 42.86 22.63 24.42
C GLN A 340 43.07 24.06 23.90
N PRO A 341 43.93 24.85 24.53
CA PRO A 341 44.22 26.19 23.99
C PRO A 341 45.11 26.10 22.75
N VAL A 342 45.10 27.18 21.98
CA VAL A 342 45.82 27.22 20.71
C VAL A 342 47.27 27.57 21.01
N GLU A 343 48.07 26.55 21.30
CA GLU A 343 49.47 26.73 21.71
C GLU A 343 50.36 25.84 20.85
N HIS A 344 51.62 25.66 21.26
CA HIS A 344 52.61 25.01 20.40
C HIS A 344 52.33 23.55 20.06
N PRO A 345 52.11 22.61 21.00
CA PRO A 345 51.95 21.22 20.56
C PRO A 345 50.57 20.93 19.99
N PHE A 346 49.58 21.78 20.25
CA PHE A 346 48.21 21.52 19.84
C PHE A 346 47.83 22.22 18.55
N ILE A 347 48.80 22.69 17.77
CA ILE A 347 48.56 23.18 16.42
C ILE A 347 49.14 22.22 15.38
N ILE A 348 50.32 21.66 15.64
CA ILE A 348 50.89 20.68 14.73
C ILE A 348 50.15 19.35 14.84
N ILE A 349 49.61 19.05 16.03
CA ILE A 349 48.84 17.83 16.20
C ILE A 349 47.43 18.00 15.64
N GLY A 350 46.80 19.14 15.93
CA GLY A 350 45.43 19.38 15.49
C GLY A 350 45.28 19.60 14.01
N GLN A 351 46.37 19.88 13.29
CA GLN A 351 46.28 20.06 11.85
C GLN A 351 46.81 18.86 11.06
N LEU A 352 47.63 18.00 11.66
CA LEU A 352 47.92 16.72 11.03
C LEU A 352 46.78 15.72 11.20
N ALA A 353 46.06 15.80 12.31
CA ALA A 353 44.89 14.94 12.49
C ALA A 353 43.73 15.39 11.63
N SER A 354 43.69 16.66 11.24
CA SER A 354 42.67 17.10 10.29
C SER A 354 42.97 16.58 8.89
N ILE A 355 44.24 16.37 8.57
CA ILE A 355 44.62 15.85 7.26
C ILE A 355 44.31 14.36 7.17
N LEU A 356 44.67 13.60 8.22
CA LEU A 356 44.51 12.15 8.22
C LEU A 356 43.04 11.71 8.22
N TYR A 357 42.11 12.55 8.66
CA TYR A 357 40.70 12.21 8.59
C TYR A 357 40.21 12.15 7.14
N PHE A 358 40.75 13.00 6.27
CA PHE A 358 40.39 12.98 4.86
C PHE A 358 41.23 12.00 4.05
N LEU A 359 42.45 11.70 4.51
CA LEU A 359 43.31 10.78 3.78
C LEU A 359 42.84 9.34 3.90
N ILE A 360 42.19 8.98 5.01
CA ILE A 360 41.75 7.61 5.20
C ILE A 360 40.53 7.31 4.34
N ILE A 361 39.56 8.24 4.32
CA ILE A 361 38.31 8.00 3.60
C ILE A 361 38.51 8.03 2.10
N LEU A 362 39.32 8.97 1.59
CA LEU A 362 39.40 9.20 0.16
C LEU A 362 40.44 8.35 -0.53
N VAL A 363 41.59 8.10 0.09
CA VAL A 363 42.75 7.51 -0.58
C VAL A 363 43.08 6.13 -0.02
N LEU A 364 43.15 6.01 1.30
CA LEU A 364 43.68 4.78 1.90
C LEU A 364 42.66 3.64 1.87
N MET A 365 41.39 3.95 2.08
CA MET A 365 40.36 2.92 2.02
C MET A 365 40.08 2.37 0.61
N PRO A 366 40.02 3.16 -0.48
CA PRO A 366 39.83 2.51 -1.79
C PRO A 366 41.01 1.72 -2.29
N ILE A 367 42.25 2.06 -1.90
CA ILE A 367 43.40 1.32 -2.38
C ILE A 367 43.54 -0.01 -1.64
N THR A 368 43.20 -0.02 -0.35
CA THR A 368 43.34 -1.22 0.47
C THR A 368 42.31 -2.29 0.09
N SER A 369 41.11 -1.89 -0.32
CA SER A 369 40.12 -2.86 -0.79
C SER A 369 40.57 -3.52 -2.09
N ILE A 370 41.28 -2.79 -2.95
CA ILE A 370 41.78 -3.35 -4.19
C ILE A 370 42.91 -4.34 -3.92
N ILE A 371 43.75 -4.06 -2.93
CA ILE A 371 44.83 -4.97 -2.54
C ILE A 371 44.27 -6.27 -1.98
N GLU A 372 43.18 -6.17 -1.21
CA GLU A 372 42.54 -7.37 -0.68
C GLU A 372 41.80 -8.15 -1.77
N ASN A 373 41.36 -7.46 -2.83
CA ASN A 373 40.76 -8.16 -3.97
C ASN A 373 41.78 -9.03 -4.69
N ASN A 374 43.01 -8.54 -4.84
CA ASN A 374 44.04 -9.29 -5.53
C ASN A 374 44.53 -10.48 -4.71
N LEU A 375 44.48 -10.38 -3.39
CA LEU A 375 44.95 -11.47 -2.53
C LEU A 375 43.97 -12.64 -2.46
N LEU A 376 42.70 -12.41 -2.77
CA LEU A 376 41.71 -13.49 -2.82
C LEU A 376 41.51 -14.05 -4.22
N LYS A 377 42.43 -13.76 -5.15
CA LYS A 377 42.45 -14.26 -6.53
C LYS A 377 41.21 -13.85 -7.35
N TRP A 378 40.53 -12.77 -6.99
CA TRP A 378 39.64 -12.14 -7.95
C TRP A 378 40.18 -10.76 -8.33
N THR B 1 52.75 34.32 31.24
CA THR B 1 53.75 33.27 31.08
C THR B 1 53.68 32.27 32.22
N ASP B 2 53.23 32.73 33.38
CA ASP B 2 53.34 31.93 34.60
C ASP B 2 52.22 30.90 34.68
N LEU B 3 52.47 29.85 35.47
CA LEU B 3 51.55 28.75 35.64
C LEU B 3 50.41 29.16 36.57
N GLU B 4 49.54 28.19 36.89
CA GLU B 4 48.44 28.42 37.80
C GLU B 4 48.33 27.28 38.80
N LEU B 5 47.66 27.54 39.91
CA LEU B 5 47.52 26.60 41.01
C LEU B 5 46.06 26.17 41.13
N HIS B 6 45.84 24.86 41.25
CA HIS B 6 44.51 24.30 41.35
C HIS B 6 44.26 23.77 42.76
N ALA B 7 43.00 23.86 43.20
CA ALA B 7 42.65 23.53 44.57
C ALA B 7 42.69 22.02 44.79
N PRO B 8 43.14 21.57 45.95
CA PRO B 8 43.14 20.14 46.26
C PRO B 8 41.74 19.65 46.61
N SER B 9 41.63 18.36 46.90
CA SER B 9 40.35 17.71 47.17
C SER B 9 40.14 17.60 48.67
N TYR B 10 39.07 18.21 49.16
CA TYR B 10 38.79 18.12 50.59
C TYR B 10 37.68 17.11 50.85
N PRO B 11 37.82 16.26 51.87
CA PRO B 11 36.79 15.26 52.13
C PRO B 11 35.54 15.86 52.75
N TRP B 12 34.68 16.45 51.93
CA TRP B 12 33.44 17.02 52.43
C TRP B 12 32.51 15.91 52.92
N SER B 13 31.59 16.28 53.80
CA SER B 13 30.63 15.33 54.34
C SER B 13 29.46 15.05 53.40
N HIS B 14 29.46 15.65 52.20
CA HIS B 14 28.45 15.39 51.19
C HIS B 14 29.08 14.91 49.88
N ARG B 15 30.33 14.48 49.93
CA ARG B 15 31.06 14.11 48.72
C ARG B 15 30.67 12.72 48.20
N GLY B 16 30.08 11.87 49.03
CA GLY B 16 29.73 10.54 48.59
C GLY B 16 28.50 10.51 47.69
N LEU B 17 28.23 9.32 47.15
CA LEU B 17 27.15 9.18 46.19
C LEU B 17 25.79 9.20 46.85
N LEU B 18 25.69 8.71 48.09
CA LEU B 18 24.44 8.74 48.84
C LEU B 18 24.54 9.61 50.08
N SER B 19 25.49 10.54 50.11
CA SER B 19 25.75 11.38 51.27
C SER B 19 24.86 12.61 51.25
N SER B 20 24.20 12.89 52.36
CA SER B 20 23.38 14.08 52.52
C SER B 20 24.25 15.28 52.87
N LEU B 21 23.62 16.44 52.98
CA LEU B 21 24.27 17.65 53.48
C LEU B 21 24.10 17.72 54.99
N ASP B 22 25.07 18.32 55.66
CA ASP B 22 24.99 18.54 57.11
C ASP B 22 24.12 19.76 57.37
N HIS B 23 22.96 19.56 58.00
CA HIS B 23 21.98 20.61 58.18
C HIS B 23 22.24 21.48 59.40
N THR B 24 23.37 21.30 60.08
CA THR B 24 23.83 22.24 61.09
C THR B 24 24.90 23.18 60.55
N SER B 25 25.71 22.72 59.60
CA SER B 25 26.78 23.53 59.04
C SER B 25 26.30 24.52 57.97
N ILE B 26 25.06 24.40 57.52
CA ILE B 26 24.46 25.43 56.68
C ILE B 26 23.81 26.51 57.55
N ARG B 27 23.32 26.11 58.72
CA ARG B 27 22.81 27.07 59.70
C ARG B 27 23.91 27.98 60.20
N ARG B 28 25.07 27.42 60.53
CA ARG B 28 26.20 28.23 60.93
C ARG B 28 26.85 28.97 59.77
N GLY B 29 26.61 28.53 58.54
CA GLY B 29 27.26 29.12 57.40
C GLY B 29 26.51 30.24 56.73
N PHE B 30 25.22 30.39 57.03
CA PHE B 30 24.46 31.53 56.53
C PHE B 30 24.95 32.83 57.17
N GLN B 31 25.38 32.75 58.43
CA GLN B 31 25.78 33.92 59.20
C GLN B 31 27.22 34.33 58.93
N VAL B 32 28.03 33.46 58.31
CA VAL B 32 29.30 33.90 57.76
C VAL B 32 29.10 34.68 56.47
N TYR B 33 27.94 34.51 55.82
CA TYR B 33 27.55 35.39 54.73
C TYR B 33 26.76 36.59 55.22
N LYS B 34 25.97 36.41 56.28
CA LYS B 34 25.01 37.43 56.69
C LYS B 34 25.71 38.65 57.30
N GLN B 35 26.78 38.43 58.07
CA GLN B 35 27.36 39.54 58.82
C GLN B 35 28.89 39.57 58.79
N VAL B 36 29.52 38.84 57.88
CA VAL B 36 30.90 39.10 57.51
C VAL B 36 31.01 39.73 56.14
N CYS B 37 30.13 39.39 55.21
CA CYS B 37 30.01 40.02 53.91
C CYS B 37 28.52 40.30 53.74
N SER B 38 28.09 40.54 52.49
CA SER B 38 26.95 41.35 52.00
C SER B 38 27.30 42.83 51.98
N SER B 39 28.53 43.17 52.34
CA SER B 39 29.06 44.49 52.08
C SER B 39 29.75 44.54 50.72
N CYS B 40 29.93 43.40 50.06
CA CYS B 40 30.49 43.34 48.71
C CYS B 40 29.73 42.43 47.76
N HIS B 41 29.00 41.43 48.25
CA HIS B 41 28.46 40.35 47.42
C HIS B 41 26.96 40.25 47.61
N SER B 42 26.22 40.25 46.50
CA SER B 42 24.82 39.87 46.52
C SER B 42 24.67 38.37 46.31
N MET B 43 23.49 37.87 46.65
CA MET B 43 23.05 36.54 46.24
C MET B 43 21.60 36.74 45.80
N ASP B 44 21.43 37.04 44.51
CA ASP B 44 20.19 37.59 43.99
C ASP B 44 19.15 36.52 43.65
N TYR B 45 19.31 35.28 44.14
CA TYR B 45 18.40 34.21 43.79
C TYR B 45 17.84 33.42 44.96
N VAL B 46 18.26 33.70 46.20
CA VAL B 46 17.80 32.99 47.37
C VAL B 46 16.90 33.89 48.22
N ALA B 47 15.86 33.32 48.82
CA ALA B 47 14.92 34.04 49.66
C ALA B 47 14.79 33.34 51.03
N TYR B 48 14.15 34.02 51.98
CA TYR B 48 13.96 33.44 53.31
C TYR B 48 12.87 32.38 53.34
N ARG B 49 12.10 32.22 52.27
CA ARG B 49 11.25 31.04 52.15
C ARG B 49 12.05 29.81 51.72
N HIS B 50 13.26 30.01 51.20
CA HIS B 50 14.14 28.91 50.86
C HIS B 50 14.96 28.43 52.06
N LEU B 51 14.97 29.18 53.16
CA LEU B 51 15.73 28.78 54.34
C LEU B 51 14.93 27.99 55.35
N VAL B 52 13.60 28.04 55.30
CA VAL B 52 12.77 27.26 56.22
C VAL B 52 12.77 25.81 55.76
N GLY B 53 12.97 24.89 56.71
CA GLY B 53 13.06 23.49 56.42
C GLY B 53 14.47 22.99 56.20
N VAL B 54 15.30 23.77 55.50
CA VAL B 54 16.68 23.36 55.30
C VAL B 54 17.49 23.53 56.57
N CYS B 55 17.68 24.78 57.01
CA CYS B 55 18.15 25.04 58.36
C CYS B 55 17.52 26.34 58.87
N TYR B 56 16.29 26.18 59.40
CA TYR B 56 15.55 27.00 60.38
C TYR B 56 14.18 26.34 60.46
N THR B 57 13.39 26.65 61.46
CA THR B 57 11.96 26.66 61.25
C THR B 57 11.57 28.12 61.09
N GLU B 58 10.36 28.37 60.60
CA GLU B 58 9.99 29.65 59.98
C GLU B 58 10.10 30.88 60.89
N GLU B 59 10.16 30.68 62.20
CA GLU B 59 10.21 31.80 63.13
C GLU B 59 11.59 32.46 63.16
N GLU B 60 12.65 31.66 63.12
CA GLU B 60 13.98 32.26 63.08
C GLU B 60 14.26 32.92 61.74
N ALA B 61 13.58 32.47 60.68
CA ALA B 61 13.69 33.16 59.40
C ALA B 61 12.83 34.41 59.37
N LYS B 62 11.72 34.44 60.12
CA LYS B 62 10.90 35.63 60.19
C LYS B 62 11.57 36.73 60.99
N ALA B 63 12.40 36.36 61.98
CA ALA B 63 13.07 37.36 62.80
C ALA B 63 14.16 38.08 62.03
N LEU B 64 14.74 37.42 61.02
CA LEU B 64 15.60 38.11 60.08
C LEU B 64 14.76 38.73 58.98
N ALA B 65 15.42 39.54 58.14
CA ALA B 65 14.91 40.61 57.27
C ALA B 65 14.31 41.78 58.06
N GLU B 66 14.41 41.75 59.38
CA GLU B 66 14.12 42.89 60.22
C GLU B 66 15.39 43.47 60.81
N GLU B 67 16.54 42.89 60.49
CA GLU B 67 17.84 43.52 60.65
C GLU B 67 18.21 44.37 59.44
N VAL B 68 17.43 44.31 58.37
CA VAL B 68 17.71 45.06 57.16
C VAL B 68 16.50 45.95 56.87
N GLU B 69 16.75 47.07 56.20
CA GLU B 69 15.72 48.04 55.85
C GLU B 69 15.92 48.44 54.39
N VAL B 70 14.99 48.03 53.53
CA VAL B 70 15.10 48.27 52.11
C VAL B 70 13.94 49.14 51.65
N GLN B 71 14.05 49.65 50.43
CA GLN B 71 13.15 50.67 49.90
C GLN B 71 12.03 49.98 49.13
N ASP B 72 10.82 50.04 49.68
CA ASP B 72 9.63 49.49 49.03
C ASP B 72 9.06 50.50 48.04
N GLY B 73 7.87 50.20 47.51
CA GLY B 73 7.29 50.95 46.43
C GLY B 73 6.50 52.17 46.84
N PRO B 74 5.58 52.59 45.97
CA PRO B 74 4.91 53.88 46.17
C PRO B 74 3.57 53.83 46.89
N ASN B 75 3.01 55.02 47.12
CA ASN B 75 1.66 55.18 47.64
C ASN B 75 1.08 56.44 46.99
N GLU B 76 -0.12 56.83 47.41
CA GLU B 76 -0.63 58.15 47.08
C GLU B 76 -0.21 59.14 48.15
N ASP B 77 0.28 60.31 47.71
CA ASP B 77 0.85 61.46 48.42
C ASP B 77 2.07 61.12 49.28
N GLY B 78 2.53 59.86 49.30
CA GLY B 78 3.88 59.52 49.64
C GLY B 78 4.50 58.85 48.43
N GLU B 79 5.83 58.87 48.35
CA GLU B 79 6.47 58.54 47.08
C GLU B 79 7.19 57.20 47.10
N MET B 80 8.08 56.96 48.07
CA MET B 80 8.83 55.71 48.14
C MET B 80 8.80 55.18 49.58
N PHE B 81 7.59 55.06 50.12
CA PHE B 81 7.28 54.43 51.41
C PHE B 81 8.00 53.11 51.59
N MET B 82 8.71 52.97 52.71
CA MET B 82 9.61 51.85 52.92
C MET B 82 9.22 51.04 54.15
N ARG B 83 10.03 50.05 54.46
CA ARG B 83 9.74 49.01 55.43
C ARG B 83 11.00 48.19 55.64
N PRO B 84 11.12 47.49 56.78
CA PRO B 84 12.03 46.34 56.83
C PRO B 84 11.58 45.22 55.90
N GLY B 85 12.45 44.25 55.66
CA GLY B 85 12.19 43.27 54.62
C GLY B 85 11.17 42.22 55.04
N LYS B 86 10.38 41.77 54.06
CA LYS B 86 9.61 40.55 54.20
C LYS B 86 10.51 39.35 53.93
N LEU B 87 10.00 38.17 54.24
CA LEU B 87 10.79 36.96 54.02
C LEU B 87 10.80 36.51 52.56
N SER B 88 10.04 37.17 51.69
CA SER B 88 10.09 36.88 50.26
C SER B 88 10.93 37.93 49.54
N ASP B 89 12.23 37.96 49.86
CA ASP B 89 13.12 39.01 49.40
C ASP B 89 14.50 38.48 49.03
N TYR B 90 15.16 39.18 48.13
CA TYR B 90 16.62 39.13 47.99
C TYR B 90 17.18 40.30 48.79
N PHE B 91 17.74 39.98 49.96
CA PHE B 91 17.39 40.70 51.18
C PHE B 91 17.88 42.16 51.18
N PRO B 92 19.21 42.54 51.29
CA PRO B 92 19.62 43.73 50.53
C PRO B 92 20.41 43.37 49.30
N LYS B 93 20.68 44.36 48.50
CA LYS B 93 21.85 44.27 47.67
C LYS B 93 22.96 45.11 48.29
N PRO B 94 24.22 44.78 48.03
CA PRO B 94 25.34 45.66 48.37
C PRO B 94 25.43 46.88 47.46
N TYR B 95 26.60 47.41 47.30
CA TYR B 95 27.08 48.74 46.87
C TYR B 95 26.25 49.43 45.80
N PRO B 96 25.78 50.59 45.73
CA PRO B 96 25.24 51.24 44.53
C PRO B 96 26.33 51.61 43.55
N ASN B 97 25.98 52.31 42.46
CA ASN B 97 26.73 52.40 41.21
C ASN B 97 26.95 50.99 40.71
N PRO B 98 25.92 50.32 40.18
CA PRO B 98 26.04 48.90 39.80
C PRO B 98 26.95 48.74 38.60
N GLU B 99 27.82 47.72 38.66
CA GLU B 99 28.82 47.24 37.72
C GLU B 99 29.98 48.22 37.56
N ALA B 100 29.90 49.37 38.22
CA ALA B 100 30.98 50.33 38.35
C ALA B 100 31.22 50.73 39.80
N ALA B 101 30.85 49.86 40.75
CA ALA B 101 31.17 50.04 42.16
C ALA B 101 32.63 49.70 42.48
N ARG B 102 33.43 49.41 41.46
CA ARG B 102 34.86 49.15 41.55
C ARG B 102 35.66 50.36 42.00
N ALA B 103 35.07 51.56 42.00
CA ALA B 103 35.72 52.71 42.60
C ALA B 103 35.87 52.56 44.11
N ALA B 104 34.95 51.82 44.74
CA ALA B 104 35.11 51.43 46.13
C ALA B 104 36.11 50.29 46.31
N ASN B 105 36.51 49.62 45.23
CA ASN B 105 37.36 48.45 45.33
C ASN B 105 38.57 48.54 44.39
N ASN B 106 38.90 49.75 43.92
CA ASN B 106 40.10 50.06 43.12
C ASN B 106 40.11 49.31 41.79
N GLY B 107 39.03 49.45 41.04
CA GLY B 107 39.00 48.96 39.67
C GLY B 107 38.74 47.48 39.51
N ALA B 108 38.09 46.84 40.49
CA ALA B 108 37.77 45.41 40.39
C ALA B 108 36.52 45.15 41.21
N LEU B 109 35.41 44.90 40.54
CA LEU B 109 34.13 44.68 41.22
C LEU B 109 34.00 43.22 41.65
N PRO B 110 33.69 42.95 42.92
CA PRO B 110 33.40 41.57 43.33
C PRO B 110 32.07 41.08 42.78
N PRO B 111 31.98 39.81 42.38
CA PRO B 111 30.79 39.31 41.69
C PRO B 111 29.74 38.76 42.65
N ASP B 112 28.61 38.36 42.06
CA ASP B 112 27.54 37.69 42.78
C ASP B 112 27.98 36.30 43.21
N LEU B 113 27.31 35.76 44.24
CA LEU B 113 27.73 34.52 44.86
C LEU B 113 26.70 33.41 44.84
N SER B 114 25.50 33.65 44.29
CA SER B 114 24.44 32.64 44.32
C SER B 114 24.67 31.49 43.33
N TYR B 115 25.69 31.58 42.48
CA TYR B 115 26.06 30.50 41.58
C TYR B 115 27.56 30.39 41.45
N ILE B 116 28.32 30.84 42.46
CA ILE B 116 29.76 31.01 42.30
C ILE B 116 30.52 29.68 42.40
N VAL B 117 29.99 28.67 43.09
CA VAL B 117 30.70 27.40 43.12
C VAL B 117 30.33 26.55 41.91
N ARG B 118 29.16 26.78 41.32
CA ARG B 118 28.85 26.14 40.04
C ARG B 118 29.62 26.78 38.89
N ALA B 119 30.07 28.03 39.02
CA ALA B 119 30.67 28.75 37.92
C ALA B 119 32.20 28.70 37.93
N ARG B 120 32.80 27.93 38.83
CA ARG B 120 34.24 27.83 38.92
C ARG B 120 34.67 26.40 38.61
N HIS B 121 35.94 26.26 38.21
CA HIS B 121 36.52 24.92 38.02
C HIS B 121 37.10 24.36 39.30
N GLY B 122 36.42 24.50 40.44
CA GLY B 122 36.81 23.80 41.64
C GLY B 122 35.64 23.47 42.54
N GLY B 123 34.45 23.91 42.16
CA GLY B 123 33.30 23.79 43.03
C GLY B 123 33.45 24.59 44.30
N GLU B 124 33.08 23.99 45.42
CA GLU B 124 33.30 24.58 46.73
C GLU B 124 34.67 24.25 47.31
N ASP B 125 35.49 23.46 46.60
CA ASP B 125 36.87 23.30 46.98
C ASP B 125 37.73 24.49 46.55
N TYR B 126 37.26 25.27 45.57
CA TYR B 126 38.00 26.44 45.12
C TYR B 126 37.75 27.62 46.05
N VAL B 127 36.50 27.80 46.49
CA VAL B 127 36.14 28.90 47.37
C VAL B 127 36.83 28.76 48.72
N PHE B 128 36.94 27.53 49.23
CA PHE B 128 37.66 27.27 50.47
C PHE B 128 39.15 27.53 50.32
N SER B 129 39.76 27.07 49.23
CA SER B 129 41.21 27.13 49.10
C SER B 129 41.73 28.53 48.78
N LEU B 130 40.88 29.43 48.31
CA LEU B 130 41.25 30.82 48.07
C LEU B 130 40.95 31.71 49.27
N LEU B 131 39.87 31.42 50.00
CA LEU B 131 39.52 32.20 51.17
C LEU B 131 40.48 32.00 52.34
N THR B 132 41.20 30.88 52.39
CA THR B 132 42.13 30.59 53.48
C THR B 132 43.54 30.36 52.94
N GLY B 133 43.95 31.12 51.94
CA GLY B 133 45.23 30.84 51.32
C GLY B 133 46.06 32.05 50.94
N TYR B 134 45.86 33.18 51.63
CA TYR B 134 46.60 34.38 51.33
C TYR B 134 48.06 34.25 51.75
N CYS B 135 48.93 34.90 50.99
CA CYS B 135 50.36 34.85 51.26
C CYS B 135 50.92 36.26 51.10
N GLU B 136 52.20 36.39 51.36
CA GLU B 136 52.86 37.64 51.12
C GLU B 136 53.46 37.63 49.72
N PRO B 137 53.54 38.79 49.05
CA PRO B 137 54.08 38.84 47.69
C PRO B 137 55.55 38.47 47.65
N PRO B 138 55.92 37.52 46.78
CA PRO B 138 57.33 37.09 46.74
C PRO B 138 58.25 38.07 46.05
N THR B 139 59.52 37.67 45.93
CA THR B 139 60.59 38.54 45.45
C THR B 139 60.43 38.84 43.96
N GLY B 140 60.51 40.13 43.62
CA GLY B 140 60.48 40.59 42.25
C GLY B 140 59.11 40.95 41.75
N VAL B 141 58.06 40.46 42.41
CA VAL B 141 56.70 40.73 41.98
C VAL B 141 56.33 42.12 42.47
N SER B 142 56.26 43.07 41.55
CA SER B 142 55.80 44.41 41.88
C SER B 142 54.28 44.47 41.81
N LEU B 143 53.68 45.15 42.78
CA LEU B 143 52.23 45.12 42.93
C LEU B 143 51.70 46.54 42.76
N ARG B 144 50.65 46.68 41.95
CA ARG B 144 49.86 47.89 41.97
C ARG B 144 49.20 48.03 43.33
N GLU B 145 49.14 49.27 43.84
CA GLU B 145 48.65 49.51 45.20
C GLU B 145 47.15 49.29 45.24
N GLY B 146 46.75 48.19 45.88
CA GLY B 146 45.37 47.75 45.87
C GLY B 146 45.28 46.29 45.49
N LEU B 147 46.43 45.65 45.30
CA LEU B 147 46.50 44.24 44.95
C LEU B 147 47.10 43.46 46.10
N TYR B 148 46.54 42.28 46.34
CA TYR B 148 46.99 41.40 47.42
C TYR B 148 47.28 40.04 46.81
N PHE B 149 48.47 39.51 47.11
CA PHE B 149 48.98 38.33 46.42
C PHE B 149 48.25 37.08 46.91
N ASN B 150 47.42 36.52 46.05
CA ASN B 150 46.71 35.28 46.32
C ASN B 150 47.11 34.25 45.26
N PRO B 151 47.74 33.14 45.63
CA PRO B 151 48.27 32.22 44.61
C PRO B 151 47.22 31.36 43.93
N TYR B 152 46.00 31.31 44.48
CA TYR B 152 44.92 30.52 43.90
C TYR B 152 44.02 31.36 43.01
N PHE B 153 44.53 32.50 42.53
CA PHE B 153 43.82 33.39 41.65
C PHE B 153 44.47 33.34 40.27
N PRO B 154 43.69 33.42 39.20
CA PRO B 154 44.29 33.35 37.85
C PRO B 154 45.21 34.53 37.53
N GLY B 155 44.81 35.74 37.87
CA GLY B 155 45.68 36.88 37.67
C GLY B 155 46.77 37.06 38.70
N GLN B 156 46.82 36.20 39.73
CA GLN B 156 47.83 36.13 40.79
C GLN B 156 47.86 37.35 41.71
N ALA B 157 47.00 38.33 41.49
CA ALA B 157 46.94 39.52 42.33
C ALA B 157 45.50 40.00 42.34
N ILE B 158 44.75 39.51 43.28
CA ILE B 158 43.34 39.87 43.41
C ILE B 158 43.27 41.17 44.20
N ALA B 159 42.26 41.98 43.92
CA ALA B 159 42.01 43.18 44.71
C ALA B 159 41.33 42.87 46.03
N MET B 160 41.10 41.60 46.35
CA MET B 160 40.60 41.15 47.64
C MET B 160 41.59 41.38 48.78
N ALA B 161 41.22 42.22 49.73
CA ALA B 161 41.86 42.15 51.03
C ALA B 161 41.19 41.04 51.85
N PRO B 162 41.95 40.36 52.71
CA PRO B 162 41.40 39.18 53.43
C PRO B 162 40.29 39.55 54.39
N PRO B 163 39.17 38.80 54.34
CA PRO B 163 37.96 39.22 55.05
C PRO B 163 37.77 38.59 56.43
N ILE B 164 38.62 37.63 56.79
CA ILE B 164 38.44 36.86 58.02
C ILE B 164 39.78 36.76 58.75
N TYR B 165 39.76 36.95 60.06
CA TYR B 165 40.97 36.76 60.86
C TYR B 165 40.88 35.54 61.76
N ASN B 166 40.08 35.65 62.82
CA ASN B 166 39.75 34.63 63.81
C ASN B 166 38.72 35.31 64.72
N GLU B 167 37.55 34.69 64.90
CA GLU B 167 36.41 35.25 65.63
C GLU B 167 36.04 36.65 65.09
N VAL B 168 35.58 36.67 63.84
CA VAL B 168 34.84 37.81 63.33
C VAL B 168 33.35 37.65 63.56
N LEU B 169 32.97 36.75 64.45
CA LEU B 169 31.69 36.08 64.44
C LEU B 169 31.64 35.19 65.68
N GLU B 170 30.43 34.92 66.16
CA GLU B 170 30.25 33.86 67.12
C GLU B 170 28.88 33.24 66.93
N PHE B 171 28.84 31.91 66.93
CA PHE B 171 27.65 31.17 66.51
C PHE B 171 26.64 31.09 67.64
N ASP B 172 25.46 30.57 67.34
CA ASP B 172 24.34 30.56 68.28
C ASP B 172 24.35 29.38 69.24
N ASP B 173 24.90 28.24 68.83
CA ASP B 173 24.94 27.05 69.68
C ASP B 173 26.15 27.02 70.59
N GLY B 174 27.22 27.72 70.23
CA GLY B 174 28.48 27.60 70.94
C GLY B 174 29.41 26.69 70.18
N THR B 175 30.33 27.29 69.42
CA THR B 175 31.25 26.60 68.55
C THR B 175 32.46 27.51 68.48
N PRO B 176 33.68 26.98 68.55
CA PRO B 176 34.87 27.81 68.34
C PRO B 176 34.86 28.42 66.95
N ALA B 177 35.25 29.70 66.88
CA ALA B 177 35.06 30.49 65.68
C ALA B 177 36.41 30.81 65.05
N THR B 178 37.26 29.81 64.98
CA THR B 178 38.55 29.88 64.31
C THR B 178 38.37 30.07 62.80
N MET B 179 39.47 30.40 62.12
CA MET B 179 39.46 30.69 60.69
C MET B 179 39.16 29.48 59.81
N SER B 180 39.23 28.27 60.34
CA SER B 180 38.83 27.08 59.59
C SER B 180 37.46 26.54 59.93
N GLN B 181 36.93 26.84 61.11
CA GLN B 181 35.49 26.66 61.32
C GLN B 181 34.72 27.67 60.50
N VAL B 182 35.21 28.91 60.45
CA VAL B 182 34.82 29.86 59.42
C VAL B 182 35.33 29.32 58.09
N ALA B 183 34.58 29.57 57.01
CA ALA B 183 34.88 29.23 55.61
C ALA B 183 34.74 27.75 55.31
N LYS B 184 34.54 26.92 56.32
CA LYS B 184 34.03 25.58 56.09
C LYS B 184 32.51 25.59 56.15
N ASP B 185 31.95 26.41 57.03
CA ASP B 185 30.50 26.52 57.14
C ASP B 185 29.93 27.35 56.00
N VAL B 186 30.63 28.41 55.58
CA VAL B 186 30.13 29.20 54.45
C VAL B 186 30.44 28.54 53.11
N CYS B 187 31.26 27.50 53.09
CA CYS B 187 31.40 26.66 51.91
C CYS B 187 30.53 25.41 51.96
N THR B 188 29.83 25.18 53.08
CA THR B 188 28.65 24.31 53.07
C THR B 188 27.39 25.12 52.80
N PHE B 189 27.41 26.41 53.12
CA PHE B 189 26.66 27.41 52.40
C PHE B 189 27.31 27.62 51.02
N LEU B 190 26.64 28.38 50.15
CA LEU B 190 27.11 28.71 48.78
C LEU B 190 27.20 27.51 47.84
N ARG B 191 26.99 26.29 48.35
CA ARG B 191 26.88 25.05 47.60
C ARG B 191 25.48 24.51 47.66
N TRP B 192 24.85 24.58 48.83
CA TRP B 192 23.41 24.44 48.92
C TRP B 192 22.70 25.56 48.16
N ALA B 193 23.29 26.77 48.14
CA ALA B 193 22.71 27.87 47.39
C ALA B 193 22.77 27.61 45.90
N SER B 194 23.91 27.12 45.40
CA SER B 194 24.03 26.77 43.99
C SER B 194 23.16 25.56 43.64
N GLU B 195 23.12 24.56 44.52
CA GLU B 195 22.40 23.32 44.27
C GLU B 195 21.46 23.02 45.44
N PRO B 196 20.28 23.64 45.47
CA PRO B 196 19.28 23.31 46.50
C PRO B 196 18.54 22.00 46.28
N GLU B 197 18.88 21.25 45.22
CA GLU B 197 18.27 19.96 44.93
C GLU B 197 19.20 18.81 45.30
N HIS B 198 20.20 19.07 46.16
CA HIS B 198 21.29 18.12 46.39
C HIS B 198 20.82 16.86 47.10
N ASP B 199 20.14 17.01 48.22
CA ASP B 199 19.69 15.84 48.97
C ASP B 199 18.44 15.20 48.39
N HIS B 200 17.73 15.88 47.50
CA HIS B 200 16.53 15.30 46.92
C HIS B 200 16.84 14.39 45.75
N ARG B 201 17.90 14.69 44.98
CA ARG B 201 18.25 13.85 43.85
C ARG B 201 19.08 12.64 44.24
N LYS B 202 19.61 12.60 45.45
CA LYS B 202 20.32 11.41 45.90
C LYS B 202 19.40 10.40 46.55
N ARG B 203 18.31 10.86 47.17
CA ARG B 203 17.31 9.95 47.69
C ARG B 203 16.44 9.39 46.57
N MET B 204 16.18 10.18 45.52
CA MET B 204 15.46 9.66 44.37
C MET B 204 16.34 8.73 43.54
N GLY B 205 17.66 8.93 43.57
CA GLY B 205 18.55 8.03 42.88
C GLY B 205 18.65 6.67 43.53
N LEU B 206 18.33 6.59 44.81
CA LEU B 206 18.35 5.29 45.50
C LEU B 206 17.11 4.46 45.15
N LYS B 207 15.95 5.11 45.03
CA LYS B 207 14.74 4.39 44.66
C LYS B 207 14.77 3.93 43.22
N MET B 208 15.47 4.67 42.35
CA MET B 208 15.66 4.27 40.96
C MET B 208 16.49 3.00 40.85
N LEU B 209 17.57 2.91 41.64
CA LEU B 209 18.47 1.77 41.55
C LEU B 209 17.88 0.49 42.13
N MET B 210 16.88 0.60 43.00
CA MET B 210 16.23 -0.58 43.53
C MET B 210 15.12 -1.09 42.62
N MET B 211 14.49 -0.20 41.84
CA MET B 211 13.48 -0.66 40.89
C MET B 211 14.12 -1.27 39.65
N MET B 212 15.22 -0.71 39.19
CA MET B 212 15.94 -1.29 38.06
C MET B 212 16.68 -2.55 38.44
N GLY B 213 16.86 -2.84 39.72
CA GLY B 213 17.35 -4.14 40.14
C GLY B 213 16.29 -5.22 40.18
N LEU B 214 15.03 -4.84 40.02
CA LEU B 214 13.91 -5.76 39.88
C LEU B 214 13.43 -5.87 38.44
N LEU B 215 13.33 -4.74 37.74
CA LEU B 215 12.71 -4.72 36.42
C LEU B 215 13.62 -5.28 35.35
N LEU B 216 14.93 -5.13 35.48
CA LEU B 216 15.89 -5.59 34.47
C LEU B 216 16.17 -7.10 34.45
N PRO B 217 16.36 -7.82 35.57
CA PRO B 217 16.58 -9.27 35.44
C PRO B 217 15.33 -10.04 35.06
N LEU B 218 14.16 -9.42 35.14
CA LEU B 218 12.91 -10.07 34.78
C LEU B 218 12.57 -9.90 33.31
N VAL B 219 12.88 -8.74 32.73
CA VAL B 219 12.74 -8.53 31.30
C VAL B 219 13.77 -9.36 30.54
N TYR B 220 14.97 -9.52 31.11
CA TYR B 220 15.98 -10.40 30.54
C TYR B 220 15.57 -11.87 30.61
N ALA B 221 14.71 -12.24 31.56
CA ALA B 221 14.21 -13.60 31.62
C ALA B 221 13.14 -13.87 30.57
N MET B 222 12.33 -12.87 30.25
CA MET B 222 11.34 -13.00 29.18
C MET B 222 12.00 -13.06 27.81
N LYS B 223 13.10 -12.34 27.62
CA LYS B 223 13.83 -12.38 26.36
C LYS B 223 14.48 -13.73 26.16
N ARG B 224 15.07 -14.28 27.23
CA ARG B 224 15.75 -15.56 27.20
C ARG B 224 14.79 -16.72 26.95
N HIS B 225 13.51 -16.54 27.28
CA HIS B 225 12.52 -17.61 27.13
C HIS B 225 12.07 -17.73 25.67
N LYS B 226 11.83 -16.60 25.01
CA LYS B 226 11.40 -16.63 23.60
C LYS B 226 12.53 -17.08 22.69
N TRP B 227 13.76 -16.66 22.96
CA TRP B 227 14.86 -16.90 22.05
C TRP B 227 15.46 -18.30 22.17
N SER B 228 15.00 -19.12 23.12
CA SER B 228 15.53 -20.46 23.29
C SER B 228 15.08 -21.43 22.20
N VAL B 229 14.00 -21.10 21.49
CA VAL B 229 13.57 -21.90 20.35
C VAL B 229 14.62 -21.85 19.23
N LEU B 230 15.09 -20.65 18.89
CA LEU B 230 16.11 -20.52 17.87
C LEU B 230 17.47 -20.98 18.33
N LYS B 231 17.77 -20.83 19.63
CA LYS B 231 19.08 -21.20 20.15
C LYS B 231 19.29 -22.71 20.21
N SER B 232 18.22 -23.50 20.26
CA SER B 232 18.33 -24.94 20.38
C SER B 232 18.05 -25.70 19.09
N ARG B 233 17.77 -25.02 17.98
CA ARG B 233 17.37 -25.70 16.76
C ARG B 233 18.53 -26.40 16.07
N LYS B 234 18.21 -27.43 15.29
CA LYS B 234 19.18 -28.22 14.54
C LYS B 234 18.83 -28.23 13.06
N LEU B 235 19.85 -28.32 12.21
CA LEU B 235 19.70 -28.27 10.76
C LEU B 235 20.27 -29.52 10.10
N ALA B 236 19.64 -29.97 9.01
CA ALA B 236 20.12 -31.12 8.25
C ALA B 236 19.84 -30.92 6.76
N TYR B 237 20.76 -31.41 5.94
CA TYR B 237 20.71 -31.27 4.49
C TYR B 237 20.73 -32.67 3.87
N ARG B 238 19.64 -33.05 3.22
CA ARG B 238 19.50 -34.39 2.64
C ARG B 238 19.14 -34.30 1.15
N PRO B 239 20.12 -34.08 0.29
CA PRO B 239 19.83 -33.99 -1.14
C PRO B 239 19.74 -35.38 -1.76
N PRO B 240 18.99 -35.53 -2.85
CA PRO B 240 18.92 -36.84 -3.53
C PRO B 240 20.23 -37.15 -4.22
N LYS B 241 20.74 -38.35 -3.97
CA LYS B 241 22.01 -38.78 -4.53
C LYS B 241 21.80 -39.68 -5.74
N THR C 3 11.59 -42.20 7.17
CA THR C 3 11.72 -43.45 7.91
C THR C 3 13.19 -43.60 8.34
N ASP C 4 14.10 -43.03 7.55
CA ASP C 4 15.47 -42.82 7.97
C ASP C 4 15.66 -41.50 8.71
N ILE C 5 14.58 -40.80 9.03
CA ILE C 5 14.62 -39.49 9.66
C ILE C 5 14.15 -39.64 11.10
N ARG C 6 15.01 -39.28 12.04
CA ARG C 6 14.67 -39.25 13.45
C ARG C 6 15.22 -37.99 14.10
N VAL C 7 14.57 -37.59 15.19
CA VAL C 7 14.95 -36.35 15.90
C VAL C 7 16.27 -36.57 16.62
N PRO C 8 17.24 -35.67 16.48
CA PRO C 8 18.49 -35.80 17.25
C PRO C 8 18.27 -35.52 18.73
N ASP C 9 19.23 -35.97 19.53
CA ASP C 9 19.06 -35.99 20.98
C ASP C 9 19.17 -34.59 21.57
N PHE C 10 18.25 -34.27 22.48
CA PHE C 10 18.11 -32.94 23.07
C PHE C 10 18.39 -32.93 24.57
N SER C 11 19.16 -33.90 25.08
CA SER C 11 19.23 -34.14 26.53
C SER C 11 20.00 -33.06 27.28
N ASP C 12 20.97 -32.41 26.65
CA ASP C 12 21.71 -31.33 27.28
C ASP C 12 21.02 -29.97 27.11
N TYR C 13 19.72 -29.96 26.83
CA TYR C 13 18.90 -28.77 26.87
C TYR C 13 17.65 -28.95 27.70
N ARG C 14 17.30 -30.18 28.09
CA ARG C 14 16.03 -30.45 28.75
C ARG C 14 16.05 -29.98 30.20
N ARG C 15 14.85 -29.77 30.73
CA ARG C 15 14.70 -29.59 32.17
C ARG C 15 14.85 -30.94 32.88
N ALA C 16 14.95 -30.88 34.20
CA ALA C 16 15.27 -32.07 34.98
C ALA C 16 14.11 -33.06 35.06
N GLU C 17 12.87 -32.57 34.94
CA GLU C 17 11.71 -33.44 35.15
C GLU C 17 11.36 -34.26 33.92
N VAL C 18 11.87 -33.89 32.75
CA VAL C 18 11.47 -34.53 31.50
C VAL C 18 12.66 -35.17 30.80
N LEU C 19 13.66 -35.60 31.57
CA LEU C 19 14.81 -36.31 31.02
C LEU C 19 14.74 -37.82 31.29
N ASP C 20 13.77 -38.27 32.09
CA ASP C 20 13.59 -39.67 32.43
C ASP C 20 13.16 -40.53 31.23
N SER C 21 12.51 -39.91 30.25
CA SER C 21 12.16 -40.48 28.95
C SER C 21 11.19 -41.66 29.04
N THR C 22 10.41 -41.72 30.11
CA THR C 22 9.41 -42.76 30.26
C THR C 22 8.01 -42.21 30.47
N LYS C 23 7.85 -41.20 31.27
CA LYS C 23 6.59 -40.48 31.46
C LYS C 23 7.00 -39.07 31.90
N SER C 24 6.08 -38.35 32.57
CA SER C 24 5.98 -36.89 32.70
C SER C 24 5.53 -36.26 31.38
N SER C 25 4.58 -36.93 30.73
CA SER C 25 3.91 -36.40 29.54
C SER C 25 2.89 -35.35 29.96
N LYS C 26 1.86 -35.77 30.71
CA LYS C 26 0.80 -34.89 31.18
C LYS C 26 1.15 -34.27 32.54
N GLU C 27 1.69 -35.06 33.46
CA GLU C 27 2.00 -34.53 34.77
C GLU C 27 3.42 -33.96 34.81
N SER C 28 3.69 -33.18 35.85
CA SER C 28 4.79 -32.21 35.93
C SER C 28 4.81 -31.24 34.75
N SER C 29 3.63 -30.90 34.22
CA SER C 29 3.51 -29.89 33.18
C SER C 29 2.92 -28.60 33.73
N ASP C 30 2.04 -28.70 34.73
CA ASP C 30 1.59 -27.51 35.44
C ASP C 30 2.71 -26.87 36.25
N ALA C 31 3.71 -27.66 36.64
CA ALA C 31 4.84 -27.13 37.41
C ALA C 31 5.79 -26.32 36.54
N ARG C 32 6.18 -26.86 35.38
CA ARG C 32 7.22 -26.23 34.59
C ARG C 32 6.76 -25.00 33.82
N LYS C 33 5.45 -24.84 33.60
CA LYS C 33 4.96 -23.60 33.03
C LYS C 33 4.40 -22.64 34.07
N GLY C 34 4.07 -23.14 35.26
CA GLY C 34 3.77 -22.26 36.38
C GLY C 34 5.00 -21.61 36.97
N PHE C 35 6.18 -22.18 36.72
CA PHE C 35 7.43 -21.53 37.11
C PHE C 35 7.73 -20.35 36.19
N SER C 36 7.63 -20.57 34.87
CA SER C 36 7.97 -19.55 33.89
C SER C 36 6.84 -18.55 33.64
N TYR C 37 5.72 -18.67 34.36
CA TYR C 37 4.71 -17.62 34.40
C TYR C 37 4.87 -16.69 35.58
N LEU C 38 5.45 -17.17 36.69
CA LEU C 38 5.77 -16.31 37.83
C LEU C 38 6.91 -15.37 37.51
N ILE C 39 7.85 -15.80 36.66
CA ILE C 39 9.00 -14.99 36.31
C ILE C 39 8.60 -13.81 35.41
N THR C 40 7.39 -13.85 34.81
CA THR C 40 6.87 -12.74 34.04
C THR C 40 5.76 -11.97 34.75
N ALA C 41 5.05 -12.59 35.70
CA ALA C 41 3.96 -11.91 36.40
C ALA C 41 4.44 -10.87 37.39
N THR C 42 5.67 -11.01 37.90
CA THR C 42 6.25 -10.00 38.79
C THR C 42 6.61 -8.74 37.99
N THR C 43 6.88 -8.90 36.69
CA THR C 43 7.33 -7.80 35.85
C THR C 43 6.22 -6.78 35.62
N THR C 44 4.97 -7.24 35.55
CA THR C 44 3.87 -6.35 35.27
C THR C 44 3.53 -5.49 36.48
N VAL C 45 3.52 -6.08 37.68
CA VAL C 45 3.39 -5.26 38.89
C VAL C 45 4.68 -4.51 39.14
N GLY C 46 5.81 -5.01 38.65
CA GLY C 46 7.06 -4.26 38.64
C GLY C 46 7.10 -3.14 37.62
N VAL C 47 6.22 -3.15 36.62
CA VAL C 47 6.05 -2.01 35.71
C VAL C 47 4.73 -1.29 35.93
N ALA C 48 3.82 -1.85 36.75
CA ALA C 48 2.68 -1.07 37.23
C ALA C 48 3.10 0.11 38.08
N TYR C 49 4.10 -0.09 38.95
CA TYR C 49 4.55 0.90 39.90
C TYR C 49 5.78 1.65 39.43
N ALA C 50 6.54 1.08 38.50
CA ALA C 50 7.57 1.86 37.80
C ALA C 50 6.96 2.86 36.83
N ALA C 51 5.74 2.60 36.35
CA ALA C 51 5.03 3.59 35.55
C ALA C 51 4.13 4.47 36.41
N LYS C 52 3.81 4.06 37.64
CA LYS C 52 3.18 4.95 38.61
C LYS C 52 4.25 5.64 39.45
N ASN C 53 5.22 6.21 38.75
CA ASN C 53 6.10 7.23 39.29
C ASN C 53 6.38 8.33 38.28
N ALA C 54 6.23 8.06 36.99
CA ALA C 54 6.40 9.07 35.95
C ALA C 54 5.08 9.70 35.56
N VAL C 55 3.98 8.95 35.63
CA VAL C 55 2.66 9.54 35.37
C VAL C 55 2.28 10.50 36.49
N SER C 56 2.50 10.09 37.74
CA SER C 56 2.15 10.94 38.87
C SER C 56 3.11 12.12 39.03
N GLN C 57 4.29 12.04 38.42
CA GLN C 57 5.23 13.15 38.48
C GLN C 57 4.87 14.24 37.47
N PHE C 58 4.50 13.85 36.25
CA PHE C 58 4.12 14.83 35.24
C PHE C 58 2.78 15.48 35.55
N VAL C 59 1.86 14.74 36.17
CA VAL C 59 0.60 15.30 36.62
C VAL C 59 0.83 16.32 37.74
N SER C 60 1.82 16.06 38.60
CA SER C 60 2.12 16.93 39.73
C SER C 60 2.70 18.28 39.34
N SER C 61 3.33 18.37 38.16
CA SER C 61 4.03 19.60 37.77
C SER C 61 3.11 20.70 37.27
N MET C 62 1.82 20.44 37.07
CA MET C 62 0.92 21.51 36.64
C MET C 62 0.62 22.47 37.79
N SER C 63 0.25 21.95 38.95
CA SER C 63 0.12 22.80 40.12
C SER C 63 1.49 23.18 40.67
N ALA C 64 1.60 24.40 41.20
CA ALA C 64 2.86 24.96 41.68
C ALA C 64 2.73 25.41 43.13
N SER C 65 3.87 25.60 43.81
CA SER C 65 3.85 25.90 45.24
C SER C 65 4.92 26.86 45.74
N ALA C 66 5.85 27.32 44.90
CA ALA C 66 7.04 28.01 45.39
C ALA C 66 6.79 29.49 45.68
N ASP C 67 6.41 30.24 44.66
CA ASP C 67 5.95 31.62 44.79
C ASP C 67 4.45 31.70 44.55
N VAL C 68 3.76 30.57 44.72
CA VAL C 68 2.38 30.41 44.28
C VAL C 68 1.49 30.00 45.45
N LEU C 69 1.77 28.82 46.04
CA LEU C 69 1.01 28.41 47.22
C LEU C 69 1.48 29.09 48.50
N ALA C 70 2.76 29.44 48.59
CA ALA C 70 3.29 30.15 49.74
C ALA C 70 3.14 31.66 49.62
N MET C 71 2.33 32.14 48.69
CA MET C 71 2.18 33.56 48.40
C MET C 71 0.75 34.06 48.52
N SER C 72 -0.22 33.34 47.98
CA SER C 72 -1.51 33.94 47.66
C SER C 72 -2.67 33.40 48.49
N LYS C 73 -2.44 32.93 49.71
CA LYS C 73 -3.55 32.46 50.53
C LYS C 73 -3.91 33.41 51.66
N ILE C 74 -2.97 33.68 52.58
CA ILE C 74 -3.22 34.47 53.77
C ILE C 74 -2.24 35.65 53.79
N GLU C 75 -2.76 36.86 53.96
CA GLU C 75 -1.94 38.06 53.90
C GLU C 75 -2.37 39.05 54.98
N ILE C 76 -1.40 39.83 55.47
CA ILE C 76 -1.59 40.66 56.66
C ILE C 76 -0.92 42.01 56.49
N LYS C 77 -1.68 43.09 56.71
CA LYS C 77 -1.17 44.43 57.02
C LYS C 77 -2.08 45.00 58.11
N LEU C 78 -2.14 44.30 59.26
CA LEU C 78 -2.95 44.73 60.40
C LEU C 78 -2.60 46.14 60.88
N SER C 79 -3.55 46.72 61.63
CA SER C 79 -3.59 48.14 62.01
C SER C 79 -3.52 49.04 60.78
N ASP C 80 -4.43 48.79 59.83
CA ASP C 80 -4.34 49.46 58.54
C ASP C 80 -5.18 50.74 58.47
N ILE C 81 -6.49 50.64 58.68
CA ILE C 81 -7.42 51.69 58.28
C ILE C 81 -8.22 52.14 59.49
N PRO C 82 -8.43 53.45 59.68
CA PRO C 82 -9.34 53.93 60.73
C PRO C 82 -10.80 53.65 60.36
N GLU C 83 -11.69 54.05 61.25
CA GLU C 83 -13.10 53.70 61.15
C GLU C 83 -13.83 54.61 60.15
N GLY C 84 -14.90 54.06 59.57
CA GLY C 84 -15.83 54.85 58.80
C GLY C 84 -15.60 54.93 57.30
N LYS C 85 -15.09 53.86 56.69
CA LYS C 85 -14.94 53.80 55.25
C LYS C 85 -15.05 52.35 54.82
N ASN C 86 -15.17 52.10 53.52
CA ASN C 86 -15.25 50.76 52.97
C ASN C 86 -14.25 50.64 51.83
N MET C 87 -13.41 49.61 51.89
CA MET C 87 -12.48 49.30 50.81
C MET C 87 -12.76 47.84 50.42
N ALA C 88 -11.95 47.29 49.53
CA ALA C 88 -12.00 45.88 49.17
C ALA C 88 -10.58 45.43 48.84
N PHE C 89 -9.99 44.61 49.72
CA PHE C 89 -8.63 44.10 49.50
C PHE C 89 -8.69 43.09 48.37
N LYS C 90 -8.49 43.60 47.16
CA LYS C 90 -8.84 42.90 45.93
C LYS C 90 -7.60 42.21 45.34
N TRP C 91 -7.22 41.12 46.00
CA TRP C 91 -6.39 40.08 45.41
C TRP C 91 -6.71 38.76 46.11
N ARG C 92 -5.76 37.80 46.02
CA ARG C 92 -5.87 36.35 46.19
C ARG C 92 -6.67 35.76 45.05
N GLY C 93 -6.41 36.21 43.83
CA GLY C 93 -7.19 35.73 42.70
C GLY C 93 -8.51 36.48 42.62
N LYS C 94 -9.57 35.85 43.06
CA LYS C 94 -10.93 36.26 43.29
C LYS C 94 -10.99 37.48 44.21
N PRO C 95 -11.94 38.38 44.00
CA PRO C 95 -12.10 39.55 44.89
C PRO C 95 -12.51 39.18 46.30
N LEU C 96 -12.36 40.16 47.20
CA LEU C 96 -12.57 39.94 48.62
C LEU C 96 -12.94 41.28 49.26
N PHE C 97 -13.80 41.23 50.27
CA PHE C 97 -14.29 42.41 50.98
C PHE C 97 -13.39 42.75 52.17
N VAL C 98 -13.50 43.99 52.64
CA VAL C 98 -13.17 44.38 54.01
C VAL C 98 -14.26 45.34 54.51
N ARG C 99 -14.63 45.19 55.78
CA ARG C 99 -15.55 46.15 56.43
C ARG C 99 -15.38 46.01 57.95
N HIS C 100 -14.80 47.03 58.58
CA HIS C 100 -14.77 47.11 60.03
C HIS C 100 -15.67 48.27 60.46
N ARG C 101 -16.63 47.97 61.34
CA ARG C 101 -17.81 48.77 61.60
C ARG C 101 -17.73 49.46 62.96
N THR C 102 -18.83 50.08 63.35
CA THR C 102 -18.92 50.81 64.61
C THR C 102 -20.08 50.20 65.40
N LYS C 103 -20.41 50.83 66.54
CA LYS C 103 -21.61 50.51 67.29
C LYS C 103 -22.87 50.97 66.54
N LYS C 104 -22.70 51.86 65.56
CA LYS C 104 -23.77 52.29 64.66
C LYS C 104 -24.43 51.11 63.94
N GLU C 105 -23.65 50.13 63.49
CA GLU C 105 -24.15 49.15 62.54
C GLU C 105 -24.97 48.03 63.18
N ILE C 106 -24.65 47.63 64.42
CA ILE C 106 -25.26 46.44 65.02
C ILE C 106 -26.74 46.61 65.36
N ASP C 107 -27.29 47.81 65.21
CA ASP C 107 -28.74 47.99 65.27
C ASP C 107 -29.43 47.68 63.95
N GLN C 108 -28.66 47.48 62.86
CA GLN C 108 -29.22 47.17 61.55
C GLN C 108 -28.81 45.79 61.06
N GLU C 109 -28.27 44.95 61.95
CA GLU C 109 -27.72 43.67 61.57
C GLU C 109 -28.52 42.48 62.11
N ALA C 110 -29.19 42.63 63.25
CA ALA C 110 -30.05 41.58 63.77
C ALA C 110 -31.43 42.07 64.13
N ALA C 111 -31.72 43.37 63.98
CA ALA C 111 -33.04 43.90 64.25
C ALA C 111 -33.97 43.81 63.05
N VAL C 112 -33.44 43.65 61.84
CA VAL C 112 -34.27 43.23 60.71
C VAL C 112 -34.50 41.73 60.84
N GLU C 113 -35.75 41.31 60.63
CA GLU C 113 -36.14 39.94 60.92
C GLU C 113 -35.99 39.06 59.67
N VAL C 114 -35.65 37.80 59.89
CA VAL C 114 -35.08 36.94 58.86
C VAL C 114 -36.06 36.42 57.81
N SER C 115 -37.29 36.04 58.19
CA SER C 115 -38.13 35.19 57.37
C SER C 115 -38.94 35.96 56.32
N GLN C 116 -38.50 37.15 55.92
CA GLN C 116 -39.14 37.84 54.81
C GLN C 116 -38.40 37.67 53.49
N LEU C 117 -37.31 36.92 53.47
CA LEU C 117 -36.45 36.86 52.28
C LEU C 117 -35.95 35.44 52.03
N ARG C 118 -34.91 35.35 51.20
CA ARG C 118 -34.48 34.13 50.52
C ARG C 118 -34.04 33.02 51.47
N ASP C 119 -32.97 33.24 52.23
CA ASP C 119 -32.26 32.15 52.90
C ASP C 119 -31.62 32.64 54.20
N PRO C 120 -31.36 31.76 55.18
CA PRO C 120 -30.74 32.21 56.43
C PRO C 120 -29.21 32.31 56.33
N GLN C 121 -28.68 33.55 56.52
CA GLN C 121 -27.24 33.81 56.60
C GLN C 121 -27.02 35.10 57.41
N HIS C 122 -26.81 34.98 58.73
CA HIS C 122 -26.42 36.15 59.49
C HIS C 122 -25.47 35.82 60.64
N ASP C 123 -25.40 36.77 61.58
CA ASP C 123 -24.14 37.35 62.04
C ASP C 123 -23.47 36.67 63.24
N LEU C 124 -24.20 36.14 64.21
CA LEU C 124 -23.54 35.85 65.47
C LEU C 124 -22.73 34.55 65.48
N GLU C 125 -23.01 33.61 64.58
CA GLU C 125 -22.15 32.44 64.42
C GLU C 125 -21.35 32.49 63.12
N ARG C 126 -21.29 33.66 62.47
CA ARG C 126 -20.24 33.92 61.51
C ARG C 126 -18.88 33.78 62.17
N VAL C 127 -18.61 34.64 63.13
CA VAL C 127 -17.39 34.69 63.93
C VAL C 127 -17.74 35.50 65.18
N LYS C 128 -17.08 35.23 66.30
CA LYS C 128 -17.53 35.81 67.56
C LYS C 128 -16.51 36.80 68.14
N LYS C 129 -15.90 37.59 67.26
CA LYS C 129 -15.60 38.99 67.58
C LYS C 129 -16.30 39.83 66.51
N PRO C 130 -17.51 40.33 66.78
CA PRO C 130 -18.36 40.87 65.70
C PRO C 130 -18.07 42.30 65.28
N GLU C 131 -16.90 42.86 65.62
CA GLU C 131 -16.60 44.24 65.27
C GLU C 131 -15.89 44.35 63.93
N TRP C 132 -15.04 43.38 63.59
CA TRP C 132 -14.32 43.38 62.32
C TRP C 132 -14.57 42.05 61.62
N VAL C 133 -15.28 42.12 60.48
CA VAL C 133 -15.56 40.95 59.66
C VAL C 133 -14.99 41.18 58.28
N ILE C 134 -14.69 40.09 57.57
CA ILE C 134 -14.09 40.16 56.25
C ILE C 134 -14.65 39.02 55.40
N LEU C 135 -15.34 39.36 54.31
CA LEU C 135 -16.13 38.40 53.57
C LEU C 135 -15.68 38.36 52.11
N ILE C 136 -16.38 37.54 51.32
CA ILE C 136 -15.95 37.28 49.94
C ILE C 136 -16.33 38.47 49.06
N GLY C 137 -15.68 38.56 47.90
CA GLY C 137 -15.95 39.60 46.94
C GLY C 137 -16.51 39.07 45.65
N VAL C 138 -16.87 37.79 45.65
CA VAL C 138 -17.37 37.10 44.47
C VAL C 138 -18.86 36.84 44.65
N CYS C 139 -19.65 37.24 43.68
CA CYS C 139 -21.10 37.13 43.68
C CYS C 139 -21.50 35.72 43.23
N THR C 140 -22.75 35.52 42.94
CA THR C 140 -23.38 34.20 42.94
C THR C 140 -22.82 33.29 41.85
N HIS C 141 -22.93 33.71 40.60
CA HIS C 141 -22.42 32.87 39.53
C HIS C 141 -21.69 33.60 38.42
N LEU C 142 -21.27 34.85 38.62
CA LEU C 142 -20.26 35.43 37.73
C LEU C 142 -19.06 35.96 38.52
N GLY C 143 -19.32 36.75 39.57
CA GLY C 143 -18.24 37.23 40.43
C GLY C 143 -17.66 38.59 40.08
N CYS C 144 -18.49 39.62 40.09
CA CYS C 144 -18.08 40.97 39.72
C CYS C 144 -17.94 41.85 40.97
N VAL C 145 -17.37 43.03 40.80
CA VAL C 145 -17.22 43.97 41.91
C VAL C 145 -18.18 45.14 41.71
N PRO C 146 -19.09 45.37 42.64
CA PRO C 146 -19.87 46.62 42.64
C PRO C 146 -19.09 47.75 43.30
N ILE C 147 -19.60 48.96 43.14
CA ILE C 147 -18.84 50.16 43.48
C ILE C 147 -18.79 50.33 44.99
N ALA C 148 -17.58 50.36 45.54
CA ALA C 148 -17.38 50.65 46.95
C ALA C 148 -17.43 52.16 47.19
N ASN C 149 -17.70 52.52 48.44
CA ASN C 149 -17.96 53.90 48.91
C ASN C 149 -19.10 54.55 48.15
N ALA C 150 -20.09 53.76 47.73
CA ALA C 150 -21.34 54.24 47.16
C ALA C 150 -22.37 53.17 47.44
N GLY C 151 -23.16 53.36 48.48
CA GLY C 151 -23.98 52.30 49.04
C GLY C 151 -25.47 52.56 48.83
N ASP C 152 -26.24 51.46 48.79
CA ASP C 152 -27.69 51.57 48.78
C ASP C 152 -28.20 52.15 50.10
N PHE C 153 -27.79 51.54 51.22
CA PHE C 153 -28.00 52.11 52.54
C PHE C 153 -26.74 51.89 53.37
N GLY C 154 -25.58 51.95 52.69
CA GLY C 154 -24.29 51.81 53.33
C GLY C 154 -23.45 50.64 52.86
N GLY C 155 -23.68 50.14 51.64
CA GLY C 155 -22.94 49.00 51.15
C GLY C 155 -22.32 49.19 49.77
N TYR C 156 -22.67 48.31 48.84
CA TYR C 156 -22.17 48.35 47.47
C TYR C 156 -23.32 48.74 46.54
N TYR C 157 -23.00 48.89 45.25
CA TYR C 157 -23.97 49.34 44.26
C TYR C 157 -23.61 48.83 42.87
N CYS C 158 -24.59 48.24 42.18
CA CYS C 158 -24.41 47.80 40.81
C CYS C 158 -25.07 48.79 39.86
N PRO C 159 -24.35 49.32 38.86
CA PRO C 159 -24.96 50.31 37.96
C PRO C 159 -25.82 49.71 36.85
N CYS C 160 -25.43 48.54 36.34
CA CYS C 160 -25.99 48.05 35.08
C CYS C 160 -27.37 47.43 35.25
N HIS C 161 -27.47 46.37 36.04
CA HIS C 161 -28.74 45.67 36.27
C HIS C 161 -29.22 45.75 37.71
N GLY C 162 -28.33 45.51 38.68
CA GLY C 162 -28.64 45.89 40.04
C GLY C 162 -29.40 44.91 40.91
N SER C 163 -28.86 43.71 41.10
CA SER C 163 -29.25 42.89 42.24
C SER C 163 -28.48 43.46 43.43
N HIS C 164 -29.04 44.51 44.04
CA HIS C 164 -28.25 45.44 44.84
C HIS C 164 -27.92 44.88 46.21
N TYR C 165 -26.94 45.49 46.85
CA TYR C 165 -26.15 44.83 47.88
C TYR C 165 -26.87 44.80 49.22
N ASP C 166 -26.69 43.70 49.93
CA ASP C 166 -27.14 43.53 51.31
C ASP C 166 -25.93 43.39 52.20
N ALA C 167 -25.99 44.04 53.37
CA ALA C 167 -24.85 44.13 54.27
C ALA C 167 -24.51 42.81 54.96
N SER C 168 -25.38 41.80 54.87
CA SER C 168 -25.12 40.50 55.50
C SER C 168 -25.27 39.35 54.51
N GLY C 169 -25.06 39.61 53.21
CA GLY C 169 -25.27 38.58 52.21
C GLY C 169 -26.75 38.34 51.95
N ARG C 170 -27.03 37.18 51.34
CA ARG C 170 -28.36 36.58 51.19
C ARG C 170 -29.39 37.49 50.51
N ILE C 171 -29.41 37.43 49.18
CA ILE C 171 -30.08 38.33 48.22
C ILE C 171 -31.53 38.66 48.52
N ARG C 172 -31.96 39.86 48.14
CA ARG C 172 -33.32 40.33 48.34
C ARG C 172 -34.19 40.09 47.11
N LYS C 173 -33.66 40.34 45.91
CA LYS C 173 -34.32 39.97 44.67
C LYS C 173 -33.25 39.65 43.63
N GLY C 174 -33.50 38.62 42.83
CA GLY C 174 -32.50 38.08 41.93
C GLY C 174 -32.37 38.83 40.63
N PRO C 175 -32.39 38.10 39.49
CA PRO C 175 -32.63 36.66 39.39
C PRO C 175 -31.40 35.75 39.43
N ALA C 176 -30.47 35.98 40.36
CA ALA C 176 -29.41 35.03 40.68
C ALA C 176 -29.74 34.40 42.03
N PRO C 177 -30.51 33.28 42.06
CA PRO C 177 -31.15 32.82 43.29
C PRO C 177 -30.28 31.92 44.18
N LEU C 178 -29.08 32.40 44.51
CA LEU C 178 -28.24 31.73 45.50
C LEU C 178 -27.33 32.78 46.14
N ASN C 179 -26.81 32.46 47.33
CA ASN C 179 -26.13 33.42 48.17
C ASN C 179 -24.66 33.55 47.77
N LEU C 180 -23.90 34.27 48.59
CA LEU C 180 -22.45 34.35 48.43
C LEU C 180 -21.77 33.45 49.44
N GLU C 181 -20.63 32.88 49.04
CA GLU C 181 -19.91 31.94 49.91
C GLU C 181 -19.17 32.69 51.01
N VAL C 182 -18.73 31.95 52.02
CA VAL C 182 -17.99 32.49 53.15
C VAL C 182 -16.59 31.90 53.13
N PRO C 183 -15.55 32.71 53.11
CA PRO C 183 -14.18 32.18 53.11
C PRO C 183 -13.76 31.81 54.53
N THR C 184 -12.55 31.26 54.64
CA THR C 184 -11.99 30.83 55.91
C THR C 184 -10.97 31.84 56.39
N TYR C 185 -11.15 32.30 57.64
CA TYR C 185 -10.17 33.16 58.28
C TYR C 185 -10.21 32.91 59.78
N GLU C 186 -9.03 32.95 60.39
CA GLU C 186 -8.85 32.50 61.77
C GLU C 186 -8.01 33.51 62.54
N PHE C 187 -8.15 33.45 63.86
CA PHE C 187 -7.34 34.26 64.77
C PHE C 187 -7.12 33.45 66.04
N THR C 188 -5.91 33.51 66.60
CA THR C 188 -5.58 32.65 67.75
C THR C 188 -5.85 33.37 69.07
N SER C 189 -5.07 34.42 69.36
CA SER C 189 -5.26 35.06 70.65
C SER C 189 -5.62 36.54 70.60
N ASP C 190 -4.67 37.40 70.22
CA ASP C 190 -4.90 38.84 70.18
C ASP C 190 -4.20 39.59 69.06
N ASP C 191 -3.09 39.10 68.52
CA ASP C 191 -2.17 39.97 67.78
C ASP C 191 -2.39 39.96 66.28
N LEU C 192 -2.85 38.86 65.71
CA LEU C 192 -2.81 38.68 64.26
C LEU C 192 -4.05 37.92 63.81
N VAL C 193 -4.69 38.41 62.76
CA VAL C 193 -5.80 37.70 62.11
C VAL C 193 -5.34 37.43 60.67
N ILE C 194 -4.76 36.27 60.45
CA ILE C 194 -4.35 35.83 59.11
C ILE C 194 -5.59 35.38 58.36
N VAL C 195 -5.89 36.05 57.24
CA VAL C 195 -7.16 35.93 56.55
C VAL C 195 -6.93 35.34 55.16
N GLY C 196 -7.62 34.23 54.87
CA GLY C 196 -7.65 33.69 53.53
C GLY C 196 -7.63 32.18 53.43
N ALA D 2 -38.74 -51.68 16.21
CA ALA D 2 -39.39 -50.59 15.51
C ALA D 2 -38.80 -49.25 15.94
N THR D 3 -38.14 -49.24 17.09
CA THR D 3 -37.50 -48.06 17.64
C THR D 3 -36.00 -48.30 17.62
N TYR D 4 -35.22 -47.22 17.49
CA TYR D 4 -33.77 -47.30 17.59
C TYR D 4 -33.33 -47.84 18.95
N ALA D 5 -34.05 -47.52 20.02
CA ALA D 5 -33.74 -48.06 21.33
C ALA D 5 -34.03 -49.56 21.39
N GLN D 6 -35.13 -50.00 20.77
CA GLN D 6 -35.45 -51.43 20.77
C GLN D 6 -34.52 -52.21 19.85
N ALA D 7 -34.00 -51.57 18.80
CA ALA D 7 -33.10 -52.25 17.88
C ALA D 7 -31.72 -52.48 18.48
N LEU D 8 -31.31 -51.67 19.45
CA LEU D 8 -30.05 -51.91 20.12
C LEU D 8 -30.14 -53.07 21.11
N GLN D 9 -31.35 -53.43 21.55
CA GLN D 9 -31.51 -54.58 22.43
C GLN D 9 -31.46 -55.90 21.68
N SER D 10 -31.92 -55.93 20.43
CA SER D 10 -32.02 -57.16 19.66
C SER D 10 -30.75 -57.47 18.89
N VAL D 11 -29.67 -56.72 19.11
CA VAL D 11 -28.37 -57.08 18.52
C VAL D 11 -27.87 -58.33 19.21
N PRO D 12 -27.38 -59.33 18.48
CA PRO D 12 -26.84 -60.53 19.12
C PRO D 12 -25.56 -60.24 19.88
N GLU D 13 -25.37 -60.97 20.97
CA GLU D 13 -24.27 -60.72 21.88
C GLU D 13 -23.04 -61.55 21.50
N THR D 14 -21.92 -61.21 22.11
CA THR D 14 -20.64 -61.86 21.87
C THR D 14 -20.39 -62.87 22.99
N GLN D 15 -19.98 -64.08 22.61
CA GLN D 15 -19.66 -65.14 23.56
C GLN D 15 -18.16 -65.35 23.58
N VAL D 16 -17.56 -65.29 24.77
CA VAL D 16 -16.11 -65.43 24.93
C VAL D 16 -15.82 -66.68 25.75
N SER D 17 -14.79 -67.42 25.35
CA SER D 17 -14.30 -68.58 26.07
C SER D 17 -12.78 -68.51 26.15
N GLN D 18 -12.18 -69.52 26.78
CA GLN D 18 -10.74 -69.55 26.98
C GLN D 18 -10.26 -70.99 27.06
N LEU D 19 -9.07 -71.26 26.50
CA LEU D 19 -8.46 -72.56 26.58
C LEU D 19 -7.55 -72.65 27.81
N ASP D 20 -6.86 -73.79 27.95
CA ASP D 20 -5.95 -73.98 29.08
C ASP D 20 -4.67 -73.17 28.92
N ASN D 21 -4.26 -72.89 27.68
CA ASN D 21 -3.04 -72.11 27.46
C ASN D 21 -3.28 -70.61 27.56
N GLY D 22 -4.53 -70.17 27.64
CA GLY D 22 -4.85 -68.76 27.77
C GLY D 22 -5.41 -68.11 26.52
N LEU D 23 -5.54 -68.83 25.42
CA LEU D 23 -6.08 -68.29 24.17
C LEU D 23 -7.56 -68.00 24.32
N ARG D 24 -7.96 -66.78 23.95
CA ARG D 24 -9.37 -66.40 23.99
C ARG D 24 -10.03 -66.65 22.64
N VAL D 25 -11.31 -67.02 22.69
CA VAL D 25 -12.11 -67.40 21.51
C VAL D 25 -13.44 -66.67 21.61
N ALA D 26 -13.76 -65.85 20.61
CA ALA D 26 -14.98 -65.05 20.64
C ALA D 26 -15.70 -65.10 19.30
N SER D 27 -17.03 -64.93 19.35
CA SER D 27 -17.87 -65.10 18.17
C SER D 27 -19.12 -64.22 18.25
N GLU D 28 -19.69 -63.93 17.08
CA GLU D 28 -21.04 -63.38 16.99
C GLU D 28 -21.74 -64.04 15.81
N GLN D 29 -22.86 -64.70 16.08
CA GLN D 29 -23.63 -65.43 15.07
C GLN D 29 -24.70 -64.53 14.48
N SER D 30 -24.81 -64.51 13.15
CA SER D 30 -25.71 -63.55 12.52
C SER D 30 -26.49 -64.10 11.31
N SER D 31 -26.49 -65.42 11.11
CA SER D 31 -27.37 -66.12 10.16
C SER D 31 -27.20 -65.65 8.71
N GLN D 32 -26.03 -65.94 8.16
CA GLN D 32 -25.70 -65.60 6.79
C GLN D 32 -24.71 -66.63 6.25
N PRO D 33 -24.69 -66.88 4.94
CA PRO D 33 -23.86 -67.97 4.41
C PRO D 33 -22.37 -67.68 4.32
N THR D 34 -21.88 -66.52 4.73
CA THR D 34 -20.46 -66.22 4.69
C THR D 34 -19.95 -65.90 6.10
N CYS D 35 -18.64 -65.89 6.25
CA CYS D 35 -18.02 -65.65 7.55
C CYS D 35 -16.64 -65.05 7.37
N THR D 36 -16.14 -64.43 8.44
CA THR D 36 -14.78 -63.92 8.52
C THR D 36 -14.16 -64.38 9.84
N VAL D 37 -13.02 -65.07 9.77
CA VAL D 37 -12.33 -65.61 10.93
C VAL D 37 -10.88 -65.14 10.90
N GLY D 38 -10.34 -64.74 12.05
CA GLY D 38 -8.94 -64.31 12.08
C GLY D 38 -8.29 -64.38 13.44
N VAL D 39 -7.01 -64.02 13.47
CA VAL D 39 -6.17 -64.04 14.67
C VAL D 39 -5.62 -62.65 14.91
N TRP D 40 -5.87 -62.10 16.11
CA TRP D 40 -5.37 -60.78 16.51
C TRP D 40 -4.33 -60.92 17.61
N ILE D 41 -3.18 -60.26 17.42
CA ILE D 41 -1.99 -60.47 18.26
C ILE D 41 -1.55 -59.14 18.86
N ASP D 42 -1.16 -59.15 20.15
CA ASP D 42 -0.44 -58.05 20.78
C ASP D 42 1.03 -58.08 20.36
N ALA D 43 1.29 -57.52 19.19
CA ALA D 43 2.66 -57.38 18.69
C ALA D 43 2.69 -56.17 17.79
N GLY D 44 3.87 -55.57 17.67
CA GLY D 44 3.98 -54.34 16.91
C GLY D 44 5.33 -53.71 17.14
N SER D 45 5.51 -52.56 16.49
CA SER D 45 6.82 -51.91 16.49
C SER D 45 7.15 -51.22 17.80
N ARG D 46 6.18 -50.99 18.69
CA ARG D 46 6.49 -50.46 20.00
C ARG D 46 7.08 -51.50 20.95
N TYR D 47 7.07 -52.77 20.58
CA TYR D 47 7.77 -53.81 21.32
C TYR D 47 9.14 -54.12 20.74
N GLU D 48 9.58 -53.41 19.73
CA GLU D 48 10.90 -53.59 19.16
C GLU D 48 11.84 -52.50 19.62
N ASN D 49 13.11 -52.83 19.68
CA ASN D 49 14.16 -51.87 20.00
C ASN D 49 14.84 -51.44 18.70
N GLU D 50 15.95 -50.74 18.83
CA GLU D 50 16.63 -50.16 17.66
C GLU D 50 17.33 -51.22 16.82
N LYS D 51 17.53 -52.42 17.35
CA LYS D 51 18.27 -53.44 16.62
C LYS D 51 17.38 -54.24 15.67
N ASN D 52 16.09 -54.35 15.94
CA ASN D 52 15.18 -55.16 15.14
C ASN D 52 13.87 -54.41 14.84
N ASN D 53 13.98 -53.15 14.42
CA ASN D 53 12.79 -52.34 14.17
C ASN D 53 12.03 -52.76 12.91
N GLY D 54 12.65 -53.48 11.99
CA GLY D 54 11.88 -53.97 10.87
C GLY D 54 11.49 -55.42 10.95
N ALA D 55 11.32 -55.95 12.16
CA ALA D 55 11.17 -57.40 12.33
C ALA D 55 9.74 -57.87 12.15
N GLY D 56 8.76 -57.13 12.68
CA GLY D 56 7.38 -57.58 12.59
C GLY D 56 6.76 -57.38 11.23
N TYR D 57 7.26 -56.39 10.48
CA TYR D 57 6.79 -56.15 9.13
C TYR D 57 7.42 -57.10 8.13
N PHE D 58 8.64 -57.57 8.42
CA PHE D 58 9.28 -58.60 7.61
C PHE D 58 8.56 -59.95 7.75
N VAL D 59 8.03 -60.24 8.95
CA VAL D 59 7.39 -61.51 9.23
C VAL D 59 6.00 -61.59 8.57
N GLU D 60 5.30 -60.46 8.46
CA GLU D 60 4.01 -60.42 7.79
C GLU D 60 4.13 -60.71 6.29
N HIS D 61 5.26 -60.37 5.68
CA HIS D 61 5.49 -60.69 4.27
C HIS D 61 5.67 -62.18 4.03
N LEU D 62 6.31 -62.90 4.94
CA LEU D 62 6.60 -64.31 4.76
C LEU D 62 5.47 -65.21 5.24
N ALA D 63 4.37 -64.63 5.74
CA ALA D 63 3.32 -65.42 6.35
C ALA D 63 2.52 -66.24 5.35
N PHE D 64 2.46 -65.83 4.09
CA PHE D 64 1.70 -66.54 3.08
C PHE D 64 2.60 -67.19 2.03
N LYS D 65 3.89 -67.36 2.34
CA LYS D 65 4.85 -67.91 1.40
C LYS D 65 5.20 -69.37 1.69
N GLY D 66 4.46 -70.03 2.57
CA GLY D 66 4.71 -71.46 2.73
C GLY D 66 5.10 -71.89 4.13
N THR D 67 4.39 -72.90 4.63
CA THR D 67 4.63 -73.48 5.95
C THR D 67 5.22 -74.88 5.80
N LYS D 68 5.33 -75.58 6.93
CA LYS D 68 5.98 -76.90 6.93
C LYS D 68 5.11 -77.95 6.24
N ASN D 69 3.79 -77.89 6.43
CA ASN D 69 2.92 -78.87 5.82
C ASN D 69 2.56 -78.51 4.39
N ARG D 70 2.30 -77.23 4.13
CA ARG D 70 1.92 -76.75 2.79
C ARG D 70 3.01 -75.86 2.24
N PRO D 71 4.01 -76.41 1.54
CA PRO D 71 5.18 -75.61 1.16
C PRO D 71 4.93 -74.82 -0.11
N GLY D 72 5.46 -73.59 -0.13
CA GLY D 72 5.43 -72.75 -1.31
C GLY D 72 4.07 -72.23 -1.68
N SER D 73 3.66 -72.48 -2.91
CA SER D 73 2.40 -71.97 -3.44
C SER D 73 1.22 -72.88 -3.15
N ALA D 74 1.42 -73.97 -2.42
CA ALA D 74 0.32 -74.90 -2.14
C ALA D 74 -0.69 -74.31 -1.16
N LEU D 75 -0.29 -73.36 -0.33
CA LEU D 75 -1.27 -72.66 0.52
C LEU D 75 -2.15 -71.76 -0.33
N GLU D 76 -1.56 -71.09 -1.33
CA GLU D 76 -2.30 -70.16 -2.16
C GLU D 76 -3.28 -70.88 -3.09
N LYS D 77 -2.93 -72.09 -3.55
CA LYS D 77 -3.83 -72.84 -4.40
C LYS D 77 -5.05 -73.35 -3.64
N GLU D 78 -4.91 -73.59 -2.33
CA GLU D 78 -6.03 -74.11 -1.56
C GLU D 78 -7.04 -73.02 -1.21
N VAL D 79 -6.56 -71.80 -0.96
CA VAL D 79 -7.45 -70.69 -0.63
C VAL D 79 -8.23 -70.25 -1.88
N GLU D 80 -7.56 -70.26 -3.04
CA GLU D 80 -8.21 -69.79 -4.27
C GLU D 80 -9.22 -70.80 -4.80
N SER D 81 -8.95 -72.09 -4.64
CA SER D 81 -9.82 -73.12 -5.21
C SER D 81 -11.15 -73.25 -4.49
N MET D 82 -11.31 -72.67 -3.31
CA MET D 82 -12.61 -72.60 -2.65
C MET D 82 -13.22 -71.21 -2.70
N GLY D 83 -12.52 -70.23 -3.27
CA GLY D 83 -13.08 -68.90 -3.40
C GLY D 83 -12.94 -68.03 -2.17
N ALA D 84 -11.82 -68.11 -1.47
CA ALA D 84 -11.61 -67.39 -0.21
C ALA D 84 -10.51 -66.35 -0.38
N HIS D 85 -10.46 -65.42 0.57
CA HIS D 85 -9.52 -64.30 0.55
C HIS D 85 -8.66 -64.29 1.81
N LEU D 86 -7.38 -63.97 1.65
CA LEU D 86 -6.44 -63.80 2.75
C LEU D 86 -5.97 -62.36 2.81
N ASN D 87 -5.84 -61.82 4.03
CA ASN D 87 -5.39 -60.45 4.23
C ASN D 87 -4.62 -60.34 5.54
N ALA D 88 -3.87 -59.24 5.69
CA ALA D 88 -3.06 -58.99 6.87
C ALA D 88 -2.78 -57.49 6.99
N TYR D 89 -2.45 -57.06 8.21
CA TYR D 89 -1.92 -55.72 8.44
C TYR D 89 -1.05 -55.69 9.69
N SER D 90 -0.36 -54.56 9.89
CA SER D 90 0.51 -54.34 11.04
C SER D 90 0.48 -52.86 11.41
N THR D 91 0.06 -52.55 12.63
CA THR D 91 0.16 -51.21 13.19
C THR D 91 1.31 -51.14 14.20
N ARG D 92 1.35 -50.07 14.98
CA ARG D 92 2.35 -49.92 16.03
C ARG D 92 2.07 -50.78 17.27
N GLU D 93 0.86 -51.33 17.41
CA GLU D 93 0.55 -52.17 18.56
C GLU D 93 -0.20 -53.46 18.25
N HIS D 94 -0.65 -53.69 17.02
CA HIS D 94 -1.47 -54.87 16.70
C HIS D 94 -0.97 -55.51 15.41
N THR D 95 -1.37 -56.76 15.22
CA THR D 95 -1.08 -57.54 14.03
C THR D 95 -2.23 -58.51 13.80
N ALA D 96 -2.71 -58.62 12.57
CA ALA D 96 -3.86 -59.49 12.27
C ALA D 96 -3.64 -60.25 10.97
N TYR D 97 -4.11 -61.49 10.94
CA TYR D 97 -4.30 -62.29 9.73
C TYR D 97 -5.71 -62.82 9.74
N TYR D 98 -6.40 -62.78 8.60
CA TYR D 98 -7.79 -63.23 8.59
C TYR D 98 -8.22 -63.74 7.23
N ILE D 99 -9.29 -64.53 7.23
CA ILE D 99 -9.81 -65.23 6.06
C ILE D 99 -11.29 -64.90 5.90
N LYS D 100 -11.70 -64.54 4.68
CA LYS D 100 -13.10 -64.45 4.33
C LYS D 100 -13.45 -65.65 3.46
N ALA D 101 -14.41 -66.46 3.91
CA ALA D 101 -14.75 -67.70 3.22
C ALA D 101 -16.25 -67.97 3.37
N LEU D 102 -16.69 -69.07 2.79
CA LEU D 102 -18.05 -69.55 2.98
C LEU D 102 -18.18 -70.22 4.34
N SER D 103 -19.37 -70.13 4.93
CA SER D 103 -19.57 -70.56 6.30
C SER D 103 -19.55 -72.08 6.47
N LYS D 104 -19.60 -72.85 5.39
CA LYS D 104 -19.41 -74.29 5.46
C LYS D 104 -17.96 -74.69 5.25
N ASP D 105 -17.07 -73.75 4.93
CA ASP D 105 -15.65 -73.98 4.85
C ASP D 105 -14.92 -73.57 6.12
N LEU D 106 -15.65 -73.41 7.23
CA LEU D 106 -15.05 -73.04 8.50
C LEU D 106 -14.00 -74.01 9.06
N PRO D 107 -14.15 -75.35 9.02
CA PRO D 107 -13.05 -76.20 9.54
C PRO D 107 -11.76 -76.11 8.76
N LYS D 108 -11.82 -75.94 7.45
CA LYS D 108 -10.60 -75.76 6.66
C LYS D 108 -9.97 -74.40 6.91
N ALA D 109 -10.78 -73.38 7.17
CA ALA D 109 -10.25 -72.03 7.36
C ALA D 109 -9.49 -71.90 8.69
N VAL D 110 -10.02 -72.52 9.75
CA VAL D 110 -9.34 -72.47 11.06
C VAL D 110 -8.05 -73.28 11.01
N GLU D 111 -8.03 -74.38 10.25
CA GLU D 111 -6.84 -75.22 10.14
C GLU D 111 -5.70 -74.49 9.42
N LEU D 112 -6.03 -73.69 8.41
CA LEU D 112 -4.98 -72.94 7.70
C LEU D 112 -4.43 -71.81 8.55
N LEU D 113 -5.28 -71.18 9.37
CA LEU D 113 -4.83 -70.09 10.23
C LEU D 113 -3.91 -70.58 11.33
N ALA D 114 -4.17 -71.77 11.88
CA ALA D 114 -3.32 -72.34 12.90
C ALA D 114 -1.96 -72.74 12.35
N ASP D 115 -1.91 -73.16 11.08
CA ASP D 115 -0.65 -73.50 10.45
C ASP D 115 0.15 -72.27 10.06
N ILE D 116 -0.50 -71.13 9.86
CA ILE D 116 0.21 -69.91 9.49
C ILE D 116 0.98 -69.34 10.69
N VAL D 117 0.33 -69.29 11.85
CA VAL D 117 0.95 -68.62 13.00
C VAL D 117 1.87 -69.51 13.81
N GLN D 118 1.77 -70.84 13.68
CA GLN D 118 2.59 -71.74 14.47
C GLN D 118 3.76 -72.33 13.70
N ASN D 119 3.55 -72.71 12.43
CA ASN D 119 4.51 -73.54 11.71
C ASN D 119 4.99 -72.89 10.43
N CYS D 120 5.00 -71.55 10.39
CA CYS D 120 5.48 -70.84 9.21
C CYS D 120 6.97 -71.04 9.03
N SER D 121 7.37 -71.42 7.82
CA SER D 121 8.78 -71.59 7.49
C SER D 121 9.35 -70.24 7.07
N LEU D 122 10.42 -69.83 7.74
CA LEU D 122 11.15 -68.62 7.38
C LEU D 122 12.39 -69.01 6.59
N GLU D 123 12.16 -69.53 5.39
CA GLU D 123 13.24 -70.16 4.63
C GLU D 123 14.17 -69.12 4.04
N ASP D 124 15.46 -69.48 3.96
CA ASP D 124 16.53 -68.54 3.68
C ASP D 124 16.61 -68.10 2.23
N SER D 125 15.83 -68.69 1.32
CA SER D 125 15.79 -68.22 -0.06
C SER D 125 14.62 -67.30 -0.32
N GLN D 126 13.57 -67.38 0.50
CA GLN D 126 12.48 -66.41 0.45
C GLN D 126 12.89 -65.11 1.12
N ILE D 127 13.63 -65.20 2.24
CA ILE D 127 14.48 -64.09 2.66
C ILE D 127 15.60 -63.93 1.64
N GLU D 128 16.10 -62.70 1.49
CA GLU D 128 17.02 -62.15 0.47
C GLU D 128 16.32 -61.93 -0.86
N LYS D 129 15.06 -62.37 -1.02
CA LYS D 129 14.24 -61.90 -2.12
C LYS D 129 13.02 -61.14 -1.64
N GLU D 130 12.69 -61.19 -0.35
CA GLU D 130 11.72 -60.29 0.23
C GLU D 130 12.34 -58.97 0.66
N ARG D 131 13.67 -58.90 0.74
CA ARG D 131 14.34 -57.63 1.03
C ARG D 131 14.12 -56.62 -0.08
N ASP D 132 14.29 -57.06 -1.33
CA ASP D 132 14.16 -56.15 -2.46
C ASP D 132 12.72 -55.72 -2.68
N VAL D 133 11.75 -56.56 -2.32
CA VAL D 133 10.36 -56.15 -2.39
C VAL D 133 10.07 -55.08 -1.34
N ILE D 134 10.64 -55.23 -0.15
CA ILE D 134 10.42 -54.27 0.93
C ILE D 134 11.18 -52.97 0.67
N LEU D 135 12.39 -53.07 0.09
CA LEU D 135 13.16 -51.88 -0.24
C LEU D 135 12.51 -51.06 -1.35
N GLN D 136 11.83 -51.71 -2.28
CA GLN D 136 11.10 -50.98 -3.30
C GLN D 136 9.80 -50.40 -2.77
N GLU D 137 9.19 -51.05 -1.78
CA GLU D 137 7.97 -50.52 -1.17
C GLU D 137 8.24 -49.28 -0.33
N LEU D 138 9.45 -49.16 0.21
CA LEU D 138 9.81 -47.96 0.97
C LEU D 138 9.93 -46.75 0.05
N GLN D 139 10.46 -46.94 -1.15
CA GLN D 139 10.56 -45.84 -2.12
C GLN D 139 9.20 -45.42 -2.64
N GLU D 140 8.23 -46.34 -2.67
CA GLU D 140 6.87 -45.98 -3.05
C GLU D 140 6.16 -45.23 -1.93
N ASN D 141 6.51 -45.50 -0.68
CA ASN D 141 5.91 -44.80 0.45
C ASN D 141 6.35 -43.34 0.53
N ASP D 142 7.50 -43.00 -0.04
CA ASP D 142 7.99 -41.62 -0.02
C ASP D 142 7.18 -40.69 -0.92
N SER D 143 6.42 -41.24 -1.87
CA SER D 143 5.59 -40.42 -2.74
C SER D 143 4.22 -40.13 -2.14
N SER D 144 3.87 -40.76 -1.03
CA SER D 144 2.61 -40.49 -0.35
C SER D 144 2.87 -39.48 0.75
N MET D 145 2.39 -38.25 0.55
CA MET D 145 2.71 -37.16 1.46
C MET D 145 1.99 -37.29 2.79
N ARG D 146 0.81 -37.91 2.80
CA ARG D 146 0.07 -38.09 4.05
C ARG D 146 0.73 -39.12 4.95
N ASP D 147 1.32 -40.17 4.38
CA ASP D 147 1.99 -41.18 5.20
C ASP D 147 3.30 -40.66 5.75
N VAL D 148 3.99 -39.81 5.01
CA VAL D 148 5.26 -39.23 5.48
C VAL D 148 5.00 -38.26 6.63
N VAL D 149 3.94 -37.46 6.55
CA VAL D 149 3.73 -36.41 7.54
C VAL D 149 3.18 -36.97 8.86
N PHE D 150 2.55 -38.15 8.85
CA PHE D 150 2.12 -38.78 10.10
C PHE D 150 3.26 -39.57 10.72
N ASP D 151 4.20 -40.06 9.91
CA ASP D 151 5.43 -40.61 10.47
C ASP D 151 6.29 -39.52 11.12
N TYR D 152 6.25 -38.30 10.59
CA TYR D 152 6.97 -37.19 11.19
C TYR D 152 6.34 -36.78 12.51
N LEU D 153 5.01 -36.87 12.61
CA LEU D 153 4.32 -36.46 13.83
C LEU D 153 4.59 -37.42 14.98
N HIS D 154 4.73 -38.71 14.69
CA HIS D 154 5.07 -39.66 15.76
C HIS D 154 6.52 -39.53 16.17
N ALA D 155 7.41 -39.21 15.22
CA ALA D 155 8.82 -39.13 15.51
C ALA D 155 9.19 -37.90 16.33
N THR D 156 8.37 -36.85 16.31
CA THR D 156 8.67 -35.67 17.11
C THR D 156 7.83 -35.57 18.38
N ALA D 157 6.70 -36.26 18.47
CA ALA D 157 5.91 -36.23 19.69
C ALA D 157 6.39 -37.23 20.73
N PHE D 158 7.13 -38.26 20.32
CA PHE D 158 7.52 -39.34 21.20
C PHE D 158 9.01 -39.64 21.07
N GLN D 159 9.82 -38.58 20.94
CA GLN D 159 11.20 -38.56 20.44
C GLN D 159 12.13 -39.70 20.88
N GLY D 160 12.24 -39.95 22.17
CA GLY D 160 13.18 -40.96 22.61
C GLY D 160 12.56 -42.20 23.23
N THR D 161 11.45 -42.65 22.67
CA THR D 161 10.65 -43.76 23.17
C THR D 161 10.49 -44.77 22.06
N PRO D 162 9.99 -45.99 22.37
CA PRO D 162 9.66 -46.93 21.30
C PRO D 162 8.46 -46.52 20.44
N LEU D 163 7.63 -45.59 20.89
CA LEU D 163 6.45 -45.19 20.14
C LEU D 163 6.75 -44.23 19.00
N ALA D 164 8.00 -43.76 18.86
CA ALA D 164 8.40 -42.90 17.77
C ALA D 164 8.88 -43.65 16.55
N GLN D 165 9.14 -44.94 16.67
CA GLN D 165 9.60 -45.72 15.54
C GLN D 165 8.48 -45.92 14.52
N SER D 166 8.88 -46.20 13.29
CA SER D 166 7.94 -46.55 12.24
C SER D 166 7.71 -48.05 12.20
N VAL D 167 6.60 -48.45 11.59
CA VAL D 167 6.25 -49.87 11.46
C VAL D 167 7.23 -50.58 10.54
N GLU D 168 7.62 -49.94 9.45
CA GLU D 168 8.44 -50.58 8.44
C GLU D 168 9.91 -50.67 8.84
N GLY D 169 10.40 -49.75 9.66
CA GLY D 169 11.77 -49.76 10.09
C GLY D 169 12.69 -49.12 9.06
N PRO D 170 13.87 -48.68 9.50
CA PRO D 170 14.81 -48.02 8.58
C PRO D 170 15.41 -48.96 7.56
N SER D 171 15.95 -48.37 6.49
CA SER D 171 16.45 -49.12 5.35
C SER D 171 17.71 -49.91 5.67
N GLU D 172 18.50 -49.47 6.64
CA GLU D 172 19.69 -50.20 7.03
C GLU D 172 19.35 -51.44 7.86
N ASN D 173 18.22 -51.41 8.58
CA ASN D 173 17.76 -52.60 9.29
C ASN D 173 17.22 -53.65 8.32
N VAL D 174 16.56 -53.19 7.25
CA VAL D 174 16.00 -54.11 6.25
C VAL D 174 17.12 -54.86 5.53
N ARG D 175 18.25 -54.20 5.32
CA ARG D 175 19.37 -54.84 4.65
C ARG D 175 20.08 -55.88 5.50
N LYS D 176 19.86 -55.89 6.82
CA LYS D 176 20.67 -56.70 7.71
C LYS D 176 19.90 -57.65 8.63
N LEU D 177 18.60 -57.76 8.50
CA LEU D 177 17.84 -58.69 9.36
C LEU D 177 18.08 -60.12 8.91
N SER D 178 18.60 -60.94 9.82
CA SER D 178 18.97 -62.31 9.50
C SER D 178 17.78 -63.25 9.75
N ARG D 179 17.99 -64.54 9.51
CA ARG D 179 16.96 -65.52 9.81
C ARG D 179 16.81 -65.74 11.30
N ALA D 180 17.90 -65.55 12.06
CA ALA D 180 17.85 -65.74 13.50
C ALA D 180 16.98 -64.70 14.19
N ASP D 181 17.02 -63.45 13.73
CA ASP D 181 16.23 -62.39 14.34
C ASP D 181 14.74 -62.56 14.12
N LEU D 182 14.33 -63.27 13.08
CA LEU D 182 12.90 -63.49 12.84
C LEU D 182 12.35 -64.63 13.68
N THR D 183 13.15 -65.67 13.92
CA THR D 183 12.73 -66.76 14.79
C THR D 183 12.67 -66.33 16.25
N GLU D 184 13.53 -65.38 16.67
CA GLU D 184 13.40 -64.84 18.02
C GLU D 184 12.18 -63.95 18.17
N TYR D 185 11.76 -63.30 17.09
CA TYR D 185 10.61 -62.41 17.17
C TYR D 185 9.32 -63.19 17.35
N VAL D 186 9.21 -64.36 16.72
CA VAL D 186 8.00 -65.15 16.81
C VAL D 186 7.89 -65.83 18.17
N SER D 187 9.02 -66.36 18.66
CA SER D 187 9.05 -67.05 19.95
C SER D 187 8.75 -66.12 21.11
N GLN D 188 9.18 -64.86 21.01
CA GLN D 188 8.92 -63.89 22.07
C GLN D 188 7.55 -63.24 21.99
N HIS D 189 6.91 -63.22 20.83
CA HIS D 189 5.71 -62.41 20.70
C HIS D 189 4.47 -63.15 20.25
N TYR D 190 4.59 -64.26 19.52
CA TYR D 190 3.41 -64.98 19.03
C TYR D 190 3.05 -66.04 20.06
N LYS D 191 2.53 -65.56 21.19
CA LYS D 191 2.28 -66.39 22.36
C LYS D 191 0.79 -66.38 22.69
N ALA D 192 0.30 -67.48 23.25
CA ALA D 192 -1.14 -67.74 23.29
C ALA D 192 -1.98 -66.83 24.20
N PRO D 193 -1.53 -66.38 25.38
CA PRO D 193 -2.29 -65.32 26.08
C PRO D 193 -2.21 -63.94 25.46
N ARG D 194 -1.44 -63.76 24.38
CA ARG D 194 -1.41 -62.52 23.63
C ARG D 194 -2.19 -62.61 22.32
N MET D 195 -2.92 -63.70 22.10
CA MET D 195 -3.62 -63.93 20.84
C MET D 195 -5.13 -64.04 21.09
N VAL D 196 -5.91 -63.63 20.09
CA VAL D 196 -7.37 -63.74 20.12
C VAL D 196 -7.82 -64.38 18.81
N LEU D 197 -8.68 -65.40 18.89
CA LEU D 197 -9.30 -66.02 17.72
C LEU D 197 -10.75 -65.56 17.65
N ALA D 198 -11.05 -64.70 16.67
CA ALA D 198 -12.37 -64.11 16.52
C ALA D 198 -13.04 -64.59 15.23
N ALA D 199 -14.37 -64.52 15.21
CA ALA D 199 -15.15 -64.97 14.07
C ALA D 199 -16.50 -64.28 14.07
N ALA D 200 -17.00 -63.95 12.88
CA ALA D 200 -18.31 -63.34 12.74
C ALA D 200 -18.98 -63.86 11.49
N GLY D 201 -20.30 -64.01 11.55
CA GLY D 201 -21.06 -64.49 10.40
C GLY D 201 -21.95 -65.68 10.71
N GLY D 202 -21.90 -66.71 9.86
CA GLY D 202 -22.63 -67.93 10.11
C GLY D 202 -21.80 -68.93 10.87
N VAL D 203 -21.54 -68.65 12.14
CA VAL D 203 -20.68 -69.47 13.00
C VAL D 203 -21.49 -69.85 14.24
N GLU D 204 -21.34 -71.09 14.70
CA GLU D 204 -21.75 -71.49 16.04
C GLU D 204 -20.54 -71.41 16.96
N HIS D 205 -20.75 -70.95 18.19
CA HIS D 205 -19.63 -70.79 19.12
C HIS D 205 -19.09 -72.13 19.59
N ARG D 206 -19.95 -73.14 19.73
CA ARG D 206 -19.51 -74.47 20.16
C ARG D 206 -18.63 -75.13 19.11
N GLN D 207 -18.88 -74.86 17.83
CA GLN D 207 -18.08 -75.44 16.76
C GLN D 207 -16.69 -74.81 16.70
N LEU D 208 -16.61 -73.48 16.87
CA LEU D 208 -15.32 -72.80 16.87
C LEU D 208 -14.46 -73.19 18.07
N LEU D 209 -15.11 -73.50 19.20
CA LEU D 209 -14.35 -73.84 20.40
C LEU D 209 -13.70 -75.22 20.26
N ASP D 210 -14.38 -76.18 19.65
CA ASP D 210 -13.79 -77.50 19.47
C ASP D 210 -12.76 -77.50 18.35
N LEU D 211 -12.90 -76.61 17.37
CA LEU D 211 -11.86 -76.46 16.36
C LEU D 211 -10.62 -75.79 16.95
N ALA D 212 -10.81 -74.93 17.95
CA ALA D 212 -9.68 -74.30 18.61
C ALA D 212 -8.93 -75.28 19.50
N GLN D 213 -9.63 -76.26 20.07
CA GLN D 213 -8.96 -77.27 20.88
C GLN D 213 -8.21 -78.28 20.02
N LYS D 214 -8.64 -78.46 18.77
CA LYS D 214 -8.03 -79.45 17.89
C LYS D 214 -6.74 -78.92 17.26
N HIS D 215 -6.66 -77.61 17.00
CA HIS D 215 -5.57 -77.05 16.24
C HIS D 215 -4.64 -76.13 17.02
N PHE D 216 -5.09 -75.57 18.14
CA PHE D 216 -4.33 -74.55 18.86
C PHE D 216 -3.84 -75.01 20.23
N SER D 217 -4.20 -76.22 20.67
CA SER D 217 -3.92 -76.63 22.05
C SER D 217 -2.45 -76.88 22.31
N SER D 218 -1.65 -77.09 21.26
CA SER D 218 -0.22 -77.29 21.40
C SER D 218 0.57 -75.98 21.46
N LEU D 219 -0.10 -74.83 21.53
CA LEU D 219 0.57 -73.58 21.81
C LEU D 219 1.10 -73.59 23.24
N SER D 220 2.28 -73.00 23.43
CA SER D 220 2.89 -72.95 24.75
C SER D 220 2.15 -71.95 25.63
N GLY D 221 1.61 -72.44 26.75
CA GLY D 221 0.80 -71.61 27.63
C GLY D 221 1.60 -70.66 28.50
N THR D 222 2.33 -71.21 29.46
CA THR D 222 3.39 -70.45 30.11
C THR D 222 4.72 -70.84 29.48
N TYR D 223 5.71 -69.97 29.65
CA TYR D 223 6.86 -69.99 28.77
C TYR D 223 8.10 -70.47 29.52
N VAL D 224 9.21 -70.61 28.78
CA VAL D 224 10.50 -70.79 29.42
C VAL D 224 10.86 -69.54 30.21
N GLU D 225 10.86 -69.68 31.55
CA GLU D 225 11.15 -68.70 32.60
C GLU D 225 10.06 -67.63 32.76
N ASP D 226 9.17 -67.51 31.75
CA ASP D 226 7.92 -66.75 31.70
C ASP D 226 7.89 -65.41 32.44
N ALA D 227 8.91 -64.57 32.21
CA ALA D 227 8.94 -63.26 32.84
C ALA D 227 7.86 -62.37 32.26
N VAL D 228 7.30 -61.50 33.11
CA VAL D 228 6.23 -60.56 32.74
C VAL D 228 6.71 -59.65 31.63
N PRO D 229 5.94 -59.51 30.53
CA PRO D 229 6.32 -58.60 29.45
C PRO D 229 6.29 -57.16 29.94
N ALA D 230 7.47 -56.57 30.07
CA ALA D 230 7.60 -55.24 30.65
C ALA D 230 7.02 -54.19 29.71
N PHE D 231 6.30 -53.25 30.31
CA PHE D 231 5.63 -52.19 29.56
C PHE D 231 6.25 -50.87 30.01
N THR D 232 7.14 -50.33 29.18
CA THR D 232 7.66 -49.00 29.41
C THR D 232 6.72 -47.98 28.78
N PRO D 233 6.15 -47.05 29.55
CA PRO D 233 5.32 -45.99 28.94
C PRO D 233 6.14 -45.00 28.12
N CYS D 234 5.44 -44.06 27.47
CA CYS D 234 6.08 -43.11 26.56
C CYS D 234 5.56 -41.72 26.85
N ARG D 235 6.45 -40.74 26.90
CA ARG D 235 6.06 -39.37 27.21
C ARG D 235 5.93 -38.51 25.94
N PHE D 236 5.12 -37.46 26.08
CA PHE D 236 4.84 -36.50 25.03
C PHE D 236 5.77 -35.29 25.14
N THR D 237 6.24 -34.79 24.00
CA THR D 237 7.12 -33.63 23.96
C THR D 237 6.61 -32.62 22.95
N GLY D 238 6.36 -31.40 23.40
CA GLY D 238 6.03 -30.31 22.49
C GLY D 238 7.25 -29.90 21.68
N SER D 239 7.14 -29.95 20.35
CA SER D 239 8.27 -29.82 19.43
C SER D 239 7.73 -29.64 18.02
N GLU D 240 8.63 -29.54 17.05
CA GLU D 240 8.23 -29.42 15.65
C GLU D 240 9.34 -29.93 14.74
N ILE D 241 8.93 -30.33 13.54
CA ILE D 241 9.85 -30.75 12.48
C ILE D 241 9.37 -30.16 11.16
N ARG D 242 10.27 -29.50 10.42
CA ARG D 242 9.95 -28.81 9.17
C ARG D 242 10.81 -29.34 8.05
N HIS D 243 10.18 -29.88 7.00
CA HIS D 243 10.87 -30.33 5.80
C HIS D 243 10.46 -29.41 4.66
N ARG D 244 11.41 -28.61 4.19
CA ARG D 244 11.18 -27.58 3.18
C ARG D 244 11.54 -28.10 1.80
N ASP D 245 10.56 -28.14 0.90
CA ASP D 245 10.78 -28.58 -0.48
C ASP D 245 9.83 -27.79 -1.38
N ASP D 246 10.36 -26.79 -2.06
CA ASP D 246 9.54 -25.87 -2.85
C ASP D 246 9.04 -26.46 -4.15
N ALA D 247 9.61 -27.57 -4.62
CA ALA D 247 9.20 -28.18 -5.87
C ALA D 247 7.90 -28.97 -5.76
N LEU D 248 7.42 -29.27 -4.56
CA LEU D 248 6.15 -29.95 -4.41
C LEU D 248 5.00 -28.96 -4.57
N PRO D 249 3.89 -29.36 -5.19
CA PRO D 249 2.83 -28.40 -5.51
C PRO D 249 1.94 -27.99 -4.35
N LEU D 250 1.72 -28.87 -3.37
CA LEU D 250 0.89 -28.55 -2.21
C LEU D 250 1.66 -28.87 -0.94
N ALA D 251 1.20 -28.33 0.18
CA ALA D 251 1.84 -28.49 1.47
C ALA D 251 0.96 -29.26 2.44
N HIS D 252 1.58 -30.14 3.23
CA HIS D 252 0.91 -30.96 4.22
C HIS D 252 1.35 -30.54 5.62
N VAL D 253 0.38 -30.33 6.52
CA VAL D 253 0.63 -29.88 7.89
C VAL D 253 -0.21 -30.71 8.86
N ALA D 254 0.43 -31.30 9.88
CA ALA D 254 -0.27 -32.00 10.96
C ALA D 254 0.14 -31.43 12.31
N ILE D 255 -0.85 -31.25 13.19
CA ILE D 255 -0.64 -30.68 14.52
C ILE D 255 -1.51 -31.44 15.53
N ALA D 256 -0.95 -31.71 16.72
CA ALA D 256 -1.68 -32.47 17.74
C ALA D 256 -1.21 -32.12 19.15
N VAL D 257 -2.12 -32.24 20.11
CA VAL D 257 -1.77 -32.23 21.53
C VAL D 257 -1.87 -33.66 22.05
N GLU D 258 -1.45 -33.86 23.30
CA GLU D 258 -1.50 -35.18 23.90
C GLU D 258 -2.91 -35.53 24.33
N GLY D 259 -3.35 -36.72 23.95
CA GLY D 259 -4.70 -37.17 24.24
C GLY D 259 -4.75 -38.34 25.20
N PRO D 260 -5.94 -38.83 25.49
CA PRO D 260 -6.09 -39.93 26.44
C PRO D 260 -5.87 -41.30 25.83
N GLY D 261 -5.70 -42.28 26.71
CA GLY D 261 -5.51 -43.65 26.31
C GLY D 261 -6.81 -44.33 25.93
N TRP D 262 -6.73 -45.66 25.80
CA TRP D 262 -7.85 -46.45 25.32
C TRP D 262 -8.97 -46.52 26.34
N ALA D 263 -8.65 -46.85 27.58
CA ALA D 263 -9.66 -47.09 28.60
C ALA D 263 -10.03 -45.84 29.37
N ASN D 264 -9.53 -44.68 28.96
CA ASN D 264 -9.92 -43.44 29.60
C ASN D 264 -11.35 -43.08 29.20
N PRO D 265 -12.23 -42.78 30.16
CA PRO D 265 -13.61 -42.39 29.82
C PRO D 265 -13.75 -41.00 29.23
N ASP D 266 -12.67 -40.23 29.11
CA ASP D 266 -12.71 -38.94 28.44
C ASP D 266 -12.78 -39.04 26.92
N ASN D 267 -12.60 -40.24 26.38
CA ASN D 267 -12.54 -40.44 24.93
C ASN D 267 -13.86 -40.14 24.24
N VAL D 268 -14.99 -40.39 24.89
CA VAL D 268 -16.30 -40.19 24.27
C VAL D 268 -16.63 -38.70 24.13
N PRO D 269 -16.51 -37.81 25.13
CA PRO D 269 -16.77 -36.39 24.85
C PRO D 269 -15.69 -35.71 24.00
N LEU D 270 -14.49 -36.28 23.87
CA LEU D 270 -13.51 -35.71 22.95
C LEU D 270 -13.81 -36.07 21.50
N GLN D 271 -14.61 -37.10 21.26
CA GLN D 271 -15.03 -37.45 19.91
C GLN D 271 -16.30 -36.72 19.50
N VAL D 272 -17.12 -36.30 20.47
CA VAL D 272 -18.21 -35.37 20.19
C VAL D 272 -17.65 -34.02 19.78
N ALA D 273 -16.51 -33.62 20.37
CA ALA D 273 -15.92 -32.32 20.08
C ALA D 273 -15.27 -32.29 18.70
N ASN D 274 -14.55 -33.35 18.32
CA ASN D 274 -13.93 -33.40 17.00
C ASN D 274 -14.97 -33.52 15.90
N ALA D 275 -16.15 -34.07 16.19
CA ALA D 275 -17.24 -34.11 15.22
C ALA D 275 -17.90 -32.76 15.01
N ILE D 276 -17.63 -31.78 15.88
CA ILE D 276 -18.13 -30.42 15.66
C ILE D 276 -17.20 -29.66 14.72
N ILE D 277 -15.89 -29.91 14.79
CA ILE D 277 -14.96 -29.32 13.83
C ILE D 277 -15.15 -29.94 12.45
N GLY D 278 -15.11 -31.26 12.36
CA GLY D 278 -15.49 -31.95 11.15
C GLY D 278 -14.35 -32.25 10.19
N HIS D 279 -14.75 -32.41 8.93
CA HIS D 279 -13.83 -32.66 7.83
C HIS D 279 -14.36 -31.96 6.59
N TYR D 280 -13.48 -31.73 5.62
CA TYR D 280 -13.88 -31.08 4.38
C TYR D 280 -13.03 -31.60 3.24
N ASP D 281 -13.60 -31.59 2.05
CA ASP D 281 -12.88 -31.87 0.83
C ASP D 281 -13.50 -31.09 -0.31
N SER D 282 -12.68 -30.76 -1.31
CA SER D 282 -13.11 -29.92 -2.44
C SER D 282 -14.10 -30.62 -3.39
N THR D 283 -14.25 -31.93 -3.32
CA THR D 283 -15.30 -32.61 -4.08
C THR D 283 -16.62 -32.71 -3.35
N TYR D 284 -16.78 -32.06 -2.20
CA TYR D 284 -18.04 -32.09 -1.48
C TYR D 284 -19.07 -31.23 -2.20
N GLY D 285 -20.33 -31.63 -2.09
CA GLY D 285 -21.40 -30.81 -2.60
C GLY D 285 -22.00 -29.82 -1.62
N GLY D 286 -21.66 -29.93 -0.33
CA GLY D 286 -22.26 -29.04 0.65
C GLY D 286 -21.72 -27.62 0.57
N GLY D 287 -20.39 -27.48 0.62
CA GLY D 287 -19.73 -26.21 0.38
C GLY D 287 -19.94 -25.14 1.43
N THR D 288 -20.52 -24.02 1.02
CA THR D 288 -20.65 -22.84 1.85
C THR D 288 -21.81 -22.92 2.84
N HIS D 289 -22.67 -23.92 2.73
CA HIS D 289 -23.82 -24.06 3.59
C HIS D 289 -23.60 -25.00 4.76
N MET D 290 -22.40 -25.53 4.92
CA MET D 290 -22.17 -26.61 5.88
C MET D 290 -22.12 -26.10 7.31
N SER D 291 -22.47 -26.98 8.24
CA SER D 291 -22.64 -26.62 9.65
C SER D 291 -21.32 -26.30 10.33
N SER D 292 -20.25 -26.98 9.94
CA SER D 292 -18.94 -26.72 10.51
C SER D 292 -18.41 -25.37 10.04
N THR D 293 -17.89 -24.57 10.97
CA THR D 293 -17.45 -23.22 10.66
C THR D 293 -16.17 -23.23 9.83
N LEU D 294 -15.23 -24.11 10.16
CA LEU D 294 -13.99 -24.22 9.40
C LEU D 294 -14.23 -24.75 7.99
N ALA D 295 -15.24 -25.61 7.82
CA ALA D 295 -15.56 -26.13 6.48
C ALA D 295 -16.22 -25.07 5.62
N SER D 296 -17.09 -24.25 6.22
CA SER D 296 -17.79 -23.22 5.46
C SER D 296 -16.88 -22.06 5.08
N VAL D 297 -15.85 -21.79 5.88
CA VAL D 297 -14.91 -20.72 5.57
C VAL D 297 -13.95 -21.15 4.46
N ALA D 298 -13.46 -22.40 4.51
CA ALA D 298 -12.53 -22.89 3.51
C ALA D 298 -13.18 -23.10 2.15
N ALA D 299 -14.50 -23.31 2.10
CA ALA D 299 -15.18 -23.41 0.83
C ALA D 299 -15.48 -22.05 0.22
N THR D 300 -15.73 -21.04 1.06
CA THR D 300 -16.06 -19.71 0.54
C THR D 300 -14.82 -19.00 0.00
N ARG D 301 -13.69 -19.13 0.69
CA ARG D 301 -12.47 -18.42 0.33
C ARG D 301 -11.49 -19.27 -0.46
N LYS D 302 -11.82 -20.54 -0.70
CA LYS D 302 -10.95 -21.52 -1.37
C LYS D 302 -9.59 -21.65 -0.68
N LEU D 303 -9.62 -21.94 0.63
CA LEU D 303 -8.41 -21.88 1.44
C LEU D 303 -7.59 -23.16 1.40
N CYS D 304 -8.22 -24.32 1.21
CA CYS D 304 -7.50 -25.58 1.29
C CYS D 304 -8.08 -26.56 0.29
N GLN D 305 -7.38 -27.69 0.13
CA GLN D 305 -7.93 -28.84 -0.59
C GLN D 305 -8.74 -29.75 0.33
N SER D 306 -8.26 -30.01 1.56
CA SER D 306 -8.96 -30.87 2.50
C SER D 306 -8.47 -30.62 3.92
N PHE D 307 -9.30 -30.98 4.90
CA PHE D 307 -8.84 -31.16 6.27
C PHE D 307 -9.61 -32.29 6.94
N GLN D 308 -9.06 -32.78 8.05
CA GLN D 308 -9.65 -33.83 8.87
C GLN D 308 -9.16 -33.69 10.31
N THR D 309 -9.97 -34.19 11.25
CA THR D 309 -9.57 -34.29 12.66
C THR D 309 -9.40 -35.75 13.05
N PHE D 310 -8.45 -36.03 13.94
CA PHE D 310 -8.16 -37.40 14.34
C PHE D 310 -8.16 -37.56 15.86
N ASN D 311 -8.28 -38.83 16.28
CA ASN D 311 -8.25 -39.28 17.68
C ASN D 311 -7.48 -40.60 17.68
N ILE D 312 -6.17 -40.55 17.84
CA ILE D 312 -5.35 -41.75 17.87
C ILE D 312 -5.12 -42.12 19.33
N CYS D 313 -5.39 -43.38 19.69
CA CYS D 313 -5.29 -43.85 21.06
C CYS D 313 -4.28 -44.98 21.16
N TYR D 314 -3.48 -44.95 22.21
CA TYR D 314 -2.64 -46.06 22.63
C TYR D 314 -3.07 -46.48 24.02
N ALA D 315 -2.30 -47.37 24.66
CA ALA D 315 -2.70 -47.93 25.93
C ALA D 315 -2.71 -46.90 27.06
N GLU D 316 -1.82 -45.91 27.00
CA GLU D 316 -1.68 -44.92 28.05
C GLU D 316 -1.68 -43.47 27.55
N THR D 317 -1.53 -43.23 26.25
CA THR D 317 -1.41 -41.89 25.73
C THR D 317 -2.03 -41.85 24.34
N GLY D 318 -1.90 -40.73 23.64
CA GLY D 318 -2.47 -40.62 22.32
C GLY D 318 -2.19 -39.26 21.71
N LEU D 319 -2.75 -39.06 20.51
CA LEU D 319 -2.60 -37.84 19.75
C LEU D 319 -3.97 -37.30 19.37
N LEU D 320 -4.18 -36.01 19.60
CA LEU D 320 -5.49 -35.37 19.39
C LEU D 320 -5.26 -34.09 18.60
N GLY D 321 -5.69 -34.07 17.34
CA GLY D 321 -5.41 -32.93 16.48
C GLY D 321 -6.04 -32.90 15.10
N ALA D 322 -5.33 -32.36 14.12
CA ALA D 322 -5.88 -32.12 12.79
C ALA D 322 -4.79 -32.14 11.74
N HIS D 323 -5.18 -32.40 10.50
CA HIS D 323 -4.30 -32.45 9.33
C HIS D 323 -4.98 -31.72 8.18
N PHE D 324 -4.22 -30.92 7.42
CA PHE D 324 -4.80 -30.20 6.28
C PHE D 324 -3.78 -30.07 5.15
N VAL D 325 -4.30 -29.84 3.93
CA VAL D 325 -3.51 -29.67 2.71
C VAL D 325 -3.94 -28.38 2.02
N CYS D 326 -2.97 -27.53 1.67
CA CYS D 326 -3.27 -26.25 1.03
C CYS D 326 -2.07 -25.81 0.19
N ASP D 327 -2.21 -24.66 -0.49
CA ASP D 327 -1.13 -24.11 -1.28
C ASP D 327 -0.23 -23.23 -0.41
N ASN D 328 0.83 -22.70 -1.01
CA ASN D 328 1.88 -22.03 -0.26
C ASN D 328 1.46 -20.66 0.29
N MET D 329 0.35 -20.10 -0.19
CA MET D 329 -0.11 -18.79 0.25
C MET D 329 -1.22 -18.86 1.30
N SER D 330 -1.55 -20.05 1.80
CA SER D 330 -2.73 -20.23 2.63
C SER D 330 -2.46 -20.87 3.98
N ILE D 331 -1.20 -21.14 4.33
CA ILE D 331 -0.89 -21.87 5.56
C ILE D 331 -1.21 -21.04 6.79
N ASP D 332 -0.91 -19.73 6.74
CA ASP D 332 -1.12 -18.87 7.91
C ASP D 332 -2.59 -18.65 8.21
N ASP D 333 -3.44 -18.61 7.18
CA ASP D 333 -4.87 -18.43 7.41
C ASP D 333 -5.54 -19.71 7.90
N MET D 334 -5.10 -20.88 7.43
CA MET D 334 -5.71 -22.14 7.88
C MET D 334 -5.37 -22.42 9.34
N MET D 335 -4.16 -22.07 9.76
CA MET D 335 -3.76 -22.28 11.15
C MET D 335 -4.45 -21.28 12.07
N PHE D 336 -4.74 -20.08 11.59
CA PHE D 336 -5.45 -19.08 12.38
C PHE D 336 -6.89 -19.50 12.66
N PHE D 337 -7.59 -20.01 11.66
CA PHE D 337 -9.00 -20.38 11.84
C PHE D 337 -9.16 -21.69 12.60
N LEU D 338 -8.22 -22.62 12.46
CA LEU D 338 -8.31 -23.89 13.17
C LEU D 338 -8.07 -23.71 14.68
N GLN D 339 -7.06 -22.93 15.05
CA GLN D 339 -6.79 -22.68 16.46
C GLN D 339 -7.89 -21.85 17.11
N GLY D 340 -8.58 -21.02 16.33
CA GLY D 340 -9.71 -20.28 16.86
C GLY D 340 -10.95 -21.12 17.10
N GLN D 341 -11.04 -22.30 16.49
CA GLN D 341 -12.15 -23.20 16.77
C GLN D 341 -11.90 -24.08 17.97
N TRP D 342 -10.63 -24.39 18.26
CA TRP D 342 -10.28 -25.09 19.50
C TRP D 342 -10.56 -24.24 20.72
N MET D 343 -10.19 -22.96 20.67
CA MET D 343 -10.42 -22.05 21.78
C MET D 343 -11.90 -21.71 21.95
N ARG D 344 -12.69 -21.82 20.88
CA ARG D 344 -14.13 -21.59 20.96
C ARG D 344 -14.90 -22.79 21.47
N LEU D 345 -14.26 -23.93 21.69
CA LEU D 345 -14.89 -25.05 22.36
C LEU D 345 -14.47 -25.16 23.83
N CYS D 346 -13.26 -24.66 24.14
CA CYS D 346 -12.82 -24.59 25.53
C CYS D 346 -13.66 -23.61 26.33
N THR D 347 -14.06 -22.51 25.70
CA THR D 347 -15.09 -21.60 26.16
C THR D 347 -16.33 -21.82 25.31
N SER D 348 -17.41 -21.11 25.61
CA SER D 348 -18.45 -20.76 24.63
C SER D 348 -19.21 -21.87 23.90
N ALA D 349 -18.97 -23.14 24.20
CA ALA D 349 -19.60 -24.23 23.44
C ALA D 349 -21.08 -24.34 23.76
N THR D 350 -21.92 -24.34 22.74
CA THR D 350 -23.36 -24.26 22.90
C THR D 350 -24.00 -25.64 22.93
N GLU D 351 -25.24 -25.68 23.42
CA GLU D 351 -25.98 -26.94 23.50
C GLU D 351 -26.43 -27.45 22.15
N SER D 352 -26.62 -26.57 21.18
CA SER D 352 -27.11 -27.00 19.87
C SER D 352 -26.00 -27.62 19.03
N GLU D 353 -24.74 -27.22 19.25
CA GLU D 353 -23.61 -27.90 18.62
C GLU D 353 -23.42 -29.31 19.16
N VAL D 354 -23.66 -29.49 20.47
CA VAL D 354 -23.41 -30.77 21.11
C VAL D 354 -24.45 -31.80 20.69
N VAL D 355 -25.68 -31.35 20.39
CA VAL D 355 -26.71 -32.25 19.90
C VAL D 355 -26.37 -32.76 18.50
N ARG D 356 -25.84 -31.90 17.64
CA ARG D 356 -25.40 -32.33 16.31
C ARG D 356 -24.20 -33.26 16.39
N GLY D 357 -23.23 -32.93 17.25
CA GLY D 357 -22.05 -33.77 17.39
C GLY D 357 -22.31 -35.12 18.02
N LYS D 358 -23.37 -35.25 18.81
CA LYS D 358 -23.75 -36.55 19.34
C LYS D 358 -24.44 -37.39 18.28
N ASN D 359 -25.22 -36.77 17.39
CA ASN D 359 -25.87 -37.50 16.31
C ASN D 359 -24.87 -38.00 15.27
N ILE D 360 -23.76 -37.29 15.07
CA ILE D 360 -22.73 -37.73 14.14
C ILE D 360 -22.02 -38.96 14.68
N LEU D 361 -21.74 -38.99 15.98
CA LEU D 361 -21.02 -40.11 16.58
C LEU D 361 -21.87 -41.37 16.66
N ARG D 362 -23.19 -41.23 16.84
CA ARG D 362 -24.07 -42.39 16.81
C ARG D 362 -24.15 -43.01 15.42
N ASN D 363 -24.14 -42.17 14.39
CA ASN D 363 -24.22 -42.67 13.02
C ASN D 363 -22.90 -43.31 12.58
N ALA D 364 -21.77 -42.81 13.05
CA ALA D 364 -20.48 -43.37 12.67
C ALA D 364 -20.19 -44.68 13.37
N LEU D 365 -20.82 -44.94 14.53
CA LEU D 365 -20.59 -46.20 15.21
C LEU D 365 -21.36 -47.34 14.56
N VAL D 366 -22.59 -47.10 14.15
CA VAL D 366 -23.37 -48.17 13.52
C VAL D 366 -23.02 -48.36 12.05
N SER D 367 -22.43 -47.36 11.38
CA SER D 367 -22.05 -47.52 9.99
C SER D 367 -20.78 -48.33 9.84
N HIS D 368 -19.95 -48.36 10.87
CA HIS D 368 -18.74 -49.18 10.81
C HIS D 368 -19.07 -50.67 10.86
N LEU D 369 -20.04 -51.06 11.67
CA LEU D 369 -20.35 -52.48 11.88
C LEU D 369 -21.38 -52.97 10.85
N ASP D 370 -20.96 -52.97 9.59
CA ASP D 370 -21.82 -53.39 8.47
C ASP D 370 -21.04 -54.38 7.60
N GLY D 371 -21.25 -55.67 7.86
CA GLY D 371 -20.52 -56.71 7.15
C GLY D 371 -19.74 -57.57 8.11
N THR D 372 -19.35 -58.77 7.69
CA THR D 372 -18.70 -59.70 8.61
C THR D 372 -17.27 -59.31 8.92
N THR D 373 -16.58 -58.65 7.99
CA THR D 373 -15.18 -58.28 8.21
C THR D 373 -14.99 -57.12 9.19
N PRO D 374 -15.74 -56.01 9.17
CA PRO D 374 -15.55 -55.02 10.24
C PRO D 374 -16.11 -55.43 11.59
N VAL D 375 -17.10 -56.33 11.64
CA VAL D 375 -17.59 -56.84 12.92
C VAL D 375 -16.55 -57.75 13.55
N CYS D 376 -15.90 -58.59 12.74
CA CYS D 376 -14.87 -59.49 13.24
C CYS D 376 -13.62 -58.74 13.69
N GLU D 377 -13.30 -57.63 13.04
CA GLU D 377 -12.14 -56.85 13.47
C GLU D 377 -12.43 -56.09 14.76
N ASP D 378 -13.67 -55.65 14.96
CA ASP D 378 -14.06 -55.00 16.20
C ASP D 378 -14.05 -55.97 17.38
N ILE D 379 -14.33 -57.26 17.14
CA ILE D 379 -14.23 -58.24 18.21
C ILE D 379 -12.77 -58.50 18.58
N GLY D 380 -11.90 -58.59 17.58
CA GLY D 380 -10.54 -59.00 17.84
C GLY D 380 -9.68 -57.95 18.50
N ARG D 381 -9.94 -56.68 18.25
CA ARG D 381 -9.13 -55.63 18.85
C ARG D 381 -9.76 -55.02 20.09
N SER D 382 -11.05 -55.27 20.37
CA SER D 382 -11.60 -54.82 21.64
C SER D 382 -11.23 -55.74 22.79
N LEU D 383 -10.96 -57.01 22.52
CA LEU D 383 -10.50 -57.91 23.57
C LEU D 383 -9.04 -57.69 23.92
N LEU D 384 -8.26 -57.10 23.03
CA LEU D 384 -6.89 -56.73 23.34
C LEU D 384 -6.79 -55.36 23.97
N THR D 385 -7.82 -54.53 23.86
CA THR D 385 -7.79 -53.14 24.29
C THR D 385 -8.58 -52.91 25.58
N TYR D 386 -9.85 -53.31 25.64
CA TYR D 386 -10.65 -53.16 26.84
C TYR D 386 -10.76 -54.45 27.63
N GLY D 387 -10.33 -55.57 27.08
CA GLY D 387 -10.55 -56.86 27.71
C GLY D 387 -11.93 -57.43 27.51
N ARG D 388 -12.79 -56.76 26.77
CA ARG D 388 -14.17 -57.15 26.58
C ARG D 388 -14.69 -56.40 25.36
N ARG D 389 -15.80 -56.87 24.81
CA ARG D 389 -16.49 -56.13 23.78
C ARG D 389 -17.56 -55.26 24.41
N ILE D 390 -17.49 -53.95 24.15
CA ILE D 390 -18.48 -53.01 24.65
C ILE D 390 -19.64 -53.00 23.68
N PRO D 391 -20.84 -53.39 24.11
CA PRO D 391 -21.97 -53.45 23.18
C PRO D 391 -22.49 -52.07 22.81
N LEU D 392 -23.37 -52.04 21.81
CA LEU D 392 -23.86 -50.79 21.26
C LEU D 392 -24.81 -50.07 22.21
N ALA D 393 -25.47 -50.80 23.10
CA ALA D 393 -26.33 -50.17 24.09
C ALA D 393 -25.52 -49.44 25.16
N GLU D 394 -24.30 -49.89 25.44
CA GLU D 394 -23.46 -49.22 26.40
C GLU D 394 -22.81 -47.97 25.82
N TRP D 395 -22.48 -48.00 24.52
CA TRP D 395 -21.97 -46.79 23.86
C TRP D 395 -23.02 -45.69 23.83
N GLU D 396 -24.30 -46.06 23.71
CA GLU D 396 -25.35 -45.05 23.63
C GLU D 396 -25.62 -44.40 24.97
N SER D 397 -25.47 -45.12 26.08
CA SER D 397 -25.69 -44.51 27.38
C SER D 397 -24.53 -43.61 27.82
N ARG D 398 -23.33 -43.83 27.28
CA ARG D 398 -22.23 -42.91 27.52
C ARG D 398 -22.37 -41.65 26.67
N ILE D 399 -22.89 -41.78 25.46
CA ILE D 399 -23.08 -40.63 24.59
C ILE D 399 -24.19 -39.74 25.11
N ALA D 400 -25.23 -40.33 25.72
CA ALA D 400 -26.39 -39.58 26.16
C ALA D 400 -26.13 -38.70 27.38
N GLU D 401 -25.03 -38.91 28.10
CA GLU D 401 -24.72 -38.10 29.27
C GLU D 401 -23.71 -36.99 28.98
N VAL D 402 -23.46 -36.70 27.71
CA VAL D 402 -22.61 -35.58 27.30
C VAL D 402 -23.49 -34.36 27.06
N ASP D 403 -23.11 -33.22 27.63
CA ASP D 403 -23.79 -31.95 27.38
C ASP D 403 -22.73 -30.88 27.17
N ALA D 404 -23.16 -29.62 27.10
CA ALA D 404 -22.27 -28.54 26.70
C ALA D 404 -21.24 -28.21 27.79
N SER D 405 -21.58 -28.34 29.06
CA SER D 405 -20.62 -28.04 30.11
C SER D 405 -19.58 -29.13 30.26
N VAL D 406 -19.91 -30.38 29.90
CA VAL D 406 -18.93 -31.45 29.92
C VAL D 406 -17.89 -31.26 28.81
N VAL D 407 -18.34 -30.83 27.62
CA VAL D 407 -17.44 -30.60 26.50
C VAL D 407 -16.49 -29.44 26.79
N ARG D 408 -16.97 -28.41 27.48
CA ARG D 408 -16.11 -27.28 27.86
C ARG D 408 -15.06 -27.70 28.88
N GLU D 409 -15.40 -28.63 29.77
CA GLU D 409 -14.44 -29.05 30.79
C GLU D 409 -13.35 -29.94 30.19
N VAL D 410 -13.71 -30.85 29.30
CA VAL D 410 -12.73 -31.79 28.76
C VAL D 410 -11.85 -31.13 27.70
N CYS D 411 -12.40 -30.19 26.93
CA CYS D 411 -11.58 -29.48 25.94
C CYS D 411 -10.61 -28.52 26.59
N SER D 412 -11.02 -27.89 27.70
CA SER D 412 -10.11 -27.03 28.46
C SER D 412 -8.97 -27.82 29.08
N LYS D 413 -9.25 -29.06 29.49
CA LYS D 413 -8.23 -29.89 30.10
C LYS D 413 -7.15 -30.32 29.10
N TYR D 414 -7.52 -30.54 27.85
CA TYR D 414 -6.59 -31.11 26.88
C TYR D 414 -6.01 -30.10 25.90
N PHE D 415 -6.68 -28.99 25.64
CA PHE D 415 -6.23 -28.03 24.63
C PHE D 415 -5.67 -26.75 25.20
N TYR D 416 -6.31 -26.20 26.24
CA TYR D 416 -6.04 -24.83 26.68
C TYR D 416 -4.68 -24.71 27.34
N ASP D 417 -3.84 -23.82 26.79
CA ASP D 417 -2.50 -23.49 27.29
C ASP D 417 -1.60 -24.74 27.34
N GLN D 418 -1.53 -25.45 26.22
CA GLN D 418 -0.72 -26.65 26.11
C GLN D 418 0.23 -26.53 24.93
N CYS D 419 1.34 -27.25 25.00
CA CYS D 419 2.34 -27.25 23.94
C CYS D 419 1.98 -28.29 22.89
N PRO D 420 1.82 -27.92 21.62
CA PRO D 420 1.52 -28.90 20.58
C PRO D 420 2.77 -29.49 19.93
N ALA D 421 2.54 -30.54 19.15
CA ALA D 421 3.54 -31.11 18.26
C ALA D 421 3.16 -30.83 16.82
N VAL D 422 4.10 -30.35 16.01
CA VAL D 422 3.82 -29.88 14.66
C VAL D 422 4.71 -30.64 13.66
N ALA D 423 4.15 -31.00 12.51
CA ALA D 423 4.90 -31.57 11.41
C ALA D 423 4.50 -30.88 10.10
N GLY D 424 5.49 -30.56 9.27
CA GLY D 424 5.23 -29.86 8.01
C GLY D 424 6.11 -30.30 6.86
N LEU D 425 5.53 -30.40 5.66
CA LEU D 425 6.26 -30.90 4.49
C LEU D 425 5.82 -30.15 3.23
N GLY D 426 6.80 -29.66 2.48
CA GLY D 426 6.55 -29.04 1.19
C GLY D 426 6.93 -27.58 1.12
N PRO D 427 6.11 -26.78 0.44
CA PRO D 427 6.35 -25.32 0.36
C PRO D 427 5.79 -24.57 1.58
N ILE D 428 6.55 -24.59 2.66
CA ILE D 428 6.06 -24.24 3.99
C ILE D 428 6.75 -23.02 4.56
N GLU D 429 7.13 -22.06 3.71
CA GLU D 429 7.77 -20.83 4.18
C GLU D 429 6.81 -19.95 4.96
N GLN D 430 5.51 -20.04 4.69
CA GLN D 430 4.51 -19.28 5.41
C GLN D 430 3.90 -20.06 6.59
N LEU D 431 4.50 -21.18 6.98
CA LEU D 431 4.09 -21.83 8.21
C LEU D 431 4.60 -21.00 9.39
N PRO D 432 3.74 -20.59 10.33
CA PRO D 432 4.16 -19.65 11.37
C PRO D 432 5.18 -20.22 12.33
N ASP D 433 5.90 -19.31 12.98
CA ASP D 433 6.91 -19.65 13.98
C ASP D 433 6.26 -20.36 15.17
N TYR D 434 7.05 -21.20 15.85
CA TYR D 434 6.53 -22.00 16.97
C TYR D 434 6.09 -21.12 18.14
N ASN D 435 6.72 -19.96 18.33
CA ASN D 435 6.27 -19.04 19.37
C ASN D 435 4.91 -18.44 19.04
N ARG D 436 4.65 -18.17 17.76
CA ARG D 436 3.34 -17.68 17.35
C ARG D 436 2.29 -18.78 17.33
N ILE D 437 2.69 -20.04 17.19
CA ILE D 437 1.75 -21.15 17.29
C ILE D 437 1.39 -21.44 18.74
N ARG D 438 2.40 -21.42 19.63
CA ARG D 438 2.20 -21.65 21.06
C ARG D 438 1.37 -20.55 21.69
N SER D 439 1.49 -19.32 21.21
CA SER D 439 0.66 -18.22 21.71
C SER D 439 -0.78 -18.34 21.26
N GLY D 440 -1.06 -19.09 20.20
CA GLY D 440 -2.41 -19.34 19.76
C GLY D 440 -3.23 -20.29 20.61
N MET D 441 -2.66 -20.86 21.66
CA MET D 441 -3.35 -21.79 22.54
C MET D 441 -3.88 -21.14 23.81
N PHE D 442 -3.91 -19.81 23.88
CA PHE D 442 -4.57 -19.11 24.96
C PHE D 442 -5.08 -17.78 24.43
N TRP D 443 -6.08 -17.24 25.12
CA TRP D 443 -6.77 -16.04 24.67
C TRP D 443 -6.31 -14.81 25.45
N LEU D 444 -6.97 -13.67 25.17
CA LEU D 444 -6.78 -12.46 25.97
C LEU D 444 -7.82 -12.31 27.08
N ARG D 445 -8.99 -12.92 26.92
CA ARG D 445 -10.13 -12.61 27.75
C ARG D 445 -10.53 -13.75 28.68
N PHE D 446 -10.49 -15.00 28.21
CA PHE D 446 -11.11 -16.09 28.96
C PHE D 446 -10.58 -17.44 28.49
N PRO E 1 -35.28 -63.63 7.74
CA PRO E 1 -36.74 -63.57 7.67
C PRO E 1 -37.27 -62.34 6.93
N GLN E 2 -38.56 -62.39 6.57
CA GLN E 2 -39.29 -61.29 5.93
C GLN E 2 -38.65 -60.87 4.61
N ASP E 3 -38.27 -61.87 3.79
CA ASP E 3 -37.20 -61.79 2.78
C ASP E 3 -37.21 -60.55 1.90
N LEU E 4 -38.28 -60.34 1.16
CA LEU E 4 -38.54 -59.11 0.41
C LEU E 4 -40.01 -59.06 0.06
N GLU E 5 -40.55 -57.85 0.01
CA GLU E 5 -41.91 -57.61 -0.41
C GLU E 5 -41.84 -56.80 -1.70
N PHE E 6 -42.33 -57.38 -2.80
CA PHE E 6 -42.16 -56.85 -4.14
C PHE E 6 -43.52 -56.45 -4.71
N THR E 7 -43.60 -55.26 -5.30
CA THR E 7 -44.90 -54.71 -5.69
C THR E 7 -44.77 -53.80 -6.91
N ARG E 8 -45.61 -54.03 -7.92
CA ARG E 8 -45.77 -53.13 -9.05
C ARG E 8 -46.94 -52.18 -8.81
N LEU E 9 -46.72 -50.91 -9.06
CA LEU E 9 -47.80 -49.92 -9.01
C LEU E 9 -48.47 -49.84 -10.38
N PRO E 10 -49.72 -49.34 -10.44
CA PRO E 10 -50.39 -49.23 -11.75
C PRO E 10 -49.77 -48.21 -12.71
N ASN E 11 -48.89 -47.32 -12.26
CA ASN E 11 -48.19 -46.43 -13.17
C ASN E 11 -46.83 -46.96 -13.60
N GLY E 12 -46.45 -48.15 -13.15
CA GLY E 12 -45.21 -48.78 -13.56
C GLY E 12 -44.09 -48.77 -12.55
N LEU E 13 -44.26 -48.12 -11.41
CA LEU E 13 -43.20 -48.02 -10.42
C LEU E 13 -43.03 -49.33 -9.65
N VAL E 14 -41.78 -49.65 -9.34
CA VAL E 14 -41.43 -50.84 -8.58
C VAL E 14 -41.06 -50.44 -7.16
N ILE E 15 -41.66 -51.09 -6.17
CA ILE E 15 -41.37 -50.85 -4.76
C ILE E 15 -40.93 -52.17 -4.12
N ALA E 16 -39.79 -52.16 -3.43
CA ALA E 16 -39.29 -53.33 -2.72
C ALA E 16 -38.78 -52.92 -1.35
N SER E 17 -39.15 -53.68 -0.32
CA SER E 17 -38.73 -53.37 1.04
C SER E 17 -38.48 -54.65 1.83
N LEU E 18 -37.39 -54.64 2.61
CA LEU E 18 -37.08 -55.71 3.54
C LEU E 18 -36.99 -55.10 4.94
N GLU E 19 -37.71 -55.69 5.90
CA GLU E 19 -37.73 -55.18 7.26
C GLU E 19 -36.61 -55.85 8.05
N ASN E 20 -35.52 -55.12 8.22
CA ASN E 20 -34.49 -55.47 9.18
C ASN E 20 -34.95 -55.06 10.58
N TYR E 21 -34.16 -55.41 11.58
CA TYR E 21 -34.30 -54.85 12.90
C TYR E 21 -32.97 -54.30 13.36
N ALA E 22 -32.36 -53.61 12.49
CA ALA E 22 -31.10 -52.86 12.48
C ALA E 22 -31.34 -51.41 12.89
N PRO E 23 -30.39 -50.82 13.61
CA PRO E 23 -30.57 -49.42 14.03
C PRO E 23 -30.52 -48.41 12.90
N ALA E 24 -29.98 -48.75 11.74
CA ALA E 24 -29.91 -47.83 10.60
C ALA E 24 -30.89 -48.22 9.52
N SER E 25 -31.24 -47.24 8.70
CA SER E 25 -32.12 -47.42 7.54
C SER E 25 -31.42 -46.94 6.28
N ARG E 26 -31.95 -47.34 5.13
CA ARG E 26 -31.40 -46.99 3.82
C ARG E 26 -32.53 -46.92 2.80
N ILE E 27 -32.63 -45.82 2.08
CA ILE E 27 -33.59 -45.65 0.99
C ILE E 27 -32.83 -45.35 -0.28
N GLY E 28 -33.18 -46.05 -1.37
CA GLY E 28 -32.57 -45.81 -2.67
C GLY E 28 -33.57 -45.72 -3.79
N LEU E 29 -33.43 -44.70 -4.63
CA LEU E 29 -34.24 -44.55 -5.85
C LEU E 29 -33.36 -44.80 -7.06
N PHE E 30 -33.77 -45.72 -7.92
CA PHE E 30 -32.97 -46.18 -9.06
C PHE E 30 -33.69 -45.82 -10.35
N ILE E 31 -32.98 -45.13 -11.26
CA ILE E 31 -33.58 -44.55 -12.47
C ILE E 31 -32.80 -45.01 -13.70
N LYS E 32 -33.53 -45.33 -14.78
CA LYS E 32 -32.95 -45.59 -16.10
C LYS E 32 -32.55 -44.27 -16.76
N ALA E 33 -31.36 -43.79 -16.42
CA ALA E 33 -30.83 -42.55 -16.96
C ALA E 33 -29.33 -42.72 -17.06
N GLY E 34 -28.60 -41.65 -17.28
CA GLY E 34 -27.17 -41.77 -17.47
C GLY E 34 -26.77 -41.48 -18.91
N SER E 35 -25.46 -41.63 -19.14
CA SER E 35 -24.83 -41.04 -20.31
C SER E 35 -25.19 -41.69 -21.64
N ARG E 36 -25.80 -42.87 -21.62
CA ARG E 36 -26.14 -43.54 -22.87
C ARG E 36 -27.38 -42.92 -23.52
N TYR E 37 -28.12 -42.10 -22.79
CA TYR E 37 -29.36 -41.53 -23.27
C TYR E 37 -29.21 -40.11 -23.79
N GLU E 38 -28.00 -39.55 -23.78
CA GLU E 38 -27.80 -38.23 -24.36
C GLU E 38 -27.27 -38.35 -25.79
N ASP E 39 -27.52 -37.31 -26.59
CA ASP E 39 -27.09 -37.24 -27.98
C ASP E 39 -25.97 -36.22 -28.13
N SER E 40 -25.58 -35.93 -29.37
CA SER E 40 -24.40 -35.12 -29.65
C SER E 40 -24.58 -33.64 -29.31
N ASN E 41 -25.80 -33.18 -29.05
CA ASN E 41 -26.01 -31.78 -28.72
C ASN E 41 -26.04 -31.48 -27.23
N ASN E 42 -26.25 -32.48 -26.37
CA ASN E 42 -26.28 -32.25 -24.92
C ASN E 42 -25.32 -33.20 -24.19
N LEU E 43 -24.11 -33.35 -24.70
CA LEU E 43 -23.13 -34.22 -24.07
C LEU E 43 -22.65 -33.62 -22.76
N GLY E 44 -22.75 -34.38 -21.68
CA GLY E 44 -22.34 -33.92 -20.37
C GLY E 44 -23.44 -33.42 -19.48
N THR E 45 -24.70 -33.53 -19.91
CA THR E 45 -25.81 -33.11 -19.07
C THR E 45 -26.01 -34.05 -17.88
N SER E 46 -25.74 -35.34 -18.04
CA SER E 46 -25.93 -36.27 -16.94
C SER E 46 -24.80 -36.24 -15.93
N HIS E 47 -23.61 -35.74 -16.30
CA HIS E 47 -22.56 -35.51 -15.32
C HIS E 47 -22.89 -34.30 -14.44
N LEU E 48 -23.42 -33.23 -15.03
CA LEU E 48 -23.80 -32.07 -14.23
C LEU E 48 -25.01 -32.36 -13.35
N LEU E 49 -25.91 -33.22 -13.82
CA LEU E 49 -27.06 -33.61 -13.02
C LEU E 49 -26.66 -34.42 -11.79
N ARG E 50 -25.60 -35.21 -11.91
CA ARG E 50 -25.04 -35.96 -10.79
C ARG E 50 -24.48 -35.05 -9.71
N LEU E 51 -23.92 -33.90 -10.09
CA LEU E 51 -23.29 -32.98 -9.15
C LEU E 51 -24.25 -31.95 -8.55
N ALA E 52 -25.54 -32.01 -8.86
CA ALA E 52 -26.46 -30.92 -8.54
C ALA E 52 -27.52 -31.31 -7.52
N SER E 53 -27.27 -32.31 -6.69
CA SER E 53 -28.29 -32.81 -5.77
C SER E 53 -28.56 -31.90 -4.58
N SER E 54 -27.68 -30.94 -4.29
CA SER E 54 -27.87 -30.03 -3.17
C SER E 54 -28.54 -28.70 -3.54
N LEU E 55 -28.93 -28.51 -4.79
CA LEU E 55 -29.44 -27.21 -5.23
C LEU E 55 -30.88 -27.00 -4.76
N THR E 56 -31.37 -25.78 -4.96
CA THR E 56 -32.68 -25.38 -4.46
C THR E 56 -33.81 -26.11 -5.19
N THR E 57 -34.71 -26.72 -4.43
CA THR E 57 -35.90 -27.35 -4.96
C THR E 57 -37.13 -26.52 -4.60
N LYS E 58 -38.30 -27.00 -5.01
CA LYS E 58 -39.54 -26.30 -4.70
C LYS E 58 -39.97 -26.46 -3.25
N GLY E 59 -39.52 -27.52 -2.57
CA GLY E 59 -39.93 -27.76 -1.20
C GLY E 59 -38.89 -27.40 -0.16
N ALA E 60 -37.65 -27.21 -0.58
CA ALA E 60 -36.58 -26.91 0.36
C ALA E 60 -35.48 -26.15 -0.36
N SER E 61 -34.95 -25.12 0.30
CA SER E 61 -33.84 -24.38 -0.26
C SER E 61 -32.55 -25.17 -0.11
N SER E 62 -31.50 -24.67 -0.75
CA SER E 62 -30.20 -25.31 -0.70
C SER E 62 -29.56 -25.21 0.68
N PHE E 63 -29.96 -24.21 1.47
CA PHE E 63 -29.50 -24.10 2.84
C PHE E 63 -30.14 -25.16 3.73
N LYS E 64 -31.44 -25.41 3.53
CA LYS E 64 -32.17 -26.33 4.40
C LYS E 64 -31.84 -27.79 4.09
N ILE E 65 -31.41 -28.09 2.87
CA ILE E 65 -31.03 -29.46 2.54
C ILE E 65 -29.70 -29.82 3.19
N THR E 66 -28.73 -28.92 3.14
CA THR E 66 -27.43 -29.17 3.76
C THR E 66 -27.52 -29.18 5.27
N ARG E 67 -28.24 -28.21 5.85
CA ARG E 67 -28.33 -28.11 7.31
C ARG E 67 -29.25 -29.18 7.88
N GLY E 68 -30.35 -29.50 7.18
CA GLY E 68 -31.32 -30.44 7.71
C GLY E 68 -30.86 -31.88 7.71
N ILE E 69 -29.99 -32.24 6.78
CA ILE E 69 -29.45 -33.60 6.74
C ILE E 69 -28.29 -33.74 7.73
N GLU E 70 -27.46 -32.71 7.85
CA GLU E 70 -26.34 -32.73 8.78
C GLU E 70 -26.78 -32.62 10.24
N ALA E 71 -28.01 -32.16 10.51
CA ALA E 71 -28.44 -31.99 11.89
C ALA E 71 -28.75 -33.33 12.55
N VAL E 72 -29.08 -34.35 11.78
CA VAL E 72 -29.31 -35.68 12.32
C VAL E 72 -28.17 -36.64 12.01
N GLY E 73 -27.16 -36.21 11.28
CA GLY E 73 -26.03 -37.06 10.95
C GLY E 73 -26.19 -37.93 9.72
N GLY E 74 -27.09 -37.59 8.79
CA GLY E 74 -27.35 -38.41 7.63
C GLY E 74 -26.41 -38.14 6.46
N LYS E 75 -26.61 -38.91 5.39
CA LYS E 75 -25.83 -38.79 4.16
C LYS E 75 -26.75 -38.76 2.95
N LEU E 76 -26.23 -38.22 1.85
CA LEU E 76 -26.90 -38.21 0.55
C LEU E 76 -25.85 -38.39 -0.53
N SER E 77 -25.98 -39.43 -1.35
CA SER E 77 -25.01 -39.71 -2.40
C SER E 77 -25.71 -40.11 -3.69
N VAL E 78 -25.05 -39.85 -4.82
CA VAL E 78 -25.54 -40.22 -6.14
C VAL E 78 -24.48 -41.09 -6.80
N THR E 79 -24.92 -42.20 -7.43
CA THR E 79 -24.01 -43.05 -8.17
C THR E 79 -24.60 -43.35 -9.55
N SER E 80 -23.71 -43.46 -10.54
CA SER E 80 -24.11 -43.53 -11.94
C SER E 80 -23.30 -44.59 -12.67
N THR E 81 -23.94 -45.25 -13.62
CA THR E 81 -23.28 -46.03 -14.65
C THR E 81 -23.65 -45.43 -16.00
N ARG E 82 -23.29 -46.12 -17.08
CA ARG E 82 -23.74 -45.71 -18.39
C ARG E 82 -25.24 -45.94 -18.57
N GLU E 83 -25.85 -46.83 -17.79
CA GLU E 83 -27.26 -47.18 -17.98
C GLU E 83 -28.17 -46.79 -16.82
N SER E 84 -27.65 -46.38 -15.66
CA SER E 84 -28.54 -46.08 -14.55
C SER E 84 -27.94 -45.02 -13.63
N MET E 85 -28.83 -44.36 -12.89
CA MET E 85 -28.49 -43.45 -11.80
C MET E 85 -29.20 -43.90 -10.53
N ALA E 86 -28.57 -43.66 -9.38
CA ALA E 86 -29.14 -44.07 -8.10
C ALA E 86 -28.93 -43.02 -7.02
N TYR E 87 -30.02 -42.64 -6.36
CA TYR E 87 -30.02 -41.65 -5.28
C TYR E 87 -30.24 -42.35 -3.95
N THR E 88 -29.28 -42.22 -3.04
CA THR E 88 -29.25 -42.98 -1.79
C THR E 88 -29.28 -42.05 -0.58
N VAL E 89 -30.07 -42.43 0.43
CA VAL E 89 -30.19 -41.73 1.71
C VAL E 89 -30.04 -42.72 2.85
N GLU E 90 -29.19 -42.39 3.84
CA GLU E 90 -29.02 -43.23 5.03
C GLU E 90 -28.96 -42.40 6.30
N CYS E 91 -29.62 -42.88 7.35
CA CYS E 91 -29.57 -42.29 8.69
C CYS E 91 -30.04 -43.36 9.69
N LEU E 92 -30.22 -42.94 10.94
CA LEU E 92 -30.71 -43.85 11.96
C LEU E 92 -32.22 -44.05 11.82
N ARG E 93 -32.73 -45.03 12.55
CA ARG E 93 -34.08 -45.57 12.32
C ARG E 93 -35.19 -44.56 12.60
N ASP E 94 -34.98 -43.64 13.54
CA ASP E 94 -36.03 -42.70 13.92
C ASP E 94 -36.01 -41.41 13.10
N ASP E 95 -35.04 -41.22 12.22
CA ASP E 95 -34.92 -40.01 11.43
C ASP E 95 -35.30 -40.20 9.97
N ILE E 96 -35.82 -41.37 9.59
CA ILE E 96 -35.89 -41.74 8.18
C ILE E 96 -37.07 -41.07 7.47
N GLU E 97 -38.05 -40.56 8.20
CA GLU E 97 -39.20 -39.95 7.55
C GLU E 97 -38.89 -38.57 6.99
N ILE E 98 -38.00 -37.83 7.62
CA ILE E 98 -37.70 -36.48 7.17
C ILE E 98 -36.58 -36.43 6.14
N LEU E 99 -35.79 -37.49 6.03
CA LEU E 99 -34.84 -37.61 4.93
C LEU E 99 -35.46 -38.24 3.68
N MET E 100 -36.56 -38.97 3.83
CA MET E 100 -37.32 -39.42 2.68
C MET E 100 -38.01 -38.25 1.97
N GLU E 101 -38.35 -37.20 2.72
CA GLU E 101 -38.97 -36.03 2.13
C GLU E 101 -37.94 -35.19 1.36
N PHE E 102 -36.70 -35.17 1.81
CA PHE E 102 -35.65 -34.46 1.08
C PHE E 102 -35.29 -35.17 -0.22
N LEU E 103 -35.34 -36.50 -0.24
CA LEU E 103 -35.00 -37.27 -1.43
C LEU E 103 -36.04 -37.09 -2.53
N LEU E 104 -37.31 -36.92 -2.17
CA LEU E 104 -38.34 -36.71 -3.18
C LEU E 104 -38.34 -35.31 -3.77
N ASN E 105 -37.83 -34.32 -3.05
CA ASN E 105 -37.73 -32.98 -3.60
C ASN E 105 -36.59 -32.86 -4.59
N VAL E 106 -35.52 -33.63 -4.41
CA VAL E 106 -34.36 -33.55 -5.28
C VAL E 106 -34.68 -34.15 -6.65
N THR E 107 -35.37 -35.29 -6.68
CA THR E 107 -35.55 -36.02 -7.92
C THR E 107 -36.88 -35.73 -8.62
N ALA E 108 -37.90 -35.24 -7.91
CA ALA E 108 -39.20 -35.06 -8.53
C ALA E 108 -39.63 -33.61 -8.69
N ALA E 109 -38.99 -32.66 -8.03
CA ALA E 109 -39.25 -31.24 -8.26
C ALA E 109 -37.99 -30.39 -8.06
N PRO E 110 -37.01 -30.48 -8.96
CA PRO E 110 -35.88 -29.58 -8.86
C PRO E 110 -36.11 -28.26 -9.60
N GLU E 111 -35.48 -27.22 -9.10
CA GLU E 111 -35.31 -25.97 -9.82
C GLU E 111 -33.86 -25.87 -10.25
N PHE E 112 -33.63 -25.36 -11.44
CA PHE E 112 -32.26 -25.13 -11.90
C PHE E 112 -32.15 -23.63 -12.14
N ARG E 113 -31.87 -22.91 -11.07
CA ARG E 113 -31.73 -21.46 -11.14
C ARG E 113 -30.44 -21.10 -11.87
N ARG E 114 -30.47 -19.94 -12.53
CA ARG E 114 -29.39 -19.52 -13.42
C ARG E 114 -28.08 -19.33 -12.66
N TRP E 115 -28.12 -18.61 -11.54
CA TRP E 115 -26.90 -18.29 -10.83
C TRP E 115 -26.32 -19.46 -10.07
N GLU E 116 -27.15 -20.46 -9.73
CA GLU E 116 -26.64 -21.64 -9.05
C GLU E 116 -26.01 -22.62 -10.04
N VAL E 117 -26.61 -22.77 -11.23
CA VAL E 117 -26.05 -23.62 -12.26
C VAL E 117 -24.76 -23.04 -12.82
N ALA E 118 -24.70 -21.70 -12.94
CA ALA E 118 -23.49 -21.05 -13.42
C ALA E 118 -22.33 -21.15 -12.44
N ALA E 119 -22.61 -21.18 -11.15
CA ALA E 119 -21.55 -21.33 -10.15
C ALA E 119 -21.07 -22.77 -10.03
N LEU E 120 -21.82 -23.75 -10.54
CA LEU E 120 -21.48 -25.15 -10.47
C LEU E 120 -20.67 -25.64 -11.66
N GLN E 121 -20.50 -24.84 -12.72
CA GLN E 121 -19.81 -25.28 -13.93
C GLN E 121 -18.34 -25.59 -13.68
N SER E 122 -17.70 -24.87 -12.77
CA SER E 122 -16.30 -25.09 -12.45
C SER E 122 -16.07 -26.36 -11.63
N GLN E 123 -17.11 -26.92 -11.03
CA GLN E 123 -16.99 -28.20 -10.34
C GLN E 123 -16.83 -29.37 -11.31
N LEU E 124 -17.27 -29.22 -12.57
CA LEU E 124 -17.05 -30.24 -13.58
C LEU E 124 -15.56 -30.44 -13.86
N ARG E 125 -14.80 -29.34 -13.86
CA ARG E 125 -13.37 -29.43 -14.12
C ARG E 125 -12.61 -30.05 -12.97
N ILE E 126 -13.03 -29.77 -11.73
CA ILE E 126 -12.40 -30.35 -10.55
C ILE E 126 -12.71 -31.84 -10.45
N ASP E 127 -13.96 -32.23 -10.71
CA ASP E 127 -14.38 -33.62 -10.57
C ASP E 127 -13.75 -34.51 -11.62
N LYS E 128 -13.55 -34.00 -12.84
CA LYS E 128 -12.93 -34.79 -13.89
C LYS E 128 -11.43 -34.96 -13.68
N ALA E 129 -10.75 -33.93 -13.18
CA ALA E 129 -9.31 -34.02 -13.00
C ALA E 129 -8.95 -34.91 -11.80
N VAL E 130 -9.83 -35.02 -10.83
CA VAL E 130 -9.62 -35.95 -9.71
C VAL E 130 -9.74 -37.38 -10.20
N ALA E 131 -10.75 -37.67 -11.01
CA ALA E 131 -10.98 -39.02 -11.51
C ALA E 131 -9.89 -39.47 -12.47
N PHE E 132 -9.30 -38.56 -13.24
CA PHE E 132 -8.32 -38.91 -14.26
C PHE E 132 -6.90 -38.99 -13.71
N GLN E 133 -6.71 -38.94 -12.39
CA GLN E 133 -5.43 -39.28 -11.80
C GLN E 133 -5.18 -40.79 -11.79
N ASN E 134 -6.24 -41.57 -11.97
CA ASN E 134 -6.13 -43.00 -12.21
C ASN E 134 -6.01 -43.22 -13.72
N PRO E 135 -4.96 -43.88 -14.20
CA PRO E 135 -4.85 -44.14 -15.65
C PRO E 135 -5.88 -45.12 -16.18
N GLN E 136 -6.53 -45.90 -15.32
CA GLN E 136 -7.58 -46.83 -15.76
C GLN E 136 -8.81 -46.09 -16.26
N ALA E 137 -9.07 -44.88 -15.76
CA ALA E 137 -10.32 -44.20 -16.02
C ALA E 137 -10.39 -43.68 -17.45
N GLN E 138 -9.32 -43.05 -17.93
CA GLN E 138 -9.34 -42.53 -19.29
C GLN E 138 -9.13 -43.62 -20.34
N VAL E 139 -8.45 -44.72 -20.00
CA VAL E 139 -8.33 -45.84 -20.92
C VAL E 139 -9.70 -46.50 -21.15
N LEU E 140 -10.51 -46.61 -20.10
CA LEU E 140 -11.82 -47.23 -20.23
C LEU E 140 -12.84 -46.31 -20.91
N GLU E 141 -12.65 -44.99 -20.88
CA GLU E 141 -13.52 -44.12 -21.65
C GLU E 141 -13.14 -44.10 -23.12
N ASN E 142 -11.86 -44.22 -23.44
CA ASN E 142 -11.45 -44.36 -24.83
C ASN E 142 -11.88 -45.70 -25.41
N LEU E 143 -11.99 -46.73 -24.58
CA LEU E 143 -12.35 -48.07 -25.06
C LEU E 143 -13.82 -48.14 -25.48
N HIS E 144 -14.70 -47.42 -24.80
CA HIS E 144 -16.10 -47.42 -25.19
C HIS E 144 -16.33 -46.58 -26.44
N ALA E 145 -15.53 -45.53 -26.64
CA ALA E 145 -15.61 -44.75 -27.85
C ALA E 145 -15.03 -45.49 -29.05
N ALA E 146 -14.03 -46.36 -28.82
CA ALA E 146 -13.50 -47.18 -29.90
C ALA E 146 -14.43 -48.33 -30.27
N ALA E 147 -15.25 -48.80 -29.33
CA ALA E 147 -16.05 -49.99 -29.54
C ALA E 147 -17.42 -49.70 -30.12
N TYR E 148 -17.98 -48.53 -29.88
CA TYR E 148 -19.34 -48.24 -30.32
C TYR E 148 -19.36 -46.96 -31.15
N ARG E 149 -20.37 -46.86 -32.02
CA ARG E 149 -20.59 -45.64 -32.78
C ARG E 149 -21.47 -44.65 -32.03
N ASN E 150 -22.28 -45.15 -31.11
CA ASN E 150 -23.29 -44.35 -30.43
C ASN E 150 -23.68 -45.07 -29.16
N ALA E 151 -24.34 -44.34 -28.26
CA ALA E 151 -25.24 -44.87 -27.21
C ALA E 151 -24.61 -45.79 -26.16
N LEU E 152 -23.33 -46.09 -26.27
CA LEU E 152 -22.51 -46.61 -25.18
C LEU E 152 -21.12 -46.02 -25.26
N ALA E 153 -20.85 -45.25 -26.30
CA ALA E 153 -19.57 -44.57 -26.51
C ALA E 153 -19.48 -43.26 -25.74
N ASN E 154 -20.61 -42.73 -25.26
CA ASN E 154 -20.60 -41.48 -24.49
C ASN E 154 -19.89 -41.67 -23.16
N SER E 155 -19.12 -40.68 -22.77
CA SER E 155 -18.32 -40.72 -21.57
C SER E 155 -19.15 -40.43 -20.32
N LEU E 156 -18.64 -40.88 -19.18
CA LEU E 156 -19.27 -40.57 -17.90
C LEU E 156 -19.00 -39.15 -17.43
N TYR E 157 -17.96 -38.52 -17.97
CA TYR E 157 -17.57 -37.16 -17.62
C TYR E 157 -17.78 -36.22 -18.80
N CYS E 158 -17.91 -34.94 -18.48
CA CYS E 158 -18.21 -33.93 -19.48
C CYS E 158 -16.99 -33.68 -20.39
N PRO E 159 -17.20 -33.52 -21.69
CA PRO E 159 -16.09 -33.13 -22.58
C PRO E 159 -15.61 -31.72 -22.29
N ASP E 160 -14.34 -31.47 -22.60
CA ASP E 160 -13.66 -30.25 -22.17
C ASP E 160 -14.23 -29.00 -22.85
N TYR E 161 -14.59 -29.08 -24.14
CA TYR E 161 -15.15 -27.95 -24.85
C TYR E 161 -16.51 -27.55 -24.30
N ARG E 162 -17.20 -28.47 -23.64
CA ARG E 162 -18.56 -28.32 -23.20
C ARG E 162 -18.67 -27.77 -21.78
N ILE E 163 -17.58 -27.75 -21.02
CA ILE E 163 -17.58 -27.20 -19.66
C ILE E 163 -17.79 -25.69 -19.73
N GLY E 164 -18.83 -25.22 -19.05
CA GLY E 164 -19.25 -23.83 -19.11
C GLY E 164 -20.49 -23.60 -19.92
N LYS E 165 -20.96 -24.58 -20.69
CA LYS E 165 -22.02 -24.38 -21.66
C LYS E 165 -23.22 -25.30 -21.46
N VAL E 166 -23.31 -26.00 -20.34
CA VAL E 166 -24.52 -26.78 -20.03
C VAL E 166 -25.54 -25.83 -19.43
N THR E 167 -26.71 -25.77 -20.04
CA THR E 167 -27.70 -24.75 -19.75
C THR E 167 -28.79 -25.28 -18.81
N PRO E 168 -29.49 -24.39 -18.09
CA PRO E 168 -30.64 -24.84 -17.29
C PRO E 168 -31.77 -25.44 -18.10
N ASP E 169 -31.97 -25.02 -19.35
CA ASP E 169 -33.02 -25.61 -20.17
C ASP E 169 -32.70 -27.04 -20.56
N GLN E 170 -31.42 -27.38 -20.66
CA GLN E 170 -31.04 -28.75 -20.96
C GLN E 170 -31.27 -29.66 -19.77
N LEU E 171 -31.04 -29.17 -18.55
CA LEU E 171 -31.27 -29.96 -17.34
C LEU E 171 -32.76 -30.20 -17.11
N HIS E 172 -33.61 -29.21 -17.41
CA HIS E 172 -35.05 -29.39 -17.29
C HIS E 172 -35.57 -30.39 -18.31
N TYR E 173 -35.00 -30.38 -19.51
CA TYR E 173 -35.45 -31.29 -20.57
C TYR E 173 -35.01 -32.72 -20.31
N TYR E 174 -33.84 -32.90 -19.69
CA TYR E 174 -33.34 -34.25 -19.42
C TYR E 174 -34.17 -34.95 -18.35
N VAL E 175 -34.52 -34.23 -17.28
CA VAL E 175 -35.29 -34.82 -16.19
C VAL E 175 -36.73 -35.08 -16.62
N GLN E 176 -37.27 -34.22 -17.48
CA GLN E 176 -38.64 -34.37 -17.96
C GLN E 176 -38.82 -35.61 -18.82
N ASN E 177 -37.79 -36.00 -19.56
CA ASN E 177 -37.90 -37.10 -20.52
C ASN E 177 -37.28 -38.40 -20.03
N HIS E 178 -36.55 -38.40 -18.92
CA HIS E 178 -35.90 -39.62 -18.46
C HIS E 178 -36.21 -40.01 -17.03
N PHE E 179 -36.74 -39.12 -16.20
CA PHE E 179 -37.06 -39.43 -14.81
C PHE E 179 -38.56 -39.67 -14.72
N THR E 180 -39.02 -40.81 -15.24
CA THR E 180 -40.45 -41.10 -15.25
C THR E 180 -40.71 -42.39 -14.49
N SER E 181 -41.97 -42.59 -14.11
CA SER E 181 -42.32 -43.60 -13.11
C SER E 181 -42.20 -45.03 -13.66
N ALA E 182 -42.34 -45.23 -14.96
CA ALA E 182 -42.13 -46.56 -15.52
C ALA E 182 -40.66 -46.88 -15.76
N ARG E 183 -39.75 -45.99 -15.38
CA ARG E 183 -38.31 -46.23 -15.46
C ARG E 183 -37.65 -46.23 -14.08
N MET E 184 -38.43 -46.32 -13.01
CA MET E 184 -37.92 -46.08 -11.67
C MET E 184 -38.26 -47.21 -10.72
N ALA E 185 -37.44 -47.36 -9.68
CA ALA E 185 -37.61 -48.34 -8.62
C ALA E 185 -37.18 -47.76 -7.29
N LEU E 186 -37.97 -48.01 -6.25
CA LEU E 186 -37.74 -47.48 -4.91
C LEU E 186 -37.51 -48.64 -3.96
N ILE E 187 -36.32 -48.68 -3.34
CA ILE E 187 -35.89 -49.81 -2.53
C ILE E 187 -35.59 -49.33 -1.12
N GLY E 188 -36.20 -49.99 -0.13
CA GLY E 188 -35.97 -49.68 1.26
C GLY E 188 -35.33 -50.84 1.99
N LEU E 189 -34.68 -50.53 3.11
CA LEU E 189 -33.94 -51.55 3.86
C LEU E 189 -34.25 -51.60 5.36
N GLY E 190 -34.79 -50.55 5.96
CA GLY E 190 -35.19 -50.65 7.35
C GLY E 190 -36.56 -50.05 7.59
N VAL E 191 -37.35 -49.96 6.52
CA VAL E 191 -38.66 -49.32 6.56
C VAL E 191 -39.68 -50.38 6.19
N SER E 192 -40.91 -50.27 6.70
CA SER E 192 -41.97 -51.20 6.35
C SER E 192 -42.55 -50.83 4.99
N HIS E 193 -43.18 -51.81 4.37
CA HIS E 193 -43.81 -51.67 3.06
C HIS E 193 -44.98 -50.71 2.97
N PRO E 194 -45.87 -50.53 3.97
CA PRO E 194 -46.87 -49.47 3.83
C PRO E 194 -46.31 -48.06 3.84
N VAL E 195 -45.15 -47.82 4.47
CA VAL E 195 -44.62 -46.47 4.57
C VAL E 195 -44.03 -46.01 3.24
N LEU E 196 -43.37 -46.92 2.51
CA LEU E 196 -42.80 -46.56 1.22
C LEU E 196 -43.87 -46.29 0.17
N LYS E 197 -45.06 -46.89 0.31
CA LYS E 197 -46.08 -46.78 -0.73
C LYS E 197 -46.73 -45.40 -0.76
N GLN E 198 -47.15 -44.88 0.40
CA GLN E 198 -47.71 -43.54 0.41
C GLN E 198 -46.66 -42.46 0.22
N VAL E 199 -45.38 -42.78 0.44
CA VAL E 199 -44.30 -41.95 -0.09
C VAL E 199 -44.35 -41.94 -1.61
N ALA E 200 -44.59 -43.09 -2.22
CA ALA E 200 -44.53 -43.23 -3.68
C ALA E 200 -45.72 -42.59 -4.38
N GLU E 201 -46.85 -42.43 -3.69
CA GLU E 201 -47.97 -41.72 -4.30
C GLU E 201 -47.90 -40.21 -4.12
N ARG E 202 -46.71 -39.67 -3.86
CA ARG E 202 -46.49 -38.25 -3.87
C ARG E 202 -45.57 -37.81 -4.99
N PHE E 203 -45.14 -38.73 -5.87
CA PHE E 203 -44.59 -38.38 -7.19
C PHE E 203 -45.26 -39.28 -8.24
N LEU E 204 -46.48 -38.90 -8.63
CA LEU E 204 -47.11 -39.47 -9.81
C LEU E 204 -47.96 -38.48 -10.59
N ASN E 205 -48.01 -37.20 -10.17
CA ASN E 205 -48.87 -36.23 -10.83
C ASN E 205 -48.37 -35.93 -12.24
N MET E 206 -47.07 -35.76 -12.39
CA MET E 206 -46.42 -35.78 -13.69
C MET E 206 -45.66 -37.11 -13.76
N ARG E 207 -44.94 -37.34 -14.87
CA ARG E 207 -44.10 -38.51 -15.12
C ARG E 207 -44.92 -39.81 -15.08
N GLY E 208 -45.77 -39.95 -16.08
CA GLY E 208 -46.73 -41.04 -16.08
C GLY E 208 -46.38 -42.29 -16.84
N GLY E 209 -45.37 -42.26 -17.69
CA GLY E 209 -45.09 -43.43 -18.53
C GLY E 209 -43.64 -43.66 -18.85
N LEU E 210 -43.36 -43.97 -20.12
CA LEU E 210 -41.98 -44.04 -20.61
C LEU E 210 -41.68 -42.75 -21.36
N GLY E 211 -40.47 -42.24 -21.18
CA GLY E 211 -40.18 -40.91 -21.69
C GLY E 211 -39.58 -40.83 -23.08
N LEU E 212 -38.45 -41.49 -23.30
CA LEU E 212 -37.78 -41.47 -24.60
C LEU E 212 -37.00 -42.76 -24.79
N SER E 213 -37.25 -43.42 -25.92
CA SER E 213 -36.46 -44.60 -26.27
C SER E 213 -35.07 -44.19 -26.70
N GLY E 214 -34.08 -44.91 -26.19
CA GLY E 214 -32.72 -44.68 -26.63
C GLY E 214 -32.39 -45.46 -27.88
N ALA E 215 -31.35 -45.01 -28.58
CA ALA E 215 -30.90 -45.70 -29.77
C ALA E 215 -30.19 -46.99 -29.39
N LYS E 216 -30.41 -48.03 -30.19
CA LYS E 216 -29.69 -49.29 -30.02
C LYS E 216 -28.21 -49.08 -30.38
N ALA E 217 -27.34 -49.68 -29.59
CA ALA E 217 -25.91 -49.46 -29.76
C ALA E 217 -25.35 -50.30 -30.91
N LYS E 218 -24.52 -49.67 -31.74
CA LYS E 218 -23.95 -50.30 -32.91
C LYS E 218 -22.45 -50.47 -32.72
N TYR E 219 -21.96 -51.68 -32.97
CA TYR E 219 -20.56 -52.00 -32.72
C TYR E 219 -19.65 -51.42 -33.79
N ARG E 220 -18.57 -50.80 -33.37
CA ARG E 220 -17.53 -50.26 -34.23
C ARG E 220 -16.22 -50.94 -33.85
N GLY E 221 -15.49 -51.41 -34.84
CA GLY E 221 -14.22 -52.04 -34.50
C GLY E 221 -13.06 -51.09 -34.57
N GLY E 222 -13.07 -50.04 -33.75
CA GLY E 222 -12.11 -48.96 -33.84
C GLY E 222 -10.90 -49.16 -32.94
N GLU E 223 -10.11 -48.09 -32.84
CA GLU E 223 -8.84 -48.10 -32.14
C GLU E 223 -8.45 -46.66 -31.82
N ILE E 224 -8.09 -46.40 -30.57
CA ILE E 224 -7.69 -45.07 -30.11
C ILE E 224 -6.38 -45.20 -29.34
N ARG E 225 -5.35 -44.48 -29.78
CA ARG E 225 -4.04 -44.50 -29.15
C ARG E 225 -3.73 -43.12 -28.59
N ASP E 226 -3.22 -43.08 -27.35
CA ASP E 226 -3.00 -41.85 -26.61
C ASP E 226 -1.58 -41.80 -26.05
N GLN E 227 -0.68 -41.18 -26.79
CA GLN E 227 0.71 -41.02 -26.35
C GLN E 227 0.79 -39.92 -25.29
N ASN E 228 1.43 -40.23 -24.16
CA ASN E 228 1.62 -39.23 -23.10
C ASN E 228 2.93 -39.56 -22.37
N GLY E 229 3.08 -38.99 -21.17
CA GLY E 229 4.29 -39.18 -20.40
C GLY E 229 4.19 -40.08 -19.19
N ASP E 230 3.23 -41.00 -19.18
CA ASP E 230 3.13 -41.97 -18.09
C ASP E 230 4.23 -43.02 -18.21
N SER E 231 4.57 -43.62 -17.07
CA SER E 231 5.69 -44.55 -16.98
C SER E 231 5.35 -45.98 -17.38
N LEU E 232 4.07 -46.34 -17.36
CA LEU E 232 3.64 -47.69 -17.73
C LEU E 232 2.59 -47.61 -18.82
N VAL E 233 2.48 -48.68 -19.60
CA VAL E 233 1.54 -48.76 -20.70
C VAL E 233 0.30 -49.53 -20.24
N HIS E 234 -0.86 -48.91 -20.39
CA HIS E 234 -2.16 -49.55 -20.14
C HIS E 234 -2.80 -49.87 -21.49
N ALA E 235 -3.23 -51.11 -21.69
CA ALA E 235 -3.86 -51.50 -22.94
C ALA E 235 -5.03 -52.44 -22.67
N ALA E 236 -6.02 -52.39 -23.56
CA ALA E 236 -7.22 -53.23 -23.49
C ALA E 236 -7.61 -53.69 -24.89
N LEU E 237 -8.08 -54.93 -25.00
CA LEU E 237 -8.41 -55.54 -26.28
C LEU E 237 -9.65 -56.41 -26.10
N VAL E 238 -10.76 -56.04 -26.73
CA VAL E 238 -12.06 -56.65 -26.46
C VAL E 238 -12.74 -57.06 -27.76
N ALA E 239 -13.83 -57.81 -27.61
CA ALA E 239 -14.76 -58.09 -28.69
C ALA E 239 -16.18 -58.13 -28.10
N GLU E 240 -17.17 -58.10 -28.98
CA GLU E 240 -18.57 -58.10 -28.55
C GLU E 240 -19.01 -59.48 -28.08
N SER E 241 -19.72 -59.54 -26.94
CA SER E 241 -20.06 -60.84 -26.38
C SER E 241 -21.54 -61.20 -26.27
N ALA E 242 -22.26 -60.54 -25.36
CA ALA E 242 -23.60 -60.97 -24.96
C ALA E 242 -24.25 -59.97 -24.00
N ALA E 243 -25.56 -59.85 -24.07
CA ALA E 243 -26.29 -58.96 -23.17
C ALA E 243 -26.51 -59.63 -21.83
N THR E 244 -26.81 -58.81 -20.82
CA THR E 244 -27.10 -59.32 -19.49
C THR E 244 -28.43 -60.08 -19.49
N GLY E 245 -28.50 -61.13 -18.68
CA GLY E 245 -29.71 -61.91 -18.62
C GLY E 245 -29.91 -62.87 -19.77
N SER E 246 -28.87 -63.64 -20.09
CA SER E 246 -28.96 -64.68 -21.11
C SER E 246 -28.10 -65.85 -20.66
N ALA E 247 -28.27 -66.99 -21.33
CA ALA E 247 -27.49 -68.16 -21.00
C ALA E 247 -26.05 -68.04 -21.47
N GLU E 248 -25.79 -67.25 -22.51
CA GLU E 248 -24.42 -67.03 -22.97
C GLU E 248 -23.65 -66.07 -22.07
N ALA E 249 -24.37 -65.19 -21.35
CA ALA E 249 -23.69 -64.29 -20.42
C ALA E 249 -23.11 -65.04 -19.22
N ASN E 250 -23.75 -66.13 -18.80
CA ASN E 250 -23.21 -66.95 -17.72
C ASN E 250 -21.95 -67.68 -18.15
N ALA E 251 -21.84 -68.04 -19.42
CA ALA E 251 -20.64 -68.72 -19.90
C ALA E 251 -19.45 -67.79 -19.98
N PHE E 252 -19.68 -66.50 -20.23
CA PHE E 252 -18.58 -65.53 -20.23
C PHE E 252 -18.14 -65.16 -18.82
N SER E 253 -19.04 -65.25 -17.84
CA SER E 253 -18.66 -65.01 -16.45
C SER E 253 -17.78 -66.14 -15.91
N VAL E 254 -18.07 -67.37 -16.31
CA VAL E 254 -17.21 -68.50 -15.91
C VAL E 254 -15.87 -68.43 -16.61
N LEU E 255 -15.86 -68.02 -17.88
CA LEU E 255 -14.62 -67.90 -18.65
C LEU E 255 -13.69 -66.84 -18.09
N GLN E 256 -14.26 -65.76 -17.52
CA GLN E 256 -13.46 -64.73 -16.88
C GLN E 256 -12.69 -65.28 -15.67
N HIS E 257 -13.34 -66.13 -14.87
CA HIS E 257 -12.68 -66.68 -13.70
C HIS E 257 -11.77 -67.85 -14.02
N VAL E 258 -11.94 -68.50 -15.17
CA VAL E 258 -10.94 -69.46 -15.65
C VAL E 258 -9.64 -68.73 -15.96
N LEU E 259 -9.74 -67.59 -16.64
CA LEU E 259 -8.56 -66.86 -17.09
C LEU E 259 -7.92 -66.08 -15.95
N GLY E 260 -8.73 -65.44 -15.11
CA GLY E 260 -8.21 -64.69 -13.98
C GLY E 260 -8.85 -63.33 -13.85
N ALA E 261 -9.46 -63.03 -12.70
CA ALA E 261 -10.23 -61.82 -12.53
C ALA E 261 -9.86 -61.12 -11.22
N GLY E 262 -8.57 -61.01 -10.92
CA GLY E 262 -8.16 -60.36 -9.70
C GLY E 262 -7.64 -61.32 -8.65
N PRO E 263 -6.86 -60.80 -7.71
CA PRO E 263 -6.18 -61.66 -6.74
C PRO E 263 -6.95 -61.92 -5.46
N HIS E 264 -6.66 -63.08 -4.87
CA HIS E 264 -7.30 -63.55 -3.66
C HIS E 264 -6.41 -63.46 -2.43
N VAL E 265 -5.09 -63.58 -2.58
CA VAL E 265 -4.15 -63.57 -1.47
C VAL E 265 -3.31 -62.30 -1.57
N LYS E 266 -3.11 -61.63 -0.43
CA LYS E 266 -2.33 -60.41 -0.38
C LYS E 266 -0.87 -60.70 -0.71
N ARG E 267 -0.35 -59.98 -1.71
CA ARG E 267 0.99 -60.15 -2.28
C ARG E 267 1.22 -61.57 -2.80
N GLY E 268 0.17 -62.22 -3.30
CA GLY E 268 0.30 -63.55 -3.85
C GLY E 268 0.74 -63.54 -5.31
N SER E 269 1.15 -64.71 -5.79
CA SER E 269 1.69 -64.85 -7.13
C SER E 269 0.66 -65.35 -8.14
N ASN E 270 -0.61 -65.45 -7.77
CA ASN E 270 -1.74 -65.81 -8.64
C ASN E 270 -1.53 -67.17 -9.30
N ALA E 271 -1.53 -68.21 -8.45
CA ALA E 271 -1.16 -69.53 -8.91
C ALA E 271 -2.24 -70.20 -9.74
N THR E 272 -3.51 -69.82 -9.58
CA THR E 272 -4.60 -70.44 -10.32
C THR E 272 -5.05 -69.63 -11.53
N SER E 273 -4.37 -68.51 -11.82
CA SER E 273 -4.73 -67.67 -12.95
C SER E 273 -3.95 -68.11 -14.18
N SER E 274 -4.66 -68.65 -15.17
CA SER E 274 -3.98 -69.18 -16.36
C SER E 274 -3.44 -68.08 -17.25
N LEU E 275 -4.04 -66.88 -17.22
CA LEU E 275 -3.48 -65.74 -17.93
C LEU E 275 -2.17 -65.27 -17.30
N TYR E 276 -2.14 -65.18 -15.98
CA TYR E 276 -0.96 -64.68 -15.28
C TYR E 276 0.22 -65.63 -15.40
N GLN E 277 -0.03 -66.95 -15.44
CA GLN E 277 1.06 -67.90 -15.54
C GLN E 277 1.66 -67.93 -16.94
N ALA E 278 0.85 -67.72 -17.97
CA ALA E 278 1.35 -67.76 -19.34
C ALA E 278 2.19 -66.54 -19.68
N VAL E 279 1.83 -65.37 -19.15
CA VAL E 279 2.61 -64.16 -19.39
C VAL E 279 3.94 -64.24 -18.65
N ALA E 280 3.92 -64.70 -17.40
CA ALA E 280 5.10 -64.72 -16.55
C ALA E 280 6.13 -65.76 -16.94
N LYS E 281 5.85 -66.62 -17.93
CA LYS E 281 6.85 -67.56 -18.40
C LYS E 281 7.96 -66.86 -19.17
N GLY E 282 7.60 -65.92 -20.04
CA GLY E 282 8.57 -65.26 -20.88
C GLY E 282 8.94 -63.86 -20.46
N VAL E 283 8.16 -63.25 -19.57
CA VAL E 283 8.38 -61.89 -19.10
C VAL E 283 8.91 -61.95 -17.68
N HIS E 284 10.04 -61.29 -17.42
CA HIS E 284 10.70 -61.31 -16.12
C HIS E 284 10.82 -59.91 -15.55
N GLN E 285 9.73 -59.15 -15.61
CA GLN E 285 9.70 -57.75 -15.22
C GLN E 285 8.31 -57.43 -14.65
N PRO E 286 8.12 -56.30 -13.95
CA PRO E 286 6.80 -56.00 -13.37
C PRO E 286 5.70 -55.81 -14.42
N PHE E 287 4.59 -56.52 -14.21
CA PHE E 287 3.42 -56.42 -15.07
C PHE E 287 2.16 -56.71 -14.26
N ASP E 288 1.02 -56.63 -14.92
CA ASP E 288 -0.25 -57.12 -14.41
C ASP E 288 -1.13 -57.48 -15.60
N VAL E 289 -2.05 -58.43 -15.40
CA VAL E 289 -2.93 -58.88 -16.47
C VAL E 289 -4.23 -59.36 -15.85
N SER E 290 -5.33 -59.21 -16.59
CA SER E 290 -6.65 -59.52 -16.09
C SER E 290 -7.58 -59.78 -17.25
N ALA E 291 -8.70 -60.43 -16.95
CA ALA E 291 -9.79 -60.58 -17.90
C ALA E 291 -10.86 -59.52 -17.61
N PHE E 292 -11.35 -58.90 -18.67
CA PHE E 292 -12.31 -57.80 -18.57
C PHE E 292 -13.68 -58.29 -19.01
N ASN E 293 -14.71 -57.89 -18.28
CA ASN E 293 -16.08 -58.29 -18.59
C ASN E 293 -17.03 -57.15 -18.28
N ALA E 294 -17.72 -56.65 -19.30
CA ALA E 294 -18.69 -55.58 -19.14
C ALA E 294 -19.96 -56.00 -19.85
N SER E 295 -21.07 -56.05 -19.12
CA SER E 295 -22.32 -56.56 -19.65
C SER E 295 -23.39 -55.49 -19.51
N TYR E 296 -24.11 -55.22 -20.60
CA TYR E 296 -25.14 -54.19 -20.62
C TYR E 296 -26.45 -54.78 -21.09
N SER E 297 -27.46 -53.95 -21.31
CA SER E 297 -28.81 -54.48 -21.54
C SER E 297 -29.01 -55.01 -22.95
N ASP E 298 -28.27 -54.49 -23.93
CA ASP E 298 -28.40 -54.99 -25.29
C ASP E 298 -27.07 -55.39 -25.93
N SER E 299 -25.97 -55.30 -25.20
CA SER E 299 -24.66 -55.63 -25.74
C SER E 299 -23.72 -55.93 -24.58
N GLY E 300 -22.50 -56.35 -24.92
CA GLY E 300 -21.49 -56.60 -23.91
C GLY E 300 -20.11 -56.66 -24.53
N LEU E 301 -19.10 -56.46 -23.69
CA LEU E 301 -17.70 -56.55 -24.08
C LEU E 301 -16.97 -57.54 -23.21
N PHE E 302 -16.01 -58.27 -23.80
CA PHE E 302 -15.14 -59.18 -23.09
C PHE E 302 -13.75 -59.12 -23.69
N GLY E 303 -12.73 -59.11 -22.84
CA GLY E 303 -11.37 -59.15 -23.33
C GLY E 303 -10.29 -59.20 -22.27
N ILE E 304 -9.13 -58.60 -22.55
CA ILE E 304 -7.98 -58.65 -21.66
C ILE E 304 -7.51 -57.23 -21.38
N TYR E 305 -6.89 -57.05 -20.21
CA TYR E 305 -6.35 -55.77 -19.77
C TYR E 305 -4.93 -56.02 -19.29
N THR E 306 -3.96 -55.33 -19.86
CA THR E 306 -2.57 -55.46 -19.44
C THR E 306 -2.02 -54.12 -18.96
N ILE E 307 -1.16 -54.20 -17.95
CA ILE E 307 -0.33 -53.08 -17.50
C ILE E 307 1.10 -53.56 -17.56
N SER E 308 1.95 -52.81 -18.24
CA SER E 308 3.31 -53.28 -18.50
C SER E 308 4.24 -52.09 -18.64
N GLN E 309 5.51 -52.38 -18.86
CA GLN E 309 6.48 -51.35 -19.22
C GLN E 309 6.48 -51.17 -20.73
N ALA E 310 7.12 -50.08 -21.16
CA ALA E 310 7.02 -49.63 -22.56
C ALA E 310 7.72 -50.59 -23.51
N ALA E 311 8.92 -51.04 -23.15
CA ALA E 311 9.68 -51.92 -24.04
C ALA E 311 9.16 -53.35 -24.06
N SER E 312 8.30 -53.73 -23.12
CA SER E 312 7.82 -55.10 -22.99
C SER E 312 6.35 -55.26 -23.34
N ALA E 313 5.69 -54.21 -23.84
CA ALA E 313 4.24 -54.22 -23.97
C ALA E 313 3.76 -55.14 -25.09
N GLY E 314 4.54 -55.29 -26.16
CA GLY E 314 4.15 -56.19 -27.22
C GLY E 314 4.25 -57.65 -26.84
N ASP E 315 5.21 -57.99 -25.98
CA ASP E 315 5.35 -59.37 -25.53
C ASP E 315 4.25 -59.78 -24.57
N VAL E 316 3.73 -58.83 -23.79
CA VAL E 316 2.70 -59.15 -22.81
C VAL E 316 1.36 -59.39 -23.49
N ILE E 317 1.04 -58.58 -24.50
CA ILE E 317 -0.25 -58.68 -25.17
C ILE E 317 -0.33 -59.93 -26.04
N LYS E 318 0.79 -60.30 -26.68
CA LYS E 318 0.78 -61.45 -27.57
C LYS E 318 0.71 -62.76 -26.79
N SER E 319 1.37 -62.84 -25.64
CA SER E 319 1.31 -64.07 -24.87
C SER E 319 -0.01 -64.21 -24.12
N ALA E 320 -0.66 -63.10 -23.76
CA ALA E 320 -1.97 -63.19 -23.14
C ALA E 320 -3.03 -63.62 -24.15
N TYR E 321 -2.93 -63.14 -25.39
CA TYR E 321 -3.90 -63.50 -26.42
C TYR E 321 -3.74 -64.94 -26.87
N ASP E 322 -2.51 -65.48 -26.81
CA ASP E 322 -2.29 -66.87 -27.21
C ASP E 322 -2.89 -67.86 -26.23
N GLN E 323 -3.01 -67.48 -24.96
CA GLN E 323 -3.57 -68.39 -23.96
C GLN E 323 -5.07 -68.56 -24.16
N VAL E 324 -5.77 -67.50 -24.60
CA VAL E 324 -7.19 -67.61 -24.92
C VAL E 324 -7.41 -68.48 -26.15
N LYS E 325 -6.43 -68.52 -27.06
CA LYS E 325 -6.54 -69.35 -28.25
C LYS E 325 -6.45 -70.84 -27.93
N ALA E 326 -5.74 -71.19 -26.85
CA ALA E 326 -5.64 -72.60 -26.47
C ALA E 326 -6.95 -73.12 -25.88
N ILE E 327 -7.69 -72.28 -25.16
CA ILE E 327 -8.98 -72.68 -24.62
C ILE E 327 -10.00 -72.83 -25.73
N ALA E 328 -9.93 -71.97 -26.75
CA ALA E 328 -10.89 -71.99 -27.85
C ALA E 328 -10.73 -73.22 -28.74
N GLN E 329 -9.58 -73.87 -28.74
CA GLN E 329 -9.39 -75.10 -29.50
C GLN E 329 -9.48 -76.35 -28.62
N GLY E 330 -10.05 -76.25 -27.43
CA GLY E 330 -10.48 -77.41 -26.67
C GLY E 330 -9.68 -77.73 -25.42
N ASN E 331 -8.59 -77.03 -25.15
CA ASN E 331 -7.76 -77.35 -23.99
C ASN E 331 -8.41 -76.76 -22.73
N LEU E 332 -9.22 -77.56 -22.05
CA LEU E 332 -9.93 -77.11 -20.87
C LEU E 332 -10.25 -78.31 -19.99
N SER E 333 -9.79 -78.29 -18.75
CA SER E 333 -10.06 -79.35 -17.79
C SER E 333 -11.31 -79.04 -16.98
N ASN E 334 -11.96 -80.10 -16.49
CA ASN E 334 -13.13 -79.92 -15.64
C ASN E 334 -12.75 -79.57 -14.21
N THR E 335 -11.49 -79.78 -13.83
CA THR E 335 -11.01 -79.32 -12.52
C THR E 335 -10.89 -77.79 -12.50
N ASP E 336 -10.42 -77.20 -13.59
CA ASP E 336 -10.33 -75.74 -13.69
C ASP E 336 -11.69 -75.08 -13.86
N VAL E 337 -12.66 -75.78 -14.43
CA VAL E 337 -14.01 -75.22 -14.55
C VAL E 337 -14.69 -75.21 -13.19
N GLN E 338 -14.52 -76.29 -12.41
CA GLN E 338 -15.13 -76.37 -11.09
C GLN E 338 -14.51 -75.39 -10.11
N ALA E 339 -13.20 -75.15 -10.21
CA ALA E 339 -12.57 -74.14 -9.36
C ALA E 339 -13.03 -72.73 -9.73
N ALA E 340 -13.37 -72.51 -11.01
CA ALA E 340 -13.84 -71.20 -11.43
C ALA E 340 -15.28 -70.95 -11.01
N LYS E 341 -16.09 -72.01 -10.92
CA LYS E 341 -17.46 -71.86 -10.43
C LYS E 341 -17.50 -71.54 -8.95
N ASN E 342 -16.48 -71.97 -8.19
CA ASN E 342 -16.43 -71.66 -6.76
C ASN E 342 -16.10 -70.20 -6.51
N LYS E 343 -15.20 -69.61 -7.31
CA LYS E 343 -14.87 -68.20 -7.15
C LYS E 343 -16.02 -67.30 -7.58
N LEU E 344 -16.78 -67.72 -8.57
CA LEU E 344 -17.94 -66.95 -9.01
C LEU E 344 -19.10 -67.05 -8.04
N LYS E 345 -19.26 -68.21 -7.38
CA LYS E 345 -20.31 -68.36 -6.39
C LYS E 345 -20.01 -67.59 -5.12
N ALA E 346 -18.76 -67.70 -4.63
CA ALA E 346 -18.38 -67.06 -3.38
C ALA E 346 -18.32 -65.54 -3.52
N GLY E 347 -17.94 -65.04 -4.69
CA GLY E 347 -17.89 -63.60 -4.89
C GLY E 347 -19.24 -62.96 -4.96
N TYR E 348 -20.26 -63.69 -5.41
CA TYR E 348 -21.61 -63.13 -5.47
C TYR E 348 -22.22 -63.05 -4.07
N LEU E 349 -21.97 -64.05 -3.23
CA LEU E 349 -22.53 -64.02 -1.88
C LEU E 349 -21.79 -63.05 -0.97
N MET E 350 -20.51 -62.77 -1.25
CA MET E 350 -19.77 -61.80 -0.46
C MET E 350 -20.10 -60.36 -0.84
N SER E 351 -20.54 -60.13 -2.07
CA SER E 351 -20.87 -58.78 -2.53
C SER E 351 -22.24 -58.32 -2.07
N VAL E 352 -22.98 -59.15 -1.35
CA VAL E 352 -24.32 -58.84 -0.89
C VAL E 352 -24.40 -58.84 0.63
N GLU E 353 -23.25 -58.93 1.31
CA GLU E 353 -23.18 -58.93 2.78
C GLU E 353 -23.65 -57.62 3.37
N SER E 354 -23.05 -56.51 2.95
CA SER E 354 -23.32 -55.22 3.53
C SER E 354 -24.68 -54.68 3.05
N SER E 355 -25.10 -53.59 3.67
CA SER E 355 -26.33 -52.91 3.26
C SER E 355 -26.14 -52.18 1.95
N GLU E 356 -24.92 -51.72 1.68
CA GLU E 356 -24.64 -51.01 0.44
C GLU E 356 -24.70 -51.93 -0.77
N GLY E 357 -24.14 -53.13 -0.65
CA GLY E 357 -24.14 -54.06 -1.76
C GLY E 357 -25.46 -54.77 -1.96
N PHE E 358 -26.23 -54.97 -0.89
CA PHE E 358 -27.52 -55.61 -1.01
C PHE E 358 -28.53 -54.67 -1.67
N LEU E 359 -28.46 -53.38 -1.37
CA LEU E 359 -29.41 -52.43 -1.92
C LEU E 359 -29.16 -52.18 -3.41
N ASP E 360 -27.89 -52.18 -3.82
CA ASP E 360 -27.58 -52.03 -5.23
C ASP E 360 -27.99 -53.26 -6.04
N GLU E 361 -27.93 -54.44 -5.41
CA GLU E 361 -28.24 -55.68 -6.10
C GLU E 361 -29.74 -55.82 -6.35
N VAL E 362 -30.57 -55.38 -5.40
CA VAL E 362 -32.01 -55.39 -5.60
C VAL E 362 -32.43 -54.33 -6.61
N GLY E 363 -31.71 -53.20 -6.64
CA GLY E 363 -32.07 -52.12 -7.55
C GLY E 363 -31.78 -52.44 -9.01
N SER E 364 -30.69 -53.16 -9.28
CA SER E 364 -30.38 -53.54 -10.65
C SER E 364 -31.33 -54.60 -11.16
N GLN E 365 -31.76 -55.53 -10.30
CA GLN E 365 -32.70 -56.55 -10.71
C GLN E 365 -34.08 -55.98 -11.00
N ALA E 366 -34.45 -54.88 -10.33
CA ALA E 366 -35.76 -54.29 -10.53
C ALA E 366 -35.86 -53.49 -11.83
N LEU E 367 -34.76 -52.90 -12.29
CA LEU E 367 -34.79 -52.13 -13.52
C LEU E 367 -34.59 -53.02 -14.75
N VAL E 368 -33.71 -54.01 -14.65
CA VAL E 368 -33.37 -54.84 -15.80
C VAL E 368 -34.44 -55.89 -16.04
N ALA E 369 -34.86 -56.61 -14.99
CA ALA E 369 -35.79 -57.72 -15.14
C ALA E 369 -37.17 -57.46 -14.56
N GLY E 370 -37.30 -56.53 -13.63
CA GLY E 370 -38.60 -56.26 -13.03
C GLY E 370 -39.07 -57.28 -12.02
N SER E 371 -38.15 -58.04 -11.42
CA SER E 371 -38.50 -59.02 -10.41
C SER E 371 -37.30 -59.20 -9.49
N TYR E 372 -37.48 -59.99 -8.44
CA TYR E 372 -36.39 -60.37 -7.55
C TYR E 372 -36.23 -61.88 -7.55
N MET E 373 -34.97 -62.32 -7.55
CA MET E 373 -34.62 -63.73 -7.51
C MET E 373 -33.73 -63.99 -6.30
N GLN E 374 -34.03 -65.07 -5.59
CA GLN E 374 -33.22 -65.48 -4.45
C GLN E 374 -31.81 -65.88 -4.91
N PRO E 375 -30.80 -65.70 -4.05
CA PRO E 375 -29.44 -66.14 -4.42
C PRO E 375 -29.30 -67.66 -4.55
N SER E 376 -30.26 -68.45 -4.07
CA SER E 376 -30.25 -69.88 -4.35
C SER E 376 -30.56 -70.17 -5.81
N THR E 377 -31.37 -69.32 -6.45
CA THR E 377 -31.64 -69.48 -7.87
C THR E 377 -30.43 -69.08 -8.71
N VAL E 378 -29.74 -68.01 -8.31
CA VAL E 378 -28.53 -67.55 -8.99
C VAL E 378 -27.42 -68.57 -8.91
N LEU E 379 -27.33 -69.30 -7.80
CA LEU E 379 -26.29 -70.31 -7.64
C LEU E 379 -26.55 -71.56 -8.45
N GLN E 380 -27.81 -71.82 -8.83
CA GLN E 380 -28.11 -72.98 -9.66
C GLN E 380 -27.93 -72.69 -11.14
N GLN E 381 -28.04 -71.41 -11.55
CA GLN E 381 -27.76 -71.06 -12.94
C GLN E 381 -26.28 -71.14 -13.25
N ILE E 382 -25.42 -70.88 -12.26
CA ILE E 382 -23.98 -71.02 -12.46
C ILE E 382 -23.62 -72.50 -12.55
N ASP E 383 -24.35 -73.36 -11.84
CA ASP E 383 -24.06 -74.79 -11.86
C ASP E 383 -24.41 -75.43 -13.20
N SER E 384 -25.36 -74.86 -13.94
CA SER E 384 -25.82 -75.45 -15.19
C SER E 384 -24.93 -75.12 -16.38
N VAL E 385 -23.87 -74.33 -16.20
CA VAL E 385 -22.96 -74.01 -17.30
C VAL E 385 -22.07 -75.21 -17.56
N ALA E 386 -22.03 -75.67 -18.82
CA ALA E 386 -21.26 -76.84 -19.22
C ALA E 386 -19.89 -76.45 -19.75
N ASP E 387 -19.04 -77.46 -19.92
CA ASP E 387 -17.70 -77.24 -20.46
C ASP E 387 -17.72 -76.90 -21.94
N ALA E 388 -18.76 -77.31 -22.67
CA ALA E 388 -18.86 -76.99 -24.09
C ALA E 388 -19.20 -75.52 -24.30
N ASP E 389 -19.88 -74.89 -23.34
CA ASP E 389 -20.25 -73.49 -23.49
C ASP E 389 -19.12 -72.55 -23.13
N VAL E 390 -18.18 -72.99 -22.30
CA VAL E 390 -17.01 -72.17 -21.99
C VAL E 390 -16.07 -72.14 -23.18
N ILE E 391 -15.94 -73.26 -23.89
CA ILE E 391 -15.11 -73.31 -25.08
C ILE E 391 -15.76 -72.52 -26.22
N ASN E 392 -17.09 -72.52 -26.28
CA ASN E 392 -17.78 -71.80 -27.35
C ASN E 392 -17.78 -70.29 -27.11
N ALA E 393 -17.64 -69.85 -25.87
CA ALA E 393 -17.53 -68.41 -25.61
C ALA E 393 -16.13 -67.89 -25.91
N ALA E 394 -15.11 -68.73 -25.78
CA ALA E 394 -13.76 -68.35 -26.18
C ALA E 394 -13.56 -68.39 -27.68
N LYS E 395 -14.43 -69.09 -28.42
CA LYS E 395 -14.36 -69.08 -29.87
C LYS E 395 -15.01 -67.84 -30.47
N LYS E 396 -16.02 -67.29 -29.78
CA LYS E 396 -16.63 -66.03 -30.20
C LYS E 396 -15.66 -64.86 -30.05
N PHE E 397 -14.76 -64.92 -29.07
CA PHE E 397 -13.78 -63.86 -28.89
C PHE E 397 -12.68 -63.91 -29.93
N VAL E 398 -12.20 -65.13 -30.24
CA VAL E 398 -11.05 -65.29 -31.11
C VAL E 398 -11.39 -64.93 -32.55
N SER E 399 -12.57 -65.30 -33.02
CA SER E 399 -12.99 -65.01 -34.37
C SER E 399 -13.74 -63.69 -34.51
N GLY E 400 -13.94 -62.94 -33.43
CA GLY E 400 -14.67 -61.70 -33.52
C GLY E 400 -13.79 -60.50 -33.87
N ARG E 401 -14.45 -59.43 -34.32
CA ARG E 401 -13.75 -58.19 -34.66
C ARG E 401 -13.36 -57.43 -33.40
N LYS E 402 -12.12 -56.95 -33.36
CA LYS E 402 -11.51 -56.44 -32.14
C LYS E 402 -11.66 -54.92 -32.02
N SER E 403 -11.54 -54.44 -30.79
CA SER E 403 -11.37 -53.02 -30.47
C SER E 403 -10.23 -52.87 -29.49
N MET E 404 -9.58 -51.71 -29.51
CA MET E 404 -8.36 -51.52 -28.72
C MET E 404 -8.27 -50.09 -28.25
N ALA E 405 -7.69 -49.91 -27.06
CA ALA E 405 -7.32 -48.60 -26.53
C ALA E 405 -6.03 -48.77 -25.74
N ALA E 406 -5.11 -47.83 -25.92
CA ALA E 406 -3.82 -47.88 -25.24
C ALA E 406 -3.40 -46.47 -24.83
N SER E 407 -2.49 -46.40 -23.86
CA SER E 407 -2.00 -45.12 -23.39
C SER E 407 -0.63 -45.31 -22.75
N GLY E 408 0.20 -44.27 -22.84
CA GLY E 408 1.56 -44.30 -22.37
C GLY E 408 2.54 -44.02 -23.50
N ASN E 409 3.75 -44.57 -23.35
CA ASN E 409 4.76 -44.53 -24.40
C ASN E 409 4.51 -45.71 -25.34
N LEU E 410 3.94 -45.43 -26.51
CA LEU E 410 3.38 -46.45 -27.39
C LEU E 410 4.31 -46.86 -28.52
N GLY E 411 5.62 -46.69 -28.34
CA GLY E 411 6.57 -47.03 -29.38
C GLY E 411 6.79 -48.50 -29.65
N HIS E 412 6.34 -49.38 -28.75
CA HIS E 412 6.43 -50.83 -28.96
C HIS E 412 5.07 -51.51 -28.84
N THR E 413 4.01 -50.78 -28.84
CA THR E 413 2.67 -51.36 -28.71
C THR E 413 2.14 -51.71 -30.10
N PRO E 414 1.65 -52.93 -30.30
CA PRO E 414 1.19 -53.32 -31.64
C PRO E 414 -0.14 -52.68 -32.00
N PHE E 415 -0.35 -52.56 -33.31
CA PHE E 415 -1.62 -52.09 -33.84
C PHE E 415 -2.61 -53.25 -33.92
N VAL E 416 -3.91 -52.91 -33.93
CA VAL E 416 -4.95 -53.91 -33.74
C VAL E 416 -5.07 -54.87 -34.94
N ASP E 417 -4.56 -54.49 -36.10
CA ASP E 417 -4.51 -55.37 -37.25
C ASP E 417 -3.23 -56.21 -37.31
N GLU E 418 -2.26 -55.93 -36.46
CA GLU E 418 -1.02 -56.69 -36.43
C GLU E 418 -1.10 -57.80 -35.40
N ASP F 1 42.80 28.45 64.05
CA ASP F 1 43.52 27.86 65.18
C ASP F 1 43.93 26.37 64.93
N PRO F 2 43.07 25.50 64.37
CA PRO F 2 43.59 24.19 63.95
C PRO F 2 44.35 24.22 62.65
N LEU F 3 44.09 25.20 61.78
CA LEU F 3 44.80 25.27 60.51
C LEU F 3 46.26 25.66 60.71
N THR F 4 46.52 26.65 61.56
CA THR F 4 47.86 27.15 61.80
C THR F 4 48.76 26.15 62.51
N THR F 5 48.21 25.11 63.13
CA THR F 5 49.02 24.04 63.69
C THR F 5 49.07 22.80 62.83
N VAL F 6 48.07 22.55 61.98
CA VAL F 6 48.14 21.46 61.02
C VAL F 6 49.13 21.82 59.92
N ARG F 7 49.19 23.09 59.52
CA ARG F 7 50.14 23.54 58.50
C ARG F 7 51.59 23.49 58.99
N GLU F 8 51.82 23.35 60.29
CA GLU F 8 53.19 23.36 60.81
C GLU F 8 53.91 22.05 60.52
N GLN F 9 53.28 20.90 60.83
CA GLN F 9 53.98 19.65 60.60
C GLN F 9 53.98 19.22 59.14
N CYS F 10 53.18 19.87 58.29
CA CYS F 10 53.17 19.54 56.87
C CYS F 10 54.38 20.10 56.12
N GLU F 11 55.20 20.94 56.75
CA GLU F 11 56.37 21.50 56.10
C GLU F 11 57.61 20.66 56.26
N GLN F 12 57.70 19.82 57.29
CA GLN F 12 58.88 18.98 57.50
C GLN F 12 58.85 17.69 56.69
N ILE F 13 57.87 17.52 55.82
CA ILE F 13 57.92 16.44 54.84
C ILE F 13 59.02 16.73 53.84
N GLU F 14 59.74 15.68 53.41
CA GLU F 14 60.90 15.87 52.55
C GLU F 14 60.52 16.36 51.16
N LYS F 15 59.28 16.12 50.73
CA LYS F 15 58.73 16.67 49.50
C LYS F 15 58.42 18.15 49.62
N CYS F 16 58.25 18.65 50.84
CA CYS F 16 57.97 20.07 51.09
C CYS F 16 59.20 20.89 51.49
N ILE F 17 60.29 20.26 51.95
CA ILE F 17 61.45 21.06 52.33
C ILE F 17 62.28 21.44 51.11
N LYS F 18 62.39 20.54 50.13
CA LYS F 18 63.13 20.89 48.93
C LYS F 18 62.28 21.64 47.92
N ALA F 19 61.00 21.87 48.21
CA ALA F 19 60.24 22.91 47.56
C ALA F 19 60.33 24.25 48.27
N ARG F 20 60.82 24.26 49.51
CA ARG F 20 60.98 25.50 50.27
C ARG F 20 62.37 26.09 50.12
N GLU F 21 63.40 25.24 50.06
CA GLU F 21 64.76 25.74 50.19
C GLU F 21 65.25 26.46 48.93
N ARG F 22 64.86 26.00 47.74
CA ARG F 22 65.27 26.78 46.57
C ARG F 22 64.23 27.80 46.15
N LEU F 23 63.17 27.96 46.94
CA LEU F 23 62.45 29.23 46.95
C LEU F 23 63.27 30.34 47.62
N GLU F 24 63.91 30.05 48.73
CA GLU F 24 64.75 31.02 49.42
C GLU F 24 66.17 31.08 48.87
N LEU F 25 66.57 30.12 48.04
CA LEU F 25 67.84 30.24 47.31
C LEU F 25 67.74 31.26 46.19
N CYS F 26 66.54 31.50 45.67
CA CYS F 26 66.33 32.49 44.62
C CYS F 26 65.93 33.84 45.20
N ASP F 27 65.86 33.97 46.53
CA ASP F 27 65.53 35.25 47.15
C ASP F 27 66.67 36.25 47.01
N GLN F 28 67.91 35.80 47.23
CA GLN F 28 69.09 36.65 47.09
C GLN F 28 69.57 36.78 45.65
N ARG F 29 68.76 36.34 44.69
CA ARG F 29 69.04 36.44 43.26
C ARG F 29 68.29 37.60 42.60
N VAL F 30 67.19 38.03 43.20
CA VAL F 30 66.36 39.07 42.58
C VAL F 30 66.79 40.45 43.03
N SER F 31 67.08 40.59 44.32
CA SER F 31 67.52 41.86 44.90
C SER F 31 69.04 42.02 44.88
N SER F 32 69.74 41.28 44.02
CA SER F 32 71.18 41.37 43.90
C SER F 32 71.62 42.42 42.88
N ARG F 33 71.09 42.35 41.65
CA ARG F 33 71.50 43.23 40.57
C ARG F 33 70.27 44.06 40.15
N SER F 34 70.42 44.82 39.06
CA SER F 34 69.32 45.59 38.53
C SER F 34 68.76 45.05 37.22
N GLN F 35 69.49 44.17 36.53
CA GLN F 35 69.09 43.70 35.21
C GLN F 35 68.24 42.43 35.26
N THR F 36 67.16 42.43 36.04
CA THR F 36 66.38 41.21 36.22
C THR F 36 64.91 41.52 36.45
N GLU F 37 64.06 40.62 35.95
CA GLU F 37 62.66 40.49 36.34
C GLU F 37 62.34 39.03 36.60
N GLU F 38 63.28 38.36 37.25
CA GLU F 38 63.18 36.95 37.61
C GLU F 38 62.28 36.85 38.84
N ASP F 39 61.01 36.58 38.61
CA ASP F 39 60.09 36.58 39.74
C ASP F 39 60.12 35.21 40.43
N CYS F 40 59.44 35.13 41.57
CA CYS F 40 59.45 33.93 42.40
C CYS F 40 58.04 33.42 42.62
N THR F 41 57.24 33.42 41.57
CA THR F 41 55.94 32.77 41.60
C THR F 41 55.99 31.34 41.11
N GLU F 42 57.04 30.96 40.39
CA GLU F 42 57.22 29.55 40.06
C GLU F 42 57.75 28.78 41.25
N GLU F 43 58.68 29.38 42.00
CA GLU F 43 59.30 28.72 43.13
C GLU F 43 58.33 28.55 44.30
N LEU F 44 57.31 29.40 44.39
CA LEU F 44 56.35 29.35 45.47
C LEU F 44 55.13 28.50 45.15
N PHE F 45 54.82 28.32 43.86
CA PHE F 45 53.74 27.40 43.46
C PHE F 45 54.06 25.97 43.82
N ASP F 46 55.30 25.52 43.60
CA ASP F 46 55.66 24.16 43.96
C ASP F 46 55.70 23.95 45.47
N PHE F 47 55.92 25.02 46.24
CA PHE F 47 55.83 24.90 47.69
C PHE F 47 54.39 24.70 48.14
N LEU F 48 53.49 25.57 47.66
CA LEU F 48 52.09 25.51 48.09
C LEU F 48 51.35 24.30 47.55
N HIS F 49 51.76 23.77 46.39
CA HIS F 49 51.09 22.59 45.86
C HIS F 49 51.52 21.33 46.60
N ALA F 50 52.80 21.27 46.99
CA ALA F 50 53.27 20.15 47.80
C ALA F 50 52.74 20.21 49.23
N ARG F 51 52.48 21.42 49.73
CA ARG F 51 52.06 21.58 51.12
C ARG F 51 50.56 21.37 51.30
N ASP F 52 49.75 22.06 50.51
CA ASP F 52 48.30 22.01 50.67
C ASP F 52 47.66 20.69 50.26
N HIS F 53 48.43 19.78 49.66
CA HIS F 53 47.94 18.43 49.43
C HIS F 53 47.74 17.69 50.74
N CYS F 54 48.74 17.71 51.62
CA CYS F 54 48.67 16.98 52.87
C CYS F 54 47.80 17.65 53.92
N VAL F 55 47.56 18.96 53.78
CA VAL F 55 46.67 19.66 54.71
C VAL F 55 45.24 19.19 54.54
N ALA F 56 44.81 18.96 53.30
CA ALA F 56 43.45 18.53 53.02
C ALA F 56 43.18 17.11 53.51
N HIS F 57 44.21 16.27 53.61
CA HIS F 57 44.03 14.92 54.12
C HIS F 57 43.77 14.88 55.62
N LYS F 58 44.10 15.94 56.36
CA LYS F 58 44.07 15.89 57.82
C LYS F 58 43.24 16.97 58.50
N LEU F 59 42.84 18.04 57.80
CA LEU F 59 42.27 19.21 58.47
C LEU F 59 40.84 18.97 58.95
N PHE F 60 40.07 18.15 58.24
CA PHE F 60 38.65 18.05 58.52
C PHE F 60 38.33 17.18 59.74
N ASN F 61 39.33 16.48 60.30
CA ASN F 61 39.10 15.75 61.54
C ASN F 61 39.02 16.69 62.74
N SER F 62 39.76 17.79 62.69
CA SER F 62 39.87 18.73 63.80
C SER F 62 38.82 19.82 63.77
N LEU F 63 37.79 19.68 62.94
CA LEU F 63 36.79 20.70 62.74
C LEU F 63 35.40 20.16 63.11
N LYS F 64 34.38 20.97 62.82
CA LYS F 64 32.94 20.71 63.05
C LYS F 64 32.56 20.58 64.54
N ALA G 1 52.98 -11.44 -11.99
CA ALA G 1 53.58 -12.34 -12.97
C ALA G 1 55.10 -12.39 -12.83
N VAL G 2 55.57 -12.61 -11.61
CA VAL G 2 57.00 -12.68 -11.31
C VAL G 2 57.34 -14.10 -10.90
N ALA G 3 58.38 -14.66 -11.52
CA ALA G 3 58.78 -16.03 -11.26
C ALA G 3 59.63 -16.20 -10.00
N ALA G 4 60.26 -15.13 -9.52
CA ALA G 4 61.05 -15.20 -8.30
C ALA G 4 60.19 -15.19 -7.05
N SER G 5 59.05 -14.52 -7.09
CA SER G 5 58.10 -14.49 -5.98
C SER G 5 56.93 -15.43 -6.20
N SER G 6 57.17 -16.60 -6.81
CA SER G 6 56.07 -17.51 -7.12
C SER G 6 55.54 -18.19 -5.87
N LYS G 7 56.43 -18.57 -4.95
CA LYS G 7 56.03 -19.21 -3.70
C LYS G 7 55.81 -18.21 -2.58
N TRP G 8 56.53 -17.08 -2.61
CA TRP G 8 56.43 -16.10 -1.53
C TRP G 8 55.07 -15.40 -1.54
N LEU G 9 54.58 -15.04 -2.73
CA LEU G 9 53.28 -14.37 -2.81
C LEU G 9 52.12 -15.35 -2.63
N GLU G 10 52.36 -16.65 -2.79
CA GLU G 10 51.37 -17.64 -2.40
C GLU G 10 51.36 -17.89 -0.89
N GLY G 11 52.41 -17.48 -0.18
CA GLY G 11 52.36 -17.53 1.27
C GLY G 11 51.51 -16.41 1.86
N ILE G 12 51.51 -15.25 1.22
CA ILE G 12 50.68 -14.14 1.67
C ILE G 12 49.23 -14.38 1.30
N ARG G 13 48.99 -15.15 0.23
CA ARG G 13 47.61 -15.47 -0.14
C ARG G 13 47.02 -16.50 0.82
N LYS G 14 47.83 -17.47 1.25
CA LYS G 14 47.36 -18.46 2.21
C LYS G 14 47.22 -17.86 3.60
N TRP G 15 48.05 -16.87 3.94
CA TRP G 15 47.90 -16.19 5.22
C TRP G 15 46.62 -15.36 5.26
N TYR G 16 46.30 -14.67 4.17
CA TYR G 16 45.11 -13.83 4.15
C TYR G 16 43.83 -14.66 4.13
N TYR G 17 43.89 -15.88 3.60
CA TYR G 17 42.73 -16.76 3.59
C TYR G 17 42.35 -17.20 5.00
N ASN G 18 43.34 -17.36 5.88
CA ASN G 18 43.09 -17.75 7.25
C ASN G 18 42.80 -16.58 8.16
N ALA G 19 43.34 -15.39 7.85
CA ALA G 19 43.02 -14.20 8.63
C ALA G 19 41.56 -13.78 8.40
N ALA G 20 41.11 -13.79 7.16
CA ALA G 20 39.67 -13.76 6.90
C ALA G 20 39.07 -15.07 7.40
N GLY G 21 37.86 -15.00 7.90
CA GLY G 21 37.35 -16.19 8.54
C GLY G 21 36.04 -16.73 8.02
N PHE G 22 35.79 -16.69 6.71
CA PHE G 22 34.60 -17.35 6.22
C PHE G 22 34.77 -18.86 6.17
N ASN G 23 36.01 -19.35 6.15
CA ASN G 23 36.24 -20.79 6.21
C ASN G 23 35.93 -21.39 7.57
N LYS G 24 35.93 -20.58 8.65
CA LYS G 24 35.53 -21.07 9.96
C LYS G 24 34.03 -21.27 10.07
N LEU G 25 33.24 -20.59 9.24
CA LEU G 25 31.81 -20.80 9.17
C LEU G 25 31.42 -21.82 8.12
N GLY G 26 32.39 -22.47 7.48
CA GLY G 26 32.11 -23.46 6.47
C GLY G 26 31.69 -22.88 5.13
N LEU G 27 32.21 -21.72 4.76
CA LEU G 27 31.81 -21.03 3.54
C LEU G 27 32.93 -21.13 2.51
N MET G 28 32.52 -21.07 1.25
CA MET G 28 33.43 -20.93 0.12
C MET G 28 33.54 -19.45 -0.25
N ARG G 29 34.54 -19.13 -1.06
CA ARG G 29 34.83 -17.74 -1.41
C ARG G 29 33.70 -17.09 -2.20
N ASP G 30 33.09 -17.82 -3.12
CA ASP G 30 32.00 -17.26 -3.92
C ASP G 30 30.70 -17.15 -3.16
N ASP G 31 30.61 -17.70 -1.94
CA ASP G 31 29.44 -17.46 -1.09
C ASP G 31 29.40 -16.05 -0.55
N THR G 32 30.55 -15.39 -0.43
CA THR G 32 30.69 -14.12 0.29
C THR G 32 30.61 -12.91 -0.62
N ILE G 33 30.30 -13.07 -1.91
CA ILE G 33 30.35 -11.96 -2.84
C ILE G 33 29.13 -11.05 -2.66
N TYR G 34 29.31 -9.76 -2.92
CA TYR G 34 28.22 -8.82 -2.84
C TYR G 34 27.36 -8.93 -4.11
N GLU G 35 26.06 -9.07 -3.92
CA GLU G 35 25.15 -9.39 -5.01
C GLU G 35 24.62 -8.10 -5.63
N ASP G 36 25.30 -7.63 -6.66
CA ASP G 36 24.79 -6.59 -7.54
C ASP G 36 24.02 -7.26 -8.68
N ASP G 37 23.75 -6.53 -9.76
CA ASP G 37 22.90 -7.05 -10.83
C ASP G 37 23.59 -8.11 -11.67
N ASP G 38 24.91 -8.01 -11.87
CA ASP G 38 25.61 -9.05 -12.62
C ASP G 38 25.75 -10.34 -11.82
N VAL G 39 25.83 -10.24 -10.50
CA VAL G 39 25.94 -11.42 -9.66
C VAL G 39 24.60 -12.13 -9.57
N LYS G 40 23.52 -11.36 -9.53
CA LYS G 40 22.18 -11.94 -9.44
C LYS G 40 21.75 -12.64 -10.72
N GLU G 41 22.32 -12.27 -11.87
CA GLU G 41 22.06 -13.00 -13.11
C GLU G 41 22.88 -14.28 -13.18
N ALA G 42 24.07 -14.30 -12.58
CA ALA G 42 24.89 -15.51 -12.56
C ALA G 42 24.33 -16.57 -11.61
N ILE G 43 23.63 -16.17 -10.55
CA ILE G 43 23.03 -17.14 -9.63
C ILE G 43 21.84 -17.84 -10.30
N ARG G 44 21.08 -17.10 -11.09
CA ARG G 44 19.95 -17.65 -11.84
C ARG G 44 20.37 -18.65 -12.91
N ARG G 45 21.61 -18.62 -13.37
CA ARG G 45 22.11 -19.50 -14.41
C ARG G 45 22.80 -20.75 -13.86
N LEU G 46 22.87 -20.92 -12.55
CA LEU G 46 23.57 -22.07 -12.00
C LEU G 46 22.74 -23.34 -12.19
N PRO G 47 23.39 -24.50 -12.33
CA PRO G 47 22.66 -25.76 -12.31
C PRO G 47 22.10 -26.06 -10.92
N GLU G 48 21.12 -26.95 -10.90
CA GLU G 48 20.25 -27.11 -9.74
C GLU G 48 20.96 -27.72 -8.53
N ASN G 49 22.01 -28.50 -8.76
CA ASN G 49 22.75 -29.09 -7.66
C ASN G 49 23.75 -28.11 -7.04
N LEU G 50 24.28 -27.17 -7.81
CA LEU G 50 25.19 -26.16 -7.25
C LEU G 50 24.42 -25.03 -6.58
N TYR G 51 23.19 -24.78 -7.02
CA TYR G 51 22.35 -23.80 -6.34
C TYR G 51 21.96 -24.28 -4.95
N ASN G 52 21.55 -25.54 -4.83
CA ASN G 52 21.07 -26.06 -3.54
C ASN G 52 22.21 -26.20 -2.53
N ASP G 53 23.44 -26.44 -3.01
CA ASP G 53 24.58 -26.49 -2.11
C ASP G 53 24.89 -25.12 -1.52
N ARG G 54 24.74 -24.07 -2.32
CA ARG G 54 25.07 -22.72 -1.87
C ARG G 54 24.05 -22.21 -0.86
N VAL G 55 22.77 -22.56 -1.05
CA VAL G 55 21.71 -22.09 -0.16
C VAL G 55 21.85 -22.69 1.22
N PHE G 56 22.26 -23.97 1.32
CA PHE G 56 22.41 -24.58 2.62
C PHE G 56 23.66 -24.08 3.36
N ARG G 57 24.75 -23.83 2.63
CA ARG G 57 25.97 -23.35 3.27
C ARG G 57 25.80 -21.95 3.84
N ILE G 58 24.98 -21.12 3.21
CA ILE G 58 24.72 -19.78 3.70
C ILE G 58 23.81 -19.81 4.92
N LYS G 59 22.80 -20.70 4.92
CA LYS G 59 21.88 -20.81 6.05
C LYS G 59 22.58 -21.35 7.29
N ARG G 60 23.50 -22.30 7.13
CA ARG G 60 24.26 -22.84 8.24
C ARG G 60 25.21 -21.79 8.84
N ALA G 61 25.76 -20.90 8.00
CA ALA G 61 26.64 -19.85 8.50
C ALA G 61 25.88 -18.71 9.18
N LEU G 62 24.66 -18.40 8.72
CA LEU G 62 23.85 -17.40 9.40
C LEU G 62 23.39 -17.88 10.77
N ASP G 63 23.15 -19.18 10.90
CA ASP G 63 22.73 -19.76 12.17
C ASP G 63 23.87 -19.81 13.18
N LEU G 64 25.11 -19.97 12.71
CA LEU G 64 26.27 -19.97 13.60
C LEU G 64 26.55 -18.58 14.15
N THR G 65 26.36 -17.54 13.33
CA THR G 65 26.61 -16.16 13.73
C THR G 65 25.56 -15.66 14.71
N MET G 66 24.34 -16.19 14.61
CA MET G 66 23.28 -15.88 15.59
C MET G 66 23.65 -16.38 16.99
N ARG G 67 24.33 -17.50 17.07
CA ARG G 67 24.73 -18.11 18.33
C ARG G 67 26.12 -17.68 18.78
N GLN G 68 26.83 -16.88 17.98
CA GLN G 68 28.23 -16.48 18.18
C GLN G 68 29.14 -17.69 18.34
N GLN G 69 29.04 -18.63 17.42
CA GLN G 69 29.83 -19.85 17.45
C GLN G 69 30.43 -20.14 16.09
N ILE G 70 31.44 -21.00 16.07
CA ILE G 70 32.08 -21.45 14.84
C ILE G 70 32.07 -22.97 14.82
N LEU G 71 32.54 -23.53 13.71
CA LEU G 71 32.56 -24.96 13.50
C LEU G 71 33.81 -25.58 14.13
N PRO G 72 33.81 -26.89 14.36
CA PRO G 72 35.07 -27.58 14.72
C PRO G 72 36.10 -27.46 13.61
N LYS G 73 37.37 -27.45 14.03
CA LYS G 73 38.48 -27.15 13.13
C LYS G 73 38.68 -28.20 12.04
N GLU G 74 38.20 -29.42 12.24
CA GLU G 74 38.25 -30.43 11.19
C GLU G 74 37.16 -30.24 10.13
N GLN G 75 36.21 -29.34 10.36
CA GLN G 75 35.17 -29.05 9.39
C GLN G 75 35.36 -27.70 8.70
N TRP G 76 36.51 -27.06 8.87
CA TRP G 76 36.77 -25.81 8.19
C TRP G 76 37.08 -26.06 6.71
N THR G 77 36.76 -25.09 5.87
CA THR G 77 37.03 -25.20 4.44
C THR G 77 38.51 -25.01 4.18
N LYS G 78 39.12 -25.99 3.50
CA LYS G 78 40.54 -25.94 3.22
C LYS G 78 40.84 -24.95 2.10
N TYR G 79 42.09 -24.48 2.07
CA TYR G 79 42.49 -23.48 1.08
C TYR G 79 42.58 -24.08 -0.31
N GLU G 80 43.25 -25.23 -0.44
CA GLU G 80 43.31 -25.92 -1.73
C GLU G 80 42.20 -26.93 -1.89
N GLU G 81 40.98 -26.55 -1.51
CA GLU G 81 39.78 -27.31 -1.82
C GLU G 81 38.61 -26.38 -2.11
N ASP G 82 38.87 -25.07 -2.18
CA ASP G 82 37.83 -24.09 -2.40
C ASP G 82 37.54 -23.99 -3.90
N LYS G 83 36.30 -24.28 -4.29
CA LYS G 83 35.90 -24.35 -5.68
C LYS G 83 35.25 -23.03 -6.08
N PHE G 84 35.78 -22.40 -7.12
CA PHE G 84 35.22 -21.14 -7.63
C PHE G 84 34.10 -21.44 -8.61
N TYR G 85 32.98 -21.89 -8.06
CA TYR G 85 31.87 -22.39 -8.86
C TYR G 85 31.14 -21.28 -9.62
N LEU G 86 31.23 -20.04 -9.16
CA LEU G 86 30.49 -18.94 -9.77
C LEU G 86 31.29 -18.16 -10.79
N GLU G 87 32.61 -18.26 -10.78
CA GLU G 87 33.45 -17.44 -11.65
C GLU G 87 33.30 -17.67 -13.16
N PRO G 88 33.07 -18.88 -13.69
CA PRO G 88 32.78 -18.96 -15.14
C PRO G 88 31.44 -18.37 -15.54
N TYR G 89 30.43 -18.42 -14.68
CA TYR G 89 29.13 -17.85 -15.03
C TYR G 89 29.14 -16.33 -14.93
N LEU G 90 30.02 -15.76 -14.11
CA LEU G 90 30.04 -14.32 -13.92
C LEU G 90 30.85 -13.61 -14.99
N LYS G 91 31.88 -14.25 -15.51
CA LYS G 91 32.68 -13.66 -16.58
C LYS G 91 31.91 -13.56 -17.88
N GLU G 92 30.93 -14.45 -18.08
CA GLU G 92 30.11 -14.42 -19.28
C GLU G 92 29.01 -13.37 -19.20
N VAL G 93 28.45 -13.15 -18.02
CA VAL G 93 27.40 -12.14 -17.82
C VAL G 93 27.99 -10.74 -18.03
N ILE G 94 29.22 -10.52 -17.57
CA ILE G 94 29.85 -9.21 -17.68
C ILE G 94 30.27 -8.92 -19.13
N ARG G 95 30.77 -9.93 -19.84
CA ARG G 95 31.11 -9.80 -21.26
C ARG G 95 29.89 -9.44 -22.11
N GLU G 96 28.71 -9.92 -21.73
CA GLU G 96 27.50 -9.54 -22.46
C GLU G 96 27.08 -8.12 -22.15
N ARG G 97 27.36 -7.62 -20.94
CA ARG G 97 27.01 -6.24 -20.62
C ARG G 97 27.93 -5.26 -21.34
N LYS G 98 29.20 -5.63 -21.49
CA LYS G 98 30.13 -4.75 -22.19
C LYS G 98 29.93 -4.77 -23.69
N GLU G 99 29.29 -5.81 -24.23
CA GLU G 99 28.97 -5.83 -25.65
C GLU G 99 27.79 -4.90 -25.97
N ARG G 100 26.79 -4.86 -25.10
CA ARG G 100 25.66 -3.96 -25.28
C ARG G 100 26.02 -2.51 -25.04
N GLU G 101 27.18 -2.22 -24.45
CA GLU G 101 27.61 -0.87 -24.18
C GLU G 101 28.50 -0.29 -25.26
N GLU G 102 29.33 -1.10 -25.93
CA GLU G 102 30.02 -0.62 -27.12
C GLU G 102 29.06 -0.39 -28.27
N TRP G 103 27.95 -1.14 -28.32
CA TRP G 103 26.97 -0.96 -29.39
C TRP G 103 26.18 0.33 -29.21
N ALA G 104 25.95 0.75 -27.97
CA ALA G 104 25.15 1.95 -27.71
C ALA G 104 25.92 3.24 -27.95
N LYS G 105 27.23 3.18 -28.12
CA LYS G 105 28.01 4.38 -28.43
C LYS G 105 28.70 4.29 -29.78
N LYS G 106 28.53 3.20 -30.52
CA LYS G 106 29.04 3.08 -31.86
C LYS G 106 27.97 2.49 -32.78
N ARG H 2 7.45 -8.02 -0.20
CA ARG H 2 8.22 -8.87 0.69
C ARG H 2 7.36 -9.41 1.83
N GLU H 3 6.66 -10.51 1.56
CA GLU H 3 5.92 -11.27 2.54
C GLU H 3 6.54 -12.66 2.64
N PHE H 4 6.09 -13.46 3.61
CA PHE H 4 6.88 -14.60 4.05
C PHE H 4 6.87 -15.76 3.06
N GLY H 5 5.77 -16.00 2.36
CA GLY H 5 5.82 -17.11 1.43
C GLY H 5 6.34 -16.79 0.03
N HIS H 6 6.91 -15.61 -0.19
CA HIS H 6 7.30 -15.15 -1.52
C HIS H 6 8.76 -14.71 -1.56
N LEU H 7 9.60 -15.26 -0.70
CA LEU H 7 10.95 -14.72 -0.55
C LEU H 7 11.98 -15.42 -1.43
N THR H 8 12.12 -16.75 -1.36
CA THR H 8 13.21 -17.43 -2.02
C THR H 8 12.82 -18.90 -2.27
N ARG H 9 13.69 -19.63 -2.96
CA ARG H 9 13.48 -21.03 -3.30
C ARG H 9 14.47 -21.91 -2.53
N MET H 10 13.95 -22.93 -1.83
CA MET H 10 14.80 -23.81 -1.02
C MET H 10 14.30 -25.25 -1.10
N ARG H 11 15.24 -26.20 -1.18
CA ARG H 11 14.94 -27.62 -1.29
C ARG H 11 15.85 -28.43 -0.37
N HIS H 12 15.28 -29.51 0.18
CA HIS H 12 15.98 -30.61 0.90
C HIS H 12 16.61 -30.18 2.23
N VAL H 13 15.93 -29.32 3.01
CA VAL H 13 16.47 -28.84 4.27
C VAL H 13 15.47 -29.12 5.38
N ILE H 14 15.92 -29.79 6.46
CA ILE H 14 15.09 -30.16 7.59
C ILE H 14 15.56 -29.44 8.84
N THR H 15 14.61 -28.89 9.62
CA THR H 15 14.87 -28.25 10.90
C THR H 15 14.08 -28.91 12.02
N TYR H 16 14.71 -29.04 13.18
CA TYR H 16 14.11 -29.59 14.40
C TYR H 16 14.16 -28.56 15.52
N SER H 17 13.05 -28.42 16.26
CA SER H 17 12.97 -27.44 17.34
C SER H 17 12.27 -28.03 18.55
N LEU H 18 12.47 -27.38 19.70
CA LEU H 18 11.90 -27.75 20.98
C LEU H 18 11.07 -26.60 21.54
N SER H 19 10.04 -26.94 22.30
CA SER H 19 9.20 -25.92 22.92
C SER H 19 9.96 -25.17 24.01
N PRO H 20 9.65 -23.89 24.23
CA PRO H 20 10.34 -23.14 25.30
C PRO H 20 10.01 -23.64 26.70
N PHE H 21 8.84 -24.22 26.91
CA PHE H 21 8.46 -24.78 28.20
C PHE H 21 9.05 -26.17 28.44
N GLU H 22 9.78 -26.74 27.49
CA GLU H 22 10.39 -28.05 27.65
C GLU H 22 11.89 -27.98 27.93
N GLN H 23 12.47 -26.78 27.92
CA GLN H 23 13.91 -26.65 28.05
C GLN H 23 14.24 -25.65 29.15
N ARG H 24 15.52 -25.60 29.51
CA ARG H 24 16.03 -24.63 30.47
C ARG H 24 16.33 -23.32 29.76
N ALA H 25 15.88 -22.21 30.34
CA ALA H 25 16.21 -20.90 29.76
C ALA H 25 17.68 -20.57 29.95
N PHE H 26 18.32 -21.11 30.99
CA PHE H 26 19.75 -20.95 31.21
C PHE H 26 20.43 -22.32 31.14
N PRO H 27 20.93 -22.69 29.95
CA PRO H 27 21.88 -23.82 29.83
C PRO H 27 23.27 -23.47 30.34
N HIS H 28 24.28 -24.27 29.91
CA HIS H 28 25.68 -23.99 30.22
C HIS H 28 26.04 -22.53 30.00
N TYR H 29 26.34 -21.85 31.15
CA TYR H 29 26.50 -20.40 31.17
C TYR H 29 27.94 -19.99 31.43
N PHE H 30 28.56 -20.52 32.48
CA PHE H 30 29.97 -20.30 32.73
C PHE H 30 30.84 -21.45 32.26
N THR H 31 30.24 -22.60 31.96
CA THR H 31 31.00 -23.72 31.40
C THR H 31 31.33 -23.47 29.93
N LYS H 32 30.34 -23.07 29.13
CA LYS H 32 30.57 -22.74 27.73
C LYS H 32 30.86 -21.27 27.49
N GLY H 33 30.20 -20.37 28.22
CA GLY H 33 30.24 -18.95 27.92
C GLY H 33 31.56 -18.25 28.19
N ILE H 34 32.24 -18.62 29.27
CA ILE H 34 33.53 -18.00 29.61
C ILE H 34 34.63 -18.39 28.62
N PRO H 35 34.82 -19.66 28.20
CA PRO H 35 35.81 -19.89 27.12
C PRO H 35 35.35 -19.41 25.74
N ASN H 36 34.07 -19.09 25.55
CA ASN H 36 33.63 -18.55 24.28
C ASN H 36 33.96 -17.07 24.15
N VAL H 37 33.75 -16.28 25.21
CA VAL H 37 34.07 -14.86 25.16
C VAL H 37 35.57 -14.60 25.23
N LEU H 38 36.38 -15.59 25.52
CA LEU H 38 37.83 -15.46 25.44
C LEU H 38 38.36 -15.76 24.04
N ARG H 39 37.68 -16.63 23.29
CA ARG H 39 38.03 -16.86 21.89
C ARG H 39 37.69 -15.64 21.04
N ARG H 40 36.55 -15.00 21.33
CA ARG H 40 36.14 -13.81 20.60
C ARG H 40 37.02 -12.60 20.94
N THR H 41 37.53 -12.53 22.17
CA THR H 41 38.42 -11.44 22.54
C THR H 41 39.78 -11.58 21.87
N ARG H 42 40.28 -12.81 21.77
CA ARG H 42 41.58 -13.05 21.15
C ARG H 42 41.53 -12.81 19.63
N ALA H 43 40.39 -13.13 18.99
CA ALA H 43 40.29 -13.01 17.54
C ALA H 43 40.24 -11.57 17.06
N CYS H 44 39.86 -10.62 17.92
CA CYS H 44 39.72 -9.23 17.49
C CYS H 44 40.68 -8.27 18.18
N ILE H 45 41.62 -8.75 19.00
CA ILE H 45 42.42 -7.84 19.80
C ILE H 45 43.55 -7.18 18.98
N LEU H 46 44.02 -7.83 17.92
CA LEU H 46 45.11 -7.25 17.14
C LEU H 46 44.62 -6.28 16.09
N ARG H 47 43.31 -6.17 15.89
CA ARG H 47 42.74 -5.22 14.94
C ARG H 47 42.27 -3.95 15.62
N VAL H 48 41.68 -4.04 16.80
CA VAL H 48 41.05 -2.90 17.45
C VAL H 48 42.03 -2.13 18.33
N ALA H 49 42.83 -2.83 19.13
CA ALA H 49 43.67 -2.21 20.16
C ALA H 49 44.88 -1.36 19.70
N PRO H 50 45.68 -1.73 18.69
CA PRO H 50 46.88 -0.91 18.35
C PRO H 50 46.61 0.52 17.89
N PRO H 51 45.44 0.86 17.31
CA PRO H 51 45.17 2.31 17.14
C PRO H 51 45.03 3.09 18.44
N PHE H 52 44.40 2.51 19.46
CA PHE H 52 44.17 3.24 20.70
C PHE H 52 45.41 3.31 21.57
N VAL H 53 46.42 2.49 21.31
CA VAL H 53 47.71 2.65 21.99
C VAL H 53 48.44 3.89 21.48
N VAL H 54 48.38 4.14 20.16
CA VAL H 54 49.06 5.30 19.59
C VAL H 54 48.38 6.61 20.00
N PHE H 55 47.07 6.58 20.30
CA PHE H 55 46.44 7.76 20.87
C PHE H 55 46.96 8.03 22.28
N TYR H 56 47.28 6.98 23.02
CA TYR H 56 47.76 7.16 24.39
C TYR H 56 49.15 7.77 24.43
N LEU H 57 50.02 7.37 23.50
CA LEU H 57 51.39 7.89 23.49
C LEU H 57 51.44 9.33 23.01
N VAL H 58 50.55 9.70 22.09
CA VAL H 58 50.49 11.08 21.61
C VAL H 58 49.90 11.99 22.69
N TYR H 59 48.94 11.47 23.46
CA TYR H 59 48.33 12.25 24.54
C TYR H 59 49.32 12.54 25.67
N THR H 60 50.20 11.59 25.98
CA THR H 60 51.16 11.81 27.06
C THR H 60 52.27 12.76 26.63
N TRP H 61 52.74 12.62 25.39
CA TRP H 61 53.73 13.54 24.84
C TRP H 61 53.16 14.94 24.64
N GLY H 62 51.85 15.07 24.46
CA GLY H 62 51.26 16.36 24.16
C GLY H 62 50.95 17.18 25.40
N THR H 63 50.66 16.53 26.52
CA THR H 63 50.44 17.23 27.78
C THR H 63 51.73 17.49 28.53
N GLN H 64 52.78 16.71 28.28
CA GLN H 64 54.05 16.91 28.97
C GLN H 64 54.90 17.98 28.29
N GLU H 65 54.81 18.10 26.96
CA GLU H 65 55.48 19.16 26.23
C GLU H 65 54.71 20.46 26.26
N PHE H 66 53.49 20.44 26.80
CA PHE H 66 52.78 21.68 27.08
C PHE H 66 53.24 22.31 28.38
N GLU H 67 53.60 21.49 29.37
CA GLU H 67 54.07 22.01 30.64
C GLU H 67 55.56 22.29 30.64
N LYS H 68 56.33 21.63 29.78
CA LYS H 68 57.73 22.01 29.58
C LYS H 68 57.87 23.03 28.46
N SER H 69 57.00 24.03 28.48
CA SER H 69 57.05 25.28 27.74
C SER H 69 56.74 26.46 28.63
N LYS H 70 55.83 26.29 29.60
CA LYS H 70 55.50 27.33 30.55
C LYS H 70 56.46 27.38 31.73
N ARG H 71 57.28 26.34 31.90
CA ARG H 71 58.31 26.32 32.92
C ARG H 71 59.55 27.05 32.43
N LYS H 72 60.45 27.35 33.37
CA LYS H 72 61.72 27.98 33.02
C LYS H 72 62.80 27.62 34.03
N ALA I 1 6.33 -38.88 43.12
CA ALA I 1 6.68 -37.67 42.40
C ALA I 1 5.89 -36.47 42.92
N ALA I 2 6.14 -36.11 44.17
CA ALA I 2 5.49 -34.94 44.76
C ALA I 2 6.12 -33.67 44.19
N PRO I 3 5.32 -32.69 43.77
CA PRO I 3 5.89 -31.49 43.15
C PRO I 3 6.42 -30.50 44.18
N THR I 4 6.94 -29.37 43.71
CA THR I 4 7.36 -28.29 44.59
C THR I 4 6.22 -27.28 44.74
N LEU I 5 6.47 -26.23 45.50
CA LEU I 5 5.47 -25.19 45.73
C LEU I 5 5.53 -24.11 44.65
N THR I 6 5.40 -24.52 43.39
CA THR I 6 5.21 -23.62 42.26
C THR I 6 3.80 -23.68 41.70
N ALA I 7 2.96 -24.59 42.18
CA ALA I 7 1.51 -24.52 41.96
C ALA I 7 0.95 -23.53 42.98
N ARG I 8 1.26 -22.25 42.71
CA ARG I 8 1.08 -21.09 43.58
C ARG I 8 -0.38 -20.79 43.89
N LEU I 9 -1.12 -20.34 42.89
CA LEU I 9 -2.57 -20.42 42.83
C LEU I 9 -3.04 -20.66 41.39
N TYR I 10 -2.23 -21.38 40.59
CA TYR I 10 -2.41 -21.55 39.14
C TYR I 10 -3.76 -22.14 38.79
N SER I 11 -4.27 -23.06 39.61
CA SER I 11 -5.60 -23.63 39.38
C SER I 11 -6.70 -22.75 39.96
N LEU I 12 -6.35 -21.69 40.68
CA LEU I 12 -7.30 -20.92 41.47
C LEU I 12 -7.61 -19.56 40.86
N LEU I 13 -6.59 -18.83 40.38
CA LEU I 13 -6.78 -17.51 39.82
C LEU I 13 -6.12 -17.28 38.46
N PHE I 14 -5.10 -18.07 38.10
CA PHE I 14 -4.19 -17.66 37.02
C PHE I 14 -4.40 -18.41 35.71
N ARG I 15 -5.36 -19.34 35.63
CA ARG I 15 -5.46 -20.15 34.42
C ARG I 15 -6.19 -19.38 33.31
N ARG I 16 -7.32 -18.75 33.63
CA ARG I 16 -8.19 -18.19 32.60
C ARG I 16 -7.73 -16.79 32.12
N THR I 17 -6.48 -16.40 32.43
CA THR I 17 -5.85 -15.08 32.25
C THR I 17 -6.80 -13.92 32.56
N SER I 18 -7.60 -14.07 33.60
CA SER I 18 -8.37 -12.94 34.09
C SER I 18 -7.50 -12.02 34.92
N THR I 19 -6.51 -12.59 35.61
CA THR I 19 -5.55 -11.82 36.38
C THR I 19 -4.67 -10.93 35.51
N PHE I 20 -4.33 -11.38 34.30
CA PHE I 20 -3.23 -10.79 33.54
C PHE I 20 -3.62 -9.45 32.91
N ALA I 21 -4.90 -9.28 32.58
CA ALA I 21 -5.41 -8.07 31.96
C ALA I 21 -5.44 -6.87 32.90
N LEU I 22 -5.45 -7.11 34.21
CA LEU I 22 -5.68 -6.04 35.18
C LEU I 22 -4.73 -6.11 36.37
N THR I 23 -3.48 -6.53 36.15
CA THR I 23 -2.45 -6.46 37.19
C THR I 23 -1.85 -5.08 37.35
N ILE I 24 -2.18 -4.14 36.46
CA ILE I 24 -1.83 -2.74 36.71
C ILE I 24 -2.71 -2.19 37.82
N ALA I 25 -3.90 -2.78 38.01
CA ALA I 25 -4.93 -2.24 38.90
C ALA I 25 -5.24 -3.16 40.07
N VAL I 26 -5.63 -4.41 39.80
CA VAL I 26 -6.03 -5.33 40.86
C VAL I 26 -4.82 -5.87 41.61
N GLY I 27 -3.95 -6.58 40.91
CA GLY I 27 -2.75 -7.11 41.51
C GLY I 27 -1.64 -6.06 41.57
N ALA I 28 -1.87 -5.00 42.34
CA ALA I 28 -0.97 -3.85 42.33
C ALA I 28 -0.44 -3.45 43.69
N LEU I 29 -0.88 -4.08 44.77
CA LEU I 29 -0.54 -3.63 46.11
C LEU I 29 0.71 -4.35 46.58
N PHE I 30 1.00 -4.30 47.89
CA PHE I 30 2.17 -4.88 48.57
C PHE I 30 3.50 -4.23 48.17
N PHE I 31 3.51 -3.14 47.38
CA PHE I 31 4.78 -2.61 46.92
C PHE I 31 4.83 -1.08 46.92
N GLU I 32 3.93 -0.42 47.65
CA GLU I 32 4.21 0.94 48.10
C GLU I 32 4.31 1.07 49.61
N ARG I 33 3.29 0.67 50.37
CA ARG I 33 3.28 0.86 51.80
C ARG I 33 3.95 -0.27 52.54
N ALA I 34 4.07 -1.44 51.90
CA ALA I 34 4.88 -2.51 52.47
C ALA I 34 6.36 -2.25 52.30
N PHE I 35 6.73 -1.42 51.34
CA PHE I 35 8.10 -0.91 51.22
C PHE I 35 8.26 0.42 51.96
N ASP I 36 7.85 0.45 53.24
CA ASP I 36 8.47 1.35 54.20
C ASP I 36 9.74 0.72 54.75
N GLN I 37 9.89 -0.59 54.54
CA GLN I 37 11.11 -1.34 54.81
C GLN I 37 12.25 -0.96 53.87
N GLY I 38 11.96 -0.24 52.80
CA GLY I 38 12.94 0.00 51.75
C GLY I 38 13.80 1.21 51.95
N ALA I 39 13.67 2.21 51.07
CA ALA I 39 14.72 3.21 50.90
C ALA I 39 14.78 4.19 52.06
N ASP I 40 13.63 4.57 52.63
CA ASP I 40 13.60 5.64 53.62
C ASP I 40 14.22 5.21 54.95
N ALA I 41 14.05 3.94 55.33
CA ALA I 41 14.76 3.44 56.50
C ALA I 41 16.24 3.21 56.22
N ILE I 42 16.62 3.03 54.95
CA ILE I 42 18.02 2.88 54.62
C ILE I 42 18.69 4.25 54.48
N TYR I 43 18.00 5.21 53.86
CA TYR I 43 18.59 6.52 53.58
C TYR I 43 18.83 7.32 54.85
N GLU I 44 17.92 7.23 55.83
CA GLU I 44 18.10 7.91 57.09
C GLU I 44 19.09 7.21 58.01
N HIS I 45 19.44 5.97 57.71
CA HIS I 45 20.43 5.26 58.51
C HIS I 45 21.86 5.62 58.12
N ILE I 46 22.09 5.90 56.83
CA ILE I 46 23.40 6.39 56.39
C ILE I 46 23.61 7.83 56.81
N ASN I 47 22.52 8.56 57.06
CA ASN I 47 22.57 9.99 57.35
C ASN I 47 21.97 10.27 58.72
N GLN I 48 22.35 9.49 59.71
CA GLN I 48 21.81 9.63 61.06
C GLN I 48 22.33 10.91 61.72
N GLY I 49 21.41 11.73 62.22
CA GLY I 49 21.78 12.96 62.87
C GLY I 49 22.21 14.07 61.93
N LYS I 50 21.86 13.96 60.65
CA LYS I 50 22.21 14.97 59.67
C LYS I 50 21.02 15.60 58.95
N LEU I 51 19.87 14.92 58.92
CA LEU I 51 18.69 15.50 58.30
C LEU I 51 18.02 16.47 59.27
N TRP I 52 17.04 17.22 58.76
CA TRP I 52 16.38 18.21 59.58
C TRP I 52 15.50 17.59 60.65
N LYS I 53 14.80 16.50 60.34
CA LYS I 53 13.91 15.93 61.34
C LYS I 53 14.65 15.09 62.39
N HIS I 54 15.97 15.03 62.30
CA HIS I 54 16.81 14.59 63.42
C HIS I 54 17.17 15.74 64.35
N ILE I 55 17.65 16.85 63.80
CA ILE I 55 17.88 18.06 64.62
C ILE I 55 16.58 18.86 64.57
N LYS I 56 15.61 18.39 65.34
CA LYS I 56 14.33 19.07 65.39
C LYS I 56 13.84 19.38 66.80
N HIS I 57 14.06 18.49 67.77
CA HIS I 57 13.64 18.74 69.14
C HIS I 57 14.45 19.85 69.80
N LYS I 58 15.61 20.18 69.26
CA LYS I 58 16.45 21.25 69.80
C LYS I 58 15.85 22.63 69.56
N TYR I 59 14.90 22.77 68.62
CA TYR I 59 14.47 24.08 68.17
C TYR I 59 12.96 24.29 68.15
N GLU I 60 12.17 23.40 68.74
CA GLU I 60 10.78 23.71 69.02
C GLU I 60 10.53 23.63 70.52
N ASN I 61 9.45 24.29 70.96
CA ASN I 61 8.99 24.33 72.35
C ASN I 61 10.07 24.87 73.28
N LYS I 62 10.83 25.84 72.79
CA LYS I 62 11.93 26.45 73.52
C LYS I 62 11.39 27.53 74.46
N MET J 1 -35.13 -2.86 15.98
CA MET J 1 -34.86 -4.06 15.21
C MET J 1 -33.43 -4.55 15.43
N LEU J 2 -33.01 -4.55 16.69
CA LEU J 2 -31.76 -5.15 17.14
C LEU J 2 -32.02 -6.42 17.93
N SER J 3 -32.89 -7.26 17.43
CA SER J 3 -33.41 -8.46 18.07
C SER J 3 -32.47 -9.67 18.00
N ARG J 4 -31.16 -9.39 17.62
CA ARG J 4 -30.15 -10.44 17.68
C ARG J 4 -29.80 -10.83 19.11
N PHE J 5 -30.05 -9.93 20.07
CA PHE J 5 -29.96 -10.27 21.48
C PHE J 5 -31.10 -11.18 21.93
N LEU J 6 -32.24 -11.13 21.25
CA LEU J 6 -33.43 -11.87 21.64
C LEU J 6 -33.46 -13.18 20.86
N GLY J 7 -32.87 -14.22 21.45
CA GLY J 7 -32.87 -15.55 20.86
C GLY J 7 -32.89 -16.63 21.91
N PRO J 8 -33.46 -17.78 21.59
CA PRO J 8 -33.55 -18.88 22.55
C PRO J 8 -32.31 -19.77 22.64
N ARG J 9 -31.28 -19.53 21.83
CA ARG J 9 -30.03 -20.27 21.93
C ARG J 9 -28.91 -19.43 22.54
N TYR J 10 -28.87 -18.13 22.26
CA TYR J 10 -27.84 -17.25 22.79
C TYR J 10 -28.29 -16.55 24.06
N ARG J 11 -29.05 -17.24 24.91
CA ARG J 11 -29.19 -16.88 26.32
C ARG J 11 -27.96 -17.32 27.12
N GLU J 12 -27.27 -18.37 26.67
CA GLU J 12 -25.99 -18.74 27.28
C GLU J 12 -24.84 -17.89 26.78
N LEU J 13 -25.12 -16.86 25.98
CA LEU J 13 -24.18 -15.78 25.69
C LEU J 13 -23.63 -15.15 26.97
N ALA J 14 -24.52 -14.79 27.90
CA ALA J 14 -24.14 -14.04 29.09
C ALA J 14 -23.76 -14.94 30.27
N ARG J 15 -23.85 -16.27 30.12
CA ARG J 15 -23.54 -17.18 31.21
C ARG J 15 -22.14 -17.78 31.13
N ASN J 16 -21.49 -17.69 29.98
CA ASN J 16 -20.08 -18.06 29.87
C ASN J 16 -19.15 -16.86 30.01
N TRP J 17 -19.71 -15.64 30.03
CA TRP J 17 -18.88 -14.44 30.02
C TRP J 17 -18.89 -13.68 31.34
N ILE J 18 -20.01 -13.66 32.06
CA ILE J 18 -20.06 -13.01 33.37
C ILE J 18 -19.24 -13.72 34.47
N PRO J 19 -18.93 -15.05 34.46
CA PRO J 19 -17.99 -15.55 35.49
C PRO J 19 -16.57 -15.03 35.37
N THR J 20 -16.17 -14.48 34.22
CA THR J 20 -15.00 -13.61 34.20
C THR J 20 -15.21 -12.40 35.09
N ALA J 21 -16.34 -11.73 34.93
CA ALA J 21 -16.52 -10.37 35.42
C ALA J 21 -17.05 -10.28 36.84
N SER J 22 -16.74 -11.24 37.71
CA SER J 22 -17.21 -11.22 39.10
C SER J 22 -16.63 -10.07 39.92
N MET J 23 -15.49 -9.51 39.51
CA MET J 23 -14.91 -8.34 40.14
C MET J 23 -14.83 -7.15 39.18
N TRP J 24 -15.12 -7.37 37.91
CA TRP J 24 -14.73 -6.45 36.83
C TRP J 24 -15.61 -5.22 36.77
N GLY J 25 -16.73 -5.20 37.49
CA GLY J 25 -17.46 -3.96 37.69
C GLY J 25 -17.01 -3.16 38.88
N ALA J 26 -16.03 -3.66 39.64
CA ALA J 26 -15.54 -2.98 40.84
C ALA J 26 -14.02 -2.90 40.87
N VAL J 27 -13.36 -3.12 39.74
CA VAL J 27 -11.91 -2.96 39.66
C VAL J 27 -11.50 -1.49 39.67
N GLY J 28 -12.42 -0.58 39.35
CA GLY J 28 -12.15 0.84 39.57
C GLY J 28 -12.14 1.22 41.03
N ALA J 29 -12.83 0.44 41.87
CA ALA J 29 -12.77 0.59 43.32
C ALA J 29 -11.66 -0.24 43.94
N VAL J 30 -10.86 -0.94 43.13
CA VAL J 30 -9.72 -1.69 43.62
C VAL J 30 -8.46 -1.07 43.03
N GLY J 31 -8.54 -0.70 41.75
CA GLY J 31 -7.35 -0.35 41.00
C GLY J 31 -7.09 1.11 40.70
N LEU J 32 -8.12 1.93 40.53
CA LEU J 32 -7.86 3.33 40.21
C LEU J 32 -7.41 4.12 41.44
N VAL J 33 -7.92 3.75 42.63
CA VAL J 33 -7.53 4.42 43.88
C VAL J 33 -6.08 4.14 44.28
N TRP J 34 -5.42 3.18 43.60
CA TRP J 34 -3.98 3.02 43.64
C TRP J 34 -3.24 4.25 43.12
N ALA J 35 -3.89 5.12 42.34
CA ALA J 35 -3.26 6.32 41.77
C ALA J 35 -4.06 7.61 41.92
N THR J 36 -5.23 7.59 42.56
CA THR J 36 -6.02 8.81 42.67
C THR J 36 -5.53 9.76 43.75
N ASP J 37 -4.82 9.24 44.76
CA ASP J 37 -4.58 9.92 46.05
C ASP J 37 -5.90 10.40 46.67
N TRP J 38 -6.82 9.45 46.79
CA TRP J 38 -8.00 9.59 47.62
C TRP J 38 -7.97 8.54 48.72
N ARG J 39 -9.07 8.49 49.47
CA ARG J 39 -9.27 7.49 50.51
C ARG J 39 -10.59 6.73 50.31
N LEU J 40 -10.80 6.20 49.09
CA LEU J 40 -12.06 5.52 48.79
C LEU J 40 -12.19 4.22 49.56
N ILE J 41 -11.25 3.30 49.36
CA ILE J 41 -11.22 2.04 50.08
C ILE J 41 -10.14 2.00 51.15
N LEU J 42 -9.51 3.14 51.44
CA LEU J 42 -8.44 3.20 52.41
C LEU J 42 -8.94 3.23 53.84
N ASP J 43 -10.26 3.35 54.05
CA ASP J 43 -10.87 3.19 55.36
C ASP J 43 -11.43 1.79 55.58
N TRP J 44 -11.58 1.02 54.51
CA TRP J 44 -12.18 -0.32 54.59
C TRP J 44 -11.33 -1.27 55.44
N VAL J 45 -10.01 -1.23 55.28
CA VAL J 45 -9.14 -2.23 55.87
C VAL J 45 -8.15 -1.51 56.80
N PRO J 46 -7.67 -2.14 57.86
CA PRO J 46 -6.45 -1.65 58.54
C PRO J 46 -5.15 -2.06 57.87
N TYR J 47 -5.23 -2.59 56.64
CA TYR J 47 -4.10 -2.90 55.78
C TYR J 47 -3.22 -1.68 55.50
N ILE J 48 -3.84 -0.53 55.22
CA ILE J 48 -3.13 0.65 54.70
C ILE J 48 -3.50 1.88 55.53
N ASN J 49 -2.52 2.48 56.20
CA ASN J 49 -2.57 3.88 56.60
C ASN J 49 -1.14 4.38 56.84
N MET K 1 -29.65 -59.77 -15.93
CA MET K 1 -30.18 -60.03 -14.60
C MET K 1 -29.60 -59.11 -13.56
N LEU K 2 -28.28 -59.06 -13.51
CA LEU K 2 -27.55 -58.55 -12.37
C LEU K 2 -26.96 -57.18 -12.68
N SER K 3 -26.15 -56.68 -11.74
CA SER K 3 -25.51 -55.38 -11.85
C SER K 3 -24.37 -55.43 -12.87
N VAL K 4 -23.78 -54.25 -13.11
CA VAL K 4 -22.52 -54.20 -13.82
C VAL K 4 -21.34 -54.39 -12.87
N ALA K 5 -21.56 -54.31 -11.57
CA ALA K 5 -20.48 -54.53 -10.59
C ALA K 5 -20.31 -56.00 -10.24
N SER K 6 -21.33 -56.83 -10.50
CA SER K 6 -21.20 -58.26 -10.25
C SER K 6 -20.26 -58.89 -11.26
N ARG K 7 -20.52 -58.70 -12.54
CA ARG K 7 -19.61 -59.09 -13.62
C ARG K 7 -18.65 -57.91 -13.78
N SER K 8 -17.56 -57.95 -13.03
CA SER K 8 -16.83 -56.74 -12.69
C SER K 8 -16.01 -56.20 -13.85
N GLY K 9 -15.83 -54.88 -13.86
CA GLY K 9 -15.04 -54.23 -14.89
C GLY K 9 -15.53 -52.90 -15.46
N PRO K 10 -16.82 -52.72 -15.74
CA PRO K 10 -17.27 -51.38 -16.13
C PRO K 10 -17.45 -50.50 -14.91
N PHE K 11 -17.04 -49.25 -15.03
CA PHE K 11 -16.84 -48.42 -13.86
C PHE K 11 -17.96 -47.42 -13.65
N ALA K 12 -17.94 -46.82 -12.47
CA ALA K 12 -18.99 -46.02 -11.90
C ALA K 12 -18.40 -44.88 -11.09
N PRO K 13 -18.87 -43.64 -11.26
CA PRO K 13 -18.50 -42.57 -10.33
C PRO K 13 -19.56 -42.26 -9.28
N VAL K 14 -19.16 -41.70 -8.13
CA VAL K 14 -20.11 -41.24 -7.13
C VAL K 14 -19.82 -39.79 -6.76
N LEU K 15 -20.87 -39.08 -6.33
CA LEU K 15 -20.78 -37.79 -5.68
C LEU K 15 -21.52 -37.87 -4.34
N SER K 16 -20.94 -37.33 -3.28
CA SER K 16 -21.63 -37.24 -2.01
C SER K 16 -21.90 -35.79 -1.62
N ALA K 17 -22.63 -35.62 -0.52
CA ALA K 17 -22.84 -34.33 0.13
C ALA K 17 -21.80 -34.02 1.19
N THR K 18 -21.39 -35.04 1.96
CA THR K 18 -20.38 -34.87 3.01
C THR K 18 -19.24 -35.87 2.87
N SER K 19 -19.10 -36.54 1.73
CA SER K 19 -18.03 -37.50 1.52
C SER K 19 -17.41 -37.27 0.15
N ARG K 20 -16.31 -37.98 -0.11
CA ARG K 20 -15.47 -37.71 -1.28
C ARG K 20 -15.98 -38.46 -2.51
N GLY K 21 -15.50 -38.03 -3.67
CA GLY K 21 -15.86 -38.66 -4.93
C GLY K 21 -14.98 -39.87 -5.21
N VAL K 22 -15.62 -40.97 -5.60
CA VAL K 22 -14.95 -42.24 -5.86
C VAL K 22 -15.14 -42.59 -7.33
N ALA K 23 -14.13 -43.22 -7.93
CA ALA K 23 -14.21 -43.71 -9.30
C ALA K 23 -14.05 -45.22 -9.31
N GLY K 24 -15.04 -45.92 -9.87
CA GLY K 24 -14.87 -47.30 -10.29
C GLY K 24 -14.90 -48.31 -9.15
N ALA K 25 -14.76 -49.56 -9.54
CA ALA K 25 -14.68 -50.68 -8.60
C ALA K 25 -13.34 -51.39 -8.67
N LEU K 26 -12.95 -51.91 -9.83
CA LEU K 26 -11.73 -52.68 -10.00
C LEU K 26 -10.64 -51.89 -10.74
N ARG K 27 -10.72 -50.56 -10.74
CA ARG K 27 -9.68 -49.77 -11.38
C ARG K 27 -8.36 -49.82 -10.62
N PRO K 28 -8.32 -49.68 -9.27
CA PRO K 28 -7.01 -50.04 -8.67
C PRO K 28 -6.90 -51.52 -8.33
N LEU K 29 -6.92 -52.37 -9.36
CA LEU K 29 -6.78 -53.80 -9.16
C LEU K 29 -5.30 -54.11 -8.97
N VAL K 30 -5.01 -55.08 -8.10
CA VAL K 30 -3.69 -55.13 -7.48
C VAL K 30 -2.95 -56.38 -7.90
N GLN K 31 -1.75 -56.55 -7.32
CA GLN K 31 -0.59 -57.26 -7.89
C GLN K 31 -0.13 -56.64 -9.20
N ALA K 32 -0.40 -55.36 -9.36
CA ALA K 32 0.51 -54.43 -9.99
C ALA K 32 1.28 -53.64 -8.95
N ALA K 33 0.85 -53.72 -7.69
CA ALA K 33 1.47 -53.02 -6.58
C ALA K 33 2.51 -53.86 -5.84
N LEU K 34 2.37 -55.20 -5.83
CA LEU K 34 3.43 -56.08 -5.35
C LEU K 34 4.60 -56.14 -6.34
N PRO K 35 4.40 -56.20 -7.67
CA PRO K 35 5.49 -55.79 -8.56
C PRO K 35 5.89 -54.34 -8.32
N ALA K 36 7.20 -54.10 -8.43
CA ALA K 36 7.81 -52.95 -7.78
C ALA K 36 7.51 -51.63 -8.49
N THR K 37 7.52 -50.56 -7.69
CA THR K 37 7.46 -49.16 -8.12
C THR K 37 6.17 -48.87 -8.91
N SER K 38 5.08 -48.95 -8.18
CA SER K 38 3.82 -48.34 -8.57
C SER K 38 3.56 -47.20 -7.61
N GLU K 39 3.83 -45.98 -8.06
CA GLU K 39 3.70 -44.79 -7.24
C GLU K 39 2.44 -44.03 -7.62
N SER K 40 1.64 -43.68 -6.63
CA SER K 40 0.57 -42.72 -6.83
C SER K 40 1.15 -41.32 -6.71
N PRO K 41 1.04 -40.48 -7.74
CA PRO K 41 1.73 -39.18 -7.71
C PRO K 41 1.09 -38.19 -6.75
N VAL K 42 1.84 -37.12 -6.48
CA VAL K 42 1.32 -35.97 -5.77
C VAL K 42 0.39 -35.22 -6.72
N LEU K 43 -0.69 -34.69 -6.18
CA LEU K 43 -1.75 -34.10 -6.99
C LEU K 43 -1.83 -32.59 -6.74
N ASP K 44 -2.53 -31.90 -7.63
CA ASP K 44 -2.79 -30.47 -7.48
C ASP K 44 -4.19 -30.20 -6.96
N ALA K 45 -5.15 -31.04 -7.33
CA ALA K 45 -6.42 -31.10 -6.64
C ALA K 45 -6.50 -32.45 -5.92
N LYS K 46 -5.87 -32.54 -4.75
CA LYS K 46 -5.72 -33.85 -4.14
C LYS K 46 -6.85 -34.14 -3.17
N ARG K 47 -7.11 -35.43 -2.97
CA ARG K 47 -8.30 -35.91 -2.30
C ARG K 47 -7.91 -36.90 -1.21
N SER K 48 -8.83 -37.14 -0.28
CA SER K 48 -8.65 -38.17 0.73
C SER K 48 -9.32 -39.44 0.23
N PHE K 49 -8.58 -40.55 0.26
CA PHE K 49 -9.02 -41.74 -0.46
C PHE K 49 -9.77 -42.69 0.46
N LEU K 50 -9.38 -42.77 1.73
CA LEU K 50 -10.13 -43.58 2.67
C LEU K 50 -11.42 -42.88 3.06
N CYS K 51 -11.40 -41.54 3.07
CA CYS K 51 -12.54 -40.63 2.85
C CYS K 51 -13.70 -40.86 3.82
N ARG K 52 -13.35 -41.30 5.05
CA ARG K 52 -14.24 -41.58 6.18
C ARG K 52 -15.11 -42.83 5.96
N GLU K 53 -15.07 -43.40 4.74
CA GLU K 53 -15.99 -44.45 4.32
C GLU K 53 -15.72 -45.78 5.03
N SER K 54 -14.54 -45.96 5.61
CA SER K 54 -14.28 -47.05 6.56
C SER K 54 -13.62 -46.40 7.79
N LEU K 55 -14.45 -45.84 8.65
CA LEU K 55 -14.01 -45.27 9.92
C LEU K 55 -14.53 -46.16 11.04
N SER K 56 -13.81 -46.20 12.16
CA SER K 56 -14.24 -47.06 13.25
C SER K 56 -15.40 -46.49 14.05
N GLY K 57 -15.68 -45.20 13.93
CA GLY K 57 -16.72 -44.57 14.72
C GLY K 57 -16.15 -43.76 15.87
N THR L 1 8.64 1.67 -15.55
CA THR L 1 9.67 2.52 -16.14
C THR L 1 9.05 3.91 -16.20
N ASN L 2 7.74 3.95 -15.99
CA ASN L 2 7.05 5.18 -15.62
C ASN L 2 7.38 5.46 -14.16
N ILE L 3 8.09 6.56 -13.90
CA ILE L 3 8.64 6.81 -12.57
C ILE L 3 7.56 7.20 -11.56
N ARG L 4 6.42 7.72 -12.00
CA ARG L 4 5.37 8.07 -11.05
C ARG L 4 4.47 6.89 -10.71
N LYS L 5 4.76 5.69 -11.23
CA LYS L 5 4.05 4.49 -10.87
C LYS L 5 4.92 3.49 -10.13
N SER L 6 6.20 3.76 -9.95
CA SER L 6 7.12 2.78 -9.39
C SER L 6 8.01 3.33 -8.28
N HIS L 7 8.21 4.64 -8.18
CA HIS L 7 8.98 5.20 -7.07
C HIS L 7 8.18 5.08 -5.77
N PRO L 8 8.82 4.72 -4.66
CA PRO L 8 8.07 4.44 -3.42
C PRO L 8 7.35 5.64 -2.82
N LEU L 9 7.88 6.83 -2.99
CA LEU L 9 7.20 8.02 -2.48
C LEU L 9 6.29 8.65 -3.52
N MET L 10 6.64 8.57 -4.79
CA MET L 10 5.85 9.19 -5.85
C MET L 10 4.55 8.43 -6.11
N LYS L 11 4.55 7.11 -5.89
CA LYS L 11 3.35 6.33 -6.15
C LYS L 11 2.30 6.50 -5.07
N ILE L 12 2.67 7.01 -3.89
CA ILE L 12 1.66 7.37 -2.89
C ILE L 12 0.93 8.65 -3.32
N ILE L 13 1.67 9.62 -3.86
CA ILE L 13 1.08 10.87 -4.32
C ILE L 13 0.22 10.63 -5.55
N ASN L 14 0.65 9.71 -6.42
CA ASN L 14 -0.09 9.43 -7.66
C ASN L 14 -1.43 8.77 -7.37
N ASN L 15 -1.47 7.84 -6.42
CA ASN L 15 -2.73 7.20 -6.07
C ASN L 15 -3.67 8.12 -5.30
N ALA L 16 -3.13 9.16 -4.67
CA ALA L 16 -3.96 10.03 -3.84
C ALA L 16 -4.51 11.24 -4.58
N PHE L 17 -3.76 11.79 -5.53
CA PHE L 17 -4.13 13.07 -6.11
C PHE L 17 -4.21 13.07 -7.63
N ILE L 18 -3.46 12.19 -8.30
CA ILE L 18 -3.32 12.29 -9.75
C ILE L 18 -4.22 11.29 -10.46
N ASP L 19 -4.00 9.99 -10.23
CA ASP L 19 -4.72 8.95 -10.93
C ASP L 19 -5.95 8.45 -10.18
N LEU L 20 -6.44 9.22 -9.23
CA LEU L 20 -7.55 8.79 -8.38
C LEU L 20 -8.86 8.84 -9.16
N PRO L 21 -9.65 7.76 -9.15
CA PRO L 21 -10.95 7.79 -9.85
C PRO L 21 -11.96 8.61 -9.06
N ALA L 22 -12.67 9.50 -9.76
CA ALA L 22 -13.56 10.46 -9.14
C ALA L 22 -14.84 10.52 -9.95
N PRO L 23 -15.98 10.75 -9.31
CA PRO L 23 -17.23 10.91 -10.06
C PRO L 23 -17.21 12.17 -10.91
N SER L 24 -17.90 12.10 -12.05
CA SER L 24 -17.87 13.19 -13.01
C SER L 24 -18.90 14.27 -12.73
N ASN L 25 -19.89 14.02 -11.88
CA ASN L 25 -20.96 14.98 -11.62
C ASN L 25 -20.84 15.63 -10.24
N ILE L 26 -19.64 15.67 -9.69
CA ILE L 26 -19.36 16.29 -8.40
C ILE L 26 -19.56 17.81 -8.49
N SER L 27 -20.28 18.37 -7.51
CA SER L 27 -20.67 19.78 -7.54
C SER L 27 -19.67 20.67 -6.80
N SER L 28 -20.02 21.94 -6.65
CA SER L 28 -19.22 22.90 -5.89
C SER L 28 -19.32 22.70 -4.38
N TRP L 29 -20.32 21.94 -3.90
CA TRP L 29 -20.38 21.61 -2.48
C TRP L 29 -19.29 20.63 -2.05
N TRP L 30 -18.64 19.97 -3.00
CA TRP L 30 -17.50 19.10 -2.71
C TRP L 30 -16.17 19.84 -2.72
N ASN L 31 -16.19 21.17 -2.87
CA ASN L 31 -14.98 21.99 -2.81
C ASN L 31 -14.52 22.29 -1.38
N PHE L 32 -15.41 22.20 -0.40
CA PHE L 32 -15.13 22.72 0.93
C PHE L 32 -14.28 21.80 1.79
N GLY L 33 -13.89 20.64 1.29
CA GLY L 33 -13.01 19.75 2.03
C GLY L 33 -11.56 20.13 1.88
N SER L 34 -11.18 20.55 0.67
CA SER L 34 -9.84 21.10 0.46
C SER L 34 -9.73 22.54 0.94
N LEU L 35 -10.86 23.26 1.04
CA LEU L 35 -10.83 24.59 1.65
C LEU L 35 -10.55 24.52 3.15
N LEU L 36 -11.06 23.48 3.81
CA LEU L 36 -10.74 23.27 5.23
C LEU L 36 -9.27 22.94 5.44
N GLY L 37 -8.65 22.28 4.47
CA GLY L 37 -7.22 22.04 4.55
C GLY L 37 -6.37 23.26 4.27
N ILE L 38 -6.91 24.25 3.55
CA ILE L 38 -6.20 25.51 3.35
C ILE L 38 -6.33 26.39 4.59
N CYS L 39 -7.51 26.41 5.21
CA CYS L 39 -7.72 27.22 6.40
C CYS L 39 -6.94 26.70 7.60
N LEU L 40 -6.72 25.37 7.68
CA LEU L 40 -5.95 24.83 8.78
C LEU L 40 -4.46 25.12 8.64
N ILE L 41 -3.94 25.08 7.41
CA ILE L 41 -2.54 25.41 7.18
C ILE L 41 -2.28 26.89 7.45
N LEU L 42 -3.26 27.73 7.08
CA LEU L 42 -3.10 29.17 7.25
C LEU L 42 -3.12 29.58 8.72
N GLN L 43 -3.93 28.90 9.53
CA GLN L 43 -3.95 29.15 10.96
C GLN L 43 -2.72 28.64 11.69
N ILE L 44 -1.85 27.89 11.02
CA ILE L 44 -0.60 27.42 11.61
C ILE L 44 0.57 28.34 11.29
N LEU L 45 0.63 28.86 10.06
CA LEU L 45 1.66 29.82 9.67
C LEU L 45 1.33 31.26 10.07
N THR L 46 0.37 31.46 10.97
CA THR L 46 -0.02 32.78 11.43
C THR L 46 -0.06 32.73 12.96
N GLY L 47 -0.35 31.55 13.50
CA GLY L 47 -0.16 31.32 14.93
C GLY L 47 1.28 31.14 15.33
N LEU L 48 2.16 30.94 14.35
CA LEU L 48 3.59 31.03 14.57
C LEU L 48 3.98 32.40 15.08
N PHE L 49 3.49 33.44 14.40
CA PHE L 49 3.88 34.82 14.67
C PHE L 49 3.39 35.27 16.04
N LEU L 50 2.15 34.92 16.39
CA LEU L 50 1.53 35.47 17.60
C LEU L 50 2.12 34.87 18.86
N ALA L 51 2.40 33.57 18.86
CA ALA L 51 3.00 32.94 20.02
C ALA L 51 4.47 33.30 20.20
N MET L 52 5.13 33.82 19.15
CA MET L 52 6.50 34.32 19.29
C MET L 52 6.55 35.53 20.21
N HIS L 53 5.83 36.60 19.84
CA HIS L 53 5.67 37.76 20.71
C HIS L 53 4.42 37.57 21.57
N TYR L 54 4.58 36.83 22.66
CA TYR L 54 3.45 36.65 23.55
C TYR L 54 3.91 36.40 24.99
N THR L 55 3.11 36.90 25.92
CA THR L 55 3.26 36.65 27.34
C THR L 55 1.86 36.47 27.91
N SER L 56 1.64 35.39 28.64
CA SER L 56 0.29 35.04 29.08
C SER L 56 0.23 35.06 30.60
N ASP L 57 -0.24 36.18 31.14
CA ASP L 57 -0.36 36.37 32.58
C ASP L 57 -1.52 37.30 32.86
N THR L 58 -1.99 37.29 34.10
CA THR L 58 -3.15 38.12 34.46
C THR L 58 -2.83 39.61 34.51
N THR L 59 -1.54 39.97 34.50
CA THR L 59 -1.11 41.36 34.58
C THR L 59 -0.74 41.95 33.23
N THR L 60 -0.40 41.12 32.24
CA THR L 60 0.14 41.66 31.00
C THR L 60 -0.52 41.12 29.73
N ALA L 61 -1.57 40.29 29.82
CA ALA L 61 -2.14 39.66 28.63
C ALA L 61 -2.81 40.66 27.72
N PHE L 62 -3.56 41.59 28.30
CA PHE L 62 -4.32 42.56 27.52
C PHE L 62 -3.41 43.54 26.79
N SER L 63 -2.21 43.79 27.33
CA SER L 63 -1.22 44.66 26.71
C SER L 63 -0.27 43.93 25.79
N SER L 64 -0.13 42.60 25.95
CA SER L 64 0.72 41.85 25.05
C SER L 64 0.11 41.75 23.66
N VAL L 65 -1.22 41.83 23.59
CA VAL L 65 -1.90 41.80 22.30
C VAL L 65 -1.95 43.17 21.65
N THR L 66 -2.09 44.25 22.43
CA THR L 66 -2.04 45.60 21.89
C THR L 66 -0.63 46.03 21.47
N HIS L 67 0.40 45.34 21.92
CA HIS L 67 1.76 45.61 21.46
C HIS L 67 1.98 45.21 20.01
N ILE L 68 1.19 44.27 19.49
CA ILE L 68 1.45 43.69 18.18
C ILE L 68 0.83 44.55 17.08
N CYS L 69 -0.33 45.13 17.35
CA CYS L 69 -1.03 45.94 16.35
C CYS L 69 -0.33 47.27 16.08
N ARG L 70 0.43 47.78 17.03
CA ARG L 70 1.10 49.08 16.88
C ARG L 70 2.61 48.95 16.72
N ASP L 71 3.28 48.24 17.63
CA ASP L 71 4.73 48.22 17.70
C ASP L 71 5.35 47.13 16.84
N VAL L 72 4.80 45.91 16.90
CA VAL L 72 5.38 44.80 16.16
C VAL L 72 5.09 44.97 14.68
N ASN L 73 6.14 44.95 13.86
CA ASN L 73 6.01 45.18 12.43
C ASN L 73 5.24 44.05 11.76
N TYR L 74 4.31 44.44 10.87
CA TYR L 74 3.38 43.56 10.18
C TYR L 74 2.58 42.72 11.17
N GLY L 75 2.11 43.37 12.21
CA GLY L 75 1.43 42.66 13.28
C GLY L 75 -0.07 42.92 13.25
N TRP L 76 -0.47 44.05 12.69
CA TRP L 76 -1.89 44.33 12.52
C TRP L 76 -2.48 43.45 11.43
N VAL L 77 -1.71 43.16 10.37
CA VAL L 77 -2.22 42.33 9.29
C VAL L 77 -2.29 40.86 9.72
N ILE L 78 -1.31 40.41 10.49
CA ILE L 78 -1.24 39.01 10.87
C ILE L 78 -2.19 38.69 12.02
N ARG L 79 -2.44 39.64 12.92
CA ARG L 79 -3.41 39.39 13.98
C ARG L 79 -4.83 39.27 13.43
N TYR L 80 -5.22 40.16 12.53
CA TYR L 80 -6.57 40.11 12.00
C TYR L 80 -6.72 39.10 10.87
N LEU L 81 -5.62 38.61 10.31
CA LEU L 81 -5.67 37.38 9.51
C LEU L 81 -6.00 36.18 10.37
N HIS L 82 -5.55 36.18 11.62
CA HIS L 82 -5.77 35.05 12.52
C HIS L 82 -7.15 35.07 13.15
N ALA L 83 -7.70 36.25 13.43
CA ALA L 83 -9.02 36.33 14.05
C ALA L 83 -10.13 36.13 13.03
N ASN L 84 -9.93 36.56 11.79
CA ASN L 84 -10.90 36.32 10.74
C ASN L 84 -10.67 35.00 10.01
N GLY L 85 -9.44 34.48 10.03
CA GLY L 85 -9.18 33.16 9.51
C GLY L 85 -9.81 32.05 10.30
N ALA L 86 -10.12 32.28 11.59
CA ALA L 86 -10.84 31.31 12.38
C ALA L 86 -12.35 31.41 12.15
N SER L 87 -12.85 32.58 11.77
CA SER L 87 -14.25 32.68 11.33
C SER L 87 -14.44 32.04 9.97
N MET L 88 -13.40 32.05 9.14
CA MET L 88 -13.47 31.41 7.83
C MET L 88 -13.47 29.88 7.97
N PHE L 89 -12.69 29.37 8.92
CA PHE L 89 -12.66 27.93 9.20
C PHE L 89 -14.03 27.42 9.64
N PHE L 90 -14.74 28.21 10.44
CA PHE L 90 -16.02 27.74 10.97
C PHE L 90 -17.15 27.86 9.97
N ILE L 91 -17.06 28.74 8.97
CA ILE L 91 -18.10 28.74 7.96
C ILE L 91 -17.84 27.63 6.94
N CYS L 92 -16.58 27.26 6.70
CA CYS L 92 -16.28 26.15 5.82
C CYS L 92 -16.52 24.80 6.47
N LEU L 93 -16.71 24.77 7.80
CA LEU L 93 -16.98 23.54 8.52
C LEU L 93 -18.48 23.25 8.61
N PHE L 94 -19.31 24.29 8.71
CA PHE L 94 -20.75 24.09 8.78
C PHE L 94 -21.36 23.77 7.41
N ILE L 95 -20.75 24.29 6.34
CA ILE L 95 -21.15 23.89 4.99
C ILE L 95 -20.78 22.44 4.75
N HIS L 96 -19.60 22.03 5.22
CA HIS L 96 -19.09 20.68 5.02
C HIS L 96 -19.94 19.62 5.72
N VAL L 97 -20.39 19.91 6.95
CA VAL L 97 -21.19 18.96 7.69
C VAL L 97 -22.60 18.87 7.10
N GLY L 98 -23.15 20.02 6.70
CA GLY L 98 -24.49 20.03 6.11
C GLY L 98 -24.57 19.39 4.74
N ARG L 99 -23.45 19.38 4.00
CA ARG L 99 -23.37 18.60 2.77
C ARG L 99 -23.55 17.11 3.05
N GLY L 100 -22.71 16.57 3.94
CA GLY L 100 -22.75 15.14 4.23
C GLY L 100 -24.02 14.70 4.92
N LEU L 101 -24.72 15.61 5.58
CA LEU L 101 -26.03 15.31 6.13
C LEU L 101 -27.09 15.27 5.03
N TYR L 102 -26.98 16.15 4.04
CA TYR L 102 -27.99 16.23 2.99
C TYR L 102 -27.88 15.08 2.01
N TYR L 103 -26.67 14.70 1.62
CA TYR L 103 -26.47 13.71 0.58
C TYR L 103 -26.23 12.31 1.13
N GLY L 104 -26.41 12.11 2.44
CA GLY L 104 -26.27 10.80 3.02
C GLY L 104 -24.85 10.27 3.07
N SER L 105 -23.86 11.15 3.19
CA SER L 105 -22.47 10.74 3.23
C SER L 105 -22.07 10.08 4.55
N TYR L 106 -22.92 10.15 5.57
CA TYR L 106 -22.67 9.49 6.85
C TYR L 106 -22.71 7.96 6.76
N MET L 107 -23.19 7.40 5.66
CA MET L 107 -23.14 5.95 5.44
C MET L 107 -21.72 5.43 5.28
N PHE L 108 -20.76 6.30 5.00
CA PHE L 108 -19.34 5.98 5.16
C PHE L 108 -19.05 6.11 6.64
N LEU L 109 -19.19 5.00 7.38
CA LEU L 109 -19.29 5.04 8.84
C LEU L 109 -17.98 5.46 9.50
N GLU L 110 -16.86 4.95 9.03
CA GLU L 110 -15.58 5.25 9.69
C GLU L 110 -15.13 6.68 9.39
N THR L 111 -15.40 7.16 8.18
CA THR L 111 -15.06 8.53 7.81
C THR L 111 -15.93 9.53 8.56
N TRP L 112 -17.20 9.19 8.78
CA TRP L 112 -18.11 10.08 9.51
C TRP L 112 -17.75 10.19 10.98
N ASN L 113 -17.29 9.11 11.60
CA ASN L 113 -17.01 9.11 13.03
C ASN L 113 -15.73 9.85 13.38
N ILE L 114 -14.72 9.79 12.51
CA ILE L 114 -13.53 10.61 12.67
C ILE L 114 -13.85 12.08 12.46
N GLY L 115 -14.86 12.37 11.65
CA GLY L 115 -15.29 13.75 11.45
C GLY L 115 -15.89 14.38 12.69
N VAL L 116 -16.72 13.61 13.43
CA VAL L 116 -17.32 14.09 14.67
C VAL L 116 -16.25 14.35 15.73
N VAL L 117 -15.16 13.59 15.71
CA VAL L 117 -14.03 13.87 16.58
C VAL L 117 -13.33 15.16 16.17
N LEU L 118 -13.25 15.42 14.85
CA LEU L 118 -12.63 16.65 14.36
C LEU L 118 -13.47 17.89 14.68
N LEU L 119 -14.79 17.74 14.76
CA LEU L 119 -15.65 18.86 15.11
C LEU L 119 -15.53 19.24 16.58
N PHE L 120 -15.26 18.26 17.45
CA PHE L 120 -15.06 18.55 18.86
C PHE L 120 -13.73 19.22 19.13
N THR L 121 -12.70 18.85 18.37
CA THR L 121 -11.34 19.29 18.68
C THR L 121 -11.11 20.74 18.25
N VAL L 122 -11.71 21.17 17.14
CA VAL L 122 -11.56 22.56 16.73
C VAL L 122 -12.46 23.47 17.54
N MET L 123 -13.57 22.95 18.09
CA MET L 123 -14.45 23.77 18.91
C MET L 123 -13.81 24.06 20.25
N ALA L 124 -13.15 23.07 20.84
CA ALA L 124 -12.47 23.26 22.11
C ALA L 124 -11.19 24.07 21.97
N THR L 125 -10.54 24.01 20.80
CA THR L 125 -9.34 24.79 20.56
C THR L 125 -9.66 26.28 20.53
N ALA L 126 -10.66 26.67 19.72
CA ALA L 126 -11.02 28.07 19.55
C ALA L 126 -11.58 28.70 20.82
N PHE L 127 -12.16 27.89 21.72
CA PHE L 127 -12.55 28.39 23.03
C PHE L 127 -11.35 28.78 23.86
N MET L 128 -10.25 28.05 23.73
CA MET L 128 -9.03 28.33 24.45
C MET L 128 -8.09 29.26 23.69
N GLY L 129 -8.61 30.03 22.74
CA GLY L 129 -7.84 31.05 22.08
C GLY L 129 -8.47 32.41 22.29
N TYR L 130 -9.79 32.41 22.48
CA TYR L 130 -10.51 33.63 22.85
C TYR L 130 -10.35 33.98 24.32
N VAL L 131 -9.88 33.05 25.15
CA VAL L 131 -9.61 33.36 26.54
C VAL L 131 -8.23 34.00 26.70
N LEU L 132 -7.33 33.80 25.75
CA LEU L 132 -5.98 34.37 25.74
C LEU L 132 -5.88 35.91 25.69
N PRO L 133 -6.70 36.66 24.92
CA PRO L 133 -6.49 38.13 24.90
C PRO L 133 -6.89 38.84 26.19
N TRP L 134 -7.73 38.22 27.04
CA TRP L 134 -8.08 38.69 28.38
C TRP L 134 -8.77 40.06 28.34
N GLY L 135 -9.98 40.05 27.80
CA GLY L 135 -10.88 41.18 27.92
C GLY L 135 -12.14 40.78 28.68
N GLN L 136 -13.19 41.59 28.58
CA GLN L 136 -14.43 41.31 29.30
C GLN L 136 -15.11 40.04 28.78
N MET L 137 -15.11 39.86 27.46
CA MET L 137 -15.71 38.66 26.89
C MET L 137 -14.87 37.42 27.14
N SER L 138 -13.56 37.59 27.31
CA SER L 138 -12.70 36.46 27.66
C SER L 138 -12.96 36.00 29.09
N PHE L 139 -13.16 36.93 30.02
CA PHE L 139 -13.37 36.56 31.42
C PHE L 139 -14.74 35.93 31.62
N TRP L 140 -15.80 36.67 31.34
CA TRP L 140 -17.14 36.23 31.69
C TRP L 140 -17.62 35.07 30.83
N GLY L 141 -16.97 34.81 29.70
CA GLY L 141 -17.27 33.64 28.90
C GLY L 141 -16.58 32.39 29.40
N ALA L 142 -15.38 32.56 29.95
CA ALA L 142 -14.69 31.42 30.54
C ALA L 142 -15.30 31.03 31.89
N THR L 143 -15.79 32.02 32.65
CA THR L 143 -16.31 31.77 33.99
C THR L 143 -17.77 31.32 34.00
N VAL L 144 -18.37 31.08 32.84
CA VAL L 144 -19.62 30.33 32.75
C VAL L 144 -19.42 28.91 32.29
N ILE L 145 -18.23 28.58 31.80
CA ILE L 145 -17.90 27.18 31.53
C ILE L 145 -17.66 26.43 32.83
N THR L 146 -16.87 27.02 33.72
CA THR L 146 -16.47 26.39 34.97
C THR L 146 -17.61 26.28 35.97
N ASN L 147 -18.68 27.06 35.81
CA ASN L 147 -19.85 26.87 36.67
C ASN L 147 -20.56 25.58 36.31
N LEU L 148 -20.54 25.21 35.03
CA LEU L 148 -21.12 23.96 34.56
C LEU L 148 -20.09 22.84 34.53
N LEU L 149 -18.81 23.16 34.75
CA LEU L 149 -17.78 22.14 34.83
C LEU L 149 -17.50 21.72 36.26
N SER L 150 -17.78 22.59 37.23
CA SER L 150 -17.79 22.22 38.64
C SER L 150 -19.08 21.55 39.06
N ALA L 151 -20.08 21.51 38.18
CA ALA L 151 -21.33 20.82 38.45
C ALA L 151 -21.23 19.31 38.27
N ILE L 152 -20.09 18.81 37.80
CA ILE L 152 -19.82 17.37 37.73
C ILE L 152 -19.73 16.88 39.18
N PRO L 153 -20.57 15.91 39.57
CA PRO L 153 -20.87 15.72 41.01
C PRO L 153 -19.72 15.17 41.84
N TYR L 154 -18.71 14.56 41.25
CA TYR L 154 -17.63 13.98 42.04
C TYR L 154 -16.28 14.65 41.79
N ILE L 155 -15.82 14.70 40.53
CA ILE L 155 -14.44 15.08 40.25
C ILE L 155 -14.31 16.53 39.80
N GLY L 156 -15.42 17.29 39.77
CA GLY L 156 -15.43 18.55 39.05
C GLY L 156 -14.71 19.68 39.75
N THR L 157 -14.74 19.69 41.09
CA THR L 157 -14.14 20.80 41.81
C THR L 157 -12.61 20.74 41.79
N ASP L 158 -12.02 19.55 41.70
CA ASP L 158 -10.58 19.40 41.54
C ASP L 158 -10.17 19.36 40.08
N LEU L 159 -11.15 19.27 39.17
CA LEU L 159 -10.85 19.33 37.75
C LEU L 159 -10.60 20.77 37.30
N VAL L 160 -11.46 21.69 37.73
CA VAL L 160 -11.32 23.09 37.33
C VAL L 160 -10.12 23.73 38.01
N GLU L 161 -9.76 23.26 39.20
CA GLU L 161 -8.64 23.84 39.92
C GLU L 161 -7.31 23.38 39.36
N TRP L 162 -7.30 22.22 38.72
CA TRP L 162 -6.13 21.69 38.04
C TRP L 162 -5.86 22.36 36.69
N ILE L 163 -6.90 22.91 36.06
CA ILE L 163 -6.72 23.59 34.78
C ILE L 163 -6.66 25.11 34.92
N TRP L 164 -7.05 25.68 36.07
CA TRP L 164 -6.95 27.12 36.28
C TRP L 164 -5.56 27.55 36.72
N GLY L 165 -4.52 26.72 36.52
CA GLY L 165 -3.21 27.00 37.02
C GLY L 165 -3.00 26.69 38.49
N GLY L 166 -4.07 26.54 39.27
CA GLY L 166 -3.97 26.21 40.66
C GLY L 166 -4.97 26.85 41.61
N PHE L 167 -5.42 28.10 41.40
CA PHE L 167 -6.46 28.60 42.30
C PHE L 167 -7.70 29.12 41.61
N SER L 168 -7.54 30.13 40.80
CA SER L 168 -8.55 31.04 40.27
C SER L 168 -7.81 31.80 39.18
N VAL L 169 -8.44 32.96 38.74
CA VAL L 169 -7.77 33.98 37.94
C VAL L 169 -6.45 34.41 38.57
N ASP L 170 -5.35 34.16 37.84
CA ASP L 170 -3.99 34.33 38.30
C ASP L 170 -3.08 34.29 37.08
N LYS L 171 -1.77 34.28 37.36
CA LYS L 171 -0.74 34.30 36.32
C LYS L 171 -0.72 33.01 35.51
N ALA L 172 -0.94 31.87 36.18
CA ALA L 172 -0.73 30.56 35.57
C ALA L 172 -1.99 29.97 34.97
N THR L 173 -3.12 30.70 34.99
CA THR L 173 -4.32 30.29 34.27
C THR L 173 -4.03 30.19 32.79
N LEU L 174 -3.36 31.20 32.27
CA LEU L 174 -3.09 31.30 30.85
C LEU L 174 -1.79 30.58 30.49
N THR L 175 -1.34 29.64 31.32
CA THR L 175 -0.28 28.71 30.95
C THR L 175 -0.81 27.32 30.67
N ARG L 176 -2.05 27.02 31.04
CA ARG L 176 -2.73 25.78 30.71
C ARG L 176 -3.78 25.94 29.63
N PHE L 177 -4.42 27.12 29.54
CA PHE L 177 -5.20 27.46 28.36
C PHE L 177 -4.32 27.65 27.14
N PHE L 178 -3.15 28.26 27.31
CA PHE L 178 -2.23 28.46 26.20
C PHE L 178 -1.54 27.16 25.80
N ALA L 179 -1.33 26.25 26.75
CA ALA L 179 -0.75 24.96 26.42
C ALA L 179 -1.75 24.08 25.64
N PHE L 180 -3.02 24.08 26.05
CA PHE L 180 -4.13 23.39 25.40
C PHE L 180 -4.58 24.07 24.10
N HIS L 181 -3.88 25.11 23.65
CA HIS L 181 -4.18 25.79 22.40
C HIS L 181 -3.03 25.79 21.42
N PHE L 182 -1.80 25.64 21.89
CA PHE L 182 -0.67 25.49 20.98
C PHE L 182 -0.64 24.10 20.37
N ILE L 183 -1.02 23.08 21.14
CA ILE L 183 -0.76 21.71 20.73
C ILE L 183 -1.99 21.01 20.13
N LEU L 184 -3.20 21.48 20.41
CA LEU L 184 -4.38 20.86 19.81
C LEU L 184 -4.52 21.00 18.30
N PRO L 185 -4.07 22.08 17.62
CA PRO L 185 -4.09 22.06 16.14
C PRO L 185 -3.22 21.01 15.47
N PHE L 186 -2.31 20.35 16.15
CA PHE L 186 -1.49 19.34 15.50
C PHE L 186 -2.05 17.94 15.62
N ILE L 187 -2.91 17.69 16.62
CA ILE L 187 -3.70 16.47 16.66
C ILE L 187 -4.74 16.47 15.53
N ILE L 188 -5.19 17.67 15.12
CA ILE L 188 -6.12 17.81 14.02
C ILE L 188 -5.47 17.44 12.69
N THR L 189 -4.19 17.77 12.53
CA THR L 189 -3.49 17.47 11.28
C THR L 189 -3.23 15.97 11.13
N ALA L 190 -3.04 15.27 12.24
CA ALA L 190 -2.87 13.82 12.16
C ALA L 190 -4.21 13.10 12.03
N LEU L 191 -5.27 13.65 12.62
CA LEU L 191 -6.60 13.10 12.46
C LEU L 191 -7.19 13.34 11.09
N ALA L 192 -6.58 14.19 10.27
CA ALA L 192 -7.07 14.47 8.93
C ALA L 192 -6.46 13.53 7.90
N ALA L 193 -5.24 13.04 8.14
CA ALA L 193 -4.68 12.03 7.26
C ALA L 193 -5.39 10.69 7.42
N VAL L 194 -5.79 10.36 8.65
CA VAL L 194 -6.55 9.14 8.90
C VAL L 194 -7.96 9.28 8.35
N HIS L 195 -8.48 10.49 8.34
CA HIS L 195 -9.82 10.78 7.82
C HIS L 195 -9.90 10.53 6.32
N LEU L 196 -8.84 10.83 5.59
CA LEU L 196 -8.81 10.63 4.16
C LEU L 196 -8.44 9.20 3.76
N LEU L 197 -7.69 8.50 4.60
CA LEU L 197 -7.35 7.11 4.33
C LEU L 197 -8.58 6.21 4.37
N PHE L 198 -9.57 6.54 5.18
CA PHE L 198 -10.80 5.76 5.19
C PHE L 198 -11.71 6.09 4.02
N LEU L 199 -11.65 7.32 3.51
CA LEU L 199 -12.44 7.68 2.34
C LEU L 199 -11.90 7.04 1.07
N HIS L 200 -10.58 6.80 1.03
CA HIS L 200 -9.93 6.21 -0.12
C HIS L 200 -10.35 4.76 -0.36
N GLU L 201 -10.97 4.10 0.62
CA GLU L 201 -11.42 2.72 0.44
C GLU L 201 -12.64 2.62 -0.46
N THR L 202 -13.48 3.67 -0.49
CA THR L 202 -14.69 3.65 -1.30
C THR L 202 -14.72 4.70 -2.40
N GLY L 203 -13.91 5.74 -2.32
CA GLY L 203 -14.10 6.90 -3.15
C GLY L 203 -15.23 7.77 -2.65
N SER L 204 -15.58 8.77 -3.45
CA SER L 204 -16.55 9.79 -3.06
C SER L 204 -17.98 9.40 -3.42
N ASN L 205 -18.91 9.92 -2.64
CA ASN L 205 -20.34 9.97 -2.94
C ASN L 205 -20.58 11.08 -3.97
N ASN L 206 -21.77 11.12 -4.55
CA ASN L 206 -22.10 12.07 -5.59
C ASN L 206 -23.53 12.55 -5.35
N PRO L 207 -23.96 13.67 -5.96
CA PRO L 207 -25.28 14.22 -5.63
C PRO L 207 -26.50 13.35 -5.93
N THR L 208 -26.38 12.32 -6.76
CA THR L 208 -27.53 11.47 -7.04
C THR L 208 -27.74 10.36 -6.02
N GLY L 209 -26.71 10.01 -5.26
CA GLY L 209 -26.78 8.91 -4.32
C GLY L 209 -26.64 7.55 -4.92
N ILE L 210 -26.28 7.45 -6.20
CA ILE L 210 -26.12 6.19 -6.91
C ILE L 210 -24.64 6.00 -7.19
N SER L 211 -24.17 4.76 -7.10
CA SER L 211 -22.76 4.47 -7.35
C SER L 211 -22.38 4.75 -8.79
N SER L 212 -21.16 5.25 -8.98
CA SER L 212 -20.74 5.86 -10.22
C SER L 212 -19.51 5.18 -10.81
N ASP L 213 -19.43 3.85 -10.69
CA ASP L 213 -18.24 3.14 -11.14
C ASP L 213 -18.14 3.03 -12.65
N MET L 214 -19.23 3.28 -13.38
CA MET L 214 -19.21 3.30 -14.84
C MET L 214 -18.86 4.68 -15.41
N ASP L 215 -18.70 5.71 -14.59
CA ASP L 215 -18.50 7.07 -15.08
C ASP L 215 -17.44 7.82 -14.27
N LYS L 216 -16.26 7.22 -14.10
CA LYS L 216 -15.19 7.87 -13.38
C LYS L 216 -14.25 8.65 -14.32
N ILE L 217 -13.68 9.73 -13.80
CA ILE L 217 -12.67 10.53 -14.50
C ILE L 217 -11.44 10.63 -13.58
N PRO L 218 -10.26 10.92 -14.13
CA PRO L 218 -9.10 11.16 -13.25
C PRO L 218 -9.22 12.49 -12.51
N PHE L 219 -8.56 12.55 -11.34
CA PHE L 219 -8.61 13.74 -10.50
C PHE L 219 -7.81 14.88 -11.12
N HIS L 220 -6.68 14.59 -11.68
CA HIS L 220 -5.93 15.55 -12.48
C HIS L 220 -6.26 15.36 -13.95
N PRO L 221 -6.60 16.41 -14.71
CA PRO L 221 -6.59 17.82 -14.33
C PRO L 221 -7.96 18.42 -13.98
N TYR L 222 -9.00 17.61 -13.83
CA TYR L 222 -10.34 18.16 -13.77
C TYR L 222 -10.66 18.79 -12.42
N TYR L 223 -10.29 18.14 -11.31
CA TYR L 223 -10.58 18.68 -9.99
C TYR L 223 -9.37 19.32 -9.33
N THR L 224 -8.18 19.21 -9.93
CA THR L 224 -7.06 20.01 -9.47
C THR L 224 -7.19 21.46 -9.90
N ILE L 225 -7.72 21.72 -11.10
CA ILE L 225 -7.96 23.10 -11.53
C ILE L 225 -9.25 23.65 -10.94
N LYS L 226 -10.18 22.80 -10.51
CA LYS L 226 -11.42 23.28 -9.92
C LYS L 226 -11.24 23.59 -8.44
N ASP L 227 -10.32 22.90 -7.77
CA ASP L 227 -10.02 23.21 -6.37
C ASP L 227 -9.10 24.41 -6.23
N ILE L 228 -8.30 24.72 -7.26
CA ILE L 228 -7.45 25.90 -7.22
C ILE L 228 -8.28 27.16 -7.45
N LEU L 229 -9.28 27.08 -8.34
CA LEU L 229 -10.16 28.21 -8.59
C LEU L 229 -11.03 28.53 -7.37
N GLY L 230 -11.51 27.49 -6.67
CA GLY L 230 -12.32 27.72 -5.49
C GLY L 230 -11.52 28.26 -4.32
N ALA L 231 -10.23 27.92 -4.24
CA ALA L 231 -9.38 28.46 -3.19
C ALA L 231 -9.02 29.92 -3.45
N LEU L 232 -8.92 30.32 -4.73
CA LEU L 232 -8.66 31.72 -5.05
C LEU L 232 -9.85 32.60 -4.71
N PHE L 233 -11.06 32.07 -4.82
CA PHE L 233 -12.24 32.84 -4.44
C PHE L 233 -12.37 32.94 -2.92
N MET L 234 -11.76 32.03 -2.16
CA MET L 234 -11.77 32.12 -0.71
C MET L 234 -10.76 33.14 -0.22
N MET L 235 -9.62 33.28 -0.88
CA MET L 235 -8.63 34.28 -0.48
C MET L 235 -9.13 35.69 -0.78
N LEU L 236 -10.00 35.84 -1.77
CA LEU L 236 -10.57 37.15 -2.07
C LEU L 236 -11.52 37.61 -0.97
N ILE L 237 -12.34 36.70 -0.45
CA ILE L 237 -13.29 37.05 0.61
C ILE L 237 -12.57 37.30 1.93
N LEU L 238 -11.50 36.54 2.20
CA LEU L 238 -10.78 36.69 3.45
C LEU L 238 -9.98 37.99 3.50
N LEU L 239 -9.31 38.34 2.40
CA LEU L 239 -8.56 39.58 2.37
C LEU L 239 -9.45 40.81 2.26
N ILE L 240 -10.71 40.65 1.87
CA ILE L 240 -11.63 41.79 1.90
C ILE L 240 -12.05 42.08 3.34
N LEU L 241 -12.30 41.04 4.13
CA LEU L 241 -12.63 41.21 5.54
C LEU L 241 -11.43 41.66 6.38
N VAL L 242 -10.22 41.52 5.88
CA VAL L 242 -9.05 41.93 6.64
C VAL L 242 -8.63 43.35 6.28
N LEU L 243 -8.70 43.72 5.00
CA LEU L 243 -8.22 45.01 4.54
C LEU L 243 -9.30 46.07 4.42
N PHE L 244 -10.56 45.73 4.63
CA PHE L 244 -11.63 46.72 4.51
C PHE L 244 -12.55 46.82 5.71
N SER L 245 -12.71 45.76 6.50
CA SER L 245 -13.47 45.84 7.76
C SER L 245 -12.98 44.76 8.72
N PRO L 246 -11.83 44.96 9.37
CA PRO L 246 -11.24 43.91 10.20
C PRO L 246 -11.88 43.73 11.56
N ASP L 247 -12.89 44.53 11.91
CA ASP L 247 -13.58 44.41 13.18
C ASP L 247 -15.06 44.12 13.01
N LEU L 248 -15.48 43.68 11.82
CA LEU L 248 -16.89 43.39 11.58
C LEU L 248 -17.35 42.16 12.36
N LEU L 249 -16.51 41.13 12.42
CA LEU L 249 -16.79 39.94 13.20
C LEU L 249 -16.02 40.08 14.51
N GLY L 250 -16.69 40.56 15.54
CA GLY L 250 -16.04 40.82 16.80
C GLY L 250 -16.96 41.57 17.73
N ASP L 251 -16.43 41.86 18.91
CA ASP L 251 -17.17 42.53 19.96
C ASP L 251 -16.32 43.67 20.47
N PRO L 252 -16.84 44.90 20.55
CA PRO L 252 -16.06 46.01 21.11
C PRO L 252 -15.75 45.85 22.60
N ASP L 253 -16.61 45.18 23.36
CA ASP L 253 -16.41 45.05 24.81
C ASP L 253 -15.21 44.18 25.17
N ASN L 254 -14.63 43.44 24.23
CA ASN L 254 -13.38 42.73 24.46
C ASN L 254 -12.17 43.61 24.19
N TYR L 255 -12.38 44.88 23.89
CA TYR L 255 -11.32 45.87 23.94
C TYR L 255 -11.25 46.57 25.29
N THR L 256 -12.35 46.55 26.05
CA THR L 256 -12.31 46.90 27.46
C THR L 256 -11.59 45.79 28.21
N PRO L 257 -10.57 46.10 29.01
CA PRO L 257 -9.72 45.05 29.59
C PRO L 257 -10.43 44.18 30.60
N ALA L 258 -9.76 43.09 30.95
CA ALA L 258 -10.29 42.14 31.90
C ALA L 258 -9.80 42.48 33.30
N ASN L 259 -10.72 42.38 34.22
CA ASN L 259 -10.63 42.71 35.61
C ASN L 259 -11.99 42.26 36.12
N PRO L 260 -12.11 41.88 37.38
CA PRO L 260 -13.45 41.77 37.98
C PRO L 260 -14.03 43.11 38.43
N LEU L 261 -13.51 44.20 37.84
CA LEU L 261 -13.90 45.59 38.01
C LEU L 261 -15.40 45.83 38.08
N ASN L 262 -16.14 45.41 37.07
CA ASN L 262 -17.58 45.67 37.00
C ASN L 262 -18.22 44.64 36.07
N THR L 263 -19.49 44.36 36.33
CA THR L 263 -20.25 43.46 35.46
C THR L 263 -20.45 44.12 34.08
N PRO L 264 -20.32 43.37 33.00
CA PRO L 264 -20.36 43.97 31.67
C PRO L 264 -21.80 44.25 31.26
N PRO L 265 -22.01 45.06 30.22
CA PRO L 265 -23.40 45.30 29.78
C PRO L 265 -24.07 44.06 29.19
N HIS L 266 -23.28 43.11 28.70
CA HIS L 266 -23.80 41.87 28.14
C HIS L 266 -22.68 40.84 28.22
N ILE L 267 -23.03 39.59 27.95
CA ILE L 267 -22.05 38.51 27.81
C ILE L 267 -22.38 37.75 26.54
N LYS L 268 -21.45 37.75 25.58
CA LYS L 268 -21.66 36.97 24.37
C LYS L 268 -20.36 36.52 23.73
N PRO L 269 -20.29 35.29 23.23
CA PRO L 269 -19.10 34.84 22.52
C PRO L 269 -19.10 35.23 21.05
N GLU L 270 -18.13 34.70 20.30
CA GLU L 270 -18.10 34.84 18.85
C GLU L 270 -19.32 34.16 18.21
N TRP L 271 -19.52 34.46 16.92
CA TRP L 271 -20.77 34.09 16.24
C TRP L 271 -20.93 32.58 16.10
N TYR L 272 -19.84 31.83 16.03
CA TYR L 272 -19.91 30.39 15.80
C TYR L 272 -20.11 29.60 17.08
N PHE L 273 -20.30 30.25 18.22
CA PHE L 273 -20.69 29.59 19.45
C PHE L 273 -22.05 30.04 19.96
N LEU L 274 -22.71 30.95 19.24
CA LEU L 274 -23.95 31.53 19.72
C LEU L 274 -25.12 30.55 19.69
N PHE L 275 -25.05 29.52 18.85
CA PHE L 275 -26.11 28.51 18.86
C PHE L 275 -25.99 27.61 20.08
N ALA L 276 -24.78 27.40 20.59
CA ALA L 276 -24.54 26.52 21.72
C ALA L 276 -24.75 27.23 23.05
N TYR L 277 -24.36 28.51 23.13
CA TYR L 277 -24.66 29.32 24.30
C TYR L 277 -26.14 29.57 24.49
N ALA L 278 -26.94 29.55 23.42
CA ALA L 278 -28.37 29.78 23.56
C ALA L 278 -29.09 28.57 24.14
N ILE L 279 -28.53 27.36 23.97
CA ILE L 279 -29.19 26.15 24.43
C ILE L 279 -28.98 25.95 25.92
N LEU L 280 -27.75 26.11 26.39
CA LEU L 280 -27.44 25.88 27.81
C LEU L 280 -28.01 26.99 28.69
N ARG L 281 -28.20 28.18 28.13
CA ARG L 281 -28.74 29.30 28.89
C ARG L 281 -30.24 29.16 29.11
N SER L 282 -30.92 28.36 28.29
CA SER L 282 -32.35 28.12 28.44
C SER L 282 -32.65 26.90 29.30
N ILE L 283 -31.68 26.39 30.04
CA ILE L 283 -31.88 25.31 30.99
C ILE L 283 -31.50 25.83 32.38
N PRO L 284 -32.44 25.93 33.32
CA PRO L 284 -32.16 26.49 34.65
C PRO L 284 -31.57 25.48 35.64
N ASN L 285 -30.52 24.78 35.21
CA ASN L 285 -29.87 23.75 36.02
C ASN L 285 -28.50 23.52 35.42
N LYS L 286 -27.45 23.71 36.22
CA LYS L 286 -26.08 23.66 35.69
C LYS L 286 -25.59 22.24 35.40
N LEU L 287 -26.40 21.21 35.65
CA LEU L 287 -26.09 19.87 35.19
C LEU L 287 -26.89 19.49 33.96
N GLY L 288 -28.16 19.86 33.90
CA GLY L 288 -28.94 19.68 32.69
C GLY L 288 -28.47 20.53 31.54
N GLY L 289 -27.82 21.66 31.82
CA GLY L 289 -27.32 22.50 30.76
C GLY L 289 -26.00 22.06 30.19
N VAL L 290 -25.17 21.38 30.98
CA VAL L 290 -23.92 20.86 30.45
C VAL L 290 -24.13 19.51 29.75
N LEU L 291 -25.24 18.83 30.00
CA LEU L 291 -25.53 17.61 29.27
C LEU L 291 -26.08 17.90 27.88
N ALA L 292 -26.95 18.91 27.77
CA ALA L 292 -27.50 19.27 26.47
C ALA L 292 -26.52 20.03 25.59
N LEU L 293 -25.41 20.51 26.15
CA LEU L 293 -24.35 21.09 25.32
C LEU L 293 -23.58 20.00 24.59
N VAL L 294 -23.24 18.92 25.28
CA VAL L 294 -22.53 17.81 24.64
C VAL L 294 -23.48 17.00 23.77
N ALA L 295 -24.77 16.98 24.10
CA ALA L 295 -25.73 16.26 23.29
C ALA L 295 -26.15 17.00 22.03
N SER L 296 -25.68 18.23 21.82
CA SER L 296 -25.97 18.96 20.60
C SER L 296 -24.94 18.73 19.51
N ILE L 297 -23.76 18.21 19.87
CA ILE L 297 -22.75 17.88 18.87
C ILE L 297 -22.59 16.37 18.68
N LEU L 298 -22.65 15.57 19.74
CA LEU L 298 -22.53 14.12 19.66
C LEU L 298 -23.80 13.44 19.15
N ILE L 299 -24.88 14.18 18.91
CA ILE L 299 -26.07 13.63 18.26
C ILE L 299 -25.83 13.26 16.80
N LEU L 300 -24.73 13.72 16.20
CA LEU L 300 -24.42 13.40 14.82
C LEU L 300 -24.04 11.93 14.63
N ILE L 301 -23.58 11.26 15.68
CA ILE L 301 -23.18 9.85 15.59
C ILE L 301 -24.37 8.92 15.43
N LEU L 302 -25.57 9.35 15.82
CA LEU L 302 -26.77 8.55 15.65
C LEU L 302 -27.37 8.63 14.26
N MET L 303 -26.79 9.43 13.36
CA MET L 303 -27.35 9.56 12.02
C MET L 303 -27.27 8.31 11.15
N PRO L 304 -26.23 7.45 11.20
CA PRO L 304 -26.36 6.14 10.52
C PRO L 304 -27.44 5.24 11.07
N MET L 305 -27.73 5.28 12.37
CA MET L 305 -28.71 4.37 12.95
C MET L 305 -30.14 4.82 12.70
N LEU L 306 -30.37 6.12 12.53
CA LEU L 306 -31.72 6.65 12.40
C LEU L 306 -32.22 6.65 10.96
N HIS L 307 -31.46 6.11 10.01
CA HIS L 307 -31.79 6.19 8.60
C HIS L 307 -32.78 5.09 8.21
N THR L 308 -33.93 5.48 7.66
CA THR L 308 -34.99 4.54 7.32
C THR L 308 -35.41 4.62 5.86
N SER L 309 -34.77 5.45 5.05
CA SER L 309 -35.11 5.55 3.64
C SER L 309 -34.41 4.45 2.84
N LYS L 310 -35.04 4.08 1.73
CA LYS L 310 -34.45 3.14 0.78
C LYS L 310 -33.44 3.80 -0.15
N GLN L 311 -33.45 5.12 -0.28
CA GLN L 311 -32.49 5.89 -1.05
C GLN L 311 -31.45 6.50 -0.13
N ARG L 312 -30.33 6.92 -0.71
CA ARG L 312 -29.22 7.39 0.10
C ARG L 312 -29.26 8.89 0.38
N SER L 313 -29.43 9.71 -0.67
CA SER L 313 -29.33 11.16 -0.56
C SER L 313 -30.73 11.77 -0.50
N MET L 314 -30.79 13.11 -0.55
CA MET L 314 -32.05 13.83 -0.50
C MET L 314 -32.45 14.45 -1.83
N MET L 315 -31.80 14.08 -2.94
CA MET L 315 -32.10 14.70 -4.23
C MET L 315 -33.50 14.36 -4.73
N PHE L 316 -34.00 13.16 -4.44
CA PHE L 316 -35.31 12.74 -4.90
C PHE L 316 -36.34 12.65 -3.78
N ARG L 317 -36.08 13.30 -2.64
CA ARG L 317 -36.95 13.25 -1.46
C ARG L 317 -37.46 14.64 -1.13
N PRO L 318 -38.60 15.05 -1.70
CA PRO L 318 -39.08 16.43 -1.49
C PRO L 318 -39.60 16.71 -0.08
N LEU L 319 -40.19 15.71 0.59
CA LEU L 319 -40.66 15.95 1.96
C LEU L 319 -39.51 16.04 2.95
N SER L 320 -38.40 15.36 2.69
CA SER L 320 -37.24 15.45 3.57
C SER L 320 -36.43 16.71 3.34
N GLN L 321 -36.51 17.30 2.14
CA GLN L 321 -35.83 18.57 1.88
C GLN L 321 -36.44 19.71 2.67
N CYS L 322 -37.75 19.66 2.91
CA CYS L 322 -38.41 20.67 3.71
C CYS L 322 -37.93 20.64 5.16
N LEU L 323 -37.67 19.45 5.69
CA LEU L 323 -37.23 19.31 7.06
C LEU L 323 -35.77 19.70 7.23
N PHE L 324 -34.96 19.53 6.20
CA PHE L 324 -33.55 19.93 6.26
C PHE L 324 -33.42 21.45 6.35
N TRP L 325 -34.25 22.19 5.63
CA TRP L 325 -34.16 23.65 5.68
C TRP L 325 -34.90 24.23 6.87
N MET L 326 -35.80 23.49 7.50
CA MET L 326 -36.32 23.89 8.80
C MET L 326 -35.26 23.77 9.87
N LEU L 327 -34.33 22.83 9.73
CA LEU L 327 -33.25 22.69 10.68
C LEU L 327 -32.22 23.80 10.53
N VAL L 328 -32.00 24.28 9.30
CA VAL L 328 -31.07 25.38 9.09
C VAL L 328 -31.65 26.68 9.61
N ALA L 329 -32.95 26.89 9.41
CA ALA L 329 -33.62 28.07 9.96
C ALA L 329 -33.74 28.01 11.48
N ASP L 330 -33.67 26.82 12.07
CA ASP L 330 -33.66 26.69 13.53
C ASP L 330 -32.30 27.04 14.13
N LEU L 331 -31.21 26.81 13.39
CA LEU L 331 -29.90 27.21 13.89
C LEU L 331 -29.62 28.69 13.67
N ILE L 332 -30.34 29.34 12.76
CA ILE L 332 -30.23 30.78 12.61
C ILE L 332 -30.92 31.48 13.78
N THR L 333 -32.05 30.92 14.23
CA THR L 333 -32.77 31.44 15.38
C THR L 333 -31.94 31.35 16.66
N LEU L 334 -31.21 30.25 16.85
CA LEU L 334 -30.41 30.09 18.05
C LEU L 334 -29.17 30.98 18.04
N THR L 335 -28.67 31.33 16.86
CA THR L 335 -27.54 32.26 16.77
C THR L 335 -27.98 33.68 17.10
N TRP L 336 -29.23 34.02 16.79
CA TRP L 336 -29.73 35.35 17.12
C TRP L 336 -30.09 35.44 18.60
N ILE L 337 -30.73 34.40 19.15
CA ILE L 337 -31.16 34.37 20.55
C ILE L 337 -29.95 34.41 21.48
N GLY L 338 -28.87 33.76 21.09
CA GLY L 338 -27.67 33.71 21.91
C GLY L 338 -26.87 34.99 22.01
N GLY L 339 -27.34 36.09 21.41
CA GLY L 339 -26.68 37.37 21.54
C GLY L 339 -27.62 38.42 22.10
N GLN L 340 -28.77 38.01 22.52
CA GLN L 340 -29.85 38.76 23.15
C GLN L 340 -29.80 38.63 24.66
N PRO L 341 -30.29 39.61 25.41
CA PRO L 341 -30.34 39.46 26.87
C PRO L 341 -31.44 38.50 27.29
N VAL L 342 -31.31 38.00 28.52
CA VAL L 342 -32.23 37.00 29.04
C VAL L 342 -33.45 37.73 29.57
N GLU L 343 -34.42 37.98 28.69
CA GLU L 343 -35.62 38.75 29.02
C GLU L 343 -36.85 37.98 28.59
N HIS L 344 -38.02 38.64 28.56
CA HIS L 344 -39.29 37.93 28.37
C HIS L 344 -39.46 37.23 27.03
N PRO L 345 -39.29 37.85 25.85
CA PRO L 345 -39.57 37.09 24.62
C PRO L 345 -38.45 36.15 24.23
N PHE L 346 -37.26 36.33 24.77
CA PHE L 346 -36.11 35.54 24.37
C PHE L 346 -35.82 34.37 25.31
N ILE L 347 -36.77 34.00 26.16
CA ILE L 347 -36.68 32.76 26.92
C ILE L 347 -37.67 31.73 26.42
N ILE L 348 -38.89 32.15 26.05
CA ILE L 348 -39.85 31.21 25.49
C ILE L 348 -39.47 30.84 24.05
N ILE L 349 -38.80 31.76 23.34
CA ILE L 349 -38.34 31.46 21.99
C ILE L 349 -37.07 30.62 22.03
N GLY L 350 -36.12 30.98 22.89
CA GLY L 350 -34.86 30.27 22.97
C GLY L 350 -34.94 28.88 23.57
N GLN L 351 -36.05 28.54 24.23
CA GLN L 351 -36.21 27.20 24.77
C GLN L 351 -37.15 26.33 23.96
N LEU L 352 -38.03 26.92 23.14
CA LEU L 352 -38.76 26.12 22.17
C LEU L 352 -37.90 25.77 20.96
N ALA L 353 -36.97 26.65 20.58
CA ALA L 353 -36.05 26.34 19.50
C ALA L 353 -35.00 25.34 19.93
N SER L 354 -34.72 25.24 21.23
CA SER L 354 -33.83 24.18 21.71
C SER L 354 -34.51 22.82 21.66
N ILE L 355 -35.83 22.79 21.79
CA ILE L 355 -36.58 21.54 21.71
C ILE L 355 -36.68 21.05 20.27
N LEU L 356 -37.00 21.97 19.35
CA LEU L 356 -37.22 21.61 17.95
C LEU L 356 -35.95 21.14 17.25
N TYR L 357 -34.76 21.51 17.74
CA TYR L 357 -33.53 21.02 17.18
C TYR L 357 -33.36 19.51 17.40
N PHE L 358 -33.83 19.02 18.54
CA PHE L 358 -33.77 17.59 18.83
C PHE L 358 -34.97 16.83 18.30
N LEU L 359 -36.11 17.49 18.13
CA LEU L 359 -37.30 16.82 17.63
C LEU L 359 -37.20 16.50 16.14
N ILE L 360 -36.45 17.31 15.38
CA ILE L 360 -36.34 17.08 13.93
C ILE L 360 -35.43 15.90 13.65
N ILE L 361 -34.29 15.83 14.35
CA ILE L 361 -33.29 14.79 14.07
C ILE L 361 -33.78 13.43 14.54
N LEU L 362 -34.40 13.37 15.73
CA LEU L 362 -34.70 12.08 16.34
C LEU L 362 -36.04 11.51 15.92
N VAL L 363 -37.06 12.33 15.75
CA VAL L 363 -38.43 11.87 15.60
C VAL L 363 -39.00 12.16 14.22
N LEU L 364 -38.84 13.41 13.76
CA LEU L 364 -39.54 13.84 12.55
C LEU L 364 -38.86 13.30 11.29
N MET L 365 -37.54 13.25 11.26
CA MET L 365 -36.82 12.71 10.11
C MET L 365 -36.97 11.19 9.91
N PRO L 366 -36.94 10.32 10.94
CA PRO L 366 -37.18 8.90 10.65
C PRO L 366 -38.60 8.55 10.27
N ILE L 367 -39.60 9.30 10.73
CA ILE L 367 -40.98 8.98 10.38
C ILE L 367 -41.29 9.43 8.95
N THR L 368 -40.73 10.56 8.53
CA THR L 368 -41.00 11.09 7.20
C THR L 368 -40.38 10.25 6.10
N SER L 369 -39.21 9.64 6.36
CA SER L 369 -38.62 8.75 5.37
C SER L 369 -39.45 7.48 5.18
N ILE L 370 -40.11 7.02 6.25
CA ILE L 370 -40.97 5.84 6.15
C ILE L 370 -42.23 6.17 5.36
N ILE L 371 -42.77 7.38 5.54
CA ILE L 371 -43.94 7.81 4.78
C ILE L 371 -43.63 7.93 3.29
N GLU L 372 -42.43 8.41 2.96
CA GLU L 372 -42.02 8.47 1.56
C GLU L 372 -41.72 7.09 0.97
N ASN L 373 -41.35 6.13 1.82
CA ASN L 373 -41.17 4.76 1.36
C ASN L 373 -42.50 4.14 0.93
N ASN L 374 -43.56 4.42 1.68
CA ASN L 374 -44.87 3.85 1.35
C ASN L 374 -45.47 4.50 0.10
N LEU L 375 -45.14 5.76 -0.17
CA LEU L 375 -45.70 6.44 -1.33
C LEU L 375 -45.06 6.01 -2.64
N LEU L 376 -43.85 5.44 -2.60
CA LEU L 376 -43.20 4.91 -3.79
C LEU L 376 -43.42 3.43 -3.98
N LYS L 377 -44.39 2.84 -3.27
CA LYS L 377 -44.80 1.42 -3.37
C LYS L 377 -43.70 0.44 -3.01
N TRP L 378 -42.70 0.85 -2.22
CA TRP L 378 -41.88 -0.15 -1.53
C TRP L 378 -42.14 -0.07 -0.03
N THR M 1 -31.05 51.98 33.04
CA THR M 1 -31.55 50.61 33.18
C THR M 1 -32.86 50.41 32.43
N ASP M 2 -33.29 51.46 31.73
CA ASP M 2 -34.60 51.46 31.09
C ASP M 2 -34.49 51.43 29.56
N LEU M 3 -33.90 52.45 28.96
CA LEU M 3 -33.48 52.42 27.57
C LEU M 3 -32.13 53.10 27.46
N GLU M 4 -31.68 53.27 26.24
CA GLU M 4 -30.43 53.95 25.96
C GLU M 4 -30.56 54.72 24.66
N LEU M 5 -29.71 55.73 24.52
CA LEU M 5 -29.68 56.56 23.32
C LEU M 5 -28.40 56.24 22.55
N HIS M 6 -28.57 55.87 21.29
CA HIS M 6 -27.45 55.50 20.43
C HIS M 6 -27.08 56.66 19.52
N ALA M 7 -25.79 56.78 19.24
CA ALA M 7 -25.29 57.91 18.48
C ALA M 7 -25.70 57.80 17.01
N PRO M 8 -26.00 58.91 16.34
CA PRO M 8 -26.33 58.88 14.92
C PRO M 8 -25.07 58.71 14.07
N SER M 9 -25.28 58.66 12.77
CA SER M 9 -24.19 58.44 11.81
C SER M 9 -23.71 59.79 11.28
N TYR M 10 -22.48 60.14 11.59
CA TYR M 10 -21.97 61.39 11.06
C TYR M 10 -21.12 61.13 9.81
N PRO M 11 -21.27 61.94 8.76
CA PRO M 11 -20.49 61.71 7.55
C PRO M 11 -19.04 62.13 7.70
N TRP M 12 -18.23 61.27 8.31
CA TRP M 12 -16.81 61.54 8.46
C TRP M 12 -16.12 61.52 7.10
N SER M 13 -14.97 62.20 7.04
CA SER M 13 -14.20 62.24 5.81
C SER M 13 -13.34 61.00 5.60
N HIS M 14 -13.40 60.02 6.51
CA HIS M 14 -12.74 58.74 6.36
C HIS M 14 -13.75 57.59 6.36
N ARG M 15 -15.02 57.91 6.16
CA ARG M 15 -16.10 56.94 6.25
C ARG M 15 -16.15 55.99 5.04
N GLY M 16 -15.69 56.45 3.88
CA GLY M 16 -15.74 55.65 2.68
C GLY M 16 -14.74 54.50 2.68
N LEU M 17 -14.85 53.67 1.64
CA LEU M 17 -14.05 52.46 1.53
C LEU M 17 -12.61 52.73 1.11
N LEU M 18 -12.38 53.76 0.31
CA LEU M 18 -11.04 54.12 -0.13
C LEU M 18 -10.64 55.50 0.37
N SER M 19 -11.17 55.92 1.51
CA SER M 19 -11.00 57.26 2.05
C SER M 19 -9.91 57.27 3.10
N SER M 20 -9.00 58.23 3.01
CA SER M 20 -7.99 58.42 4.05
C SER M 20 -8.54 59.29 5.17
N LEU M 21 -7.71 59.49 6.19
CA LEU M 21 -7.98 60.48 7.23
C LEU M 21 -7.44 61.82 6.79
N ASP M 22 -8.05 62.89 7.29
CA ASP M 22 -7.54 64.24 7.04
C ASP M 22 -6.37 64.50 7.98
N HIS M 23 -5.18 64.73 7.41
CA HIS M 23 -3.97 64.87 8.20
C HIS M 23 -3.71 66.29 8.66
N THR M 24 -4.68 67.20 8.49
CA THR M 24 -4.68 68.48 9.19
C THR M 24 -5.60 68.48 10.39
N SER M 25 -6.62 67.61 10.40
CA SER M 25 -7.56 67.53 11.50
C SER M 25 -7.08 66.61 12.63
N ILE M 26 -6.00 65.86 12.41
CA ILE M 26 -5.37 65.11 13.50
C ILE M 26 -4.44 66.02 14.30
N ARG M 27 -3.75 66.94 13.60
CA ARG M 27 -2.90 67.92 14.27
C ARG M 27 -3.72 68.85 15.15
N ARG M 28 -4.88 69.30 14.66
CA ARG M 28 -5.71 70.19 15.46
C ARG M 28 -6.36 69.44 16.62
N GLY M 29 -6.60 68.14 16.46
CA GLY M 29 -7.23 67.37 17.51
C GLY M 29 -6.29 66.78 18.53
N PHE M 30 -4.98 66.77 18.24
CA PHE M 30 -4.01 66.34 19.24
C PHE M 30 -3.94 67.33 20.39
N GLN M 31 -4.08 68.63 20.10
CA GLN M 31 -4.02 69.65 21.13
C GLN M 31 -5.31 69.78 21.92
N VAL M 32 -6.40 69.18 21.44
CA VAL M 32 -7.60 69.10 22.28
C VAL M 32 -7.43 68.03 23.34
N TYR M 33 -6.57 67.04 23.11
CA TYR M 33 -6.20 66.12 24.18
C TYR M 33 -5.08 66.68 25.03
N LYS M 34 -4.13 67.38 24.41
CA LYS M 34 -2.90 67.78 25.11
C LYS M 34 -3.16 68.92 26.10
N GLN M 35 -3.80 69.99 25.65
CA GLN M 35 -3.91 71.20 26.45
C GLN M 35 -5.31 71.43 27.02
N VAL M 36 -6.32 70.70 26.56
CA VAL M 36 -7.66 70.76 27.15
C VAL M 36 -7.92 69.59 28.08
N CYS M 37 -7.11 68.56 28.01
CA CYS M 37 -7.30 67.36 28.82
C CYS M 37 -5.91 66.82 29.19
N SER M 38 -5.86 65.52 29.53
CA SER M 38 -4.81 64.80 30.26
C SER M 38 -4.83 65.15 31.75
N SER M 39 -5.87 65.84 32.20
CA SER M 39 -6.17 66.01 33.61
C SER M 39 -7.01 64.88 34.16
N CYS M 40 -7.53 64.01 33.29
CA CYS M 40 -8.29 62.85 33.71
C CYS M 40 -7.90 61.57 32.98
N HIS M 41 -7.30 61.65 31.79
CA HIS M 41 -7.14 60.53 30.88
C HIS M 41 -5.67 60.35 30.51
N SER M 42 -5.23 59.10 30.45
CA SER M 42 -3.82 58.73 30.35
C SER M 42 -3.32 58.54 28.92
N MET M 43 -4.00 57.71 28.13
CA MET M 43 -3.58 57.24 26.81
C MET M 43 -2.17 56.61 26.87
N ASP M 44 -2.13 55.47 27.56
CA ASP M 44 -0.89 54.79 27.91
C ASP M 44 -0.32 53.93 26.79
N TYR M 45 -0.81 54.03 25.56
CA TYR M 45 -0.32 53.19 24.48
C TYR M 45 0.20 53.97 23.28
N VAL M 46 0.05 55.29 23.26
CA VAL M 46 0.57 56.14 22.20
C VAL M 46 1.70 56.99 22.78
N ALA M 47 2.75 57.20 21.98
CA ALA M 47 3.93 57.94 22.38
C ALA M 47 3.99 59.28 21.67
N TYR M 48 5.05 60.04 21.97
CA TYR M 48 5.46 61.16 21.14
C TYR M 48 6.28 60.70 19.94
N ARG M 49 6.61 59.42 19.87
CA ARG M 49 7.32 58.82 18.76
C ARG M 49 6.42 58.58 17.56
N HIS M 50 5.15 58.26 17.80
CA HIS M 50 4.22 57.84 16.75
C HIS M 50 3.53 59.02 16.07
N LEU M 51 3.85 60.25 16.43
CA LEU M 51 3.19 61.41 15.85
C LEU M 51 3.91 61.95 14.63
N VAL M 52 5.07 61.40 14.27
CA VAL M 52 5.91 61.96 13.23
C VAL M 52 5.49 61.38 11.89
N GLY M 53 5.16 62.25 10.93
CA GLY M 53 4.75 61.85 9.60
C GLY M 53 3.26 61.79 9.44
N VAL M 54 2.51 61.79 10.53
CA VAL M 54 1.06 61.78 10.47
C VAL M 54 0.53 63.20 10.54
N CYS M 55 0.93 63.94 11.59
CA CYS M 55 0.51 65.32 11.73
C CYS M 55 1.62 66.27 12.11
N TYR M 56 2.85 65.80 12.29
CA TYR M 56 3.98 66.67 12.61
C TYR M 56 5.21 66.11 11.92
N THR M 57 6.14 67.00 11.56
CA THR M 57 7.49 66.52 11.30
C THR M 57 8.26 66.43 12.62
N GLU M 58 9.46 65.81 12.57
CA GLU M 58 10.11 65.32 13.78
C GLU M 58 10.63 66.43 14.69
N GLU M 59 11.02 67.57 14.12
CA GLU M 59 11.03 68.84 14.84
C GLU M 59 9.68 69.48 14.56
N GLU M 60 9.12 70.14 15.59
CA GLU M 60 7.71 70.39 15.95
C GLU M 60 7.16 69.21 16.75
N ALA M 61 7.88 68.10 16.84
CA ALA M 61 7.40 66.95 17.60
C ALA M 61 8.16 66.75 18.91
N LYS M 62 9.48 66.94 18.89
CA LYS M 62 10.27 66.81 20.12
C LYS M 62 10.00 67.98 21.07
N ALA M 63 9.63 69.15 20.53
CA ALA M 63 9.37 70.31 21.37
C ALA M 63 8.12 70.16 22.21
N LEU M 64 7.15 69.34 21.76
CA LEU M 64 6.01 69.03 22.60
C LEU M 64 6.34 68.00 23.67
N ALA M 65 7.42 67.25 23.49
CA ALA M 65 7.90 66.34 24.52
C ALA M 65 8.85 67.03 25.51
N GLU M 66 9.57 68.04 25.05
CA GLU M 66 10.36 68.90 25.94
C GLU M 66 9.54 70.07 26.44
N GLU M 67 8.35 69.75 26.96
CA GLU M 67 7.43 70.70 27.56
C GLU M 67 6.82 70.19 28.85
N VAL M 68 6.64 68.88 29.02
CA VAL M 68 6.16 68.28 30.25
C VAL M 68 7.37 67.75 31.01
N GLU M 69 7.24 67.66 32.33
CA GLU M 69 8.31 67.16 33.19
C GLU M 69 7.79 65.97 33.96
N VAL M 70 8.37 64.79 33.68
CA VAL M 70 8.01 63.55 34.35
C VAL M 70 9.27 62.97 35.00
N GLN M 71 9.05 62.08 35.96
CA GLN M 71 10.13 61.55 36.78
C GLN M 71 10.81 60.38 36.07
N ASP M 72 12.12 60.50 35.88
CA ASP M 72 12.93 59.44 35.32
C ASP M 72 13.36 58.49 36.45
N GLY M 73 14.27 57.57 36.14
CA GLY M 73 14.79 56.66 37.13
C GLY M 73 15.88 57.28 37.98
N PRO M 74 16.62 56.46 38.72
CA PRO M 74 17.67 57.00 39.58
C PRO M 74 19.02 57.03 38.89
N ASN M 75 19.96 57.77 39.47
CA ASN M 75 21.36 57.71 39.07
C ASN M 75 22.22 57.78 40.33
N GLU M 76 23.34 57.05 40.31
CA GLU M 76 24.26 57.04 41.45
C GLU M 76 24.93 58.40 41.61
N ASP M 77 25.46 58.65 42.80
CA ASP M 77 25.75 59.98 43.35
C ASP M 77 24.50 60.85 43.24
N GLY M 78 23.39 60.29 43.71
CA GLY M 78 22.11 60.96 43.67
C GLY M 78 20.99 59.96 43.90
N GLU M 79 19.80 60.32 43.42
CA GLU M 79 18.60 59.52 43.59
C GLU M 79 17.71 59.76 42.37
N MET M 80 16.40 59.54 42.55
CA MET M 80 15.40 59.81 41.52
C MET M 80 15.43 61.26 41.09
N PHE M 81 15.85 61.50 39.85
CA PHE M 81 15.96 62.83 39.29
C PHE M 81 14.88 63.03 38.23
N MET M 82 14.90 64.22 37.62
CA MET M 82 13.95 64.59 36.58
C MET M 82 14.70 64.81 35.27
N ARG M 83 14.21 64.19 34.21
CA ARG M 83 14.70 64.42 32.86
C ARG M 83 13.50 64.34 31.91
N PRO M 84 13.15 65.45 31.24
CA PRO M 84 11.94 65.47 30.40
C PRO M 84 12.07 64.67 29.11
N GLY M 85 11.09 64.83 28.22
CA GLY M 85 10.84 64.01 27.04
C GLY M 85 12.02 63.57 26.19
N LYS M 86 12.26 62.26 26.17
CA LYS M 86 13.35 61.65 25.44
C LYS M 86 12.87 61.01 24.14
N LEU M 87 11.96 61.70 23.44
CA LEU M 87 11.50 61.43 22.07
C LEU M 87 10.65 60.16 21.97
N SER M 88 10.62 59.34 23.01
CA SER M 88 9.90 58.07 23.03
C SER M 88 9.29 57.94 24.42
N ASP M 89 8.12 58.52 24.61
CA ASP M 89 7.50 58.60 25.93
C ASP M 89 5.98 58.60 25.80
N TYR M 90 5.33 57.80 26.63
CA TYR M 90 3.89 57.75 26.65
C TYR M 90 3.31 59.01 27.27
N PHE M 91 2.01 59.17 27.11
CA PHE M 91 1.42 60.44 27.52
C PHE M 91 1.11 60.40 29.01
N PRO M 92 1.35 61.49 29.74
CA PRO M 92 1.40 61.41 31.22
C PRO M 92 0.02 61.31 31.83
N LYS M 93 -0.14 60.33 32.69
CA LYS M 93 -1.32 60.11 33.50
C LYS M 93 -1.46 61.20 34.57
N PRO M 94 -2.70 61.50 35.00
CA PRO M 94 -2.87 62.49 36.07
C PRO M 94 -2.83 61.95 37.49
N TYR M 95 -3.26 60.70 37.69
CA TYR M 95 -3.54 60.24 39.05
C TYR M 95 -2.56 59.16 39.48
N PRO M 96 -2.06 59.22 40.71
CA PRO M 96 -0.98 58.31 41.13
C PRO M 96 -1.45 56.92 41.48
N ASN M 97 -2.77 56.70 41.56
CA ASN M 97 -3.37 55.46 42.03
C ASN M 97 -4.85 55.55 41.64
N PRO M 98 -5.54 54.45 41.40
CA PRO M 98 -7.02 54.49 41.44
C PRO M 98 -7.59 54.89 42.79
N GLU M 99 -6.81 54.79 43.88
CA GLU M 99 -7.21 55.33 45.18
C GLU M 99 -7.45 56.83 45.11
N ALA M 100 -6.47 57.58 44.60
CA ALA M 100 -6.61 59.03 44.49
C ALA M 100 -7.37 59.46 43.25
N ALA M 101 -7.64 58.54 42.34
CA ALA M 101 -8.31 58.90 41.10
C ALA M 101 -9.80 59.16 41.34
N ARG M 102 -10.50 58.19 41.90
CA ARG M 102 -11.94 58.32 42.09
C ARG M 102 -12.31 59.23 43.24
N ALA M 103 -11.36 59.52 44.14
CA ALA M 103 -11.61 60.51 45.18
C ALA M 103 -11.60 61.91 44.62
N ALA M 104 -10.90 62.12 43.50
CA ALA M 104 -10.92 63.42 42.83
C ALA M 104 -12.16 63.60 41.98
N ASN M 105 -12.92 62.52 41.73
CA ASN M 105 -14.04 62.58 40.80
C ASN M 105 -15.31 61.96 41.38
N ASN M 106 -15.41 61.92 42.72
CA ASN M 106 -16.61 61.50 43.47
C ASN M 106 -16.97 60.04 43.18
N GLY M 107 -15.98 59.16 43.30
CA GLY M 107 -16.21 57.74 43.17
C GLY M 107 -16.28 57.22 41.74
N ALA M 108 -15.49 57.78 40.82
CA ALA M 108 -15.45 57.29 39.46
C ALA M 108 -14.06 57.54 38.88
N LEU M 109 -13.55 56.57 38.14
CA LEU M 109 -12.27 56.73 37.46
C LEU M 109 -12.53 56.95 35.99
N PRO M 110 -12.21 58.12 35.43
CA PRO M 110 -12.29 58.30 33.98
C PRO M 110 -11.26 57.45 33.27
N PRO M 111 -11.67 56.65 32.29
CA PRO M 111 -10.81 55.60 31.75
C PRO M 111 -9.75 56.11 30.80
N ASP M 112 -8.87 55.20 30.40
CA ASP M 112 -7.88 55.45 29.36
C ASP M 112 -8.57 55.65 28.02
N LEU M 113 -7.92 56.39 27.12
CA LEU M 113 -8.53 56.79 25.86
C LEU M 113 -7.80 56.28 24.63
N SER M 114 -6.71 55.52 24.78
CA SER M 114 -5.95 55.07 23.62
C SER M 114 -6.63 53.93 22.86
N TYR M 115 -7.73 53.39 23.37
CA TYR M 115 -8.54 52.41 22.67
C TYR M 115 -10.03 52.64 22.90
N ILE M 116 -10.43 53.88 23.18
CA ILE M 116 -11.78 54.14 23.67
C ILE M 116 -12.83 54.10 22.56
N VAL M 117 -12.46 54.38 21.31
CA VAL M 117 -13.45 54.28 20.24
C VAL M 117 -13.52 52.88 19.66
N ARG M 118 -12.51 52.04 19.89
CA ARG M 118 -12.63 50.63 19.54
C ARG M 118 -13.33 49.82 20.62
N ALA M 119 -13.56 50.40 21.80
CA ALA M 119 -14.10 49.68 22.93
C ALA M 119 -15.56 50.00 23.21
N ARG M 120 -16.19 50.85 22.41
CA ARG M 120 -17.58 51.20 22.61
C ARG M 120 -18.38 50.87 21.35
N HIS M 121 -19.69 50.71 21.53
CA HIS M 121 -20.59 50.42 20.41
C HIS M 121 -21.02 51.67 19.66
N GLY M 122 -20.11 52.59 19.37
CA GLY M 122 -20.43 53.68 18.47
C GLY M 122 -19.24 54.17 17.68
N GLY M 123 -18.07 53.60 17.94
CA GLY M 123 -16.85 54.11 17.33
C GLY M 123 -16.52 55.50 17.78
N GLU M 124 -16.08 56.33 16.83
CA GLU M 124 -15.85 57.75 17.09
C GLU M 124 -17.12 58.58 16.92
N ASP M 125 -18.24 57.98 16.53
CA ASP M 125 -19.52 58.67 16.56
C ASP M 125 -20.08 58.76 17.97
N TYR M 126 -19.68 57.85 18.86
CA TYR M 126 -20.17 57.88 20.23
C TYR M 126 -19.47 58.94 21.05
N VAL M 127 -18.16 59.10 20.85
CA VAL M 127 -17.38 60.07 21.60
C VAL M 127 -17.80 61.49 21.24
N PHE M 128 -18.10 61.74 19.96
CA PHE M 128 -18.58 63.04 19.52
C PHE M 128 -19.97 63.33 20.07
N SER M 129 -20.85 62.33 20.08
CA SER M 129 -22.23 62.57 20.47
C SER M 129 -22.41 62.69 21.99
N LEU M 130 -21.40 62.34 22.78
CA LEU M 130 -21.44 62.52 24.23
C LEU M 130 -20.72 63.78 24.68
N LEU M 131 -19.70 64.22 23.95
CA LEU M 131 -19.03 65.48 24.27
C LEU M 131 -19.90 66.70 24.00
N THR M 132 -20.86 66.61 23.06
CA THR M 132 -21.68 67.74 22.66
C THR M 132 -23.16 67.46 22.85
N GLY M 133 -23.53 66.70 23.88
CA GLY M 133 -24.92 66.31 24.01
C GLY M 133 -25.52 66.55 25.38
N TYR M 134 -24.94 67.49 26.13
CA TYR M 134 -25.33 67.69 27.51
C TYR M 134 -26.68 68.40 27.62
N CYS M 135 -27.43 68.03 28.65
CA CYS M 135 -28.75 68.59 28.88
C CYS M 135 -28.89 68.88 30.37
N GLU M 136 -30.00 69.38 30.74
CA GLU M 136 -30.27 69.56 32.15
C GLU M 136 -31.12 68.40 32.66
N PRO M 137 -30.98 68.05 33.94
CA PRO M 137 -31.76 66.93 34.51
C PRO M 137 -33.24 67.20 34.47
N PRO M 138 -34.03 66.33 33.83
CA PRO M 138 -35.47 66.61 33.68
C PRO M 138 -36.27 66.38 34.95
N THR M 139 -37.58 66.53 34.82
CA THR M 139 -38.53 66.53 35.94
C THR M 139 -38.60 65.15 36.58
N GLY M 140 -38.19 65.06 37.84
CA GLY M 140 -38.24 63.83 38.59
C GLY M 140 -36.89 63.16 38.79
N VAL M 141 -35.88 63.53 38.02
CA VAL M 141 -34.59 62.87 38.06
C VAL M 141 -33.73 63.61 39.08
N SER M 142 -33.82 63.16 40.33
CA SER M 142 -33.09 63.78 41.44
C SER M 142 -31.72 63.13 41.53
N LEU M 143 -30.71 63.78 40.93
CA LEU M 143 -29.38 63.22 40.93
C LEU M 143 -28.55 63.78 42.09
N ARG M 144 -27.58 63.03 42.52
CA ARG M 144 -26.83 63.26 43.76
C ARG M 144 -25.69 64.25 43.53
N GLU M 145 -24.77 64.32 44.44
CA GLU M 145 -23.58 65.20 44.45
C GLU M 145 -22.89 65.31 43.09
N GLY M 146 -22.42 64.20 42.55
CA GLY M 146 -21.58 64.28 41.38
C GLY M 146 -22.14 63.79 40.07
N LEU M 147 -23.40 64.11 39.75
CA LEU M 147 -24.05 63.55 38.56
C LEU M 147 -24.58 64.67 37.68
N TYR M 148 -24.04 64.76 36.47
CA TYR M 148 -24.53 65.67 35.45
C TYR M 148 -25.24 64.86 34.37
N PHE M 149 -26.46 65.26 34.02
CA PHE M 149 -27.35 64.44 33.23
C PHE M 149 -26.91 64.44 31.76
N ASN M 150 -26.37 63.31 31.30
CA ASN M 150 -25.99 63.12 29.92
C ASN M 150 -26.85 62.01 29.33
N PRO M 151 -27.68 62.28 28.32
CA PRO M 151 -28.60 61.24 27.83
C PRO M 151 -27.92 60.17 26.98
N TYR M 152 -26.66 60.36 26.59
CA TYR M 152 -25.92 59.39 25.79
C TYR M 152 -25.00 58.52 26.63
N PHE M 153 -25.35 58.32 27.89
CA PHE M 153 -24.52 57.56 28.82
C PHE M 153 -25.29 56.34 29.32
N PRO M 154 -24.61 55.22 29.56
CA PRO M 154 -25.28 54.09 30.20
C PRO M 154 -25.56 54.37 31.66
N GLY M 155 -26.82 54.66 31.99
CA GLY M 155 -27.21 54.99 33.34
C GLY M 155 -27.54 56.44 33.57
N GLN M 156 -27.42 57.29 32.54
CA GLN M 156 -27.88 58.68 32.49
C GLN M 156 -27.19 59.60 33.49
N ALA M 157 -26.13 59.14 34.14
CA ALA M 157 -25.62 59.75 35.36
C ALA M 157 -24.10 59.78 35.37
N ILE M 158 -23.50 60.25 34.28
CA ILE M 158 -22.05 60.30 34.21
C ILE M 158 -21.53 61.34 35.21
N ALA M 159 -20.36 61.05 35.81
CA ALA M 159 -19.76 61.97 36.76
C ALA M 159 -18.85 62.97 36.08
N MET M 160 -19.35 63.59 35.02
CA MET M 160 -18.54 64.37 34.09
C MET M 160 -19.17 65.73 33.92
N ALA M 161 -18.55 66.76 34.48
CA ALA M 161 -18.86 68.12 34.08
C ALA M 161 -18.37 68.32 32.64
N PRO M 162 -19.06 69.15 31.86
CA PRO M 162 -18.69 69.35 30.45
C PRO M 162 -17.32 69.95 30.29
N PRO M 163 -16.44 69.31 29.53
CA PRO M 163 -15.03 69.73 29.50
C PRO M 163 -14.72 70.84 28.50
N ILE M 164 -15.50 70.95 27.43
CA ILE M 164 -15.15 71.83 26.33
C ILE M 164 -16.27 72.83 26.10
N TYR M 165 -15.89 74.04 25.70
CA TYR M 165 -16.82 75.08 25.30
C TYR M 165 -16.09 75.97 24.30
N ASN M 166 -16.73 77.10 23.96
CA ASN M 166 -16.20 77.99 22.93
C ASN M 166 -14.89 78.64 23.39
N GLU M 167 -13.82 78.35 22.65
CA GLU M 167 -12.46 78.85 22.85
C GLU M 167 -11.94 78.47 24.25
N VAL M 168 -11.75 77.16 24.41
CA VAL M 168 -10.84 76.66 25.44
C VAL M 168 -9.43 76.51 24.89
N LEU M 169 -9.17 77.01 23.68
CA LEU M 169 -8.02 76.68 22.88
C LEU M 169 -8.04 77.58 21.66
N GLU M 170 -6.87 77.79 21.06
CA GLU M 170 -6.82 78.34 19.71
C GLU M 170 -5.70 77.66 18.94
N PHE M 171 -6.01 77.28 17.70
CA PHE M 171 -5.15 76.40 16.92
C PHE M 171 -3.97 77.17 16.34
N ASP M 172 -3.05 76.43 15.73
CA ASP M 172 -1.76 76.98 15.33
C ASP M 172 -1.77 77.74 14.01
N ASP M 173 -2.61 77.34 13.06
CA ASP M 173 -2.67 78.04 11.78
C ASP M 173 -3.81 79.03 11.69
N GLY M 174 -4.74 79.02 12.65
CA GLY M 174 -5.88 79.90 12.59
C GLY M 174 -7.13 79.19 12.10
N THR M 175 -8.04 78.90 13.02
CA THR M 175 -9.25 78.17 12.75
C THR M 175 -10.21 78.60 13.85
N PRO M 176 -11.46 78.93 13.53
CA PRO M 176 -12.44 79.28 14.57
C PRO M 176 -12.71 78.11 15.49
N ALA M 177 -12.37 78.28 16.77
CA ALA M 177 -12.34 77.20 17.75
C ALA M 177 -13.65 77.20 18.54
N THR M 178 -14.74 76.92 17.83
CA THR M 178 -16.03 76.70 18.43
C THR M 178 -16.15 75.25 18.92
N MET M 179 -17.24 74.97 19.65
CA MET M 179 -17.33 73.74 20.44
C MET M 179 -17.42 72.50 19.56
N SER M 180 -18.22 72.55 18.50
CA SER M 180 -18.34 71.41 17.59
C SER M 180 -17.04 71.19 16.82
N GLN M 181 -16.36 72.28 16.46
CA GLN M 181 -15.07 72.18 15.80
C GLN M 181 -14.01 71.62 16.73
N VAL M 182 -14.14 71.90 18.03
CA VAL M 182 -13.26 71.30 19.04
C VAL M 182 -13.47 69.79 19.10
N ALA M 183 -14.73 69.36 19.10
CA ALA M 183 -15.04 67.94 19.27
C ALA M 183 -14.80 67.14 17.99
N LYS M 184 -15.00 67.74 16.83
CA LYS M 184 -14.79 67.05 15.56
C LYS M 184 -13.32 66.74 15.34
N ASP M 185 -12.43 67.61 15.79
CA ASP M 185 -11.01 67.37 15.59
C ASP M 185 -10.45 66.37 16.58
N VAL M 186 -10.96 66.36 17.82
CA VAL M 186 -10.49 65.37 18.79
C VAL M 186 -11.11 64.01 18.52
N CYS M 187 -12.16 63.92 17.71
CA CYS M 187 -12.68 62.64 17.30
C CYS M 187 -12.13 62.18 15.95
N THR M 188 -11.30 63.00 15.30
CA THR M 188 -10.42 62.53 14.25
C THR M 188 -9.08 62.10 14.85
N PHE M 189 -8.71 62.71 15.97
CA PHE M 189 -7.88 62.05 16.97
C PHE M 189 -8.70 60.96 17.65
N LEU M 190 -8.04 60.12 18.44
CA LEU M 190 -8.63 59.00 19.23
C LEU M 190 -9.20 57.88 18.34
N ARG M 191 -9.26 58.06 17.03
CA ARG M 191 -9.56 57.04 16.03
C ARG M 191 -8.32 56.63 15.27
N TRP M 192 -7.48 57.61 14.93
CA TRP M 192 -6.12 57.31 14.50
C TRP M 192 -5.33 56.66 15.62
N ALA M 193 -5.61 57.05 16.87
CA ALA M 193 -4.93 56.45 18.01
C ALA M 193 -5.33 54.98 18.17
N SER M 194 -6.64 54.70 18.06
CA SER M 194 -7.10 53.32 18.13
C SER M 194 -6.66 52.52 16.92
N GLU M 195 -6.71 53.11 15.74
CA GLU M 195 -6.38 52.43 14.49
C GLU M 195 -5.33 53.22 13.72
N PRO M 196 -4.05 53.08 14.07
CA PRO M 196 -2.99 53.75 13.31
C PRO M 196 -2.65 53.09 11.98
N GLU M 197 -3.35 52.04 11.59
CA GLU M 197 -3.12 51.36 10.33
C GLU M 197 -4.18 51.69 9.29
N HIS M 198 -4.93 52.80 9.49
CA HIS M 198 -6.15 53.06 8.73
C HIS M 198 -5.87 53.32 7.25
N ASP M 199 -4.95 54.22 6.95
CA ASP M 199 -4.69 54.55 5.54
C ASP M 199 -3.83 53.52 4.84
N HIS M 200 -3.05 52.74 5.57
CA HIS M 200 -2.29 51.66 4.96
C HIS M 200 -3.18 50.47 4.65
N ARG M 201 -4.25 50.31 5.42
CA ARG M 201 -5.18 49.20 5.23
C ARG M 201 -5.98 49.36 3.95
N LYS M 202 -6.29 50.59 3.56
CA LYS M 202 -7.15 50.84 2.42
C LYS M 202 -6.38 50.98 1.11
N ARG M 203 -5.12 51.38 1.17
CA ARG M 203 -4.30 51.42 -0.03
C ARG M 203 -3.83 50.03 -0.44
N MET M 204 -3.54 49.16 0.54
CA MET M 204 -3.21 47.78 0.22
C MET M 204 -4.43 47.01 -0.27
N GLY M 205 -5.62 47.39 0.18
CA GLY M 205 -6.84 46.79 -0.32
C GLY M 205 -7.17 47.15 -1.75
N LEU M 206 -6.55 48.20 -2.29
CA LEU M 206 -6.81 48.59 -3.67
C LEU M 206 -5.95 47.80 -4.65
N LYS M 207 -4.68 47.53 -4.31
CA LYS M 207 -3.87 46.67 -5.16
C LYS M 207 -4.32 45.22 -5.12
N MET M 208 -4.95 44.80 -4.01
CA MET M 208 -5.51 43.45 -3.94
C MET M 208 -6.67 43.30 -4.92
N LEU M 209 -7.54 44.30 -5.02
CA LEU M 209 -8.69 44.21 -5.91
C LEU M 209 -8.32 44.32 -7.37
N MET M 210 -7.16 44.90 -7.69
CA MET M 210 -6.72 45.00 -9.07
C MET M 210 -5.94 43.77 -9.53
N MET M 211 -5.25 43.08 -8.61
CA MET M 211 -4.55 41.87 -9.01
C MET M 211 -5.49 40.68 -9.10
N MET M 212 -6.48 40.58 -8.22
CA MET M 212 -7.46 39.53 -8.31
C MET M 212 -8.52 39.82 -9.36
N GLY M 213 -8.54 41.01 -9.94
CA GLY M 213 -9.29 41.26 -11.15
C GLY M 213 -8.59 40.81 -12.40
N LEU M 214 -7.33 40.40 -12.28
CA LEU M 214 -6.58 39.77 -13.36
C LEU M 214 -6.52 38.26 -13.21
N LEU M 215 -6.23 37.76 -12.01
CA LEU M 215 -6.00 36.33 -11.79
C LEU M 215 -7.28 35.52 -11.94
N LEU M 216 -8.39 36.04 -11.45
CA LEU M 216 -9.64 35.29 -11.42
C LEU M 216 -10.31 35.03 -12.77
N PRO M 217 -10.40 35.98 -13.73
CA PRO M 217 -10.97 35.61 -15.04
C PRO M 217 -10.03 34.76 -15.88
N LEU M 218 -8.77 34.66 -15.50
CA LEU M 218 -7.79 33.91 -16.26
C LEU M 218 -7.64 32.47 -15.79
N VAL M 219 -7.80 32.22 -14.48
CA VAL M 219 -7.89 30.87 -13.96
C VAL M 219 -9.21 30.23 -14.39
N TYR M 220 -10.27 31.03 -14.46
CA TYR M 220 -11.60 30.52 -14.82
C TYR M 220 -11.67 30.08 -16.28
N ALA M 221 -10.97 30.76 -17.19
CA ALA M 221 -11.00 30.34 -18.57
C ALA M 221 -10.03 29.20 -18.85
N MET M 222 -9.03 29.03 -17.99
CA MET M 222 -8.20 27.83 -18.04
C MET M 222 -8.97 26.61 -17.57
N LYS M 223 -9.81 26.77 -16.54
CA LYS M 223 -10.69 25.69 -16.10
C LYS M 223 -11.71 25.36 -17.17
N ARG M 224 -12.23 26.39 -17.85
CA ARG M 224 -13.20 26.24 -18.92
C ARG M 224 -12.64 25.50 -20.13
N HIS M 225 -11.32 25.56 -20.32
CA HIS M 225 -10.68 24.92 -21.48
C HIS M 225 -10.58 23.41 -21.29
N LYS M 226 -10.19 22.97 -20.10
CA LYS M 226 -10.07 21.54 -19.83
C LYS M 226 -11.42 20.85 -19.77
N TRP M 227 -12.44 21.51 -19.22
CA TRP M 227 -13.72 20.87 -18.97
C TRP M 227 -14.60 20.81 -20.21
N SER M 228 -14.21 21.42 -21.32
CA SER M 228 -15.04 21.43 -22.53
C SER M 228 -15.07 20.08 -23.24
N VAL M 229 -14.10 19.21 -22.97
CA VAL M 229 -14.14 17.84 -23.49
C VAL M 229 -15.34 17.08 -22.94
N LEU M 230 -15.58 17.18 -21.64
CA LEU M 230 -16.70 16.48 -21.04
C LEU M 230 -18.04 17.15 -21.34
N LYS M 231 -18.06 18.48 -21.49
CA LYS M 231 -19.32 19.18 -21.74
C LYS M 231 -19.84 18.95 -23.15
N SER M 232 -18.98 18.58 -24.10
CA SER M 232 -19.38 18.41 -25.48
C SER M 232 -19.58 16.96 -25.90
N ARG M 233 -19.36 16.00 -25.00
CA ARG M 233 -19.40 14.59 -25.39
C ARG M 233 -20.82 14.09 -25.62
N LYS M 234 -20.92 13.05 -26.45
CA LYS M 234 -22.20 12.42 -26.81
C LYS M 234 -22.15 10.93 -26.48
N LEU M 235 -23.31 10.36 -26.14
CA LEU M 235 -23.43 8.96 -25.74
C LEU M 235 -24.43 8.23 -26.62
N ALA M 236 -24.15 6.94 -26.88
CA ALA M 236 -25.04 6.10 -27.66
C ALA M 236 -25.02 4.67 -27.12
N TYR M 237 -26.17 4.02 -27.19
CA TYR M 237 -26.37 2.65 -26.68
C TYR M 237 -26.88 1.78 -27.82
N ARG M 238 -26.07 0.81 -28.24
CA ARG M 238 -26.40 -0.08 -29.35
C ARG M 238 -26.33 -1.54 -28.90
N PRO M 239 -27.37 -2.07 -28.25
CA PRO M 239 -27.34 -3.45 -27.79
C PRO M 239 -27.65 -4.47 -28.89
N SER N 1 -24.42 -3.32 -38.24
CA SER N 1 -23.04 -3.33 -38.70
C SER N 1 -22.27 -2.13 -38.15
N HIS N 2 -20.94 -2.23 -38.18
CA HIS N 2 -20.09 -1.14 -37.74
C HIS N 2 -19.99 0.00 -38.74
N THR N 3 -20.47 -0.20 -39.97
CA THR N 3 -20.54 0.87 -40.96
C THR N 3 -21.79 1.72 -40.82
N ASP N 4 -22.65 1.42 -39.85
CA ASP N 4 -23.78 2.25 -39.48
C ASP N 4 -23.42 3.28 -38.42
N ILE N 5 -22.14 3.40 -38.08
CA ILE N 5 -21.68 4.27 -37.00
C ILE N 5 -20.97 5.46 -37.63
N ARG N 6 -21.51 6.65 -37.39
CA ARG N 6 -20.90 7.90 -37.81
C ARG N 6 -20.96 8.91 -36.67
N VAL N 7 -20.05 9.86 -36.70
CA VAL N 7 -19.95 10.89 -35.65
C VAL N 7 -21.12 11.85 -35.78
N PRO N 8 -21.84 12.15 -34.71
CA PRO N 8 -22.91 13.16 -34.79
C PRO N 8 -22.33 14.56 -34.96
N ASP N 9 -23.20 15.47 -35.41
CA ASP N 9 -22.76 16.78 -35.86
C ASP N 9 -22.37 17.68 -34.69
N PHE N 10 -21.23 18.37 -34.84
CA PHE N 10 -20.62 19.19 -33.80
C PHE N 10 -20.55 20.67 -34.20
N SER N 11 -21.51 21.15 -35.01
CA SER N 11 -21.36 22.48 -35.62
C SER N 11 -21.63 23.60 -34.64
N ASP N 12 -22.50 23.39 -33.65
CA ASP N 12 -22.77 24.42 -32.66
C ASP N 12 -21.82 24.37 -31.47
N TYR N 13 -20.62 23.80 -31.66
CA TYR N 13 -19.56 23.87 -30.67
C TYR N 13 -18.22 24.32 -31.25
N ARG N 14 -18.05 24.27 -32.56
CA ARG N 14 -16.74 24.50 -33.17
C ARG N 14 -16.35 25.98 -33.13
N ARG N 15 -15.05 26.23 -33.18
CA ARG N 15 -14.55 27.58 -33.38
C ARG N 15 -14.97 28.07 -34.75
N ALA N 16 -15.15 29.39 -34.87
CA ALA N 16 -15.71 30.02 -36.07
C ALA N 16 -14.82 29.90 -37.31
N GLU N 17 -13.62 29.34 -37.20
CA GLU N 17 -12.71 29.20 -38.32
C GLU N 17 -12.56 27.77 -38.80
N VAL N 18 -13.35 26.83 -38.25
CA VAL N 18 -13.37 25.45 -38.72
C VAL N 18 -14.78 24.93 -38.96
N LEU N 19 -15.75 25.82 -39.20
CA LEU N 19 -17.09 25.35 -39.58
C LEU N 19 -17.16 24.88 -41.02
N ASP N 20 -16.27 25.36 -41.89
CA ASP N 20 -16.27 24.92 -43.28
C ASP N 20 -15.66 23.52 -43.37
N SER N 21 -16.43 22.58 -43.88
CA SER N 21 -16.01 21.19 -43.95
C SER N 21 -15.18 20.88 -45.19
N THR N 22 -14.94 21.86 -46.07
CA THR N 22 -14.20 21.61 -47.31
C THR N 22 -12.82 22.23 -47.33
N LYS N 23 -12.55 23.26 -46.53
CA LYS N 23 -11.19 23.81 -46.50
C LYS N 23 -10.35 22.97 -45.55
N SER N 24 -9.09 22.72 -45.92
CA SER N 24 -8.31 21.65 -45.32
C SER N 24 -7.58 22.05 -44.04
N SER N 25 -7.86 23.25 -43.51
CA SER N 25 -7.40 23.70 -42.19
C SER N 25 -5.88 23.72 -42.06
N LYS N 26 -5.21 24.26 -43.08
CA LYS N 26 -3.75 24.34 -43.02
C LYS N 26 -3.28 25.47 -42.11
N GLU N 27 -3.67 26.70 -42.42
CA GLU N 27 -3.26 27.86 -41.65
C GLU N 27 -4.34 28.35 -40.69
N SER N 28 -5.53 27.74 -40.72
CA SER N 28 -6.58 28.06 -39.75
C SER N 28 -6.52 27.16 -38.54
N SER N 29 -5.34 26.65 -38.20
CA SER N 29 -5.13 25.81 -37.03
C SER N 29 -4.08 26.36 -36.09
N ASP N 30 -2.95 26.82 -36.62
CA ASP N 30 -1.95 27.47 -35.78
C ASP N 30 -2.34 28.90 -35.45
N ALA N 31 -3.13 29.53 -36.32
CA ALA N 31 -3.75 30.81 -36.04
C ALA N 31 -5.11 30.66 -35.38
N ARG N 32 -5.39 29.48 -34.83
CA ARG N 32 -6.63 29.19 -34.11
C ARG N 32 -6.36 28.75 -32.68
N LYS N 33 -5.34 27.93 -32.47
CA LYS N 33 -5.03 27.34 -31.17
C LYS N 33 -4.28 28.31 -30.26
N GLY N 34 -4.85 29.50 -30.07
CA GLY N 34 -4.24 30.54 -29.26
C GLY N 34 -5.25 31.36 -28.47
N PHE N 35 -6.51 30.95 -28.51
CA PHE N 35 -7.62 31.72 -27.92
C PHE N 35 -7.56 31.69 -26.39
N SER N 36 -7.45 30.49 -25.82
CA SER N 36 -7.38 30.31 -24.38
C SER N 36 -5.96 30.00 -23.93
N TYR N 37 -4.97 30.70 -24.51
CA TYR N 37 -3.60 30.25 -24.46
C TYR N 37 -2.58 31.28 -23.96
N LEU N 38 -2.79 32.59 -24.18
CA LEU N 38 -2.15 33.57 -23.30
C LEU N 38 -3.00 33.84 -22.09
N ILE N 39 -4.28 33.47 -22.16
CA ILE N 39 -5.10 33.24 -20.98
C ILE N 39 -4.34 32.42 -19.96
N THR N 40 -3.74 31.31 -20.40
CA THR N 40 -2.88 30.53 -19.53
C THR N 40 -1.53 31.21 -19.25
N ALA N 41 -1.04 32.07 -20.16
CA ALA N 41 0.27 32.69 -19.96
C ALA N 41 0.21 33.97 -19.12
N THR N 42 -0.78 34.84 -19.37
CA THR N 42 -0.95 36.02 -18.54
C THR N 42 -1.60 35.72 -17.19
N THR N 43 -2.03 34.47 -16.96
CA THR N 43 -2.37 34.01 -15.63
C THR N 43 -1.13 33.95 -14.75
N THR N 44 -0.04 33.42 -15.33
CA THR N 44 1.13 33.10 -14.54
C THR N 44 2.06 34.31 -14.39
N VAL N 45 1.76 35.43 -15.05
CA VAL N 45 2.39 36.68 -14.65
C VAL N 45 1.58 37.31 -13.52
N GLY N 46 0.30 36.97 -13.40
CA GLY N 46 -0.48 37.44 -12.27
C GLY N 46 -0.27 36.63 -11.01
N VAL N 47 0.32 35.44 -11.12
CA VAL N 47 0.65 34.64 -9.95
C VAL N 47 1.94 35.12 -9.30
N ALA N 48 2.63 36.08 -9.93
CA ALA N 48 3.78 36.77 -9.33
C ALA N 48 3.40 37.66 -8.15
N TYR N 49 2.11 37.89 -7.91
CA TYR N 49 1.67 38.40 -6.62
C TYR N 49 1.97 37.39 -5.51
N ALA N 50 1.91 36.10 -5.82
CA ALA N 50 2.27 35.06 -4.88
C ALA N 50 3.74 34.66 -4.97
N ALA N 51 4.59 35.53 -5.51
CA ALA N 51 6.02 35.23 -5.57
C ALA N 51 6.83 36.38 -5.00
N LYS N 52 6.42 37.62 -5.27
CA LYS N 52 7.11 38.78 -4.76
C LYS N 52 6.28 39.64 -3.83
N ASN N 53 4.95 39.54 -3.88
CA ASN N 53 4.10 40.30 -2.98
C ASN N 53 3.53 39.44 -1.86
N ALA N 54 4.05 38.22 -1.68
CA ALA N 54 3.73 37.41 -0.51
C ALA N 54 4.92 36.69 0.10
N VAL N 55 6.03 36.56 -0.61
CA VAL N 55 7.26 35.98 -0.05
C VAL N 55 8.24 37.06 0.36
N SER N 56 8.58 37.96 -0.55
CA SER N 56 9.60 38.97 -0.26
C SER N 56 9.05 40.10 0.61
N GLN N 57 7.74 40.21 0.77
CA GLN N 57 7.15 41.27 1.55
C GLN N 57 7.07 40.93 3.03
N PHE N 58 7.34 39.69 3.41
CA PHE N 58 7.44 39.31 4.82
C PHE N 58 8.89 39.57 5.25
N VAL N 59 9.18 40.86 5.46
CA VAL N 59 10.55 41.37 5.42
C VAL N 59 10.98 42.14 6.68
N SER N 60 10.12 43.02 7.20
CA SER N 60 10.59 44.14 7.99
C SER N 60 10.70 43.90 9.49
N SER N 61 10.23 42.76 9.99
CA SER N 61 10.35 42.51 11.43
C SER N 61 11.65 41.81 11.78
N MET N 62 12.23 41.06 10.83
CA MET N 62 13.42 40.25 11.08
C MET N 62 14.63 40.77 10.30
N SER N 63 14.56 42.00 9.81
CA SER N 63 15.66 42.56 9.02
C SER N 63 16.32 43.69 9.78
N ALA N 64 17.23 44.41 9.11
CA ALA N 64 17.88 45.58 9.69
C ALA N 64 16.93 46.75 9.87
N SER N 65 15.77 46.74 9.20
CA SER N 65 14.69 47.63 9.55
C SER N 65 14.19 47.33 10.96
N ALA N 66 13.70 48.36 11.64
CA ALA N 66 13.64 48.36 13.10
C ALA N 66 12.21 48.51 13.62
N ASP N 67 11.90 47.76 14.67
CA ASP N 67 10.83 48.08 15.61
C ASP N 67 11.30 49.08 16.66
N VAL N 68 12.53 49.56 16.52
CA VAL N 68 13.22 50.52 17.35
C VAL N 68 13.60 51.65 16.39
N LEU N 69 12.62 52.02 15.53
CA LEU N 69 12.77 52.94 14.38
C LEU N 69 13.48 54.27 14.66
N ALA N 70 13.52 54.70 15.94
CA ALA N 70 14.49 55.67 16.42
C ALA N 70 15.32 54.94 17.48
N MET N 71 16.61 54.64 17.17
CA MET N 71 17.29 53.56 17.89
C MET N 71 17.85 54.03 19.22
N SER N 72 18.93 54.81 19.18
CA SER N 72 19.33 55.77 20.21
C SER N 72 20.23 56.80 19.56
N LYS N 73 20.62 56.55 18.32
CA LYS N 73 21.54 57.42 17.60
C LYS N 73 20.91 58.73 17.17
N ILE N 74 19.62 58.76 16.83
CA ILE N 74 18.95 60.02 16.52
C ILE N 74 18.31 60.62 17.77
N GLU N 75 18.21 59.85 18.86
CA GLU N 75 17.99 60.38 20.19
C GLU N 75 19.04 61.43 20.52
N ILE N 76 18.62 62.47 21.23
CA ILE N 76 19.49 63.60 21.54
C ILE N 76 20.52 63.12 22.57
N LYS N 77 21.74 62.86 22.09
CA LYS N 77 22.81 62.39 22.95
C LYS N 77 23.54 63.58 23.56
N LEU N 78 23.57 63.64 24.88
CA LEU N 78 24.37 64.60 25.61
C LEU N 78 25.38 63.84 26.46
N SER N 79 26.56 64.45 26.64
CA SER N 79 27.69 63.77 27.27
C SER N 79 27.53 63.84 28.78
N ASP N 80 27.02 62.76 29.36
CA ASP N 80 27.07 62.52 30.80
C ASP N 80 28.34 61.79 31.22
N ILE N 81 29.42 61.95 30.46
CA ILE N 81 30.59 61.07 30.54
C ILE N 81 31.82 61.89 30.89
N PRO N 82 32.58 61.51 31.92
CA PRO N 82 33.91 62.10 32.13
C PRO N 82 34.97 61.37 31.33
N GLU N 83 36.08 62.07 31.11
CA GLU N 83 37.19 61.46 30.36
C GLU N 83 37.93 60.47 31.23
N GLY N 84 38.34 59.35 30.62
CA GLY N 84 38.90 58.23 31.37
C GLY N 84 37.86 57.27 31.88
N LYS N 85 36.58 57.48 31.55
CA LYS N 85 35.48 56.65 32.01
C LYS N 85 34.73 56.14 30.80
N ASN N 86 34.75 54.83 30.59
CA ASN N 86 33.95 54.18 29.56
C ASN N 86 32.79 53.47 30.25
N MET N 87 31.57 53.89 29.95
CA MET N 87 30.38 53.22 30.49
C MET N 87 29.95 52.11 29.53
N ALA N 88 29.37 51.06 30.09
CA ALA N 88 28.89 49.94 29.29
C ALA N 88 27.58 50.33 28.63
N PHE N 89 27.66 51.01 27.49
CA PHE N 89 26.49 51.42 26.74
C PHE N 89 26.10 50.30 25.78
N LYS N 90 25.03 49.57 26.13
CA LYS N 90 24.47 48.58 25.23
C LYS N 90 23.55 49.33 24.26
N TRP N 91 24.19 49.99 23.30
CA TRP N 91 23.52 50.68 22.20
C TRP N 91 24.06 50.04 20.93
N ARG N 92 23.15 49.40 20.17
CA ARG N 92 23.41 48.39 19.12
C ARG N 92 24.54 47.43 19.50
N GLY N 93 24.32 46.77 20.63
CA GLY N 93 25.12 45.64 21.05
C GLY N 93 26.27 45.87 22.01
N LYS N 94 27.39 46.36 21.52
CA LYS N 94 28.63 46.47 22.26
C LYS N 94 28.77 47.82 22.92
N PRO N 95 29.61 47.95 23.95
CA PRO N 95 29.92 49.28 24.50
C PRO N 95 30.73 50.10 23.50
N LEU N 96 30.12 51.18 23.01
CA LEU N 96 30.76 52.10 22.10
C LEU N 96 31.62 53.07 22.91
N PHE N 97 32.91 53.13 22.61
CA PHE N 97 33.87 53.89 23.43
C PHE N 97 33.69 55.38 23.17
N VAL N 98 33.08 56.08 24.15
CA VAL N 98 32.73 57.49 24.02
C VAL N 98 33.18 58.21 25.29
N ARG N 99 33.97 59.27 25.15
CA ARG N 99 34.32 60.18 26.24
C ARG N 99 34.79 61.51 25.66
N HIS N 100 35.41 62.34 26.50
CA HIS N 100 35.96 63.63 26.10
C HIS N 100 37.21 63.46 25.25
N ARG N 101 37.88 64.56 24.90
CA ARG N 101 39.12 64.52 24.16
C ARG N 101 40.06 65.61 24.64
N THR N 102 41.36 65.44 24.35
CA THR N 102 42.39 66.43 24.64
C THR N 102 43.13 66.81 23.36
N LYS N 103 43.89 67.90 23.45
CA LYS N 103 44.78 68.27 22.35
C LYS N 103 45.97 67.34 22.26
N LYS N 104 46.40 66.76 23.39
CA LYS N 104 47.55 65.87 23.48
C LYS N 104 47.25 64.46 22.95
N GLU N 105 45.99 64.20 22.56
CA GLU N 105 45.51 62.84 22.32
C GLU N 105 46.08 62.23 21.05
N ILE N 106 46.04 62.95 19.93
CA ILE N 106 46.46 62.42 18.63
C ILE N 106 47.97 62.46 18.44
N ASP N 107 48.71 62.79 19.50
CA ASP N 107 50.17 62.87 19.43
C ASP N 107 50.84 61.57 19.81
N GLN N 108 50.17 60.71 20.59
CA GLN N 108 50.78 59.44 21.00
C GLN N 108 50.51 58.31 20.04
N GLU N 109 49.38 58.32 19.31
CA GLU N 109 49.16 57.32 18.29
C GLU N 109 49.93 57.66 17.02
N ALA N 110 50.21 58.94 16.78
CA ALA N 110 50.99 59.36 15.61
C ALA N 110 52.48 59.22 15.82
N ALA N 111 52.94 59.04 17.06
CA ALA N 111 54.35 58.80 17.34
C ALA N 111 54.79 57.40 16.91
N VAL N 112 53.85 56.50 16.64
CA VAL N 112 54.14 55.15 16.18
C VAL N 112 53.48 55.00 14.81
N GLU N 113 54.29 54.89 13.77
CA GLU N 113 53.85 55.01 12.40
C GLU N 113 53.59 53.64 11.75
N VAL N 114 53.48 53.66 10.43
CA VAL N 114 53.10 52.50 9.60
C VAL N 114 54.07 51.33 9.73
N SER N 115 55.33 51.59 10.09
CA SER N 115 56.35 50.55 10.21
C SER N 115 56.06 49.53 11.33
N GLN N 116 55.16 49.86 12.25
CA GLN N 116 54.70 48.91 13.26
C GLN N 116 53.64 47.97 12.68
N LEU N 117 52.75 48.50 11.86
CA LEU N 117 51.43 47.93 11.63
C LEU N 117 51.41 46.92 10.49
N ARG N 118 50.20 46.39 10.24
CA ARG N 118 49.91 45.52 9.11
C ARG N 118 48.84 46.06 8.18
N ASP N 119 47.79 46.68 8.71
CA ASP N 119 46.71 47.27 7.90
C ASP N 119 46.52 48.70 8.38
N PRO N 120 47.29 49.65 7.84
CA PRO N 120 47.39 50.98 8.46
C PRO N 120 46.25 51.91 8.08
N GLN N 121 45.53 52.39 9.11
CA GLN N 121 44.65 53.55 9.00
C GLN N 121 44.46 54.15 10.39
N HIS N 122 44.44 55.48 10.44
CA HIS N 122 44.66 56.27 11.63
C HIS N 122 43.43 57.13 11.95
N ASP N 123 43.60 58.11 12.85
CA ASP N 123 42.51 58.91 13.40
C ASP N 123 41.84 59.79 12.34
N LEU N 124 42.62 60.46 11.49
CA LEU N 124 42.03 61.38 10.51
C LEU N 124 41.38 60.65 9.34
N GLU N 125 41.65 59.36 9.16
CA GLU N 125 41.08 58.58 8.07
C GLU N 125 39.61 58.24 8.31
N ARG N 126 39.25 57.89 9.55
CA ARG N 126 37.95 57.36 9.90
C ARG N 126 37.08 58.34 10.67
N VAL N 127 37.66 59.09 11.60
CA VAL N 127 36.90 59.95 12.48
C VAL N 127 36.68 61.29 11.78
N LYS N 128 35.59 61.96 12.16
CA LYS N 128 35.20 63.25 11.57
C LYS N 128 36.23 64.32 11.88
N LYS N 129 36.33 64.71 13.14
CA LYS N 129 37.29 65.64 13.67
C LYS N 129 37.84 65.07 14.97
N PRO N 130 39.07 65.45 15.38
CA PRO N 130 39.69 64.80 16.54
C PRO N 130 39.11 65.16 17.91
N GLU N 131 37.87 65.64 18.00
CA GLU N 131 37.23 65.88 19.29
C GLU N 131 36.20 64.80 19.65
N TRP N 132 36.10 63.73 18.86
CA TRP N 132 35.11 62.69 19.12
C TRP N 132 35.71 61.32 18.81
N VAL N 133 35.06 60.28 19.32
CA VAL N 133 35.56 58.91 19.19
C VAL N 133 34.36 57.96 19.19
N ILE N 134 34.40 56.96 18.30
CA ILE N 134 33.43 55.87 18.25
C ILE N 134 34.16 54.57 17.99
N LEU N 135 33.90 53.56 18.82
CA LEU N 135 34.38 52.21 18.53
C LEU N 135 33.28 51.18 18.69
N ILE N 136 33.64 49.91 18.51
CA ILE N 136 32.82 48.77 18.95
C ILE N 136 33.73 47.85 19.74
N GLY N 137 33.14 47.09 20.64
CA GLY N 137 33.91 46.20 21.49
C GLY N 137 34.08 44.81 20.91
N VAL N 138 34.67 44.72 19.72
CA VAL N 138 34.79 43.46 18.99
C VAL N 138 36.24 43.25 18.61
N CYS N 139 36.83 42.14 19.07
CA CYS N 139 38.07 41.64 18.52
C CYS N 139 37.79 40.95 17.19
N THR N 140 38.66 41.20 16.21
CA THR N 140 38.35 40.78 14.84
C THR N 140 38.53 39.29 14.60
N HIS N 141 39.01 38.54 15.58
CA HIS N 141 39.07 37.08 15.49
C HIS N 141 38.11 36.40 16.43
N LEU N 142 37.95 36.91 17.65
CA LEU N 142 37.13 36.27 18.67
C LEU N 142 35.96 37.14 19.12
N GLY N 143 36.20 38.41 19.44
CA GLY N 143 35.10 39.32 19.70
C GLY N 143 35.01 40.00 21.05
N CYS N 144 36.13 40.26 21.72
CA CYS N 144 36.07 40.95 22.99
C CYS N 144 37.37 41.67 23.32
N VAL N 145 37.23 42.89 23.83
CA VAL N 145 38.28 43.56 24.60
C VAL N 145 37.72 43.98 25.96
N PRO N 146 38.57 43.94 27.00
CA PRO N 146 38.03 44.04 28.37
C PRO N 146 37.71 45.43 28.88
N ILE N 147 37.40 45.50 30.18
CA ILE N 147 36.98 46.72 30.87
C ILE N 147 38.11 47.75 30.84
N ALA N 148 37.73 49.03 30.82
CA ALA N 148 38.65 50.14 30.65
C ALA N 148 39.55 50.33 31.87
N ASN N 149 40.44 51.34 31.74
CA ASN N 149 41.40 51.76 32.79
C ASN N 149 42.33 50.61 33.20
N ALA N 150 42.81 49.87 32.20
CA ALA N 150 43.76 48.78 32.42
C ALA N 150 44.54 48.57 31.13
N GLY N 151 45.83 48.84 31.16
CA GLY N 151 46.65 48.70 29.97
C GLY N 151 48.04 49.24 30.23
N ASP N 152 48.72 49.58 29.14
CA ASP N 152 50.07 50.12 29.28
C ASP N 152 50.03 51.62 29.57
N PHE N 153 49.60 52.43 28.60
CA PHE N 153 49.32 53.84 28.83
C PHE N 153 48.08 54.25 28.04
N GLY N 154 47.01 53.47 28.14
CA GLY N 154 45.75 53.93 27.61
C GLY N 154 45.09 53.01 26.61
N GLY N 155 45.56 51.76 26.55
CA GLY N 155 44.91 50.74 25.79
C GLY N 155 43.97 49.90 26.65
N TYR N 156 43.58 48.76 26.11
CA TYR N 156 42.71 47.82 26.82
C TYR N 156 43.35 46.44 26.67
N TYR N 157 44.20 46.09 27.65
CA TYR N 157 44.99 44.87 27.58
C TYR N 157 44.10 43.65 27.78
N CYS N 158 43.97 42.83 26.74
CA CYS N 158 43.21 41.59 26.79
C CYS N 158 43.90 40.55 27.67
N PRO N 159 43.27 40.11 28.78
CA PRO N 159 43.90 39.11 29.64
C PRO N 159 43.64 37.67 29.21
N CYS N 160 43.25 37.46 27.95
CA CYS N 160 42.96 36.12 27.44
C CYS N 160 44.18 35.20 27.55
N HIS N 161 45.25 35.52 26.83
CA HIS N 161 46.59 35.04 27.12
C HIS N 161 47.62 36.13 26.86
N GLY N 162 47.22 37.39 27.03
CA GLY N 162 48.17 38.48 27.09
C GLY N 162 48.47 39.27 25.83
N SER N 163 47.45 39.77 25.15
CA SER N 163 47.63 40.72 24.06
C SER N 163 47.00 42.06 24.43
N HIS N 164 47.18 43.05 23.56
CA HIS N 164 46.88 44.44 23.86
C HIS N 164 46.21 45.07 22.66
N TYR N 165 45.35 46.06 22.91
CA TYR N 165 44.63 46.72 21.83
C TYR N 165 44.41 48.19 22.17
N ASP N 166 43.92 48.93 21.17
CA ASP N 166 43.89 50.38 21.15
C ASP N 166 42.60 50.92 21.75
N ALA N 167 42.63 52.21 22.09
CA ALA N 167 41.43 52.99 22.38
C ALA N 167 40.88 53.68 21.15
N SER N 168 41.45 53.41 19.97
CA SER N 168 40.94 53.97 18.72
C SER N 168 40.90 52.93 17.61
N GLY N 169 41.04 51.64 17.93
CA GLY N 169 40.84 50.61 16.93
C GLY N 169 42.04 50.25 16.07
N ARG N 170 43.13 49.79 16.68
CA ARG N 170 44.36 49.53 15.95
C ARG N 170 44.97 48.21 16.43
N ILE N 171 45.60 47.47 15.49
CA ILE N 171 46.22 46.19 15.82
C ILE N 171 47.53 46.42 16.59
N ARG N 172 47.76 45.62 17.63
CA ARG N 172 49.04 45.61 18.33
C ARG N 172 49.72 44.26 18.31
N LYS N 173 49.05 43.20 18.75
CA LYS N 173 49.65 41.87 18.86
C LYS N 173 48.78 40.84 18.16
N GLY N 174 49.35 39.66 17.93
CA GLY N 174 48.62 38.58 17.31
C GLY N 174 47.69 37.89 18.28
N PRO N 175 46.95 36.89 17.78
CA PRO N 175 46.90 36.37 16.40
C PRO N 175 45.64 36.76 15.64
N ALA N 176 45.20 38.01 15.73
CA ALA N 176 44.03 38.48 15.00
C ALA N 176 44.44 39.29 13.77
N PRO N 177 43.77 39.11 12.63
CA PRO N 177 44.25 39.71 11.38
C PRO N 177 43.92 41.19 11.16
N LEU N 178 42.74 41.63 11.56
CA LEU N 178 42.19 42.90 11.10
C LEU N 178 42.32 43.99 12.16
N ASN N 179 41.70 45.14 11.88
CA ASN N 179 41.57 46.25 12.82
C ASN N 179 40.10 46.41 13.18
N LEU N 180 39.84 47.15 14.27
CA LEU N 180 38.49 47.31 14.77
C LEU N 180 37.66 48.19 13.84
N GLU N 181 36.37 47.87 13.73
CA GLU N 181 35.48 48.47 12.74
C GLU N 181 34.70 49.64 13.35
N VAL N 182 34.63 50.75 12.62
CA VAL N 182 33.79 51.87 13.02
C VAL N 182 32.49 51.79 12.22
N PRO N 183 31.36 52.24 12.77
CA PRO N 183 30.14 52.34 11.98
C PRO N 183 30.13 53.62 11.14
N THR N 184 29.29 53.59 10.10
CA THR N 184 29.27 54.64 9.10
C THR N 184 28.24 55.72 9.43
N TYR N 185 28.68 56.98 9.35
CA TYR N 185 27.82 58.14 9.50
C TYR N 185 28.55 59.35 8.91
N GLU N 186 27.93 60.52 9.03
CA GLU N 186 28.51 61.77 8.59
C GLU N 186 28.31 62.82 9.66
N PHE N 187 28.93 63.99 9.47
CA PHE N 187 28.75 65.14 10.34
C PHE N 187 27.78 66.14 9.73
N THR N 188 26.91 66.69 10.57
CA THR N 188 25.85 67.59 10.13
C THR N 188 25.75 68.90 10.92
N SER N 189 26.24 68.94 12.15
CA SER N 189 25.57 69.82 13.09
C SER N 189 26.39 70.63 14.08
N ASP N 190 25.65 71.25 15.02
CA ASP N 190 26.19 71.96 16.17
C ASP N 190 26.54 70.99 17.30
N ASP N 191 25.51 70.33 17.84
CA ASP N 191 25.65 69.25 18.80
C ASP N 191 24.74 68.08 18.49
N LEU N 192 23.93 68.18 17.42
CA LEU N 192 23.03 67.10 17.02
C LEU N 192 23.86 65.97 16.44
N VAL N 193 24.31 65.05 17.29
CA VAL N 193 25.09 63.91 16.83
C VAL N 193 24.14 62.77 16.47
N ILE N 194 24.42 62.11 15.36
CA ILE N 194 23.66 60.95 14.89
C ILE N 194 24.68 59.91 14.45
N VAL N 195 24.97 58.96 15.34
CA VAL N 195 25.99 57.96 15.09
C VAL N 195 25.38 56.78 14.34
N GLY N 196 25.26 56.93 13.03
CA GLY N 196 24.64 55.92 12.18
C GLY N 196 23.61 56.50 11.23
N THR O 1 30.75 -9.14 -60.94
CA THR O 1 29.68 -8.87 -59.99
C THR O 1 29.46 -7.37 -59.85
N ALA O 2 28.24 -6.93 -60.16
CA ALA O 2 27.88 -5.53 -60.09
C ALA O 2 27.65 -5.09 -58.64
N THR O 3 27.51 -3.80 -58.46
CA THR O 3 27.14 -3.23 -57.17
C THR O 3 25.64 -2.99 -57.13
N TYR O 4 25.17 -2.51 -55.99
CA TYR O 4 23.78 -2.10 -55.85
C TYR O 4 23.47 -0.89 -56.71
N ALA O 5 24.44 0.01 -56.90
CA ALA O 5 24.25 1.19 -57.73
C ALA O 5 24.16 0.83 -59.21
N GLN O 6 24.98 -0.13 -59.66
CA GLN O 6 24.92 -0.54 -61.06
C GLN O 6 23.67 -1.35 -61.37
N ALA O 7 23.14 -2.06 -60.37
CA ALA O 7 21.93 -2.85 -60.59
C ALA O 7 20.69 -2.00 -60.70
N LEU O 8 20.69 -0.80 -60.12
CA LEU O 8 19.57 0.11 -60.28
C LEU O 8 19.56 0.77 -61.65
N GLN O 9 20.70 0.80 -62.36
CA GLN O 9 20.74 1.34 -63.70
C GLN O 9 20.21 0.36 -64.74
N SER O 10 20.40 -0.94 -64.52
CA SER O 10 20.02 -1.96 -65.49
C SER O 10 18.58 -2.44 -65.32
N VAL O 11 17.80 -1.80 -64.47
CA VAL O 11 16.37 -2.09 -64.39
C VAL O 11 15.70 -1.58 -65.67
N PRO O 12 14.84 -2.37 -66.31
CA PRO O 12 14.16 -1.88 -67.51
C PRO O 12 13.16 -0.78 -67.19
N GLU O 13 13.03 0.15 -68.12
CA GLU O 13 12.22 1.34 -67.92
C GLU O 13 10.78 1.10 -68.36
N THR O 14 9.92 2.03 -67.98
CA THR O 14 8.49 1.98 -68.29
C THR O 14 8.22 2.87 -69.48
N GLN O 15 7.46 2.36 -70.45
CA GLN O 15 7.07 3.11 -71.63
C GLN O 15 5.60 3.47 -71.55
N VAL O 16 5.29 4.75 -71.69
CA VAL O 16 3.92 5.24 -71.58
C VAL O 16 3.49 5.81 -72.93
N SER O 17 2.24 5.53 -73.31
CA SER O 17 1.63 6.09 -74.50
C SER O 17 0.21 6.56 -74.16
N GLN O 18 -0.44 7.19 -75.13
CA GLN O 18 -1.78 7.70 -74.93
C GLN O 18 -2.59 7.55 -76.20
N LEU O 19 -3.89 7.35 -76.05
CA LEU O 19 -4.83 7.26 -77.15
C LEU O 19 -5.48 8.62 -77.39
N ASP O 20 -6.33 8.69 -78.41
CA ASP O 20 -7.12 9.89 -78.64
C ASP O 20 -8.24 10.05 -77.62
N ASN O 21 -8.61 8.95 -76.95
CA ASN O 21 -9.52 9.01 -75.82
C ASN O 21 -8.91 9.76 -74.65
N GLY O 22 -7.60 9.67 -74.50
CA GLY O 22 -6.93 10.06 -73.28
C GLY O 22 -6.52 8.91 -72.39
N LEU O 23 -6.86 7.68 -72.78
CA LEU O 23 -6.47 6.49 -72.04
C LEU O 23 -4.96 6.28 -72.12
N ARG O 24 -4.33 6.09 -70.95
CA ARG O 24 -2.90 5.85 -70.91
C ARG O 24 -2.60 4.35 -70.92
N VAL O 25 -1.49 4.00 -71.55
CA VAL O 25 -1.06 2.61 -71.76
C VAL O 25 0.40 2.53 -71.36
N ALA O 26 0.71 1.70 -70.36
CA ALA O 26 2.07 1.58 -69.85
C ALA O 26 2.49 0.14 -69.68
N SER O 27 3.79 -0.12 -69.80
CA SER O 27 4.32 -1.47 -69.79
C SER O 27 5.74 -1.51 -69.24
N GLU O 28 6.11 -2.65 -68.69
CA GLU O 28 7.50 -2.99 -68.42
C GLU O 28 7.76 -4.41 -68.88
N GLN O 29 8.70 -4.57 -69.81
CA GLN O 29 9.01 -5.85 -70.41
C GLN O 29 10.17 -6.52 -69.70
N SER O 30 9.96 -7.75 -69.25
CA SER O 30 11.10 -8.54 -68.73
C SER O 30 10.83 -10.02 -68.98
N SER O 31 11.23 -10.50 -70.16
CA SER O 31 11.69 -11.86 -70.48
C SER O 31 11.07 -13.04 -69.72
N GLN O 32 9.76 -13.20 -69.77
CA GLN O 32 9.10 -14.20 -68.92
C GLN O 32 7.93 -14.82 -69.65
N PRO O 33 7.62 -16.09 -69.36
CA PRO O 33 6.47 -16.73 -70.02
C PRO O 33 5.11 -16.35 -69.44
N THR O 34 5.05 -15.59 -68.35
CA THR O 34 3.80 -15.18 -67.76
C THR O 34 3.71 -13.66 -67.74
N CYS O 35 2.50 -13.15 -67.53
CA CYS O 35 2.27 -11.71 -67.50
C CYS O 35 1.07 -11.39 -66.62
N THR O 36 0.97 -10.13 -66.22
CA THR O 36 -0.18 -9.57 -65.52
C THR O 36 -0.59 -8.29 -66.22
N VAL O 37 -1.87 -8.17 -66.56
CA VAL O 37 -2.41 -6.99 -67.24
C VAL O 37 -3.71 -6.59 -66.57
N GLY O 38 -3.92 -5.29 -66.39
CA GLY O 38 -5.13 -4.83 -65.71
C GLY O 38 -5.50 -3.39 -66.00
N VAL O 39 -6.61 -2.97 -65.40
CA VAL O 39 -7.17 -1.62 -65.58
C VAL O 39 -7.30 -0.95 -64.22
N TRP O 40 -6.70 0.23 -64.08
CA TRP O 40 -6.75 1.01 -62.84
C TRP O 40 -7.56 2.28 -63.07
N ILE O 41 -8.52 2.54 -62.18
CA ILE O 41 -9.52 3.59 -62.35
C ILE O 41 -9.49 4.56 -61.18
N ASP O 42 -9.61 5.86 -61.47
CA ASP O 42 -9.91 6.89 -60.44
C ASP O 42 -11.39 6.86 -60.07
N ALA O 43 -11.72 5.94 -59.18
CA ALA O 43 -13.08 5.84 -58.66
C ALA O 43 -12.99 5.26 -57.25
N GLY O 44 -13.97 5.58 -56.43
CA GLY O 44 -13.91 5.16 -55.05
C GLY O 44 -14.99 5.85 -54.24
N SER O 45 -15.01 5.54 -52.95
CA SER O 45 -16.08 6.01 -52.08
C SER O 45 -15.96 7.48 -51.71
N ARG O 46 -14.81 8.11 -51.93
CA ARG O 46 -14.70 9.55 -51.71
C ARG O 46 -15.34 10.37 -52.84
N TYR O 47 -15.72 9.74 -53.94
CA TYR O 47 -16.50 10.38 -54.98
C TYR O 47 -18.00 10.12 -54.86
N GLU O 48 -18.42 9.43 -53.82
CA GLU O 48 -19.83 9.18 -53.58
C GLU O 48 -20.36 10.10 -52.49
N ASN O 49 -21.64 10.40 -52.57
CA ASN O 49 -22.33 11.17 -51.54
C ASN O 49 -23.12 10.22 -50.66
N GLU O 50 -23.98 10.77 -49.81
CA GLU O 50 -24.69 9.97 -48.83
C GLU O 50 -25.80 9.12 -49.45
N LYS O 51 -26.19 9.42 -50.69
CA LYS O 51 -27.28 8.68 -51.32
C LYS O 51 -26.80 7.37 -51.96
N ASN O 52 -25.57 7.31 -52.43
CA ASN O 52 -25.07 6.14 -53.15
C ASN O 52 -23.70 5.70 -52.62
N ASN O 53 -23.58 5.60 -51.30
CA ASN O 53 -22.29 5.23 -50.69
C ASN O 53 -21.93 3.77 -50.90
N GLY O 54 -22.88 2.90 -51.21
CA GLY O 54 -22.49 1.54 -51.51
C GLY O 54 -22.49 1.21 -52.99
N ALA O 55 -22.23 2.20 -53.84
CA ALA O 55 -22.42 2.00 -55.28
C ALA O 55 -21.21 1.40 -55.96
N GLY O 56 -19.99 1.84 -55.60
CA GLY O 56 -18.81 1.33 -56.26
C GLY O 56 -18.42 -0.06 -55.82
N TYR O 57 -18.81 -0.45 -54.61
CA TYR O 57 -18.56 -1.80 -54.11
C TYR O 57 -19.55 -2.80 -54.67
N PHE O 58 -20.79 -2.36 -54.90
CA PHE O 58 -21.82 -3.19 -55.53
C PHE O 58 -21.46 -3.52 -56.97
N VAL O 59 -20.81 -2.59 -57.69
CA VAL O 59 -20.46 -2.77 -59.09
C VAL O 59 -19.31 -3.77 -59.23
N GLU O 60 -18.38 -3.79 -58.26
CA GLU O 60 -17.28 -4.74 -58.29
C GLU O 60 -17.75 -6.19 -58.12
N HIS O 61 -18.83 -6.40 -57.39
CA HIS O 61 -19.41 -7.75 -57.26
C HIS O 61 -19.98 -8.27 -58.57
N LEU O 62 -20.58 -7.39 -59.38
CA LEU O 62 -21.25 -7.82 -60.60
C LEU O 62 -20.33 -7.84 -61.81
N ALA O 63 -19.04 -7.54 -61.63
CA ALA O 63 -18.13 -7.38 -62.76
C ALA O 63 -17.81 -8.70 -63.45
N PHE O 64 -17.91 -9.83 -62.74
CA PHE O 64 -17.59 -11.13 -63.31
C PHE O 64 -18.83 -12.02 -63.44
N LYS O 65 -20.02 -11.43 -63.41
CA LYS O 65 -21.26 -12.19 -63.52
C LYS O 65 -21.84 -12.18 -64.93
N GLY O 66 -21.09 -11.71 -65.92
CA GLY O 66 -21.60 -11.82 -67.28
C GLY O 66 -21.83 -10.48 -67.94
N THR O 67 -21.36 -10.36 -69.18
CA THR O 67 -21.51 -9.18 -70.02
C THR O 67 -22.45 -9.47 -71.17
N LYS O 68 -22.55 -8.53 -72.10
CA LYS O 68 -23.48 -8.65 -73.22
C LYS O 68 -23.06 -9.74 -74.20
N ASN O 69 -21.75 -9.86 -74.45
CA ASN O 69 -21.26 -10.87 -75.38
C ASN O 69 -21.09 -12.24 -74.74
N ARG O 70 -20.61 -12.28 -73.49
CA ARG O 70 -20.37 -13.53 -72.77
C ARG O 70 -21.30 -13.59 -71.56
N PRO O 71 -22.52 -14.09 -71.71
CA PRO O 71 -23.50 -14.00 -70.63
C PRO O 71 -23.31 -15.09 -69.59
N GLY O 72 -23.54 -14.72 -68.33
CA GLY O 72 -23.53 -15.67 -67.22
C GLY O 72 -22.18 -16.25 -66.89
N SER O 73 -22.10 -17.57 -66.86
CA SER O 73 -20.88 -18.28 -66.49
C SER O 73 -19.94 -18.51 -67.65
N ALA O 74 -20.24 -17.98 -68.85
CA ALA O 74 -19.36 -18.18 -69.99
C ALA O 74 -18.06 -17.39 -69.86
N LEU O 75 -18.03 -16.34 -69.04
CA LEU O 75 -16.78 -15.65 -68.78
C LEU O 75 -15.86 -16.49 -67.89
N GLU O 76 -16.43 -17.17 -66.89
CA GLU O 76 -15.63 -18.00 -65.99
C GLU O 76 -15.04 -19.21 -66.69
N LYS O 77 -15.78 -19.77 -67.65
CA LYS O 77 -15.28 -20.95 -68.37
C LYS O 77 -14.11 -20.60 -69.27
N GLU O 78 -14.08 -19.38 -69.81
CA GLU O 78 -13.00 -18.99 -70.69
C GLU O 78 -11.71 -18.72 -69.94
N VAL O 79 -11.81 -18.12 -68.75
CA VAL O 79 -10.63 -17.82 -67.94
C VAL O 79 -10.04 -19.10 -67.37
N GLU O 80 -10.90 -20.04 -66.96
CA GLU O 80 -10.43 -21.26 -66.31
C GLU O 80 -9.81 -22.22 -67.31
N SER O 81 -10.36 -22.28 -68.53
CA SER O 81 -9.89 -23.26 -69.51
C SER O 81 -8.53 -22.96 -70.08
N MET O 82 -8.00 -21.75 -69.88
CA MET O 82 -6.64 -21.43 -70.25
C MET O 82 -5.70 -21.32 -69.05
N GLY O 83 -6.22 -21.52 -67.84
CA GLY O 83 -5.38 -21.50 -66.66
C GLY O 83 -5.06 -20.11 -66.13
N ALA O 84 -6.00 -19.18 -66.20
CA ALA O 84 -5.78 -17.80 -65.82
C ALA O 84 -6.56 -17.44 -64.56
N HIS O 85 -6.12 -16.39 -63.89
CA HIS O 85 -6.75 -15.90 -62.66
C HIS O 85 -7.30 -14.51 -62.87
N LEU O 86 -8.30 -14.14 -62.07
CA LEU O 86 -9.04 -12.91 -62.25
C LEU O 86 -9.41 -12.34 -60.88
N ASN O 87 -8.92 -11.14 -60.58
CA ASN O 87 -9.03 -10.53 -59.25
C ASN O 87 -9.50 -9.08 -59.36
N ALA O 88 -9.90 -8.51 -58.21
CA ALA O 88 -10.37 -7.13 -58.13
C ALA O 88 -10.23 -6.62 -56.69
N TYR O 89 -10.21 -5.29 -56.55
CA TYR O 89 -10.33 -4.65 -55.23
C TYR O 89 -10.89 -3.25 -55.38
N SER O 90 -11.20 -2.63 -54.23
CA SER O 90 -11.75 -1.28 -54.16
C SER O 90 -11.30 -0.62 -52.87
N THR O 91 -10.61 0.51 -52.98
CA THR O 91 -10.26 1.36 -51.83
C THR O 91 -11.14 2.61 -51.83
N ARG O 92 -10.76 3.60 -51.01
CA ARG O 92 -11.43 4.88 -50.98
C ARG O 92 -11.07 5.78 -52.16
N GLU O 93 -10.02 5.44 -52.92
CA GLU O 93 -9.55 6.25 -54.03
C GLU O 93 -9.45 5.52 -55.36
N HIS O 94 -9.28 4.21 -55.38
CA HIS O 94 -8.94 3.47 -56.59
C HIS O 94 -9.83 2.23 -56.74
N THR O 95 -9.81 1.67 -57.95
CA THR O 95 -10.51 0.44 -58.28
C THR O 95 -9.70 -0.26 -59.37
N ALA O 96 -9.51 -1.57 -59.23
CA ALA O 96 -8.70 -2.32 -60.19
C ALA O 96 -9.34 -3.66 -60.51
N TYR O 97 -9.20 -4.08 -61.77
CA TYR O 97 -9.47 -5.44 -62.24
C TYR O 97 -8.26 -5.90 -63.03
N TYR O 98 -7.82 -7.15 -62.83
CA TYR O 98 -6.61 -7.59 -63.51
C TYR O 98 -6.60 -9.11 -63.69
N ILE O 99 -5.75 -9.56 -64.62
CA ILE O 99 -5.67 -10.95 -65.07
C ILE O 99 -4.22 -11.40 -65.00
N LYS O 100 -3.98 -12.56 -64.39
CA LYS O 100 -2.70 -13.26 -64.52
C LYS O 100 -2.87 -14.39 -65.52
N ALA O 101 -2.07 -14.38 -66.58
CA ALA O 101 -2.20 -15.38 -67.64
C ALA O 101 -0.84 -15.68 -68.22
N LEU O 102 -0.81 -16.58 -69.20
CA LEU O 102 0.40 -16.84 -69.96
C LEU O 102 0.62 -15.74 -70.99
N SER O 103 1.89 -15.48 -71.31
CA SER O 103 2.23 -14.32 -72.12
C SER O 103 1.86 -14.48 -73.58
N LYS O 104 1.49 -15.67 -74.04
CA LYS O 104 0.94 -15.85 -75.37
C LYS O 104 -0.57 -15.78 -75.40
N ASP O 105 -1.21 -15.61 -74.25
CA ASP O 105 -2.65 -15.41 -74.15
C ASP O 105 -3.02 -13.94 -73.96
N LEU O 106 -2.08 -13.04 -74.20
CA LEU O 106 -2.33 -11.61 -74.04
C LEU O 106 -3.41 -11.02 -74.96
N PRO O 107 -3.55 -11.39 -76.25
CA PRO O 107 -4.69 -10.84 -77.02
C PRO O 107 -6.06 -11.24 -76.50
N LYS O 108 -6.21 -12.45 -75.97
CA LYS O 108 -7.47 -12.85 -75.37
C LYS O 108 -7.70 -12.15 -74.03
N ALA O 109 -6.63 -11.88 -73.28
CA ALA O 109 -6.76 -11.27 -71.96
C ALA O 109 -7.19 -9.81 -72.05
N VAL O 110 -6.65 -9.05 -73.01
CA VAL O 110 -7.02 -7.66 -73.19
C VAL O 110 -8.46 -7.54 -73.68
N GLU O 111 -8.91 -8.49 -74.50
CA GLU O 111 -10.28 -8.46 -75.03
C GLU O 111 -11.30 -8.69 -73.93
N LEU O 112 -11.00 -9.56 -72.97
CA LEU O 112 -11.90 -9.79 -71.84
C LEU O 112 -11.96 -8.59 -70.90
N LEU O 113 -10.84 -7.90 -70.71
CA LEU O 113 -10.81 -6.75 -69.82
C LEU O 113 -11.60 -5.57 -70.40
N ALA O 114 -11.52 -5.36 -71.72
CA ALA O 114 -12.28 -4.31 -72.36
C ALA O 114 -13.77 -4.60 -72.33
N ASP O 115 -14.15 -5.87 -72.38
CA ASP O 115 -15.55 -6.25 -72.33
C ASP O 115 -16.11 -6.18 -70.91
N ILE O 116 -15.27 -6.30 -69.89
CA ILE O 116 -15.74 -6.21 -68.51
C ILE O 116 -16.11 -4.77 -68.16
N VAL O 117 -15.25 -3.82 -68.49
CA VAL O 117 -15.45 -2.44 -68.03
C VAL O 117 -16.38 -1.63 -68.91
N GLN O 118 -16.66 -2.07 -70.14
CA GLN O 118 -17.51 -1.30 -71.03
C GLN O 118 -18.92 -1.86 -71.16
N ASN O 119 -19.08 -3.18 -71.13
CA ASN O 119 -20.35 -3.78 -71.53
C ASN O 119 -20.89 -4.74 -70.47
N CYS O 120 -20.65 -4.46 -69.19
CA CYS O 120 -21.19 -5.27 -68.12
C CYS O 120 -22.71 -5.18 -68.09
N SER O 121 -23.35 -6.29 -67.71
CA SER O 121 -24.79 -6.42 -67.94
C SER O 121 -25.60 -5.72 -66.85
N LEU O 122 -25.27 -6.00 -65.58
CA LEU O 122 -25.98 -5.47 -64.40
C LEU O 122 -27.48 -5.79 -64.45
N GLU O 123 -27.80 -7.06 -64.65
CA GLU O 123 -29.19 -7.47 -64.82
C GLU O 123 -29.91 -7.55 -63.48
N ASP O 124 -31.24 -7.50 -63.54
CA ASP O 124 -32.03 -7.30 -62.32
C ASP O 124 -32.08 -8.54 -61.43
N SER O 125 -31.99 -9.73 -62.00
CA SER O 125 -32.06 -10.93 -61.18
C SER O 125 -30.74 -11.18 -60.45
N GLN O 126 -29.62 -10.75 -61.02
CA GLN O 126 -28.32 -10.88 -60.37
C GLN O 126 -28.11 -9.81 -59.32
N ILE O 127 -28.79 -8.66 -59.44
CA ILE O 127 -28.69 -7.60 -58.44
C ILE O 127 -29.36 -8.02 -57.14
N GLU O 128 -30.54 -8.66 -57.22
CA GLU O 128 -31.24 -9.11 -56.03
C GLU O 128 -30.53 -10.27 -55.36
N LYS O 129 -29.78 -11.07 -56.12
CA LYS O 129 -28.97 -12.12 -55.51
C LYS O 129 -27.75 -11.55 -54.80
N GLU O 130 -27.26 -10.40 -55.23
CA GLU O 130 -26.03 -9.85 -54.69
C GLU O 130 -26.22 -9.05 -53.41
N ARG O 131 -27.47 -8.64 -53.10
CA ARG O 131 -27.72 -7.93 -51.85
C ARG O 131 -27.47 -8.81 -50.64
N ASP O 132 -27.93 -10.06 -50.68
CA ASP O 132 -27.78 -10.95 -49.54
C ASP O 132 -26.35 -11.42 -49.36
N VAL O 133 -25.57 -11.48 -50.44
CA VAL O 133 -24.16 -11.80 -50.30
C VAL O 133 -23.42 -10.66 -49.62
N ILE O 134 -23.79 -9.42 -49.95
CA ILE O 134 -23.14 -8.25 -49.36
C ILE O 134 -23.59 -8.05 -47.91
N LEU O 135 -24.86 -8.31 -47.62
CA LEU O 135 -25.35 -8.18 -46.25
C LEU O 135 -24.76 -9.23 -45.32
N GLN O 136 -24.47 -10.42 -45.83
CA GLN O 136 -23.77 -11.42 -45.03
C GLN O 136 -22.29 -11.10 -44.88
N GLU O 137 -21.69 -10.46 -45.88
CA GLU O 137 -20.28 -10.07 -45.80
C GLU O 137 -20.06 -8.94 -44.80
N LEU O 138 -21.06 -8.09 -44.58
CA LEU O 138 -20.95 -7.04 -43.59
C LEU O 138 -20.93 -7.60 -42.17
N GLN O 139 -21.71 -8.66 -41.94
CA GLN O 139 -21.73 -9.30 -40.62
C GLN O 139 -20.43 -10.04 -40.34
N GLU O 140 -19.75 -10.53 -41.38
CA GLU O 140 -18.44 -11.14 -41.19
C GLU O 140 -17.36 -10.11 -40.94
N ASN O 141 -17.53 -8.88 -41.46
CA ASN O 141 -16.56 -7.83 -41.23
C ASN O 141 -16.59 -7.33 -39.79
N ASP O 142 -17.70 -7.49 -39.08
CA ASP O 142 -17.80 -7.06 -37.69
C ASP O 142 -16.95 -7.90 -36.75
N SER O 143 -16.58 -9.13 -37.14
CA SER O 143 -15.75 -9.98 -36.31
C SER O 143 -14.27 -9.69 -36.47
N SER O 144 -13.88 -8.86 -37.44
CA SER O 144 -12.49 -8.47 -37.63
C SER O 144 -12.27 -7.15 -36.91
N MET O 145 -11.55 -7.18 -35.79
CA MET O 145 -11.41 -6.01 -34.94
C MET O 145 -10.49 -4.96 -35.56
N ARG O 146 -9.53 -5.39 -36.37
CA ARG O 146 -8.63 -4.44 -37.02
C ARG O 146 -9.33 -3.65 -38.11
N ASP O 147 -10.27 -4.27 -38.83
CA ASP O 147 -10.99 -3.54 -39.87
C ASP O 147 -12.00 -2.57 -39.28
N VAL O 148 -12.58 -2.92 -38.13
CA VAL O 148 -13.54 -2.04 -37.46
C VAL O 148 -12.83 -0.80 -36.91
N VAL O 149 -11.64 -0.97 -36.34
CA VAL O 149 -10.98 0.13 -35.66
C VAL O 149 -10.34 1.12 -36.65
N PHE O 150 -10.05 0.70 -37.88
CA PHE O 150 -9.55 1.63 -38.89
C PHE O 150 -10.71 2.33 -39.60
N ASP O 151 -11.88 1.71 -39.64
CA ASP O 151 -13.08 2.43 -40.08
C ASP O 151 -13.49 3.49 -39.05
N TYR O 152 -13.25 3.24 -37.77
CA TYR O 152 -13.53 4.24 -36.74
C TYR O 152 -12.57 5.41 -36.83
N LEU O 153 -11.32 5.15 -37.20
CA LEU O 153 -10.32 6.21 -37.28
C LEU O 153 -10.59 7.16 -38.44
N HIS O 154 -11.10 6.64 -39.56
CA HIS O 154 -11.45 7.53 -40.68
C HIS O 154 -12.72 8.30 -40.38
N ALA O 155 -13.65 7.71 -39.64
CA ALA O 155 -14.92 8.36 -39.36
C ALA O 155 -14.80 9.49 -38.36
N THR O 156 -13.74 9.50 -37.53
CA THR O 156 -13.58 10.59 -36.57
C THR O 156 -12.52 11.60 -37.00
N ALA O 157 -11.60 11.24 -37.89
CA ALA O 157 -10.61 12.20 -38.34
C ALA O 157 -11.11 13.08 -39.47
N PHE O 158 -12.16 12.67 -40.17
CA PHE O 158 -12.64 13.35 -41.36
C PHE O 158 -14.15 13.54 -41.32
N GLN O 159 -14.68 13.85 -40.12
CA GLN O 159 -16.09 13.72 -39.70
C GLN O 159 -17.16 14.10 -40.72
N GLY O 160 -17.09 15.31 -41.26
CA GLY O 160 -18.15 15.75 -42.15
C GLY O 160 -17.76 15.90 -43.60
N THR O 161 -16.93 14.99 -44.09
CA THR O 161 -16.35 15.04 -45.43
C THR O 161 -16.66 13.72 -46.13
N PRO O 162 -16.44 13.64 -47.46
CA PRO O 162 -16.56 12.32 -48.12
C PRO O 162 -15.50 11.31 -47.74
N LEU O 163 -14.38 11.73 -47.15
CA LEU O 163 -13.31 10.82 -46.80
C LEU O 163 -13.58 10.03 -45.52
N ALA O 164 -14.67 10.32 -44.80
CA ALA O 164 -15.03 9.57 -43.61
C ALA O 164 -15.91 8.37 -43.90
N GLN O 165 -16.46 8.26 -45.11
CA GLN O 165 -17.33 7.15 -45.44
C GLN O 165 -16.52 5.86 -45.57
N SER O 166 -17.21 4.74 -45.44
CA SER O 166 -16.61 3.44 -45.67
C SER O 166 -16.80 3.02 -47.12
N VAL O 167 -15.97 2.06 -47.55
CA VAL O 167 -16.02 1.56 -48.92
C VAL O 167 -17.32 0.78 -49.15
N GLU O 168 -17.73 -0.02 -48.18
CA GLU O 168 -18.89 -0.89 -48.36
C GLU O 168 -20.20 -0.14 -48.22
N GLY O 169 -20.24 0.95 -47.47
CA GLY O 169 -21.46 1.69 -47.27
C GLY O 169 -22.30 1.13 -46.15
N PRO O 170 -23.26 1.91 -45.67
CA PRO O 170 -24.15 1.42 -44.61
C PRO O 170 -25.15 0.41 -45.15
N SER O 171 -25.76 -0.33 -44.22
CA SER O 171 -26.63 -1.45 -44.57
C SER O 171 -27.96 -1.00 -45.15
N GLU O 172 -28.39 0.23 -44.88
CA GLU O 172 -29.64 0.72 -45.44
C GLU O 172 -29.48 1.16 -46.90
N ASN O 173 -28.28 1.55 -47.30
CA ASN O 173 -28.04 1.82 -48.72
C ASN O 173 -27.99 0.53 -49.53
N VAL O 174 -27.46 -0.55 -48.93
CA VAL O 174 -27.35 -1.84 -49.61
C VAL O 174 -28.74 -2.39 -49.90
N ARG O 175 -29.69 -2.16 -49.00
CA ARG O 175 -31.05 -2.63 -49.20
C ARG O 175 -31.82 -1.87 -50.28
N LYS O 176 -31.34 -0.69 -50.69
CA LYS O 176 -32.15 0.17 -51.56
C LYS O 176 -31.47 0.65 -52.83
N LEU O 177 -30.28 0.18 -53.16
CA LEU O 177 -29.64 0.60 -54.40
C LEU O 177 -30.31 -0.08 -55.59
N SER O 178 -30.81 0.73 -56.52
CA SER O 178 -31.55 0.23 -57.67
C SER O 178 -30.62 -0.02 -58.84
N ARG O 179 -31.20 -0.48 -59.97
CA ARG O 179 -30.40 -0.66 -61.18
C ARG O 179 -30.02 0.68 -61.79
N ALA O 180 -30.85 1.72 -61.57
CA ALA O 180 -30.58 3.02 -62.15
C ALA O 180 -29.35 3.66 -61.52
N ASP O 181 -29.17 3.50 -60.21
CA ASP O 181 -28.04 4.10 -59.52
C ASP O 181 -26.70 3.48 -59.90
N LEU O 182 -26.70 2.24 -60.39
CA LEU O 182 -25.45 1.60 -60.82
C LEU O 182 -25.07 2.01 -62.24
N THR O 183 -26.05 2.19 -63.13
CA THR O 183 -25.76 2.67 -64.47
C THR O 183 -25.31 4.14 -64.48
N GLU O 184 -25.83 4.96 -63.56
CA GLU O 184 -25.32 6.32 -63.44
C GLU O 184 -23.92 6.35 -62.84
N TYR O 185 -23.57 5.36 -62.03
CA TYR O 185 -22.24 5.35 -61.44
C TYR O 185 -21.19 5.00 -62.47
N VAL O 186 -21.53 4.12 -63.41
CA VAL O 186 -20.54 3.67 -64.39
C VAL O 186 -20.29 4.74 -65.45
N SER O 187 -21.35 5.33 -65.99
CA SER O 187 -21.22 6.34 -67.03
C SER O 187 -20.62 7.65 -66.52
N GLN O 188 -20.61 7.88 -65.22
CA GLN O 188 -20.01 9.06 -64.64
C GLN O 188 -18.55 8.87 -64.29
N HIS O 189 -18.17 7.68 -63.81
CA HIS O 189 -16.83 7.50 -63.26
C HIS O 189 -15.93 6.60 -64.09
N TYR O 190 -16.47 5.77 -64.98
CA TYR O 190 -15.65 4.86 -65.79
C TYR O 190 -15.41 5.54 -67.14
N LYS O 191 -14.57 6.57 -67.11
CA LYS O 191 -14.26 7.37 -68.29
C LYS O 191 -12.80 7.22 -68.65
N ALA O 192 -12.53 7.35 -69.95
CA ALA O 192 -11.19 7.06 -70.48
C ALA O 192 -10.04 7.95 -69.98
N PRO O 193 -10.20 9.26 -69.70
CA PRO O 193 -9.07 9.98 -69.08
C PRO O 193 -8.83 9.63 -67.61
N ARG O 194 -9.68 8.81 -66.99
CA ARG O 194 -9.48 8.38 -65.61
C ARG O 194 -9.04 6.93 -65.50
N MET O 195 -8.69 6.29 -66.61
CA MET O 195 -8.34 4.87 -66.63
C MET O 195 -6.91 4.70 -67.11
N VAL O 196 -6.26 3.65 -66.60
CA VAL O 196 -4.90 3.28 -66.99
C VAL O 196 -4.89 1.79 -67.34
N LEU O 197 -4.32 1.43 -68.48
CA LEU O 197 -4.11 0.05 -68.88
C LEU O 197 -2.64 -0.30 -68.71
N ALA O 198 -2.32 -1.10 -67.69
CA ALA O 198 -0.96 -1.45 -67.35
C ALA O 198 -0.71 -2.94 -67.59
N ALA O 199 0.57 -3.28 -67.78
CA ALA O 199 0.96 -4.66 -68.06
C ALA O 199 2.42 -4.85 -67.67
N ALA O 200 2.75 -6.02 -67.14
CA ALA O 200 4.12 -6.35 -66.78
C ALA O 200 4.37 -7.82 -67.05
N GLY O 201 5.59 -8.13 -67.47
CA GLY O 201 5.97 -9.50 -67.75
C GLY O 201 6.57 -9.69 -69.13
N GLY O 202 6.09 -10.70 -69.86
CA GLY O 202 6.53 -10.91 -71.23
C GLY O 202 5.63 -10.22 -72.23
N VAL O 203 5.67 -8.88 -72.24
CA VAL O 203 4.84 -8.06 -73.11
C VAL O 203 5.77 -7.21 -73.98
N GLU O 204 5.37 -6.95 -75.21
CA GLU O 204 5.94 -5.87 -76.01
C GLU O 204 5.00 -4.67 -75.94
N HIS O 205 5.56 -3.47 -75.89
CA HIS O 205 4.73 -2.27 -75.78
C HIS O 205 3.97 -1.98 -77.05
N ARG O 206 4.57 -2.29 -78.21
CA ARG O 206 3.90 -2.07 -79.50
C ARG O 206 2.69 -2.98 -79.67
N GLN O 207 2.75 -4.19 -79.11
CA GLN O 207 1.63 -5.12 -79.22
C GLN O 207 0.46 -4.70 -78.33
N LEU O 208 0.75 -4.23 -77.11
CA LEU O 208 -0.29 -3.76 -76.21
C LEU O 208 -0.96 -2.49 -76.73
N LEU O 209 -0.22 -1.65 -77.45
CA LEU O 209 -0.78 -0.40 -77.96
C LEU O 209 -1.78 -0.66 -79.09
N ASP O 210 -1.48 -1.62 -79.96
CA ASP O 210 -2.41 -1.94 -81.04
C ASP O 210 -3.60 -2.74 -80.54
N LEU O 211 -3.44 -3.52 -79.47
CA LEU O 211 -4.58 -4.19 -78.87
C LEU O 211 -5.49 -3.20 -78.16
N ALA O 212 -4.92 -2.12 -77.62
CA ALA O 212 -5.71 -1.07 -77.01
C ALA O 212 -6.44 -0.22 -78.04
N GLN O 213 -5.97 -0.20 -79.28
CA GLN O 213 -6.62 0.64 -80.29
C GLN O 213 -7.82 -0.04 -80.92
N LYS O 214 -7.92 -1.37 -80.84
CA LYS O 214 -9.06 -2.06 -81.43
C LYS O 214 -10.10 -2.50 -80.42
N HIS O 215 -9.80 -2.42 -79.12
CA HIS O 215 -10.76 -2.80 -78.10
C HIS O 215 -11.24 -1.65 -77.24
N PHE O 216 -10.49 -0.55 -77.18
CA PHE O 216 -10.80 0.55 -76.27
C PHE O 216 -11.11 1.87 -76.97
N SER O 217 -10.99 1.94 -78.29
CA SER O 217 -11.11 3.21 -79.00
C SER O 217 -12.53 3.75 -79.00
N SER O 218 -13.52 2.92 -78.76
CA SER O 218 -14.91 3.34 -78.69
C SER O 218 -15.30 3.87 -77.32
N LEU O 219 -14.35 4.02 -76.39
CA LEU O 219 -14.60 4.75 -75.16
C LEU O 219 -14.84 6.22 -75.46
N SER O 220 -15.77 6.82 -74.72
CA SER O 220 -16.07 8.24 -74.85
C SER O 220 -14.91 9.03 -74.26
N GLY O 221 -14.07 9.56 -75.14
CA GLY O 221 -12.88 10.27 -74.71
C GLY O 221 -13.04 11.77 -74.71
N THR O 222 -14.24 12.23 -74.37
CA THR O 222 -14.51 13.65 -74.25
C THR O 222 -15.08 13.85 -72.85
N TYR O 223 -15.58 15.06 -72.57
CA TYR O 223 -16.19 15.35 -71.28
C TYR O 223 -17.68 15.62 -71.46
N VAL O 224 -18.32 14.78 -72.27
CA VAL O 224 -19.76 14.91 -72.53
C VAL O 224 -20.55 14.62 -71.26
N GLU O 225 -21.64 15.37 -71.07
CA GLU O 225 -22.45 15.39 -69.84
C GLU O 225 -21.55 15.64 -68.63
N ASP O 226 -21.01 16.86 -68.62
CA ASP O 226 -19.80 17.22 -67.87
C ASP O 226 -19.86 16.93 -66.38
N ALA O 227 -19.04 15.97 -65.96
CA ALA O 227 -19.01 15.50 -64.58
C ALA O 227 -17.61 15.53 -64.00
N VAL O 228 -16.77 16.46 -64.48
CA VAL O 228 -15.44 16.68 -63.92
C VAL O 228 -15.60 17.16 -62.48
N PRO O 229 -15.17 16.37 -61.49
CA PRO O 229 -15.50 16.69 -60.10
C PRO O 229 -14.64 17.84 -59.58
N ALA O 230 -15.31 18.89 -59.10
CA ALA O 230 -14.63 19.96 -58.39
C ALA O 230 -14.08 19.40 -57.09
N PHE O 231 -12.76 19.23 -57.03
CA PHE O 231 -12.13 18.52 -55.92
C PHE O 231 -12.13 19.39 -54.68
N THR O 232 -12.99 19.07 -53.74
CA THR O 232 -12.98 19.71 -52.44
C THR O 232 -11.99 18.99 -51.53
N PRO O 233 -11.11 19.69 -50.84
CA PRO O 233 -10.24 19.04 -49.85
C PRO O 233 -11.03 18.60 -48.62
N CYS O 234 -10.33 17.91 -47.72
CA CYS O 234 -10.94 17.33 -46.54
C CYS O 234 -10.12 17.72 -45.33
N ARG O 235 -10.77 18.26 -44.30
CA ARG O 235 -10.03 18.73 -43.13
C ARG O 235 -9.91 17.64 -42.06
N PHE O 236 -8.83 17.74 -41.31
CA PHE O 236 -8.54 16.87 -40.18
C PHE O 236 -9.11 17.48 -38.90
N THR O 237 -9.66 16.63 -38.03
CA THR O 237 -10.25 17.06 -36.76
C THR O 237 -9.72 16.18 -35.63
N GLY O 238 -9.10 16.80 -34.63
CA GLY O 238 -8.71 16.08 -33.44
C GLY O 238 -9.93 15.70 -32.61
N SER O 239 -10.12 14.42 -32.37
CA SER O 239 -11.37 13.88 -31.83
C SER O 239 -11.12 12.45 -31.34
N GLU O 240 -12.19 11.76 -30.96
CA GLU O 240 -12.09 10.47 -30.29
C GLU O 240 -13.39 9.69 -30.41
N ILE O 241 -13.29 8.38 -30.63
CA ILE O 241 -14.41 7.45 -30.55
C ILE O 241 -14.01 6.30 -29.61
N ARG O 242 -14.85 6.01 -28.63
CA ARG O 242 -14.63 4.93 -27.68
C ARG O 242 -15.81 3.97 -27.71
N HIS O 243 -15.55 2.70 -28.06
CA HIS O 243 -16.55 1.64 -28.05
C HIS O 243 -16.16 0.65 -26.95
N ARG O 244 -16.95 0.62 -25.88
CA ARG O 244 -16.67 -0.17 -24.69
C ARG O 244 -17.41 -1.50 -24.75
N ASP O 245 -16.65 -2.61 -24.76
CA ASP O 245 -17.24 -3.95 -24.74
C ASP O 245 -16.32 -4.86 -23.95
N ASP O 246 -16.71 -5.16 -22.70
CA ASP O 246 -15.85 -5.90 -21.79
C ASP O 246 -15.79 -7.39 -22.09
N ALA O 247 -16.70 -7.93 -22.91
CA ALA O 247 -16.70 -9.35 -23.23
C ALA O 247 -15.66 -9.74 -24.26
N LEU O 248 -15.04 -8.79 -24.95
CA LEU O 248 -13.97 -9.11 -25.88
C LEU O 248 -12.67 -9.35 -25.13
N PRO O 249 -11.85 -10.30 -25.56
CA PRO O 249 -10.66 -10.67 -24.77
C PRO O 249 -9.49 -9.70 -24.87
N LEU O 250 -9.30 -9.03 -26.01
CA LEU O 250 -8.22 -8.07 -26.18
C LEU O 250 -8.77 -6.75 -26.67
N ALA O 251 -7.98 -5.69 -26.55
CA ALA O 251 -8.38 -4.35 -26.93
C ALA O 251 -7.55 -3.83 -28.10
N HIS O 252 -8.21 -3.11 -29.01
CA HIS O 252 -7.60 -2.51 -30.20
C HIS O 252 -7.62 -1.00 -30.08
N VAL O 253 -6.48 -0.35 -30.31
CA VAL O 253 -6.34 1.10 -30.21
C VAL O 253 -5.55 1.61 -31.42
N ALA O 254 -6.09 2.61 -32.12
CA ALA O 254 -5.41 3.30 -33.21
C ALA O 254 -5.38 4.81 -32.97
N ILE O 255 -4.23 5.44 -33.22
CA ILE O 255 -4.03 6.87 -33.00
C ILE O 255 -3.20 7.45 -34.15
N ALA O 256 -3.56 8.64 -34.63
CA ALA O 256 -2.86 9.25 -35.76
C ALA O 256 -2.95 10.77 -35.71
N VAL O 257 -1.94 11.43 -36.30
CA VAL O 257 -1.98 12.86 -36.60
C VAL O 257 -2.17 13.03 -38.10
N GLU O 258 -2.37 14.27 -38.52
CA GLU O 258 -2.54 14.58 -39.94
C GLU O 258 -1.20 14.51 -40.65
N GLY O 259 -1.16 13.79 -41.77
CA GLY O 259 0.05 13.61 -42.52
C GLY O 259 0.00 14.24 -43.90
N PRO O 260 1.06 14.09 -44.67
CA PRO O 260 1.12 14.73 -45.99
C PRO O 260 0.46 13.90 -47.07
N GLY O 261 0.22 14.56 -48.20
CA GLY O 261 -0.39 13.93 -49.35
C GLY O 261 0.60 13.10 -50.15
N TRP O 262 0.15 12.72 -51.34
CA TRP O 262 0.93 11.80 -52.17
C TRP O 262 2.18 12.47 -52.73
N ALA O 263 2.03 13.64 -53.32
CA ALA O 263 3.13 14.30 -54.02
C ALA O 263 3.95 15.21 -53.11
N ASN O 264 3.70 15.20 -51.82
CA ASN O 264 4.50 15.98 -50.89
C ASN O 264 5.86 15.32 -50.72
N PRO O 265 6.96 16.07 -50.87
CA PRO O 265 8.30 15.49 -50.68
C PRO O 265 8.67 15.19 -49.24
N ASP O 266 7.82 15.52 -48.27
CA ASP O 266 8.05 15.16 -46.88
C ASP O 266 7.81 13.68 -46.60
N ASN O 267 7.21 12.95 -47.55
CA ASN O 267 6.82 11.56 -47.34
C ASN O 267 8.01 10.65 -47.12
N VAL O 268 9.14 10.91 -47.77
CA VAL O 268 10.30 10.03 -47.67
C VAL O 268 10.98 10.12 -46.29
N PRO O 269 11.29 11.29 -45.71
CA PRO O 269 11.83 11.26 -44.33
C PRO O 269 10.81 10.90 -43.26
N LEU O 270 9.51 10.93 -43.54
CA LEU O 270 8.53 10.50 -42.55
C LEU O 270 8.40 8.99 -42.46
N GLN O 271 8.84 8.24 -43.48
CA GLN O 271 8.86 6.79 -43.35
C GLN O 271 10.25 6.25 -43.07
N VAL O 272 11.28 7.08 -43.10
CA VAL O 272 12.52 6.75 -42.40
C VAL O 272 12.28 6.79 -40.90
N ALA O 273 11.43 7.71 -40.45
CA ALA O 273 11.15 7.86 -39.03
C ALA O 273 10.26 6.75 -38.49
N ASN O 274 9.24 6.35 -39.25
CA ASN O 274 8.38 5.25 -38.83
C ASN O 274 9.11 3.92 -38.85
N ALA O 275 10.14 3.78 -39.68
CA ALA O 275 10.98 2.58 -39.66
C ALA O 275 11.90 2.52 -38.45
N ILE O 276 12.08 3.62 -37.72
CA ILE O 276 12.84 3.56 -36.48
C ILE O 276 11.96 3.09 -35.32
N ILE O 277 10.69 3.46 -35.32
CA ILE O 277 9.75 2.91 -34.33
C ILE O 277 9.51 1.43 -34.59
N GLY O 278 9.12 1.08 -35.81
CA GLY O 278 9.05 -0.29 -36.23
C GLY O 278 7.73 -1.01 -36.03
N HIS O 279 7.80 -2.34 -35.92
CA HIS O 279 6.66 -3.20 -35.69
C HIS O 279 7.10 -4.35 -34.79
N TYR O 280 6.14 -4.97 -34.12
CA TYR O 280 6.46 -6.11 -33.27
C TYR O 280 5.27 -7.05 -33.26
N ASP O 281 5.57 -8.34 -33.08
CA ASP O 281 4.56 -9.34 -32.86
C ASP O 281 5.16 -10.41 -31.96
N SER O 282 4.31 -11.07 -31.16
CA SER O 282 4.85 -11.96 -30.14
C SER O 282 5.21 -13.35 -30.66
N THR O 283 5.05 -13.62 -31.97
CA THR O 283 5.68 -14.75 -32.60
C THR O 283 7.05 -14.45 -33.17
N TYR O 284 7.60 -13.26 -32.93
CA TYR O 284 8.93 -12.93 -33.41
C TYR O 284 9.97 -13.69 -32.59
N GLY O 285 11.08 -14.03 -33.25
CA GLY O 285 12.16 -14.65 -32.53
C GLY O 285 13.21 -13.71 -31.98
N GLY O 286 13.13 -12.43 -32.26
CA GLY O 286 14.22 -11.54 -31.90
C GLY O 286 14.05 -10.73 -30.63
N GLY O 287 12.92 -10.89 -29.93
CA GLY O 287 12.53 -10.08 -28.80
C GLY O 287 13.53 -9.92 -27.66
N THR O 288 13.50 -8.75 -27.02
CA THR O 288 14.40 -8.20 -25.99
C THR O 288 15.80 -7.89 -26.52
N HIS O 289 16.12 -8.21 -27.76
CA HIS O 289 17.36 -7.82 -28.39
C HIS O 289 17.15 -6.90 -29.57
N MET O 290 15.90 -6.60 -29.92
CA MET O 290 15.58 -5.84 -31.12
C MET O 290 16.01 -4.38 -30.98
N SER O 291 16.33 -3.78 -32.13
CA SER O 291 16.89 -2.43 -32.17
C SER O 291 15.87 -1.37 -31.79
N SER O 292 14.60 -1.59 -32.12
CA SER O 292 13.55 -0.66 -31.75
C SER O 292 13.29 -0.70 -30.26
N THR O 293 13.17 0.49 -29.66
CA THR O 293 13.03 0.59 -28.20
C THR O 293 11.66 0.12 -27.74
N LEU O 294 10.61 0.47 -28.48
CA LEU O 294 9.25 0.05 -28.14
C LEU O 294 9.07 -1.46 -28.31
N ALA O 295 9.78 -2.06 -29.27
CA ALA O 295 9.69 -3.51 -29.46
C ALA O 295 10.41 -4.26 -28.35
N SER O 296 11.56 -3.74 -27.91
CA SER O 296 12.34 -4.41 -26.88
C SER O 296 11.69 -4.29 -25.50
N VAL O 297 10.94 -3.21 -25.26
CA VAL O 297 10.26 -3.03 -23.99
C VAL O 297 9.02 -3.92 -23.92
N ALA O 298 8.26 -4.02 -25.01
CA ALA O 298 7.06 -4.84 -25.02
C ALA O 298 7.35 -6.33 -24.99
N ALA O 299 8.55 -6.75 -25.41
CA ALA O 299 8.92 -8.16 -25.31
C ALA O 299 9.43 -8.51 -23.91
N THR O 300 10.09 -7.58 -23.22
CA THR O 300 10.62 -7.86 -21.89
C THR O 300 9.52 -7.90 -20.84
N ARG O 301 8.55 -7.00 -20.91
CA ARG O 301 7.50 -6.89 -19.92
C ARG O 301 6.22 -7.58 -20.33
N LYS O 302 6.15 -8.12 -21.56
CA LYS O 302 4.97 -8.74 -22.16
C LYS O 302 3.77 -7.79 -22.13
N LEU O 303 3.96 -6.64 -22.77
CA LEU O 303 3.01 -5.54 -22.68
C LEU O 303 1.90 -5.60 -23.73
N CYS O 304 2.15 -6.23 -24.88
CA CYS O 304 1.16 -6.24 -25.95
C CYS O 304 1.26 -7.54 -26.72
N GLN O 305 0.31 -7.76 -27.61
CA GLN O 305 0.40 -8.82 -28.61
C GLN O 305 1.10 -8.37 -29.87
N SER O 306 0.81 -7.15 -30.36
CA SER O 306 1.46 -6.62 -31.56
C SER O 306 1.33 -5.11 -31.61
N PHE O 307 2.22 -4.47 -32.38
CA PHE O 307 2.01 -3.10 -32.83
C PHE O 307 2.58 -2.91 -34.22
N GLN O 308 2.16 -1.82 -34.88
CA GLN O 308 2.60 -1.43 -36.21
C GLN O 308 2.46 0.08 -36.37
N THR O 309 3.29 0.66 -37.25
CA THR O 309 3.16 2.06 -37.64
C THR O 309 2.70 2.15 -39.09
N PHE O 310 1.91 3.18 -39.42
CA PHE O 310 1.38 3.33 -40.76
C PHE O 310 1.62 4.73 -41.32
N ASN O 311 1.50 4.83 -42.65
CA ASN O 311 1.62 6.06 -43.44
C ASN O 311 0.57 5.96 -44.54
N ILE O 312 -0.63 6.45 -44.27
CA ILE O 312 -1.70 6.43 -45.26
C ILE O 312 -1.73 7.78 -45.96
N CYS O 313 -1.72 7.78 -47.28
CA CYS O 313 -1.67 9.00 -48.07
C CYS O 313 -2.89 9.10 -48.97
N TYR O 314 -3.43 10.30 -49.07
CA TYR O 314 -4.43 10.67 -50.07
C TYR O 314 -3.85 11.79 -50.92
N ALA O 315 -4.68 12.38 -51.78
CA ALA O 315 -4.19 13.38 -52.73
C ALA O 315 -3.72 14.65 -52.05
N GLU O 316 -4.34 15.03 -50.94
CA GLU O 316 -4.02 16.28 -50.25
C GLU O 316 -3.73 16.12 -48.77
N THR O 317 -4.07 14.99 -48.15
CA THR O 317 -3.94 14.81 -46.71
C THR O 317 -3.60 13.35 -46.43
N GLY O 318 -3.58 12.97 -45.16
CA GLY O 318 -3.28 11.60 -44.81
C GLY O 318 -3.31 11.39 -43.32
N LEU O 319 -2.96 10.16 -42.91
CA LEU O 319 -2.95 9.75 -41.52
C LEU O 319 -1.58 9.17 -41.19
N LEU O 320 -1.01 9.61 -40.07
CA LEU O 320 0.34 9.22 -39.67
C LEU O 320 0.29 8.80 -38.21
N GLY O 321 0.46 7.51 -37.94
CA GLY O 321 0.33 7.02 -36.58
C GLY O 321 0.66 5.56 -36.31
N ALA O 322 -0.08 4.93 -35.38
CA ALA O 322 0.24 3.59 -34.91
C ALA O 322 -1.01 2.87 -34.44
N HIS O 323 -0.94 1.54 -34.41
CA HIS O 323 -2.02 0.66 -33.97
C HIS O 323 -1.43 -0.44 -33.11
N PHE O 324 -2.09 -0.80 -32.00
CA PHE O 324 -1.60 -1.86 -31.14
C PHE O 324 -2.74 -2.66 -30.52
N VAL O 325 -2.43 -3.88 -30.08
CA VAL O 325 -3.37 -4.80 -29.44
C VAL O 325 -2.77 -5.27 -28.11
N CYS O 326 -3.54 -5.17 -27.03
CA CYS O 326 -3.06 -5.58 -25.70
C CYS O 326 -4.25 -5.97 -24.82
N ASP O 327 -3.94 -6.39 -23.59
CA ASP O 327 -4.98 -6.75 -22.63
C ASP O 327 -5.44 -5.51 -21.86
N ASN O 328 -6.43 -5.71 -20.98
CA ASN O 328 -7.15 -4.59 -20.37
C ASN O 328 -6.33 -3.82 -19.34
N MET O 329 -5.23 -4.39 -18.83
CA MET O 329 -4.43 -3.74 -17.82
C MET O 329 -3.12 -3.19 -18.36
N SER O 330 -3.00 -3.06 -19.70
CA SER O 330 -1.76 -2.63 -20.32
C SER O 330 -1.89 -1.43 -21.24
N ILE O 331 -3.07 -0.82 -21.34
CA ILE O 331 -3.30 0.25 -22.31
C ILE O 331 -2.54 1.52 -21.92
N ASP O 332 -2.50 1.82 -20.62
CA ASP O 332 -1.87 3.06 -20.16
C ASP O 332 -0.36 3.03 -20.32
N ASP O 333 0.26 1.87 -20.12
CA ASP O 333 1.72 1.79 -20.27
C ASP O 333 2.14 1.81 -21.73
N MET O 334 1.35 1.20 -22.62
CA MET O 334 1.71 1.17 -24.03
C MET O 334 1.54 2.54 -24.69
N MET O 335 0.54 3.30 -24.27
CA MET O 335 0.39 4.67 -24.76
C MET O 335 1.47 5.60 -24.23
N PHE O 336 1.95 5.33 -23.01
CA PHE O 336 3.02 6.13 -22.43
C PHE O 336 4.34 5.93 -23.17
N PHE O 337 4.69 4.69 -23.51
CA PHE O 337 5.96 4.43 -24.18
C PHE O 337 5.94 4.83 -25.65
N LEU O 338 4.78 4.75 -26.31
CA LEU O 338 4.70 5.12 -27.72
C LEU O 338 4.81 6.62 -27.92
N GLN O 339 4.13 7.40 -27.08
CA GLN O 339 4.21 8.86 -27.17
C GLN O 339 5.59 9.37 -26.78
N GLY O 340 6.31 8.65 -25.92
CA GLY O 340 7.66 9.02 -25.59
C GLY O 340 8.67 8.76 -26.69
N GLN O 341 8.34 7.90 -27.66
CA GLN O 341 9.22 7.68 -28.79
C GLN O 341 9.01 8.71 -29.90
N TRP O 342 7.79 9.24 -30.02
CA TRP O 342 7.54 10.34 -30.95
C TRP O 342 8.26 11.61 -30.51
N MET O 343 8.25 11.90 -29.22
CA MET O 343 8.92 13.08 -28.69
C MET O 343 10.44 12.93 -28.71
N ARG O 344 10.95 11.70 -28.65
CA ARG O 344 12.38 11.44 -28.74
C ARG O 344 12.89 11.50 -30.18
N LEU O 345 12.02 11.66 -31.17
CA LEU O 345 12.46 11.90 -32.54
C LEU O 345 12.32 13.35 -32.96
N CYS O 346 11.38 14.09 -32.34
CA CYS O 346 11.24 15.52 -32.59
C CYS O 346 12.47 16.28 -32.11
N THR O 347 13.02 15.89 -30.98
CA THR O 347 14.35 16.26 -30.52
C THR O 347 15.24 15.02 -30.63
N SER O 348 16.50 15.16 -30.26
CA SER O 348 17.36 14.05 -29.84
C SER O 348 17.61 12.90 -30.82
N ALA O 349 17.17 12.99 -32.08
CA ALA O 349 17.33 11.89 -33.01
C ALA O 349 18.77 11.78 -33.49
N THR O 350 19.35 10.59 -33.38
CA THR O 350 20.77 10.38 -33.62
C THR O 350 21.03 9.95 -35.06
N GLU O 351 22.30 10.04 -35.46
CA GLU O 351 22.69 9.70 -36.83
C GLU O 351 22.69 8.20 -37.08
N SER O 352 23.01 7.37 -36.08
CA SER O 352 23.05 5.94 -36.31
C SER O 352 21.67 5.31 -36.37
N GLU O 353 20.67 5.96 -35.76
CA GLU O 353 19.28 5.54 -35.96
C GLU O 353 18.83 5.79 -37.39
N VAL O 354 19.26 6.91 -37.97
CA VAL O 354 18.81 7.30 -39.30
C VAL O 354 19.47 6.42 -40.35
N VAL O 355 20.67 5.92 -40.10
CA VAL O 355 21.33 5.01 -41.01
C VAL O 355 20.61 3.66 -41.06
N ARG O 356 20.15 3.16 -39.90
CA ARG O 356 19.38 1.92 -39.87
C ARG O 356 18.02 2.11 -40.54
N GLY O 357 17.34 3.23 -40.27
CA GLY O 357 16.03 3.49 -40.86
C GLY O 357 16.06 3.72 -42.36
N LYS O 358 17.20 4.17 -42.90
CA LYS O 358 17.34 4.29 -44.35
C LYS O 358 17.56 2.94 -45.00
N ASN O 359 18.29 2.04 -44.33
CA ASN O 359 18.51 0.69 -44.84
C ASN O 359 17.23 -0.15 -44.85
N ILE O 360 16.32 0.10 -43.90
CA ILE O 360 15.05 -0.61 -43.87
C ILE O 360 14.17 -0.19 -45.03
N LEU O 361 14.15 1.10 -45.35
CA LEU O 361 13.31 1.61 -46.43
C LEU O 361 13.81 1.19 -47.81
N ARG O 362 15.13 1.08 -47.98
CA ARG O 362 15.67 0.57 -49.24
C ARG O 362 15.31 -0.89 -49.46
N ASN O 363 15.29 -1.69 -48.39
CA ASN O 363 14.97 -3.10 -48.52
C ASN O 363 13.48 -3.32 -48.74
N ALA O 364 12.63 -2.46 -48.19
CA ALA O 364 11.19 -2.63 -48.36
C ALA O 364 10.72 -2.21 -49.74
N LEU O 365 11.45 -1.31 -50.40
CA LEU O 365 11.06 -0.90 -51.75
C LEU O 365 11.45 -1.95 -52.78
N VAL O 366 12.60 -2.59 -52.60
CA VAL O 366 13.05 -3.61 -53.54
C VAL O 366 12.25 -4.89 -53.37
N SER O 367 11.92 -5.25 -52.12
CA SER O 367 11.20 -6.50 -51.84
C SER O 367 9.76 -6.46 -52.30
N HIS O 368 9.17 -5.28 -52.47
CA HIS O 368 7.80 -5.23 -52.95
C HIS O 368 7.70 -5.58 -54.43
N LEU O 369 8.67 -5.15 -55.22
CA LEU O 369 8.63 -5.33 -56.67
C LEU O 369 9.27 -6.66 -57.07
N ASP O 370 8.63 -7.76 -56.66
CA ASP O 370 9.11 -9.12 -56.92
C ASP O 370 7.97 -9.97 -57.47
N GLY O 371 7.88 -10.05 -58.80
CA GLY O 371 6.79 -10.75 -59.45
C GLY O 371 6.02 -9.83 -60.36
N THR O 372 5.26 -10.39 -61.30
CA THR O 372 4.59 -9.56 -62.30
C THR O 372 3.39 -8.83 -61.73
N THR O 373 2.73 -9.38 -60.72
CA THR O 373 1.55 -8.75 -60.16
C THR O 373 1.85 -7.51 -59.29
N PRO O 374 2.86 -7.50 -58.39
CA PRO O 374 3.13 -6.22 -57.70
C PRO O 374 3.82 -5.17 -58.57
N VAL O 375 4.53 -5.57 -59.63
CA VAL O 375 5.10 -4.59 -60.54
C VAL O 375 4.01 -3.93 -61.36
N CYS O 376 3.01 -4.71 -61.80
CA CYS O 376 1.91 -4.16 -62.58
C CYS O 376 1.02 -3.24 -61.75
N GLU O 377 0.86 -3.53 -60.46
CA GLU O 377 0.05 -2.67 -59.62
C GLU O 377 0.76 -1.36 -59.30
N ASP O 378 2.09 -1.40 -59.21
CA ASP O 378 2.88 -0.19 -59.01
C ASP O 378 2.85 0.70 -60.25
N ILE O 379 2.74 0.13 -61.44
CA ILE O 379 2.63 0.93 -62.66
C ILE O 379 1.27 1.61 -62.74
N GLY O 380 0.20 0.86 -62.46
CA GLY O 380 -1.13 1.39 -62.67
C GLY O 380 -1.56 2.40 -61.62
N ARG O 381 -0.93 2.37 -60.46
CA ARG O 381 -1.32 3.28 -59.39
C ARG O 381 -0.39 4.47 -59.25
N SER O 382 0.81 4.42 -59.82
CA SER O 382 1.68 5.58 -59.82
C SER O 382 1.31 6.58 -60.91
N LEU O 383 0.70 6.11 -62.00
CA LEU O 383 0.23 7.03 -63.03
C LEU O 383 -1.05 7.75 -62.64
N LEU O 384 -1.82 7.21 -61.68
CA LEU O 384 -2.96 7.94 -61.15
C LEU O 384 -2.58 8.86 -60.00
N THR O 385 -1.40 8.67 -59.41
CA THR O 385 -0.99 9.38 -58.20
C THR O 385 0.05 10.45 -58.47
N TYR O 386 1.17 10.10 -59.13
CA TYR O 386 2.19 11.08 -59.46
C TYR O 386 2.13 11.52 -60.91
N GLY O 387 1.33 10.87 -61.74
CA GLY O 387 1.33 11.12 -63.16
C GLY O 387 2.45 10.47 -63.93
N ARG O 388 3.30 9.70 -63.25
CA ARG O 388 4.47 9.08 -63.85
C ARG O 388 4.91 7.96 -62.92
N ARG O 389 5.74 7.07 -63.43
CA ARG O 389 6.38 6.07 -62.58
C ARG O 389 7.73 6.59 -62.15
N ILE O 390 7.95 6.65 -60.83
CA ILE O 390 9.22 7.08 -60.26
C ILE O 390 10.15 5.87 -60.22
N PRO O 391 11.27 5.88 -60.93
CA PRO O 391 12.14 4.70 -60.96
C PRO O 391 12.90 4.51 -59.66
N LEU O 392 13.55 3.36 -59.56
CA LEU O 392 14.22 2.97 -58.32
C LEU O 392 15.48 3.80 -58.08
N ALA O 393 16.10 4.31 -59.14
CA ALA O 393 17.27 5.16 -58.97
C ALA O 393 16.91 6.52 -58.42
N GLU O 394 15.68 6.99 -58.68
CA GLU O 394 15.24 8.27 -58.14
C GLU O 394 14.81 8.15 -56.68
N TRP O 395 14.23 7.00 -56.28
CA TRP O 395 13.94 6.78 -54.86
C TRP O 395 15.20 6.73 -54.03
N GLU O 396 16.30 6.23 -54.59
CA GLU O 396 17.54 6.09 -53.83
C GLU O 396 18.23 7.44 -53.62
N SER O 397 18.13 8.37 -54.58
CA SER O 397 18.74 9.68 -54.40
C SER O 397 17.95 10.56 -53.44
N ARG O 398 16.65 10.31 -53.27
CA ARG O 398 15.89 11.01 -52.25
C ARG O 398 16.18 10.45 -50.86
N ILE O 399 16.40 9.15 -50.76
CA ILE O 399 16.70 8.53 -49.47
C ILE O 399 18.09 8.93 -49.00
N ALA O 400 19.03 9.11 -49.91
CA ALA O 400 20.42 9.40 -49.56
C ALA O 400 20.62 10.81 -49.02
N GLU O 401 19.68 11.72 -49.18
CA GLU O 401 19.81 13.08 -48.67
C GLU O 401 19.08 13.29 -47.34
N VAL O 402 18.66 12.22 -46.68
CA VAL O 402 18.06 12.29 -45.35
C VAL O 402 19.16 12.10 -44.31
N ASP O 403 19.19 12.99 -43.32
CA ASP O 403 20.11 12.86 -42.19
C ASP O 403 19.34 13.16 -40.91
N ALA O 404 20.05 13.26 -39.79
CA ALA O 404 19.41 13.34 -38.49
C ALA O 404 18.72 14.70 -38.26
N SER O 405 19.27 15.78 -38.80
CA SER O 405 18.63 17.08 -38.60
C SER O 405 17.38 17.24 -39.47
N VAL O 406 17.32 16.55 -40.61
CA VAL O 406 16.11 16.58 -41.43
C VAL O 406 14.97 15.83 -40.74
N VAL O 407 15.29 14.71 -40.08
CA VAL O 407 14.29 13.91 -39.39
C VAL O 407 13.73 14.69 -38.18
N ARG O 408 14.59 15.42 -37.47
CA ARG O 408 14.14 16.25 -36.36
C ARG O 408 13.24 17.39 -36.83
N GLU O 409 13.49 17.94 -38.01
CA GLU O 409 12.68 19.04 -38.51
C GLU O 409 11.30 18.57 -38.97
N VAL O 410 11.23 17.47 -39.69
CA VAL O 410 9.96 17.01 -40.24
C VAL O 410 9.08 16.38 -39.14
N CYS O 411 9.67 15.76 -38.13
CA CYS O 411 8.88 15.20 -37.05
C CYS O 411 8.34 16.29 -36.14
N SER O 412 9.06 17.40 -35.98
CA SER O 412 8.55 18.50 -35.18
C SER O 412 7.41 19.23 -35.88
N LYS O 413 7.40 19.21 -37.21
CA LYS O 413 6.34 19.85 -37.97
C LYS O 413 5.02 19.10 -37.87
N TYR O 414 5.08 17.77 -37.76
CA TYR O 414 3.87 16.96 -37.90
C TYR O 414 3.34 16.40 -36.59
N PHE O 415 4.14 16.34 -35.53
CA PHE O 415 3.76 15.61 -34.33
C PHE O 415 3.52 16.48 -33.11
N TYR O 416 4.26 17.58 -32.92
CA TYR O 416 4.57 18.04 -31.57
C TYR O 416 3.36 18.62 -30.85
N ASP O 417 2.89 19.78 -31.25
CA ASP O 417 1.82 20.39 -30.45
C ASP O 417 0.50 20.20 -31.16
N GLN O 418 0.27 19.00 -31.67
CA GLN O 418 -0.84 18.69 -32.55
C GLN O 418 -1.87 17.83 -31.84
N CYS O 419 -3.13 17.99 -32.24
CA CYS O 419 -4.24 17.21 -31.70
C CYS O 419 -4.37 15.90 -32.47
N PRO O 420 -4.30 14.74 -31.82
CA PRO O 420 -4.46 13.48 -32.53
C PRO O 420 -5.93 13.05 -32.66
N ALA O 421 -6.14 12.04 -33.50
CA ALA O 421 -7.41 11.33 -33.60
C ALA O 421 -7.24 9.94 -33.00
N VAL O 422 -8.17 9.52 -32.15
CA VAL O 422 -8.06 8.28 -31.38
C VAL O 422 -9.30 7.42 -31.62
N ALA O 423 -9.09 6.11 -31.79
CA ALA O 423 -10.17 5.13 -31.86
C ALA O 423 -9.86 3.94 -30.95
N GLY O 424 -10.87 3.43 -30.27
CA GLY O 424 -10.70 2.30 -29.35
C GLY O 424 -11.86 1.34 -29.27
N LEU O 425 -11.57 0.04 -29.15
CA LEU O 425 -12.57 -1.03 -29.11
C LEU O 425 -12.25 -1.98 -27.96
N GLY O 426 -13.26 -2.25 -27.12
CA GLY O 426 -13.11 -2.69 -25.75
C GLY O 426 -12.35 -3.98 -25.51
N PRO O 427 -11.92 -4.23 -24.25
CA PRO O 427 -12.14 -3.55 -22.98
C PRO O 427 -11.16 -2.40 -22.64
N ILE O 428 -11.68 -1.17 -22.69
CA ILE O 428 -10.82 0.02 -22.79
C ILE O 428 -11.04 1.00 -21.65
N GLU O 429 -11.34 0.49 -20.44
CA GLU O 429 -11.54 1.36 -19.28
C GLU O 429 -10.24 2.04 -18.85
N GLN O 430 -9.09 1.42 -19.11
CA GLN O 430 -7.81 2.01 -18.79
C GLN O 430 -7.20 2.81 -19.96
N LEU O 431 -7.98 3.10 -20.99
CA LEU O 431 -7.50 4.02 -22.02
C LEU O 431 -7.55 5.42 -21.46
N PRO O 432 -6.45 6.18 -21.49
CA PRO O 432 -6.40 7.48 -20.80
C PRO O 432 -7.33 8.52 -21.40
N ASP O 433 -7.65 9.52 -20.58
CA ASP O 433 -8.49 10.64 -20.96
C ASP O 433 -7.83 11.45 -22.08
N TYR O 434 -8.65 12.11 -22.90
CA TYR O 434 -8.14 12.85 -24.05
C TYR O 434 -7.28 14.04 -23.63
N ASN O 435 -7.55 14.64 -22.46
CA ASN O 435 -6.69 15.69 -21.95
C ASN O 435 -5.31 15.17 -21.58
N ARG O 436 -5.24 13.96 -21.03
CA ARG O 436 -3.97 13.36 -20.71
C ARG O 436 -3.25 12.83 -21.94
N ILE O 437 -3.97 12.51 -23.01
CA ILE O 437 -3.34 12.13 -24.27
C ILE O 437 -2.79 13.35 -24.99
N ARG O 438 -3.56 14.44 -25.01
CA ARG O 438 -3.15 15.67 -25.67
C ARG O 438 -1.96 16.31 -24.95
N SER O 439 -1.91 16.22 -23.63
CA SER O 439 -0.75 16.74 -22.90
C SER O 439 0.45 15.83 -23.02
N GLY O 440 0.30 14.60 -23.47
CA GLY O 440 1.44 13.77 -23.78
C GLY O 440 2.11 14.10 -25.09
N MET O 441 1.54 15.03 -25.85
CA MET O 441 2.15 15.42 -27.12
C MET O 441 3.17 16.54 -26.94
N PHE O 442 3.12 17.29 -25.86
CA PHE O 442 4.19 18.24 -25.61
C PHE O 442 5.02 17.79 -24.42
N TRP O 443 6.33 18.03 -24.50
CA TRP O 443 7.30 17.49 -23.57
C TRP O 443 7.57 18.49 -22.45
N LEU O 444 8.20 17.99 -21.39
CA LEU O 444 8.39 18.78 -20.19
C LEU O 444 9.74 19.50 -20.17
N ARG O 445 10.83 18.79 -20.48
CA ARG O 445 12.16 19.37 -20.22
C ARG O 445 12.72 20.13 -21.41
N PHE O 446 12.40 19.72 -22.63
CA PHE O 446 12.87 20.42 -23.81
C PHE O 446 11.93 21.58 -24.12
N PRO P 1 19.13 -15.42 -69.03
CA PRO P 1 20.53 -15.83 -69.25
C PRO P 1 21.19 -16.40 -67.99
N GLN P 2 22.33 -17.08 -68.20
CA GLN P 2 23.17 -17.63 -67.14
C GLN P 2 22.42 -18.62 -66.25
N ASP P 3 21.64 -19.51 -66.90
CA ASP P 3 20.45 -20.19 -66.35
C ASP P 3 20.60 -20.74 -64.93
N LEU P 4 21.53 -21.68 -64.75
CA LEU P 4 21.93 -22.18 -63.45
C LEU P 4 23.28 -22.87 -63.59
N GLU P 5 24.08 -22.79 -62.55
CA GLU P 5 25.35 -23.48 -62.47
C GLU P 5 25.23 -24.51 -61.35
N PHE P 6 25.34 -25.79 -61.70
CA PHE P 6 25.05 -26.89 -60.79
C PHE P 6 26.32 -27.69 -60.53
N THR P 7 26.59 -28.01 -59.27
CA THR P 7 27.88 -28.58 -58.89
C THR P 7 27.74 -29.50 -57.68
N ARG P 8 28.30 -30.71 -57.79
CA ARG P 8 28.44 -31.63 -56.68
C ARG P 8 29.84 -31.49 -56.08
N LEU P 9 29.91 -31.40 -54.76
CA LEU P 9 31.18 -31.41 -54.05
C LEU P 9 31.58 -32.85 -53.75
N PRO P 10 32.87 -33.12 -53.50
CA PRO P 10 33.29 -34.50 -53.17
C PRO P 10 32.77 -35.03 -51.84
N ASN P 11 32.25 -34.19 -50.95
CA ASN P 11 31.63 -34.67 -49.72
C ASN P 11 30.12 -34.85 -49.85
N GLY P 12 29.54 -34.59 -51.01
CA GLY P 12 28.14 -34.81 -51.26
C GLY P 12 27.26 -33.57 -51.30
N LEU P 13 27.83 -32.40 -51.02
CA LEU P 13 27.04 -31.17 -50.98
C LEU P 13 26.69 -30.69 -52.38
N VAL P 14 25.48 -30.14 -52.53
CA VAL P 14 25.00 -29.60 -53.80
C VAL P 14 25.04 -28.07 -53.72
N ILE P 15 25.63 -27.43 -54.72
CA ILE P 15 25.69 -25.98 -54.82
C ILE P 15 25.06 -25.55 -56.15
N ALA P 16 24.13 -24.61 -56.09
CA ALA P 16 23.49 -24.07 -57.29
C ALA P 16 23.39 -22.56 -57.17
N SER P 17 23.74 -21.84 -58.24
CA SER P 17 23.69 -20.39 -58.23
C SER P 17 23.28 -19.86 -59.60
N LEU P 18 22.42 -18.85 -59.59
CA LEU P 18 22.03 -18.11 -60.79
C LEU P 18 22.37 -16.65 -60.59
N GLU P 19 23.09 -16.06 -61.53
CA GLU P 19 23.50 -14.67 -61.42
C GLU P 19 22.42 -13.78 -62.04
N ASN P 20 21.61 -13.19 -61.18
CA ASN P 20 20.73 -12.10 -61.58
C ASN P 20 21.55 -10.81 -61.66
N TYR P 21 20.91 -9.74 -62.09
CA TYR P 21 21.45 -8.40 -61.95
C TYR P 21 20.41 -7.51 -61.29
N ALA P 22 19.84 -8.04 -60.28
CA ALA P 22 18.84 -7.57 -59.34
C ALA P 22 19.51 -6.92 -58.14
N PRO P 23 18.89 -5.88 -57.58
CA PRO P 23 19.50 -5.22 -56.41
C PRO P 23 19.49 -6.06 -55.14
N ALA P 24 18.66 -7.09 -55.04
CA ALA P 24 18.60 -7.95 -53.86
C ALA P 24 19.22 -9.30 -54.13
N SER P 25 19.65 -9.95 -53.05
CA SER P 25 20.20 -11.30 -53.08
C SER P 25 19.41 -12.21 -52.15
N ARG P 26 19.59 -13.52 -52.33
CA ARG P 26 18.90 -14.53 -51.52
C ARG P 26 19.78 -15.77 -51.42
N ILE P 27 20.02 -16.23 -50.19
CA ILE P 27 20.76 -17.47 -49.94
C ILE P 27 19.86 -18.42 -49.16
N GLY P 28 19.80 -19.67 -49.60
CA GLY P 28 19.04 -20.69 -48.91
C GLY P 28 19.79 -21.98 -48.71
N LEU P 29 19.76 -22.52 -47.50
CA LEU P 29 20.32 -23.84 -47.19
C LEU P 29 19.18 -24.81 -46.92
N PHE P 30 19.16 -25.93 -47.64
CA PHE P 30 18.07 -26.89 -47.61
C PHE P 30 18.58 -28.22 -47.06
N ILE P 31 17.92 -28.75 -46.03
CA ILE P 31 18.40 -29.91 -45.28
C ILE P 31 17.30 -30.98 -45.23
N LYS P 32 17.70 -32.25 -45.38
CA LYS P 32 16.82 -33.41 -45.15
C LYS P 32 16.65 -33.65 -43.65
N ALA P 33 15.72 -32.92 -43.06
CA ALA P 33 15.42 -33.03 -41.64
C ALA P 33 13.92 -32.77 -41.48
N GLY P 34 13.48 -32.57 -40.26
CA GLY P 34 12.05 -32.41 -40.05
C GLY P 34 11.46 -33.60 -39.32
N SER P 35 10.14 -33.53 -39.13
CA SER P 35 9.45 -34.35 -38.13
C SER P 35 9.37 -35.82 -38.47
N ARG P 36 9.66 -36.22 -39.71
CA ARG P 36 9.57 -37.63 -40.07
C ARG P 36 10.76 -38.41 -39.55
N TYR P 37 11.82 -37.74 -39.12
CA TYR P 37 13.05 -38.38 -38.69
C TYR P 37 13.16 -38.53 -37.18
N GLU P 38 12.17 -38.10 -36.42
CA GLU P 38 12.18 -38.31 -34.98
C GLU P 38 11.38 -39.54 -34.61
N ASP P 39 11.72 -40.13 -33.46
CA ASP P 39 11.06 -41.32 -32.94
C ASP P 39 10.23 -40.95 -31.71
N SER P 40 9.69 -41.97 -31.03
CA SER P 40 8.72 -41.76 -29.95
C SER P 40 9.33 -41.17 -28.69
N ASN P 41 10.65 -41.12 -28.56
CA ASN P 41 11.26 -40.57 -27.37
C ASN P 41 11.67 -39.10 -27.50
N ASN P 42 11.78 -38.56 -28.72
CA ASN P 42 12.16 -37.16 -28.89
C ASN P 42 11.15 -36.43 -29.79
N LEU P 43 9.86 -36.64 -29.56
CA LEU P 43 8.84 -35.98 -30.37
C LEU P 43 8.79 -34.50 -30.05
N GLY P 44 8.90 -33.66 -31.09
CA GLY P 44 8.88 -32.23 -30.91
C GLY P 44 10.24 -31.56 -30.91
N THR P 45 11.32 -32.30 -31.15
CA THR P 45 12.64 -31.70 -31.20
C THR P 45 12.82 -30.83 -32.44
N SER P 46 12.20 -31.19 -33.55
CA SER P 46 12.37 -30.40 -34.77
C SER P 46 11.49 -29.16 -34.79
N HIS P 47 10.43 -29.11 -33.99
CA HIS P 47 9.69 -27.86 -33.82
C HIS P 47 10.47 -26.85 -32.98
N LEU P 48 11.14 -27.31 -31.93
CA LEU P 48 11.94 -26.40 -31.12
C LEU P 48 13.18 -25.94 -31.86
N LEU P 49 13.74 -26.80 -32.72
CA LEU P 49 14.88 -26.42 -33.54
C LEU P 49 14.53 -25.33 -34.55
N ARG P 50 13.30 -25.35 -35.05
CA ARG P 50 12.82 -24.32 -35.95
C ARG P 50 12.71 -22.96 -35.27
N LEU P 51 12.40 -22.93 -33.98
CA LEU P 51 12.22 -21.69 -33.24
C LEU P 51 13.50 -21.14 -32.62
N ALA P 52 14.66 -21.77 -32.84
CA ALA P 52 15.86 -21.46 -32.09
C ALA P 52 16.98 -20.85 -32.93
N SER P 53 16.64 -20.22 -34.05
CA SER P 53 17.66 -19.73 -34.97
C SER P 53 18.37 -18.46 -34.48
N SER P 54 17.85 -17.77 -33.48
CA SER P 54 18.48 -16.56 -32.96
C SER P 54 19.37 -16.79 -31.74
N LEU P 55 19.54 -18.03 -31.30
CA LEU P 55 20.27 -18.30 -30.06
C LEU P 55 21.79 -18.16 -30.27
N THR P 56 22.52 -18.21 -29.17
CA THR P 56 23.96 -17.99 -29.18
C THR P 56 24.69 -19.12 -29.88
N THR P 57 25.54 -18.76 -30.84
CA THR P 57 26.41 -19.70 -31.53
C THR P 57 27.86 -19.49 -31.08
N LYS P 58 28.76 -20.27 -31.65
CA LYS P 58 30.18 -20.15 -31.32
C LYS P 58 30.83 -18.92 -31.95
N GLY P 59 30.27 -18.39 -33.04
CA GLY P 59 30.87 -17.26 -33.72
C GLY P 59 30.18 -15.95 -33.46
N ALA P 60 28.97 -15.98 -32.91
CA ALA P 60 28.20 -14.76 -32.68
C ALA P 60 27.22 -14.99 -31.55
N SER P 61 27.11 -14.02 -30.66
CA SER P 61 26.14 -14.10 -29.59
C SER P 61 24.75 -13.80 -30.12
N SER P 62 23.75 -14.04 -29.27
CA SER P 62 22.36 -13.81 -29.65
C SER P 62 22.05 -12.32 -29.78
N PHE P 63 22.84 -11.45 -29.14
CA PHE P 63 22.70 -10.02 -29.31
C PHE P 63 23.22 -9.57 -30.67
N LYS P 64 24.35 -10.14 -31.11
CA LYS P 64 24.97 -9.71 -32.37
C LYS P 64 24.23 -10.23 -33.59
N ILE P 65 23.50 -11.34 -33.46
CA ILE P 65 22.73 -11.85 -34.58
C ILE P 65 21.52 -10.98 -34.84
N THR P 66 20.80 -10.59 -33.78
CA THR P 66 19.63 -9.73 -33.92
C THR P 66 20.02 -8.33 -34.37
N ARG P 67 21.05 -7.75 -33.75
CA ARG P 67 21.45 -6.38 -34.06
C ARG P 67 22.17 -6.30 -35.41
N GLY P 68 22.99 -7.31 -35.73
CA GLY P 68 23.78 -7.26 -36.95
C GLY P 68 22.97 -7.45 -38.22
N ILE P 69 21.87 -8.20 -38.14
CA ILE P 69 21.01 -8.39 -39.30
C ILE P 69 20.08 -7.20 -39.48
N GLU P 70 19.56 -6.65 -38.37
CA GLU P 70 18.69 -5.48 -38.42
C GLU P 70 19.42 -4.20 -38.81
N ALA P 71 20.75 -4.15 -38.67
CA ALA P 71 21.48 -2.92 -38.98
C ALA P 71 21.56 -2.67 -40.47
N VAL P 72 21.45 -3.71 -41.30
CA VAL P 72 21.45 -3.54 -42.74
C VAL P 72 20.07 -3.75 -43.35
N GLY P 73 19.07 -4.09 -42.54
CA GLY P 73 17.73 -4.31 -43.04
C GLY P 73 17.42 -5.69 -43.56
N GLY P 74 18.17 -6.72 -43.15
CA GLY P 74 17.98 -8.06 -43.67
C GLY P 74 16.94 -8.87 -42.92
N LYS P 75 16.71 -10.10 -43.39
CA LYS P 75 15.76 -11.04 -42.80
C LYS P 75 16.40 -12.40 -42.63
N LEU P 76 15.83 -13.19 -41.71
CA LEU P 76 16.22 -14.58 -41.49
C LEU P 76 14.96 -15.37 -41.16
N SER P 77 14.66 -16.40 -41.95
CA SER P 77 13.47 -17.21 -41.74
C SER P 77 13.79 -18.68 -41.91
N VAL P 78 13.01 -19.52 -41.23
CA VAL P 78 13.11 -20.99 -41.33
C VAL P 78 11.76 -21.53 -41.76
N THR P 79 11.76 -22.46 -42.72
CA THR P 79 10.55 -23.13 -43.15
C THR P 79 10.76 -24.63 -43.17
N SER P 80 9.70 -25.37 -42.83
CA SER P 80 9.79 -26.81 -42.60
C SER P 80 8.61 -27.52 -43.23
N THR P 81 8.87 -28.73 -43.74
CA THR P 81 7.83 -29.69 -44.06
C THR P 81 8.07 -30.93 -43.21
N ARG P 82 7.34 -32.00 -43.50
CA ARG P 82 7.63 -33.27 -42.85
C ARG P 82 8.95 -33.87 -43.32
N GLU P 83 9.45 -33.49 -44.48
CA GLU P 83 10.66 -34.09 -45.02
C GLU P 83 11.84 -33.14 -45.16
N SER P 84 11.69 -31.83 -44.98
CA SER P 84 12.83 -30.93 -45.17
C SER P 84 12.71 -29.68 -44.30
N MET P 85 13.86 -29.07 -44.05
CA MET P 85 13.97 -27.76 -43.42
C MET P 85 14.78 -26.83 -44.32
N ALA P 86 14.47 -25.54 -44.28
CA ALA P 86 15.16 -24.57 -45.13
C ALA P 86 15.44 -23.27 -44.38
N TYR P 87 16.69 -22.84 -44.42
CA TYR P 87 17.18 -21.62 -43.77
C TYR P 87 17.46 -20.56 -44.84
N THR P 88 16.75 -19.43 -44.77
CA THR P 88 16.78 -18.41 -45.81
C THR P 88 17.27 -17.07 -45.27
N VAL P 89 18.13 -16.40 -46.05
CA VAL P 89 18.67 -15.08 -45.76
C VAL P 89 18.51 -14.17 -46.98
N GLU P 90 17.98 -12.97 -46.77
CA GLU P 90 17.83 -11.99 -47.85
C GLU P 90 18.23 -10.59 -47.39
N CYS P 91 18.94 -9.86 -48.25
CA CYS P 91 19.31 -8.47 -48.05
C CYS P 91 19.68 -7.86 -49.41
N LEU P 92 20.20 -6.65 -49.40
CA LEU P 92 20.64 -6.00 -50.63
C LEU P 92 21.99 -6.57 -51.07
N ARG P 93 22.38 -6.21 -52.29
CA ARG P 93 23.46 -6.89 -53.00
C ARG P 93 24.83 -6.68 -52.34
N ASP P 94 25.04 -5.55 -51.70
CA ASP P 94 26.35 -5.25 -51.11
C ASP P 94 26.49 -5.74 -49.68
N ASP P 95 25.45 -6.29 -49.06
CA ASP P 95 25.50 -6.73 -47.68
C ASP P 95 25.51 -8.25 -47.54
N ILE P 96 25.64 -8.99 -48.65
CA ILE P 96 25.34 -10.41 -48.63
C ILE P 96 26.48 -11.24 -48.04
N GLU P 97 27.69 -10.70 -47.95
CA GLU P 97 28.81 -11.47 -47.43
C GLU P 97 28.75 -11.62 -45.92
N ILE P 98 28.22 -10.63 -45.20
CA ILE P 98 28.19 -10.69 -43.75
C ILE P 98 26.94 -11.37 -43.22
N LEU P 99 25.90 -11.51 -44.03
CA LEU P 99 24.76 -12.33 -43.66
C LEU P 99 24.94 -13.79 -44.04
N MET P 100 25.83 -14.09 -44.98
CA MET P 100 26.21 -15.47 -45.25
C MET P 100 27.01 -16.05 -44.09
N GLU P 101 27.75 -15.21 -43.37
CA GLU P 101 28.50 -15.67 -42.22
C GLU P 101 27.61 -15.96 -41.03
N PHE P 102 26.51 -15.21 -40.88
CA PHE P 102 25.57 -15.48 -39.81
C PHE P 102 24.79 -16.77 -40.06
N LEU P 103 24.49 -17.08 -41.33
CA LEU P 103 23.74 -18.29 -41.65
C LEU P 103 24.56 -19.56 -41.40
N LEU P 104 25.87 -19.50 -41.57
CA LEU P 104 26.70 -20.67 -41.31
C LEU P 104 26.94 -20.91 -39.84
N ASN P 105 26.84 -19.89 -38.99
CA ASN P 105 26.99 -20.11 -37.56
C ASN P 105 25.74 -20.73 -36.95
N VAL P 106 24.58 -20.44 -37.53
CA VAL P 106 23.33 -20.96 -36.99
C VAL P 106 23.20 -22.45 -37.24
N THR P 107 23.57 -22.90 -38.45
CA THR P 107 23.32 -24.28 -38.83
C THR P 107 24.50 -25.21 -38.63
N ALA P 108 25.74 -24.70 -38.58
CA ALA P 108 26.90 -25.57 -38.49
C ALA P 108 27.63 -25.51 -37.16
N ALA P 109 27.39 -24.51 -36.32
CA ALA P 109 27.95 -24.50 -34.97
C ALA P 109 27.02 -23.80 -33.97
N PRO P 110 25.90 -24.44 -33.62
CA PRO P 110 25.06 -23.86 -32.57
C PRO P 110 25.48 -24.33 -31.18
N GLU P 111 25.24 -23.47 -30.21
CA GLU P 111 25.26 -23.83 -28.81
C GLU P 111 23.82 -23.85 -28.31
N PHE P 112 23.50 -24.81 -27.47
CA PHE P 112 22.17 -24.84 -26.86
C PHE P 112 22.39 -24.72 -25.36
N ARG P 113 22.52 -23.48 -24.91
CA ARG P 113 22.75 -23.19 -23.49
C ARG P 113 21.47 -23.48 -22.71
N ARG P 114 21.66 -23.86 -21.44
CA ARG P 114 20.57 -24.34 -20.60
C ARG P 114 19.52 -23.25 -20.36
N TRP P 115 19.96 -22.04 -20.00
CA TRP P 115 19.01 -21.00 -19.64
C TRP P 115 18.33 -20.38 -20.84
N GLU P 116 18.93 -20.49 -22.04
CA GLU P 116 18.28 -19.98 -23.23
C GLU P 116 17.25 -20.97 -23.77
N VAL P 117 17.54 -22.27 -23.70
CA VAL P 117 16.60 -23.29 -24.12
C VAL P 117 15.40 -23.36 -23.17
N ALA P 118 15.66 -23.17 -21.87
CA ALA P 118 14.59 -23.18 -20.88
C ALA P 118 13.66 -21.98 -21.02
N ALA P 119 14.17 -20.84 -21.44
CA ALA P 119 13.33 -19.67 -21.65
C ALA P 119 12.53 -19.74 -22.94
N LEU P 120 12.90 -20.62 -23.87
CA LEU P 120 12.23 -20.78 -25.15
C LEU P 120 11.09 -21.80 -25.13
N GLN P 121 10.94 -22.58 -24.05
CA GLN P 121 9.94 -23.65 -24.01
C GLN P 121 8.51 -23.10 -24.08
N SER P 122 8.27 -21.92 -23.52
CA SER P 122 6.95 -21.32 -23.55
C SER P 122 6.57 -20.76 -24.91
N GLN P 123 7.53 -20.59 -25.81
CA GLN P 123 7.23 -20.18 -27.18
C GLN P 123 6.58 -21.31 -27.98
N LEU P 124 6.79 -22.57 -27.59
CA LEU P 124 6.12 -23.69 -28.24
C LEU P 124 4.62 -23.63 -28.05
N ARG P 125 4.18 -23.19 -26.88
CA ARG P 125 2.74 -23.10 -26.61
C ARG P 125 2.10 -21.95 -27.36
N ILE P 126 2.81 -20.82 -27.51
CA ILE P 126 2.30 -19.68 -28.25
C ILE P 126 2.23 -20.00 -29.75
N ASP P 127 3.27 -20.63 -30.28
CA ASP P 127 3.34 -20.91 -31.72
C ASP P 127 2.32 -21.94 -32.15
N LYS P 128 2.02 -22.92 -31.31
CA LYS P 128 1.03 -23.93 -31.64
C LYS P 128 -0.39 -23.39 -31.56
N ALA P 129 -0.68 -22.52 -30.60
CA ALA P 129 -2.04 -22.00 -30.45
C ALA P 129 -2.38 -20.98 -31.53
N VAL P 130 -1.37 -20.30 -32.08
CA VAL P 130 -1.58 -19.41 -33.21
C VAL P 130 -1.94 -20.20 -34.46
N ALA P 131 -1.20 -21.29 -34.70
CA ALA P 131 -1.42 -22.10 -35.89
C ALA P 131 -2.76 -22.84 -35.84
N PHE P 132 -3.24 -23.20 -34.66
CA PHE P 132 -4.46 -23.99 -34.53
C PHE P 132 -5.71 -23.15 -34.47
N GLN P 133 -5.63 -21.85 -34.73
CA GLN P 133 -6.82 -21.04 -34.97
C GLN P 133 -7.43 -21.29 -36.34
N ASN P 134 -6.66 -21.89 -37.24
CA ASN P 134 -7.17 -22.40 -38.50
C ASN P 134 -7.63 -23.85 -38.28
N PRO P 135 -8.90 -24.18 -38.57
CA PRO P 135 -9.33 -25.57 -38.40
C PRO P 135 -8.72 -26.54 -39.39
N GLN P 136 -8.14 -26.07 -40.49
CA GLN P 136 -7.46 -26.95 -41.44
C GLN P 136 -6.21 -27.57 -40.85
N ALA P 137 -5.56 -26.89 -39.90
CA ALA P 137 -4.24 -27.32 -39.42
C ALA P 137 -4.33 -28.57 -38.57
N GLN P 138 -5.28 -28.62 -37.63
CA GLN P 138 -5.40 -29.80 -36.78
C GLN P 138 -6.08 -30.97 -37.49
N VAL P 139 -6.93 -30.71 -38.48
CA VAL P 139 -7.50 -31.79 -39.28
C VAL P 139 -6.42 -32.49 -40.09
N LEU P 140 -5.47 -31.73 -40.64
CA LEU P 140 -4.42 -32.32 -41.44
C LEU P 140 -3.35 -33.02 -40.60
N GLU P 141 -3.19 -32.66 -39.32
CA GLU P 141 -2.29 -33.42 -38.47
C GLU P 141 -2.93 -34.70 -37.97
N ASN P 142 -4.25 -34.71 -37.75
CA ASN P 142 -4.95 -35.95 -37.43
C ASN P 142 -4.99 -36.89 -38.62
N LEU P 143 -4.99 -36.35 -39.85
CA LEU P 143 -5.07 -37.19 -41.04
C LEU P 143 -3.79 -37.97 -41.29
N HIS P 144 -2.64 -37.39 -40.97
CA HIS P 144 -1.38 -38.12 -41.12
C HIS P 144 -1.20 -39.17 -40.05
N ALA P 145 -1.72 -38.93 -38.85
CA ALA P 145 -1.70 -39.93 -37.80
C ALA P 145 -2.67 -41.07 -38.07
N ALA P 146 -3.78 -40.80 -38.75
CA ALA P 146 -4.71 -41.86 -39.12
C ALA P 146 -4.19 -42.68 -40.29
N ALA P 147 -3.35 -42.11 -41.15
CA ALA P 147 -2.94 -42.77 -42.37
C ALA P 147 -1.67 -43.60 -42.21
N TYR P 148 -0.79 -43.26 -41.28
CA TYR P 148 0.47 -43.96 -41.15
C TYR P 148 0.65 -44.47 -39.73
N ARG P 149 1.47 -45.52 -39.61
CA ARG P 149 1.83 -46.03 -38.29
C ARG P 149 3.07 -45.33 -37.73
N ASN P 150 3.89 -44.77 -38.61
CA ASN P 150 5.17 -44.21 -38.23
C ASN P 150 5.62 -43.27 -39.34
N ALA P 151 6.61 -42.43 -39.02
CA ALA P 151 7.52 -41.77 -39.96
C ALA P 151 6.90 -40.84 -41.00
N LEU P 152 5.59 -40.67 -41.01
CA LEU P 152 4.91 -39.55 -41.62
C LEU P 152 3.72 -39.15 -40.78
N ALA P 153 3.44 -39.90 -39.71
CA ALA P 153 2.38 -39.62 -38.77
C ALA P 153 2.76 -38.60 -37.72
N ASN P 154 4.05 -38.31 -37.58
CA ASN P 154 4.52 -37.31 -36.61
C ASN P 154 4.06 -35.92 -37.01
N SER P 155 3.66 -35.14 -36.02
CA SER P 155 3.11 -33.81 -36.23
C SER P 155 4.23 -32.78 -36.45
N LEU P 156 3.86 -31.67 -37.09
CA LEU P 156 4.79 -30.56 -37.26
C LEU P 156 4.97 -29.74 -35.99
N TYR P 157 4.04 -29.86 -35.04
CA TYR P 157 4.08 -29.13 -33.77
C TYR P 157 4.28 -30.09 -32.62
N CYS P 158 4.80 -29.55 -31.52
CA CYS P 158 5.14 -30.35 -30.35
C CYS P 158 3.88 -30.84 -29.64
N PRO P 159 3.85 -32.10 -29.18
CA PRO P 159 2.74 -32.56 -28.36
C PRO P 159 2.69 -31.85 -27.02
N ASP P 160 1.49 -31.78 -26.44
CA ASP P 160 1.23 -30.94 -25.26
C ASP P 160 1.95 -31.46 -24.02
N TYR P 161 2.03 -32.77 -23.83
CA TYR P 161 2.71 -33.35 -22.68
C TYR P 161 4.21 -33.08 -22.71
N ARG P 162 4.75 -32.83 -23.88
CA ARG P 162 6.17 -32.73 -24.14
C ARG P 162 6.69 -31.29 -24.03
N ILE P 163 5.81 -30.29 -24.00
CA ILE P 163 6.22 -28.90 -23.85
C ILE P 163 6.79 -28.70 -22.44
N GLY P 164 8.03 -28.21 -22.38
CA GLY P 164 8.75 -28.07 -21.14
C GLY P 164 9.84 -29.10 -20.94
N LYS P 165 9.87 -30.17 -21.75
CA LYS P 165 10.75 -31.30 -21.52
C LYS P 165 11.69 -31.61 -22.68
N VAL P 166 11.82 -30.72 -23.66
CA VAL P 166 12.82 -30.90 -24.71
C VAL P 166 14.15 -30.40 -24.17
N THR P 167 15.16 -31.25 -24.18
CA THR P 167 16.41 -31.01 -23.49
C THR P 167 17.49 -30.51 -24.46
N PRO P 168 18.52 -29.82 -23.95
CA PRO P 168 19.65 -29.45 -24.81
C PRO P 168 20.42 -30.64 -25.38
N ASP P 169 20.45 -31.77 -24.68
CA ASP P 169 21.15 -32.94 -25.23
C ASP P 169 20.41 -33.54 -26.41
N GLN P 170 19.09 -33.37 -26.46
CA GLN P 170 18.32 -33.86 -27.59
C GLN P 170 18.55 -32.99 -28.82
N LEU P 171 18.69 -31.67 -28.64
CA LEU P 171 18.95 -30.78 -29.75
C LEU P 171 20.33 -30.98 -30.34
N HIS P 172 21.32 -31.26 -29.48
CA HIS P 172 22.68 -31.55 -29.97
C HIS P 172 22.72 -32.86 -30.74
N TYR P 173 21.95 -33.85 -30.29
CA TYR P 173 21.93 -35.15 -30.95
C TYR P 173 21.21 -35.11 -32.29
N TYR P 174 20.17 -34.27 -32.40
CA TYR P 174 19.42 -34.19 -33.65
C TYR P 174 20.23 -33.54 -34.75
N VAL P 175 20.96 -32.46 -34.44
CA VAL P 175 21.75 -31.75 -35.43
C VAL P 175 22.95 -32.58 -35.84
N GLN P 176 23.52 -33.34 -34.91
CA GLN P 176 24.69 -34.16 -35.19
C GLN P 176 24.38 -35.29 -36.16
N ASN P 177 23.17 -35.83 -36.13
CA ASN P 177 22.79 -36.99 -36.93
C ASN P 177 21.98 -36.65 -38.17
N HIS P 178 21.50 -35.42 -38.32
CA HIS P 178 20.67 -35.09 -39.46
C HIS P 178 21.13 -33.90 -40.28
N PHE P 179 22.03 -33.06 -39.77
CA PHE P 179 22.53 -31.89 -40.50
C PHE P 179 23.91 -32.24 -41.05
N THR P 180 23.95 -33.09 -42.07
CA THR P 180 25.23 -33.53 -42.62
C THR P 180 25.30 -33.15 -44.10
N SER P 181 26.53 -33.16 -44.63
CA SER P 181 26.79 -32.53 -45.93
C SER P 181 26.21 -33.31 -47.10
N ALA P 182 26.04 -34.62 -46.96
CA ALA P 182 25.40 -35.39 -48.02
C ALA P 182 23.87 -35.31 -47.98
N ARG P 183 23.30 -34.54 -47.06
CA ARG P 183 21.87 -34.30 -46.99
C ARG P 183 21.52 -32.84 -47.23
N MET P 184 22.43 -32.04 -47.75
CA MET P 184 22.27 -30.59 -47.78
C MET P 184 22.51 -30.02 -49.17
N ALA P 185 21.89 -28.87 -49.42
CA ALA P 185 22.01 -28.14 -50.67
C ALA P 185 22.01 -26.64 -50.40
N LEU P 186 22.90 -25.91 -51.07
CA LEU P 186 23.08 -24.48 -50.89
C LEU P 186 22.75 -23.77 -52.19
N ILE P 187 21.74 -22.90 -52.16
CA ILE P 187 21.19 -22.27 -53.36
C ILE P 187 21.32 -20.76 -53.23
N GLY P 188 21.92 -20.13 -54.23
CA GLY P 188 22.06 -18.68 -54.28
C GLY P 188 21.29 -18.08 -55.43
N LEU P 189 20.98 -16.79 -55.32
CA LEU P 189 20.16 -16.12 -56.34
C LEU P 189 20.74 -14.81 -56.85
N GLY P 190 21.63 -14.14 -56.13
CA GLY P 190 22.26 -12.95 -56.67
C GLY P 190 23.75 -12.95 -56.44
N VAL P 191 24.33 -14.13 -56.24
CA VAL P 191 25.73 -14.29 -55.88
C VAL P 191 26.36 -15.13 -56.99
N SER P 192 27.64 -14.93 -57.26
CA SER P 192 28.35 -15.73 -58.25
C SER P 192 28.72 -17.08 -57.65
N HIS P 193 28.96 -18.04 -58.54
CA HIS P 193 29.32 -19.41 -58.17
C HIS P 193 30.66 -19.58 -57.47
N PRO P 194 31.74 -18.81 -57.74
CA PRO P 194 32.94 -18.97 -56.90
C PRO P 194 32.76 -18.51 -55.46
N VAL P 195 31.85 -17.58 -55.19
CA VAL P 195 31.71 -17.05 -53.83
C VAL P 195 31.01 -18.06 -52.92
N LEU P 196 30.01 -18.77 -53.45
CA LEU P 196 29.30 -19.78 -52.66
C LEU P 196 30.18 -20.99 -52.33
N LYS P 197 31.18 -21.28 -53.17
CA LYS P 197 31.97 -22.49 -52.98
C LYS P 197 32.93 -22.38 -51.80
N GLN P 198 33.68 -21.29 -51.71
CA GLN P 198 34.57 -21.12 -50.55
C GLN P 198 33.80 -20.81 -49.28
N VAL P 199 32.55 -20.35 -49.40
CA VAL P 199 31.64 -20.39 -48.26
C VAL P 199 31.38 -21.83 -47.84
N ALA P 200 31.21 -22.73 -48.82
CA ALA P 200 30.83 -24.10 -48.54
C ALA P 200 31.98 -24.93 -47.98
N GLU P 201 33.23 -24.54 -48.24
CA GLU P 201 34.35 -25.24 -47.63
C GLU P 201 34.70 -24.72 -46.24
N ARG P 202 33.76 -24.06 -45.57
CA ARG P 202 33.91 -23.70 -44.17
C ARG P 202 32.92 -24.44 -43.27
N PHE P 203 32.10 -25.35 -43.83
CA PHE P 203 31.42 -26.38 -43.03
C PHE P 203 31.62 -27.74 -43.73
N LEU P 204 32.80 -28.33 -43.51
CA LEU P 204 33.01 -29.73 -43.85
C LEU P 204 33.92 -30.46 -42.87
N ASN P 205 34.38 -29.80 -41.79
CA ASN P 205 35.31 -30.43 -40.86
C ASN P 205 34.64 -31.57 -40.11
N MET P 206 33.41 -31.35 -39.65
CA MET P 206 32.54 -32.41 -39.19
C MET P 206 31.48 -32.58 -40.28
N ARG P 207 30.52 -33.50 -40.06
CA ARG P 207 29.38 -33.76 -40.93
C ARG P 207 29.82 -34.21 -42.32
N GLY P 208 30.41 -35.41 -42.36
CA GLY P 208 31.04 -35.88 -43.58
C GLY P 208 30.24 -36.79 -44.49
N GLY P 209 29.12 -37.33 -44.02
CA GLY P 209 28.41 -38.30 -44.84
C GLY P 209 26.91 -38.30 -44.69
N LEU P 210 26.30 -39.48 -44.58
CA LEU P 210 24.89 -39.61 -44.26
C LEU P 210 24.77 -39.96 -42.77
N GLY P 211 23.81 -39.36 -42.10
CA GLY P 211 23.76 -39.49 -40.66
C GLY P 211 22.95 -40.64 -40.09
N LEU P 212 21.67 -40.71 -40.43
CA LEU P 212 20.78 -41.76 -39.93
C LEU P 212 19.68 -42.02 -40.93
N SER P 213 19.51 -43.28 -41.31
CA SER P 213 18.42 -43.67 -42.17
C SER P 213 17.10 -43.64 -41.39
N GLY P 214 16.09 -43.07 -42.01
CA GLY P 214 14.77 -43.08 -41.42
C GLY P 214 14.02 -44.35 -41.75
N ALA P 215 13.01 -44.65 -40.93
CA ALA P 215 12.17 -45.81 -41.18
C ALA P 215 11.24 -45.55 -42.36
N LYS P 216 11.04 -46.58 -43.17
CA LYS P 216 10.07 -46.52 -44.25
C LYS P 216 8.66 -46.44 -43.68
N ALA P 217 7.83 -45.60 -44.28
CA ALA P 217 6.50 -45.35 -43.75
C ALA P 217 5.54 -46.47 -44.12
N LYS P 218 4.75 -46.91 -43.14
CA LYS P 218 3.81 -48.01 -43.31
C LYS P 218 2.39 -47.49 -43.22
N TYR P 219 1.56 -47.86 -44.20
CA TYR P 219 0.21 -47.34 -44.30
C TYR P 219 -0.72 -48.00 -43.28
N ARG P 220 -1.50 -47.18 -42.61
CA ARG P 220 -2.51 -47.62 -41.66
C ARG P 220 -3.86 -47.08 -42.14
N GLY P 221 -4.86 -47.93 -42.18
CA GLY P 221 -6.15 -47.42 -42.62
C GLY P 221 -7.03 -46.99 -41.47
N GLY P 222 -6.59 -46.00 -40.71
CA GLY P 222 -7.25 -45.61 -39.47
C GLY P 222 -8.27 -44.49 -39.66
N GLU P 223 -8.72 -43.97 -38.53
CA GLU P 223 -9.79 -42.99 -38.48
C GLU P 223 -9.73 -42.27 -37.14
N ILE P 224 -9.77 -40.94 -37.16
CA ILE P 224 -9.73 -40.13 -35.94
C ILE P 224 -10.84 -39.09 -36.01
N ARG P 225 -11.72 -39.09 -35.01
CA ARG P 225 -12.85 -38.17 -34.94
C ARG P 225 -12.69 -37.27 -33.74
N ASP P 226 -12.92 -35.97 -33.93
CA ASP P 226 -12.66 -34.94 -32.93
C ASP P 226 -13.89 -34.05 -32.76
N GLN P 227 -14.74 -34.37 -31.79
CA GLN P 227 -15.92 -33.57 -31.49
C GLN P 227 -15.52 -32.33 -30.72
N ASN P 228 -15.97 -31.16 -31.19
CA ASN P 228 -15.70 -29.90 -30.49
C ASN P 228 -16.86 -28.95 -30.75
N GLY P 229 -16.63 -27.66 -30.51
CA GLY P 229 -17.68 -26.66 -30.65
C GLY P 229 -17.58 -25.75 -31.84
N ASP P 230 -16.90 -26.17 -32.91
CA ASP P 230 -16.84 -25.39 -34.13
C ASP P 230 -18.17 -25.45 -34.88
N SER P 231 -18.42 -24.42 -35.68
CA SER P 231 -19.70 -24.25 -36.36
C SER P 231 -19.81 -25.02 -37.67
N LEU P 232 -18.69 -25.42 -38.27
CA LEU P 232 -18.70 -26.15 -39.52
C LEU P 232 -17.88 -27.43 -39.36
N VAL P 233 -18.20 -28.42 -40.18
CA VAL P 233 -17.55 -29.72 -40.15
C VAL P 233 -16.49 -29.77 -41.24
N HIS P 234 -15.25 -30.06 -40.84
CA HIS P 234 -14.15 -30.30 -41.76
C HIS P 234 -13.88 -31.80 -41.83
N ALA P 235 -13.83 -32.36 -43.04
CA ALA P 235 -13.56 -33.78 -43.20
C ALA P 235 -12.64 -34.03 -44.37
N ALA P 236 -11.86 -35.11 -44.28
CA ALA P 236 -10.94 -35.53 -45.32
C ALA P 236 -10.96 -37.05 -45.45
N LEU P 237 -10.84 -37.54 -46.69
CA LEU P 237 -10.93 -38.96 -46.99
C LEU P 237 -9.95 -39.30 -48.10
N VAL P 238 -8.93 -40.09 -47.80
CA VAL P 238 -7.79 -40.29 -48.69
C VAL P 238 -7.51 -41.78 -48.87
N ALA P 239 -6.64 -42.08 -49.83
CA ALA P 239 -6.03 -43.40 -50.00
C ALA P 239 -4.59 -43.21 -50.46
N GLU P 240 -3.81 -44.27 -50.39
CA GLU P 240 -2.41 -44.22 -50.78
C GLU P 240 -2.25 -44.19 -52.30
N SER P 241 -1.36 -43.31 -52.80
CA SER P 241 -1.26 -43.15 -54.24
C SER P 241 0.07 -43.49 -54.90
N ALA P 242 1.10 -42.68 -54.66
CA ALA P 242 2.34 -42.73 -55.43
C ALA P 242 3.39 -41.77 -54.89
N ALA P 243 4.66 -42.15 -55.00
CA ALA P 243 5.75 -41.29 -54.55
C ALA P 243 6.05 -40.22 -55.60
N THR P 244 6.74 -39.17 -55.15
CA THR P 244 7.15 -38.10 -56.04
C THR P 244 8.22 -38.60 -57.01
N GLY P 245 8.18 -38.09 -58.24
CA GLY P 245 9.14 -38.50 -59.24
C GLY P 245 8.85 -39.85 -59.87
N SER P 246 7.61 -40.04 -60.31
CA SER P 246 7.23 -41.25 -61.03
C SER P 246 6.21 -40.86 -62.09
N ALA P 247 5.96 -41.79 -63.01
CA ALA P 247 4.98 -41.53 -64.05
C ALA P 247 3.56 -41.58 -63.52
N GLU P 248 3.31 -42.33 -62.45
CA GLU P 248 1.98 -42.37 -61.85
C GLU P 248 1.68 -41.13 -61.04
N ALA P 249 2.70 -40.43 -60.54
CA ALA P 249 2.49 -39.19 -59.81
C ALA P 249 1.97 -38.07 -60.73
N ASN P 250 2.39 -38.08 -61.99
CA ASN P 250 1.88 -37.10 -62.95
C ASN P 250 0.42 -37.34 -63.27
N ALA P 251 -0.03 -38.60 -63.25
CA ALA P 251 -1.43 -38.89 -63.54
C ALA P 251 -2.34 -38.46 -62.39
N PHE P 252 -1.85 -38.47 -61.15
CA PHE P 252 -2.65 -37.99 -60.04
C PHE P 252 -2.69 -36.47 -59.98
N SER P 253 -1.67 -35.79 -60.50
CA SER P 253 -1.69 -34.34 -60.58
C SER P 253 -2.71 -33.85 -61.60
N VAL P 254 -2.83 -34.56 -62.73
CA VAL P 254 -3.84 -34.22 -63.73
C VAL P 254 -5.23 -34.52 -63.20
N LEU P 255 -5.39 -35.63 -62.47
CA LEU P 255 -6.68 -36.02 -61.91
C LEU P 255 -7.19 -35.02 -60.87
N GLN P 256 -6.26 -34.40 -60.13
CA GLN P 256 -6.64 -33.36 -59.18
C GLN P 256 -7.26 -32.15 -59.87
N HIS P 257 -6.71 -31.74 -61.01
CA HIS P 257 -7.24 -30.59 -61.71
C HIS P 257 -8.47 -30.91 -62.57
N VAL P 258 -8.69 -32.19 -62.89
CA VAL P 258 -9.97 -32.58 -63.46
C VAL P 258 -11.08 -32.39 -62.44
N LEU P 259 -10.83 -32.82 -61.21
CA LEU P 259 -11.85 -32.78 -60.16
C LEU P 259 -12.05 -31.37 -59.61
N GLY P 260 -10.95 -30.65 -59.40
CA GLY P 260 -11.03 -29.30 -58.89
C GLY P 260 -10.05 -29.04 -57.76
N ALA P 261 -9.18 -28.05 -57.91
CA ALA P 261 -8.11 -27.80 -56.96
C ALA P 261 -8.02 -26.34 -56.58
N GLY P 262 -9.16 -25.71 -56.31
CA GLY P 262 -9.15 -24.31 -55.94
C GLY P 262 -9.68 -23.39 -57.04
N PRO P 263 -10.10 -22.20 -56.64
CA PRO P 263 -10.77 -21.29 -57.57
C PRO P 263 -9.85 -20.34 -58.32
N HIS P 264 -10.31 -19.97 -59.51
CA HIS P 264 -9.59 -19.08 -60.41
C HIS P 264 -10.16 -17.68 -60.48
N VAL P 265 -11.47 -17.51 -60.29
CA VAL P 265 -12.14 -16.23 -60.39
C VAL P 265 -12.64 -15.83 -59.02
N LYS P 266 -12.43 -14.57 -58.65
CA LYS P 266 -12.86 -14.05 -57.36
C LYS P 266 -14.38 -14.06 -57.25
N ARG P 267 -14.88 -14.72 -56.21
CA ARG P 267 -16.31 -14.96 -55.96
C ARG P 267 -16.99 -15.69 -57.11
N GLY P 268 -16.26 -16.58 -57.79
CA GLY P 268 -16.82 -17.35 -58.87
C GLY P 268 -17.51 -18.61 -58.38
N SER P 269 -18.29 -19.21 -59.27
CA SER P 269 -19.11 -20.37 -58.94
C SER P 269 -18.47 -21.70 -59.33
N ASN P 270 -17.20 -21.68 -59.78
CA ASN P 270 -16.39 -22.86 -60.11
C ASN P 270 -17.07 -23.73 -61.17
N ALA P 271 -17.18 -23.15 -62.37
CA ALA P 271 -17.94 -23.78 -63.44
C ALA P 271 -17.24 -24.99 -64.06
N THR P 272 -15.92 -25.07 -63.98
CA THR P 272 -15.19 -26.18 -64.59
C THR P 272 -14.80 -27.25 -63.58
N SER P 273 -15.21 -27.12 -62.32
CA SER P 273 -14.87 -28.09 -61.29
C SER P 273 -15.97 -29.15 -61.21
N SER P 274 -15.63 -30.39 -61.61
CA SER P 274 -16.64 -31.44 -61.66
C SER P 274 -17.05 -31.91 -60.26
N LEU P 275 -16.17 -31.77 -59.26
CA LEU P 275 -16.55 -32.05 -57.89
C LEU P 275 -17.55 -31.03 -57.35
N TYR P 276 -17.30 -29.75 -57.62
CA TYR P 276 -18.15 -28.68 -57.11
C TYR P 276 -19.53 -28.71 -57.75
N GLN P 277 -19.63 -29.09 -59.02
CA GLN P 277 -20.93 -29.12 -59.67
C GLN P 277 -21.78 -30.29 -59.21
N ALA P 278 -21.15 -31.44 -58.89
CA ALA P 278 -21.92 -32.60 -58.47
C ALA P 278 -22.46 -32.45 -57.05
N VAL P 279 -21.72 -31.78 -56.17
CA VAL P 279 -22.21 -31.55 -54.81
C VAL P 279 -23.35 -30.53 -54.82
N ALA P 280 -23.20 -29.46 -55.60
CA ALA P 280 -24.15 -28.36 -55.61
C ALA P 280 -25.47 -28.70 -56.29
N LYS P 281 -25.61 -29.88 -56.89
CA LYS P 281 -26.89 -30.28 -57.45
C LYS P 281 -27.91 -30.57 -56.36
N GLY P 282 -27.51 -31.27 -55.31
CA GLY P 282 -28.42 -31.69 -54.27
C GLY P 282 -28.35 -30.89 -52.99
N VAL P 283 -27.27 -30.11 -52.82
CA VAL P 283 -27.05 -29.33 -51.61
C VAL P 283 -27.28 -27.86 -51.95
N HIS P 284 -28.14 -27.19 -51.18
CA HIS P 284 -28.51 -25.81 -51.41
C HIS P 284 -28.16 -24.93 -50.22
N GLN P 285 -26.95 -25.11 -49.70
CA GLN P 285 -26.49 -24.44 -48.49
C GLN P 285 -24.98 -24.18 -48.62
N PRO P 286 -24.38 -23.32 -47.78
CA PRO P 286 -22.93 -23.06 -47.92
C PRO P 286 -22.04 -24.27 -47.68
N PHE P 287 -21.13 -24.51 -48.61
CA PHE P 287 -20.17 -25.60 -48.52
C PHE P 287 -18.90 -25.20 -49.26
N ASP P 288 -17.92 -26.11 -49.23
CA ASP P 288 -16.73 -26.05 -50.07
C ASP P 288 -16.23 -27.47 -50.26
N VAL P 289 -15.56 -27.72 -51.39
CA VAL P 289 -15.05 -29.05 -51.70
C VAL P 289 -13.82 -28.90 -52.58
N SER P 290 -12.89 -29.84 -52.45
CA SER P 290 -11.62 -29.76 -53.14
C SER P 290 -11.03 -31.16 -53.26
N ALA P 291 -10.08 -31.30 -54.18
CA ALA P 291 -9.26 -32.50 -54.26
C ALA P 291 -7.92 -32.27 -53.56
N PHE P 292 -7.51 -33.25 -52.78
CA PHE P 292 -6.31 -33.16 -51.96
C PHE P 292 -5.22 -34.03 -52.57
N ASN P 293 -3.99 -33.51 -52.59
CA ASN P 293 -2.86 -34.25 -53.15
C ASN P 293 -1.61 -33.94 -52.34
N ALA P 294 -1.03 -34.96 -51.74
CA ALA P 294 0.20 -34.84 -50.96
C ALA P 294 1.16 -35.92 -51.43
N SER P 295 2.33 -35.52 -51.88
CA SER P 295 3.30 -36.45 -52.46
C SER P 295 4.60 -36.35 -51.69
N TYR P 296 5.14 -37.50 -51.30
CA TYR P 296 6.36 -37.55 -50.52
C TYR P 296 7.36 -38.47 -51.21
N SER P 297 8.49 -38.76 -50.56
CA SER P 297 9.59 -39.41 -51.26
C SER P 297 9.36 -40.91 -51.43
N ASP P 298 8.61 -41.54 -50.52
CA ASP P 298 8.34 -42.97 -50.66
C ASP P 298 6.86 -43.31 -50.59
N SER P 299 5.97 -42.32 -50.49
CA SER P 299 4.54 -42.58 -50.40
C SER P 299 3.80 -41.32 -50.81
N GLY P 300 2.48 -41.41 -50.88
CA GLY P 300 1.65 -40.26 -51.18
C GLY P 300 0.20 -40.51 -50.80
N LEU P 301 -0.54 -39.42 -50.66
CA LEU P 301 -1.96 -39.46 -50.34
C LEU P 301 -2.74 -38.66 -51.38
N PHE P 302 -3.94 -39.14 -51.71
CA PHE P 302 -4.86 -38.44 -52.61
C PHE P 302 -6.28 -38.64 -52.11
N GLY P 303 -7.07 -37.58 -52.12
CA GLY P 303 -8.47 -37.71 -51.76
C GLY P 303 -9.30 -36.45 -51.88
N ILE P 304 -10.30 -36.29 -51.02
CA ILE P 304 -11.22 -35.17 -51.08
C ILE P 304 -11.26 -34.48 -49.72
N TYR P 305 -11.57 -33.18 -49.75
CA TYR P 305 -11.67 -32.36 -48.55
C TYR P 305 -12.99 -31.60 -48.64
N THR P 306 -13.85 -31.74 -47.64
CA THR P 306 -15.11 -31.01 -47.61
C THR P 306 -15.20 -30.15 -46.37
N ILE P 307 -15.83 -28.99 -46.54
CA ILE P 307 -16.25 -28.12 -45.45
C ILE P 307 -17.73 -27.91 -45.60
N SER P 308 -18.49 -28.17 -44.55
CA SER P 308 -19.94 -28.17 -44.65
C SER P 308 -20.55 -27.82 -43.31
N GLN P 309 -21.87 -27.76 -43.28
CA GLN P 309 -22.60 -27.64 -42.03
C GLN P 309 -22.85 -29.02 -41.44
N ALA P 310 -23.27 -29.03 -40.17
CA ALA P 310 -23.32 -30.27 -39.40
C ALA P 310 -24.43 -31.21 -39.90
N ALA P 311 -25.61 -30.66 -40.19
CA ALA P 311 -26.72 -31.50 -40.63
C ALA P 311 -26.59 -31.95 -42.08
N SER P 312 -25.68 -31.37 -42.86
CA SER P 312 -25.56 -31.67 -44.28
C SER P 312 -24.27 -32.40 -44.62
N ALA P 313 -23.48 -32.81 -43.63
CA ALA P 313 -22.14 -33.31 -43.88
C ALA P 313 -22.14 -34.68 -44.55
N GLY P 314 -23.12 -35.52 -44.24
CA GLY P 314 -23.18 -36.82 -44.88
C GLY P 314 -23.57 -36.76 -46.35
N ASP P 315 -24.39 -35.77 -46.71
CA ASP P 315 -24.80 -35.61 -48.10
C ASP P 315 -23.67 -35.07 -48.97
N VAL P 316 -22.78 -34.26 -48.38
CA VAL P 316 -21.69 -33.66 -49.14
C VAL P 316 -20.62 -34.70 -49.45
N ILE P 317 -20.31 -35.55 -48.48
CA ILE P 317 -19.23 -36.54 -48.66
C ILE P 317 -19.66 -37.65 -49.61
N LYS P 318 -20.93 -38.05 -49.56
CA LYS P 318 -21.39 -39.14 -50.41
C LYS P 318 -21.50 -38.71 -51.87
N SER P 319 -21.92 -37.47 -52.12
CA SER P 319 -22.02 -37.02 -53.50
C SER P 319 -20.66 -36.68 -54.10
N ALA P 320 -19.70 -36.27 -53.28
CA ALA P 320 -18.35 -36.03 -53.78
C ALA P 320 -17.66 -37.35 -54.13
N TYR P 321 -17.88 -38.39 -53.33
CA TYR P 321 -17.25 -39.68 -53.57
C TYR P 321 -17.86 -40.38 -54.77
N ASP P 322 -19.14 -40.13 -55.06
CA ASP P 322 -19.78 -40.76 -56.22
C ASP P 322 -19.27 -40.18 -57.54
N GLN P 323 -18.81 -38.94 -57.55
CA GLN P 323 -18.31 -38.33 -58.77
C GLN P 323 -16.98 -38.95 -59.18
N VAL P 324 -16.14 -39.29 -58.20
CA VAL P 324 -14.88 -39.98 -58.50
C VAL P 324 -15.13 -41.39 -59.02
N LYS P 325 -16.25 -42.01 -58.64
CA LYS P 325 -16.58 -43.35 -59.12
C LYS P 325 -16.98 -43.34 -60.58
N ALA P 326 -17.53 -42.23 -61.08
CA ALA P 326 -17.91 -42.14 -62.48
C ALA P 326 -16.69 -42.02 -63.39
N ILE P 327 -15.63 -41.36 -62.92
CA ILE P 327 -14.41 -41.25 -63.70
C ILE P 327 -13.70 -42.59 -63.75
N ALA P 328 -13.74 -43.35 -62.65
CA ALA P 328 -13.06 -44.63 -62.56
C ALA P 328 -13.69 -45.70 -63.45
N GLN P 329 -14.94 -45.54 -63.84
CA GLN P 329 -15.58 -46.48 -64.76
C GLN P 329 -15.64 -45.96 -66.20
N GLY P 330 -14.84 -44.94 -66.53
CA GLY P 330 -14.58 -44.58 -67.91
C GLY P 330 -15.18 -43.28 -68.40
N ASN P 331 -15.98 -42.59 -67.59
CA ASN P 331 -16.62 -41.35 -68.04
C ASN P 331 -15.61 -40.21 -67.96
N LEU P 332 -14.91 -39.96 -69.06
CA LEU P 332 -13.89 -38.91 -69.08
C LEU P 332 -13.72 -38.43 -70.51
N SER P 333 -13.90 -37.14 -70.73
CA SER P 333 -13.73 -36.53 -72.05
C SER P 333 -12.31 -36.02 -72.22
N ASN P 334 -11.87 -35.95 -73.48
CA ASN P 334 -10.55 -35.40 -73.77
C ASN P 334 -10.54 -33.88 -73.74
N THR P 335 -11.71 -33.24 -73.79
CA THR P 335 -11.79 -31.80 -73.62
C THR P 335 -11.51 -31.42 -72.17
N ASP P 336 -12.03 -32.20 -71.22
CA ASP P 336 -11.76 -31.94 -69.80
C ASP P 336 -10.34 -32.31 -69.40
N VAL P 337 -9.71 -33.25 -70.10
CA VAL P 337 -8.31 -33.57 -69.80
C VAL P 337 -7.39 -32.47 -70.29
N GLN P 338 -7.68 -31.92 -71.48
CA GLN P 338 -6.87 -30.85 -72.05
C GLN P 338 -7.01 -29.55 -71.26
N ALA P 339 -8.21 -29.26 -70.75
CA ALA P 339 -8.38 -28.09 -69.90
C ALA P 339 -7.68 -28.26 -68.55
N ALA P 340 -7.54 -29.49 -68.08
CA ALA P 340 -6.84 -29.73 -66.82
C ALA P 340 -5.34 -29.64 -66.97
N LYS P 341 -4.82 -29.98 -68.15
CA LYS P 341 -3.38 -29.84 -68.41
C LYS P 341 -2.97 -28.38 -68.52
N ASN P 342 -3.89 -27.50 -68.93
CA ASN P 342 -3.59 -26.07 -69.01
C ASN P 342 -3.48 -25.44 -67.63
N LYS P 343 -4.35 -25.83 -66.70
CA LYS P 343 -4.27 -25.29 -65.34
C LYS P 343 -3.04 -25.79 -64.61
N LEU P 344 -2.61 -27.02 -64.88
CA LEU P 344 -1.41 -27.56 -64.25
C LEU P 344 -0.14 -26.95 -64.85
N LYS P 345 -0.16 -26.62 -66.14
CA LYS P 345 1.00 -25.99 -66.76
C LYS P 345 1.15 -24.54 -66.31
N ALA P 346 0.04 -23.79 -66.31
CA ALA P 346 0.08 -22.37 -65.96
C ALA P 346 0.38 -22.16 -64.49
N GLY P 347 -0.08 -23.07 -63.62
CA GLY P 347 0.19 -22.94 -62.21
C GLY P 347 1.63 -23.20 -61.83
N TYR P 348 2.32 -24.05 -62.61
CA TYR P 348 3.73 -24.31 -62.33
C TYR P 348 4.60 -23.13 -62.75
N LEU P 349 4.27 -22.50 -63.87
CA LEU P 349 5.07 -21.36 -64.33
C LEU P 349 4.80 -20.11 -63.50
N MET P 350 3.60 -19.98 -62.91
CA MET P 350 3.30 -18.84 -62.06
C MET P 350 3.90 -18.96 -60.67
N SER P 351 4.14 -20.19 -60.19
CA SER P 351 4.70 -20.41 -58.88
C SER P 351 6.22 -20.22 -58.84
N VAL P 352 6.84 -19.92 -59.96
CA VAL P 352 8.28 -19.76 -60.05
C VAL P 352 8.65 -18.33 -60.48
N GLU P 353 7.68 -17.43 -60.51
CA GLU P 353 7.89 -16.04 -60.90
C GLU P 353 8.79 -15.29 -59.91
N SER P 354 8.42 -15.30 -58.64
CA SER P 354 9.12 -14.55 -57.62
C SER P 354 10.44 -15.22 -57.26
N SER P 355 11.24 -14.51 -56.48
CA SER P 355 12.49 -15.06 -55.97
C SER P 355 12.25 -16.09 -54.88
N GLU P 356 11.15 -15.95 -54.14
CA GLU P 356 10.82 -16.88 -53.08
C GLU P 356 10.40 -18.24 -53.64
N GLY P 357 9.59 -18.25 -54.69
CA GLY P 357 9.15 -19.50 -55.27
C GLY P 357 10.17 -20.17 -56.15
N PHE P 358 11.06 -19.39 -56.77
CA PHE P 358 12.10 -19.99 -57.59
C PHE P 358 13.18 -20.65 -56.74
N LEU P 359 13.48 -20.07 -55.58
CA LEU P 359 14.53 -20.63 -54.72
C LEU P 359 14.06 -21.90 -54.04
N ASP P 360 12.78 -21.98 -53.68
CA ASP P 360 12.24 -23.21 -53.10
C ASP P 360 12.15 -24.32 -54.12
N GLU P 361 11.92 -23.98 -55.39
CA GLU P 361 11.77 -24.99 -56.43
C GLU P 361 13.10 -25.63 -56.79
N VAL P 362 14.18 -24.83 -56.80
CA VAL P 362 15.51 -25.40 -57.04
C VAL P 362 15.98 -26.21 -55.84
N GLY P 363 15.58 -25.82 -54.63
CA GLY P 363 16.02 -26.55 -53.44
C GLY P 363 15.37 -27.91 -53.28
N SER P 364 14.10 -28.04 -53.68
CA SER P 364 13.45 -29.34 -53.61
C SER P 364 13.98 -30.30 -54.66
N GLN P 365 14.32 -29.79 -55.85
CA GLN P 365 14.87 -30.65 -56.89
C GLN P 365 16.28 -31.14 -56.54
N ALA P 366 17.02 -30.36 -55.75
CA ALA P 366 18.39 -30.75 -55.40
C ALA P 366 18.42 -31.82 -54.33
N LEU P 367 17.44 -31.85 -53.43
CA LEU P 367 17.43 -32.86 -52.38
C LEU P 367 16.76 -34.15 -52.84
N VAL P 368 15.69 -34.05 -53.63
CA VAL P 368 14.95 -35.23 -54.04
C VAL P 368 15.65 -35.96 -55.18
N ALA P 369 16.06 -35.23 -56.22
CA ALA P 369 16.63 -35.85 -57.40
C ALA P 369 18.12 -35.59 -57.59
N GLY P 370 18.67 -34.54 -56.99
CA GLY P 370 20.08 -34.26 -57.15
C GLY P 370 20.46 -33.64 -58.48
N SER P 371 19.52 -33.00 -59.17
CA SER P 371 19.80 -32.35 -60.44
C SER P 371 18.79 -31.22 -60.62
N TYR P 372 18.99 -30.44 -61.68
CA TYR P 372 18.02 -29.41 -62.06
C TYR P 372 17.49 -29.69 -63.45
N MET P 373 16.19 -29.48 -63.63
CA MET P 373 15.50 -29.66 -64.90
C MET P 373 14.83 -28.35 -65.30
N GLN P 374 14.98 -27.99 -66.57
CA GLN P 374 14.33 -26.79 -67.09
C GLN P 374 12.81 -26.96 -67.06
N PRO P 375 12.06 -25.87 -66.94
CA PRO P 375 10.59 -25.96 -67.00
C PRO P 375 10.04 -26.37 -68.36
N SER P 376 10.85 -26.33 -69.42
CA SER P 376 10.43 -26.90 -70.69
C SER P 376 10.36 -28.42 -70.63
N THR P 377 11.22 -29.04 -69.82
CA THR P 377 11.16 -30.49 -69.63
C THR P 377 9.94 -30.89 -68.80
N VAL P 378 9.64 -30.10 -67.77
CA VAL P 378 8.48 -30.35 -66.90
C VAL P 378 7.18 -30.21 -67.68
N LEU P 379 7.13 -29.29 -68.64
CA LEU P 379 5.93 -29.10 -69.43
C LEU P 379 5.71 -30.20 -70.45
N GLN P 380 6.75 -30.93 -70.84
CA GLN P 380 6.58 -32.05 -71.77
C GLN P 380 6.19 -33.34 -71.06
N GLN P 381 6.54 -33.47 -69.77
CA GLN P 381 6.09 -34.63 -69.00
C GLN P 381 4.61 -34.57 -68.70
N ILE P 382 4.05 -33.36 -68.55
CA ILE P 382 2.61 -33.23 -68.36
C ILE P 382 1.87 -33.52 -69.66
N ASP P 383 2.49 -33.24 -70.80
CA ASP P 383 1.85 -33.49 -72.09
C ASP P 383 1.76 -34.98 -72.40
N SER P 384 2.66 -35.79 -71.84
CA SER P 384 2.70 -37.22 -72.15
C SER P 384 1.69 -38.05 -71.35
N VAL P 385 0.94 -37.43 -70.44
CA VAL P 385 -0.06 -38.18 -69.67
C VAL P 385 -1.26 -38.46 -70.56
N ALA P 386 -1.66 -39.73 -70.64
CA ALA P 386 -2.76 -40.16 -71.49
C ALA P 386 -4.07 -40.23 -70.71
N ASP P 387 -5.16 -40.40 -71.46
CA ASP P 387 -6.48 -40.53 -70.84
C ASP P 387 -6.67 -41.85 -70.13
N ALA P 388 -5.92 -42.89 -70.52
CA ALA P 388 -6.03 -44.18 -69.85
C ALA P 388 -5.38 -44.15 -68.47
N ASP P 389 -4.38 -43.28 -68.28
CA ASP P 389 -3.71 -43.22 -66.99
C ASP P 389 -4.47 -42.39 -65.97
N VAL P 390 -5.31 -41.45 -66.42
CA VAL P 390 -6.15 -40.69 -65.51
C VAL P 390 -7.27 -41.57 -64.97
N ILE P 391 -7.81 -42.45 -65.81
CA ILE P 391 -8.85 -43.38 -65.39
C ILE P 391 -8.25 -44.44 -64.45
N ASN P 392 -7.00 -44.84 -64.69
CA ASN P 392 -6.38 -45.86 -63.86
C ASN P 392 -5.94 -45.31 -62.51
N ALA P 393 -5.72 -44.00 -62.40
CA ALA P 393 -5.42 -43.43 -61.09
C ALA P 393 -6.67 -43.24 -60.25
N ALA P 394 -7.82 -43.04 -60.88
CA ALA P 394 -9.08 -42.99 -60.14
C ALA P 394 -9.58 -44.37 -59.74
N LYS P 395 -9.07 -45.43 -60.37
CA LYS P 395 -9.42 -46.78 -59.96
C LYS P 395 -8.60 -47.24 -58.76
N LYS P 396 -7.38 -46.73 -58.62
CA LYS P 396 -6.57 -47.00 -57.44
C LYS P 396 -7.16 -46.37 -56.19
N PHE P 397 -7.84 -45.23 -56.33
CA PHE P 397 -8.45 -44.58 -55.19
C PHE P 397 -9.71 -45.30 -54.74
N VAL P 398 -10.54 -45.73 -55.70
CA VAL P 398 -11.85 -46.30 -55.41
C VAL P 398 -11.71 -47.66 -54.74
N SER P 399 -10.78 -48.48 -55.20
CA SER P 399 -10.57 -49.80 -54.64
C SER P 399 -9.56 -49.83 -53.50
N GLY P 400 -8.97 -48.70 -53.13
CA GLY P 400 -7.98 -48.70 -52.07
C GLY P 400 -8.57 -48.55 -50.68
N ARG P 401 -7.77 -48.91 -49.67
CA ARG P 401 -8.19 -48.79 -48.28
C ARG P 401 -8.12 -47.34 -47.83
N LYS P 402 -9.16 -46.88 -47.14
CA LYS P 402 -9.37 -45.46 -46.86
C LYS P 402 -8.82 -45.06 -45.49
N SER P 403 -8.58 -43.77 -45.34
CA SER P 403 -8.32 -43.12 -44.06
C SER P 403 -9.17 -41.87 -43.96
N MET P 404 -9.50 -41.47 -42.73
CA MET P 404 -10.44 -40.39 -42.53
C MET P 404 -10.08 -39.60 -41.29
N ALA P 405 -10.35 -38.30 -41.32
CA ALA P 405 -10.27 -37.42 -40.17
C ALA P 405 -11.37 -36.38 -40.28
N ALA P 406 -12.05 -36.12 -39.17
CA ALA P 406 -13.14 -35.16 -39.14
C ALA P 406 -13.10 -34.37 -37.85
N SER P 407 -13.75 -33.21 -37.86
CA SER P 407 -13.81 -32.36 -36.68
C SER P 407 -15.02 -31.45 -36.77
N GLY P 408 -15.57 -31.10 -35.60
CA GLY P 408 -16.78 -30.32 -35.48
C GLY P 408 -17.86 -31.08 -34.72
N ASN P 409 -19.10 -30.75 -35.05
CA ASN P 409 -20.26 -31.48 -34.53
C ASN P 409 -20.51 -32.69 -35.43
N LEU P 410 -20.13 -33.87 -34.96
CA LEU P 410 -20.02 -35.06 -35.81
C LEU P 410 -21.23 -35.98 -35.70
N GLY P 411 -22.39 -35.45 -35.34
CA GLY P 411 -23.59 -36.26 -35.19
C GLY P 411 -24.21 -36.77 -36.47
N HIS P 412 -23.83 -36.23 -37.63
CA HIS P 412 -24.32 -36.72 -38.92
C HIS P 412 -23.20 -37.10 -39.86
N THR P 413 -22.00 -37.21 -39.38
CA THR P 413 -20.86 -37.55 -40.22
C THR P 413 -20.71 -39.07 -40.28
N PRO P 414 -20.60 -39.65 -41.47
CA PRO P 414 -20.52 -41.11 -41.56
C PRO P 414 -19.17 -41.66 -41.13
N PHE P 415 -19.19 -42.91 -40.71
CA PHE P 415 -17.97 -43.64 -40.37
C PHE P 415 -17.35 -44.21 -41.63
N VAL P 416 -16.04 -44.47 -41.57
CA VAL P 416 -15.25 -44.77 -42.77
C VAL P 416 -15.62 -46.14 -43.37
N ASP P 417 -16.25 -47.02 -42.59
CA ASP P 417 -16.73 -48.29 -43.12
C ASP P 417 -18.16 -48.21 -43.63
N GLU P 418 -18.86 -47.10 -43.41
CA GLU P 418 -20.22 -46.91 -43.89
C GLU P 418 -20.23 -46.20 -45.23
N ASP Q 1 -20.62 77.45 17.79
CA ASP Q 1 -21.23 78.56 17.08
C ASP Q 1 -22.04 78.10 15.82
N PRO Q 2 -21.55 77.17 14.98
CA PRO Q 2 -22.47 76.62 13.96
C PRO Q 2 -23.43 75.58 14.49
N LEU Q 3 -23.10 74.92 15.61
CA LEU Q 3 -24.00 73.91 16.16
C LEU Q 3 -25.24 74.55 16.76
N THR Q 4 -25.06 75.63 17.52
CA THR Q 4 -26.17 76.29 18.19
C THR Q 4 -27.14 76.97 17.23
N THR Q 5 -26.76 77.18 15.97
CA THR Q 5 -27.71 77.69 14.97
C THR Q 5 -28.24 76.60 14.05
N VAL Q 6 -27.50 75.51 13.84
CA VAL Q 6 -28.03 74.38 13.10
C VAL Q 6 -29.09 73.66 13.93
N ARG Q 7 -28.90 73.58 15.25
CA ARG Q 7 -29.87 72.96 16.13
C ARG Q 7 -31.16 73.76 16.25
N GLU Q 8 -31.18 75.02 15.80
CA GLU Q 8 -32.37 75.84 15.94
C GLU Q 8 -33.45 75.46 14.94
N GLN Q 9 -33.08 75.34 13.64
CA GLN Q 9 -34.11 75.03 12.66
C GLN Q 9 -34.49 73.55 12.65
N CYS Q 10 -33.74 72.70 13.34
CA CYS Q 10 -34.08 71.28 13.42
C CYS Q 10 -35.22 71.00 14.38
N GLU Q 11 -35.66 71.99 15.17
CA GLU Q 11 -36.76 71.78 16.10
C GLU Q 11 -38.12 72.06 15.50
N GLN Q 12 -38.22 72.87 14.46
CA GLN Q 12 -39.51 73.18 13.85
C GLN Q 12 -39.97 72.13 12.85
N ILE Q 13 -39.25 71.01 12.74
CA ILE Q 13 -39.75 69.87 11.98
C ILE Q 13 -40.92 69.26 12.75
N GLU Q 14 -41.94 68.80 12.02
CA GLU Q 14 -43.16 68.31 12.67
C GLU Q 14 -42.94 67.01 13.42
N LYS Q 15 -41.89 66.26 13.08
CA LYS Q 15 -41.48 65.08 13.81
C LYS Q 15 -40.77 65.44 15.11
N CYS Q 16 -40.26 66.66 15.23
CA CYS Q 16 -39.60 67.13 16.43
C CYS Q 16 -40.46 68.00 17.33
N ILE Q 17 -41.57 68.57 16.84
CA ILE Q 17 -42.40 69.39 17.72
C ILE Q 17 -43.32 68.52 18.57
N LYS Q 18 -43.84 67.43 18.02
CA LYS Q 18 -44.69 66.56 18.82
C LYS Q 18 -43.88 65.56 19.63
N ALA Q 19 -42.55 65.58 19.52
CA ALA Q 19 -41.69 65.00 20.52
C ALA Q 19 -41.30 65.99 21.60
N ARG Q 20 -41.53 67.28 21.37
CA ARG Q 20 -41.21 68.31 22.36
C ARG Q 20 -42.41 68.64 23.24
N GLU Q 21 -43.61 68.65 22.66
CA GLU Q 21 -44.77 69.23 23.37
C GLU Q 21 -45.28 68.32 24.48
N ARG Q 22 -45.25 67.00 24.30
CA ARG Q 22 -45.68 66.16 25.43
C ARG Q 22 -44.50 65.74 26.30
N LEU Q 23 -43.29 66.25 26.04
CA LEU Q 23 -42.29 66.37 27.08
C LEU Q 23 -42.65 67.44 28.10
N GLU Q 24 -43.13 68.59 27.65
CA GLU Q 24 -43.55 69.66 28.55
C GLU Q 24 -44.99 69.51 29.03
N LEU Q 25 -45.77 68.61 28.44
CA LEU Q 25 -47.08 68.27 29.00
C LEU Q 25 -46.94 67.41 30.25
N CYS Q 26 -45.83 66.67 30.37
CA CYS Q 26 -45.58 65.85 31.55
C CYS Q 26 -44.76 66.59 32.58
N ASP Q 27 -44.41 67.86 32.33
CA ASP Q 27 -43.64 68.64 33.30
C ASP Q 27 -44.51 69.00 34.51
N GLN Q 28 -45.74 69.44 34.27
CA GLN Q 28 -46.66 69.79 35.34
C GLN Q 28 -47.37 68.57 35.95
N ARG Q 29 -46.89 67.36 35.64
CA ARG Q 29 -47.40 66.11 36.18
C ARG Q 29 -46.53 65.55 37.30
N VAL Q 30 -45.26 65.93 37.32
CA VAL Q 30 -44.33 65.37 38.30
C VAL Q 30 -44.29 66.22 39.56
N SER Q 31 -44.30 67.54 39.41
CA SER Q 31 -44.27 68.47 40.53
C SER Q 31 -45.68 68.86 40.99
N SER Q 32 -46.69 68.05 40.66
CA SER Q 32 -48.06 68.32 41.07
C SER Q 32 -48.40 67.70 42.42
N ARG Q 33 -48.15 66.40 42.58
CA ARG Q 33 -48.51 65.68 43.80
C ARG Q 33 -47.24 65.16 44.44
N SER Q 34 -47.39 64.33 45.48
CA SER Q 34 -46.24 63.73 46.14
C SER Q 34 -46.10 62.23 45.88
N GLN Q 35 -47.13 61.57 45.37
CA GLN Q 35 -47.13 60.12 45.21
C GLN Q 35 -46.63 59.67 43.83
N THR Q 36 -45.47 60.15 43.40
CA THR Q 36 -45.01 59.85 42.06
C THR Q 36 -43.49 59.77 41.99
N GLU Q 37 -43.01 58.90 41.11
CA GLU Q 37 -41.64 58.88 40.60
C GLU Q 37 -41.66 58.72 39.09
N GLU Q 38 -42.59 59.43 38.48
CA GLU Q 38 -42.79 59.43 37.03
C GLU Q 38 -41.73 60.34 36.43
N ASP Q 39 -40.63 59.77 35.98
CA ASP Q 39 -39.55 60.60 35.48
C ASP Q 39 -39.80 60.95 34.02
N CYS Q 40 -38.95 61.84 33.50
CA CYS Q 40 -39.12 62.36 32.15
C CYS Q 40 -37.86 62.12 31.33
N THR Q 41 -37.30 60.92 31.45
CA THR Q 41 -36.23 60.48 30.58
C THR Q 41 -36.74 59.71 29.37
N GLU Q 42 -37.97 59.20 29.41
CA GLU Q 42 -38.56 58.63 28.21
C GLU Q 42 -39.04 59.73 27.27
N GLU Q 43 -39.62 60.78 27.82
CA GLU Q 43 -40.16 61.87 27.01
C GLU Q 43 -39.06 62.69 26.34
N LEU Q 44 -37.86 62.71 26.91
CA LEU Q 44 -36.76 63.48 26.38
C LEU Q 44 -35.88 62.68 25.42
N PHE Q 45 -35.87 61.34 25.55
CA PHE Q 45 -35.16 60.50 24.58
C PHE Q 45 -35.76 60.61 23.19
N ASP Q 46 -37.09 60.61 23.08
CA ASP Q 46 -37.71 60.74 21.76
C ASP Q 46 -37.52 62.13 21.17
N PHE Q 47 -37.30 63.15 22.01
CA PHE Q 47 -36.97 64.47 21.49
C PHE Q 47 -35.57 64.49 20.89
N LEU Q 48 -34.59 64.01 21.65
CA LEU Q 48 -33.19 64.05 21.21
C LEU Q 48 -32.90 63.09 20.07
N HIS Q 49 -33.64 61.98 19.97
CA HIS Q 49 -33.41 61.06 18.87
C HIS Q 49 -34.01 61.59 17.57
N ALA Q 50 -35.16 62.26 17.65
CA ALA Q 50 -35.73 62.89 16.47
C ALA Q 50 -34.95 64.11 16.04
N ARG Q 51 -34.29 64.79 16.99
CA ARG Q 51 -33.60 66.03 16.68
C ARG Q 51 -32.20 65.79 16.13
N ASP Q 52 -31.40 64.99 16.84
CA ASP Q 52 -30.00 64.78 16.46
C ASP Q 52 -29.82 63.94 15.21
N HIS Q 53 -30.89 63.36 14.66
CA HIS Q 53 -30.81 62.72 13.36
C HIS Q 53 -30.56 63.76 12.26
N CYS Q 54 -31.34 64.83 12.25
CA CYS Q 54 -31.22 65.83 11.20
C CYS Q 54 -30.02 66.75 11.38
N VAL Q 55 -29.49 66.85 12.59
CA VAL Q 55 -28.30 67.66 12.83
C VAL Q 55 -27.09 67.04 12.14
N ALA Q 56 -26.98 65.71 12.18
CA ALA Q 56 -25.84 65.02 11.58
C ALA Q 56 -25.86 65.10 10.05
N HIS Q 57 -27.03 65.25 9.45
CA HIS Q 57 -27.11 65.41 8.00
C HIS Q 57 -26.58 66.74 7.50
N LYS Q 58 -26.49 67.76 8.36
CA LYS Q 58 -26.19 69.12 7.91
C LYS Q 58 -25.00 69.79 8.58
N LEU Q 59 -24.48 69.27 9.69
CA LEU Q 59 -23.52 70.02 10.50
C LEU Q 59 -22.14 70.07 9.86
N PHE Q 60 -21.75 69.03 9.14
CA PHE Q 60 -20.37 68.91 8.68
C PHE Q 60 -20.06 69.78 7.47
N ASN Q 61 -21.08 70.41 6.86
CA ASN Q 61 -20.82 71.37 5.78
C ASN Q 61 -20.28 72.68 6.32
N SER Q 62 -20.70 73.07 7.53
CA SER Q 62 -20.36 74.35 8.12
C SER Q 62 -19.08 74.29 8.95
N LEU Q 63 -18.30 73.22 8.84
CA LEU Q 63 -17.13 73.02 9.66
C LEU Q 63 -15.89 72.90 8.78
N LYS Q 64 -14.77 72.55 9.41
CA LYS Q 64 -13.42 72.36 8.82
C LYS Q 64 -12.81 73.64 8.22
N ALA R 1 -55.18 -0.42 2.76
CA ALA R 1 -56.16 -1.39 2.30
C ALA R 1 -57.59 -0.89 2.50
N VAL R 2 -57.85 0.34 2.07
CA VAL R 2 -59.16 0.97 2.20
C VAL R 2 -59.76 1.12 0.81
N ALA R 3 -61.01 0.68 0.65
CA ALA R 3 -61.69 0.73 -0.64
C ALA R 3 -62.27 2.09 -0.96
N ALA R 4 -62.51 2.94 0.05
CA ALA R 4 -63.05 4.27 -0.20
C ALA R 4 -61.99 5.24 -0.70
N SER R 5 -60.75 5.07 -0.28
CA SER R 5 -59.62 5.87 -0.74
C SER R 5 -58.79 5.16 -1.79
N SER R 6 -59.43 4.39 -2.67
CA SER R 6 -58.69 3.63 -3.67
C SER R 6 -58.10 4.53 -4.76
N LYS R 7 -58.85 5.53 -5.19
CA LYS R 7 -58.41 6.47 -6.20
C LYS R 7 -57.73 7.70 -5.60
N TRP R 8 -58.12 8.10 -4.39
CA TRP R 8 -57.56 9.29 -3.77
C TRP R 8 -56.11 9.09 -3.39
N LEU R 9 -55.77 7.93 -2.82
CA LEU R 9 -54.40 7.68 -2.42
C LEU R 9 -53.51 7.34 -3.61
N GLU R 10 -54.11 6.96 -4.75
CA GLU R 10 -53.33 6.87 -5.98
C GLU R 10 -53.09 8.23 -6.62
N GLY R 11 -53.85 9.26 -6.23
CA GLY R 11 -53.53 10.60 -6.67
C GLY R 11 -52.33 11.19 -5.95
N ILE R 12 -52.16 10.83 -4.67
CA ILE R 12 -51.00 11.28 -3.91
C ILE R 12 -49.76 10.52 -4.33
N ARG R 13 -49.93 9.28 -4.79
CA ARG R 13 -48.78 8.52 -5.29
C ARG R 13 -48.29 9.04 -6.62
N LYS R 14 -49.22 9.44 -7.49
CA LYS R 14 -48.84 10.02 -8.78
C LYS R 14 -48.28 11.43 -8.62
N TRP R 15 -48.75 12.17 -7.61
CA TRP R 15 -48.20 13.49 -7.35
C TRP R 15 -46.76 13.39 -6.82
N TYR R 16 -46.49 12.43 -5.93
CA TYR R 16 -45.15 12.29 -5.37
C TYR R 16 -44.16 11.77 -6.40
N TYR R 17 -44.63 11.01 -7.40
CA TYR R 17 -43.74 10.53 -8.45
C TYR R 17 -43.22 11.66 -9.31
N ASN R 18 -44.03 12.70 -9.51
CA ASN R 18 -43.61 13.85 -10.31
C ASN R 18 -42.87 14.89 -9.49
N ALA R 19 -43.14 14.99 -8.20
CA ALA R 19 -42.39 15.89 -7.33
C ALA R 19 -40.96 15.42 -7.16
N ALA R 20 -40.77 14.13 -6.93
CA ALA R 20 -39.45 13.53 -7.11
C ALA R 20 -39.11 13.56 -8.59
N GLY R 21 -37.84 13.75 -8.90
CA GLY R 21 -37.54 13.96 -10.29
C GLY R 21 -36.53 13.02 -10.92
N PHE R 22 -36.55 11.74 -10.58
CA PHE R 22 -35.67 10.82 -11.29
C PHE R 22 -36.23 10.50 -12.68
N ASN R 23 -37.53 10.68 -12.90
CA ASN R 23 -38.11 10.48 -14.22
C ASN R 23 -37.69 11.56 -15.22
N LYS R 24 -37.28 12.74 -14.74
CA LYS R 24 -36.77 13.77 -15.64
C LYS R 24 -35.37 13.45 -16.14
N LEU R 25 -34.62 12.62 -15.44
CA LEU R 25 -33.33 12.15 -15.89
C LEU R 25 -33.41 10.84 -16.65
N GLY R 26 -34.62 10.35 -16.90
CA GLY R 26 -34.80 9.10 -17.61
C GLY R 26 -34.53 7.86 -16.79
N LEU R 27 -34.79 7.90 -15.49
CA LEU R 27 -34.49 6.80 -14.59
C LEU R 27 -35.76 6.08 -14.19
N MET R 28 -35.61 4.81 -13.87
CA MET R 28 -36.66 4.00 -13.26
C MET R 28 -36.46 4.00 -11.74
N ARG R 29 -37.50 3.56 -11.02
CA ARG R 29 -37.48 3.61 -9.56
C ARG R 29 -36.40 2.72 -8.96
N ASP R 30 -36.19 1.52 -9.51
CA ASP R 30 -35.18 0.63 -8.98
C ASP R 30 -33.76 1.05 -9.34
N ASP R 31 -33.58 2.05 -10.20
CA ASP R 31 -32.25 2.60 -10.44
C ASP R 31 -31.74 3.41 -9.25
N THR R 32 -32.65 3.96 -8.45
CA THR R 32 -32.32 4.95 -7.43
C THR R 32 -32.12 4.34 -6.03
N ILE R 33 -32.12 3.01 -5.91
CA ILE R 33 -32.07 2.37 -4.60
C ILE R 33 -30.65 2.45 -4.03
N TYR R 34 -30.55 2.53 -2.71
CA TYR R 34 -29.25 2.52 -2.06
C TYR R 34 -28.72 1.10 -1.99
N GLU R 35 -27.48 0.91 -2.41
CA GLU R 35 -26.91 -0.42 -2.60
C GLU R 35 -26.20 -0.86 -1.33
N ASP R 36 -26.94 -1.55 -0.47
CA ASP R 36 -26.36 -2.28 0.65
C ASP R 36 -26.03 -3.71 0.18
N ASP R 37 -25.79 -4.63 1.11
CA ASP R 37 -25.33 -5.96 0.74
C ASP R 37 -26.42 -6.81 0.09
N ASP R 38 -27.67 -6.65 0.49
CA ASP R 38 -28.75 -7.41 -0.14
C ASP R 38 -29.05 -6.90 -1.53
N VAL R 39 -28.85 -5.61 -1.79
CA VAL R 39 -29.09 -5.05 -3.11
C VAL R 39 -27.97 -5.45 -4.06
N LYS R 40 -26.74 -5.51 -3.57
CA LYS R 40 -25.60 -5.90 -4.40
C LYS R 40 -25.62 -7.37 -4.80
N GLU R 41 -26.29 -8.23 -4.02
CA GLU R 41 -26.48 -9.61 -4.42
C GLU R 41 -27.59 -9.75 -5.46
N ALA R 42 -28.61 -8.89 -5.41
CA ALA R 42 -29.67 -8.93 -6.39
C ALA R 42 -29.23 -8.41 -7.76
N ILE R 43 -28.26 -7.49 -7.81
CA ILE R 43 -27.75 -6.99 -9.08
C ILE R 43 -26.94 -8.08 -9.79
N ARG R 44 -26.18 -8.86 -9.03
CA ARG R 44 -25.40 -9.96 -9.57
C ARG R 44 -26.25 -11.08 -10.15
N ARG R 45 -27.51 -11.20 -9.74
CA ARG R 45 -28.41 -12.24 -10.20
C ARG R 45 -29.27 -11.83 -11.39
N LEU R 46 -29.13 -10.61 -11.90
CA LEU R 46 -29.97 -10.17 -12.99
C LEU R 46 -29.54 -10.82 -14.30
N PRO R 47 -30.47 -11.05 -15.22
CA PRO R 47 -30.10 -11.49 -16.56
C PRO R 47 -29.37 -10.39 -17.32
N GLU R 48 -28.66 -10.81 -18.37
CA GLU R 48 -27.64 -9.96 -18.98
C GLU R 48 -28.24 -8.79 -19.75
N ASN R 49 -29.47 -8.91 -20.22
CA ASN R 49 -30.12 -7.80 -20.93
C ASN R 49 -30.69 -6.75 -19.98
N LEU R 50 -31.11 -7.14 -18.79
CA LEU R 50 -31.61 -6.17 -17.81
C LEU R 50 -30.46 -5.48 -17.08
N TYR R 51 -29.31 -6.15 -16.95
CA TYR R 51 -28.14 -5.51 -16.37
C TYR R 51 -27.62 -4.41 -17.28
N ASN R 52 -27.54 -4.66 -18.59
CA ASN R 52 -26.96 -3.69 -19.50
C ASN R 52 -27.88 -2.48 -19.69
N ASP R 53 -29.18 -2.67 -19.55
CA ASP R 53 -30.11 -1.54 -19.63
C ASP R 53 -29.95 -0.61 -18.43
N ARG R 54 -29.69 -1.17 -17.25
CA ARG R 54 -29.57 -0.38 -16.04
C ARG R 54 -28.28 0.43 -16.03
N VAL R 55 -27.20 -0.14 -16.55
CA VAL R 55 -25.90 0.52 -16.56
C VAL R 55 -25.91 1.74 -17.48
N PHE R 56 -26.61 1.65 -18.62
CA PHE R 56 -26.65 2.78 -19.52
C PHE R 56 -27.55 3.90 -19.00
N ARG R 57 -28.68 3.55 -18.37
CA ARG R 57 -29.58 4.56 -17.85
C ARG R 57 -28.96 5.36 -16.71
N ILE R 58 -28.10 4.73 -15.92
CA ILE R 58 -27.42 5.43 -14.84
C ILE R 58 -26.32 6.34 -15.38
N LYS R 59 -25.59 5.89 -16.40
CA LYS R 59 -24.53 6.70 -17.00
C LYS R 59 -25.08 7.94 -17.71
N ARG R 60 -26.23 7.80 -18.38
CA ARG R 60 -26.86 8.93 -19.04
C ARG R 60 -27.39 9.96 -18.02
N ALA R 61 -27.85 9.50 -16.85
CA ALA R 61 -28.32 10.42 -15.82
C ALA R 61 -27.17 11.12 -15.08
N LEU R 62 -26.03 10.45 -14.90
CA LEU R 62 -24.88 11.10 -14.29
C LEU R 62 -24.30 12.17 -15.21
N ASP R 63 -24.37 11.95 -16.51
CA ASP R 63 -23.87 12.91 -17.49
C ASP R 63 -24.77 14.15 -17.58
N LEU R 64 -26.08 13.98 -17.36
CA LEU R 64 -26.99 15.11 -17.38
C LEU R 64 -26.81 16.01 -16.16
N THR R 65 -26.53 15.41 -15.00
CA THR R 65 -26.34 16.15 -13.76
C THR R 65 -25.02 16.91 -13.75
N MET R 66 -24.02 16.40 -14.47
CA MET R 66 -22.75 17.12 -14.63
C MET R 66 -22.95 18.42 -15.41
N ARG R 67 -23.86 18.43 -16.37
CA ARG R 67 -24.15 19.59 -17.20
C ARG R 67 -25.27 20.46 -16.65
N GLN R 68 -25.90 20.05 -15.54
CA GLN R 68 -27.08 20.68 -14.94
C GLN R 68 -28.22 20.80 -15.95
N GLN R 69 -28.54 19.69 -16.61
CA GLN R 69 -29.58 19.67 -17.62
C GLN R 69 -30.49 18.46 -17.40
N ILE R 70 -31.67 18.52 -18.01
CA ILE R 70 -32.63 17.42 -17.98
C ILE R 70 -33.01 17.07 -19.42
N LEU R 71 -33.81 16.03 -19.55
CA LEU R 71 -34.24 15.51 -20.84
C LEU R 71 -35.45 16.29 -21.35
N PRO R 72 -35.74 16.23 -22.65
CA PRO R 72 -37.03 16.73 -23.14
C PRO R 72 -38.20 15.97 -22.53
N LYS R 73 -39.32 16.69 -22.38
CA LYS R 73 -40.47 16.19 -21.64
C LYS R 73 -41.14 14.98 -22.30
N GLU R 74 -40.95 14.78 -23.60
CA GLU R 74 -41.46 13.59 -24.26
C GLU R 74 -40.59 12.37 -24.01
N GLN R 75 -39.41 12.53 -23.41
CA GLN R 75 -38.54 11.41 -23.08
C GLN R 75 -38.52 11.11 -21.58
N TRP R 76 -39.41 11.70 -20.80
CA TRP R 76 -39.48 11.39 -19.39
C TRP R 76 -40.13 10.02 -19.17
N THR R 77 -39.74 9.36 -18.08
CA THR R 77 -40.30 8.06 -17.75
C THR R 77 -41.71 8.22 -17.22
N LYS R 78 -42.67 7.52 -17.83
CA LYS R 78 -44.06 7.63 -17.43
C LYS R 78 -44.31 6.87 -16.13
N TYR R 79 -45.39 7.25 -15.45
CA TYR R 79 -45.70 6.64 -14.16
C TYR R 79 -46.21 5.22 -14.34
N GLU R 80 -47.16 5.02 -15.25
CA GLU R 80 -47.64 3.67 -15.54
C GLU R 80 -46.88 3.02 -16.67
N GLU R 81 -45.55 3.14 -16.65
CA GLU R 81 -44.66 2.39 -17.52
C GLU R 81 -43.38 2.03 -16.79
N ASP R 82 -43.31 2.31 -15.48
CA ASP R 82 -42.11 2.04 -14.69
C ASP R 82 -42.12 0.59 -14.26
N LYS R 83 -41.09 -0.15 -14.67
CA LYS R 83 -40.99 -1.59 -14.43
C LYS R 83 -40.13 -1.85 -13.21
N PHE R 84 -40.68 -2.56 -12.22
CA PHE R 84 -39.93 -2.90 -11.01
C PHE R 84 -39.13 -4.18 -11.25
N TYR R 85 -38.07 -4.03 -12.05
CA TYR R 85 -37.31 -5.18 -12.52
C TYR R 85 -36.48 -5.84 -11.41
N LEU R 86 -36.17 -5.11 -10.34
CA LEU R 86 -35.30 -5.63 -9.29
C LEU R 86 -36.07 -6.23 -8.11
N GLU R 87 -37.35 -5.89 -7.96
CA GLU R 87 -38.11 -6.32 -6.78
C GLU R 87 -38.32 -7.84 -6.63
N PRO R 88 -38.50 -8.67 -7.67
CA PRO R 88 -38.53 -10.12 -7.42
C PRO R 88 -37.19 -10.71 -7.01
N TYR R 89 -36.08 -10.17 -7.48
CA TYR R 89 -34.78 -10.70 -7.10
C TYR R 89 -34.39 -10.27 -5.70
N LEU R 90 -34.91 -9.16 -5.21
CA LEU R 90 -34.53 -8.65 -3.90
C LEU R 90 -35.32 -9.32 -2.78
N LYS R 91 -36.57 -9.68 -3.05
CA LYS R 91 -37.39 -10.35 -2.05
C LYS R 91 -36.88 -11.75 -1.75
N GLU R 92 -36.21 -12.38 -2.72
CA GLU R 92 -35.68 -13.71 -2.53
C GLU R 92 -34.35 -13.69 -1.78
N VAL R 93 -33.53 -12.66 -2.01
CA VAL R 93 -32.25 -12.53 -1.29
C VAL R 93 -32.48 -12.27 0.18
N ILE R 94 -33.52 -11.49 0.52
CA ILE R 94 -33.81 -11.14 1.90
C ILE R 94 -34.41 -12.34 2.64
N ARG R 95 -35.28 -13.10 1.97
CA ARG R 95 -35.84 -14.33 2.55
C ARG R 95 -34.76 -15.36 2.88
N GLU R 96 -33.69 -15.39 2.11
CA GLU R 96 -32.60 -16.31 2.42
C GLU R 96 -31.76 -15.82 3.59
N ARG R 97 -31.67 -14.50 3.79
CA ARG R 97 -30.93 -13.98 4.94
C ARG R 97 -31.70 -14.22 6.23
N LYS R 98 -33.03 -14.11 6.18
CA LYS R 98 -33.83 -14.35 7.37
C LYS R 98 -33.94 -15.83 7.71
N GLU R 99 -33.70 -16.71 6.76
CA GLU R 99 -33.67 -18.14 7.07
C GLU R 99 -32.39 -18.53 7.80
N ARG R 100 -31.26 -17.96 7.40
CA ARG R 100 -29.99 -18.21 8.08
C ARG R 100 -29.92 -17.58 9.46
N GLU R 101 -30.83 -16.67 9.79
CA GLU R 101 -30.85 -16.02 11.08
C GLU R 101 -31.76 -16.69 12.10
N GLU R 102 -32.88 -17.29 11.67
CA GLU R 102 -33.64 -18.12 12.57
C GLU R 102 -32.90 -19.41 12.91
N TRP R 103 -32.06 -19.90 12.01
CA TRP R 103 -31.29 -21.11 12.27
C TRP R 103 -30.18 -20.86 13.29
N ALA R 104 -29.60 -19.65 13.31
CA ALA R 104 -28.50 -19.36 14.20
C ALA R 104 -28.94 -19.10 15.64
N LYS R 105 -30.24 -18.95 15.89
CA LYS R 105 -30.75 -18.78 17.25
C LYS R 105 -31.69 -19.91 17.67
N LYS R 106 -31.93 -20.88 16.80
CA LYS R 106 -32.72 -22.05 17.15
C LYS R 106 -32.03 -23.30 16.64
N GLY S 1 -7.21 -1.16 -4.26
CA GLY S 1 -7.51 -1.96 -5.43
C GLY S 1 -8.51 -1.29 -6.35
N ARG S 2 -8.72 -0.01 -6.14
CA ARG S 2 -9.63 0.79 -6.97
C ARG S 2 -8.78 1.58 -7.96
N GLU S 3 -8.43 0.94 -9.06
CA GLU S 3 -7.77 1.55 -10.20
C GLU S 3 -8.63 1.39 -11.43
N PHE S 4 -8.23 2.04 -12.53
CA PHE S 4 -9.15 2.30 -13.63
C PHE S 4 -9.50 1.07 -14.44
N GLY S 5 -8.60 0.10 -14.56
CA GLY S 5 -9.00 -1.07 -15.31
C GLY S 5 -9.83 -2.11 -14.57
N HIS S 6 -10.15 -1.89 -13.30
CA HIS S 6 -10.70 -2.93 -12.43
C HIS S 6 -12.00 -2.49 -11.76
N LEU S 7 -12.74 -1.58 -12.36
CA LEU S 7 -13.87 -0.97 -11.66
C LEU S 7 -15.20 -1.69 -11.86
N THR S 8 -15.65 -1.86 -13.10
CA THR S 8 -16.99 -2.39 -13.35
C THR S 8 -17.05 -3.02 -14.74
N ARG S 9 -18.19 -3.64 -15.04
CA ARG S 9 -18.41 -4.33 -16.30
C ARG S 9 -19.39 -3.54 -17.17
N MET S 10 -19.04 -3.35 -18.45
CA MET S 10 -19.82 -2.49 -19.33
C MET S 10 -19.79 -2.99 -20.77
N ARG S 11 -20.94 -2.97 -21.43
CA ARG S 11 -21.10 -3.46 -22.79
C ARG S 11 -21.99 -2.53 -23.62
N HIS S 12 -21.64 -2.39 -24.91
CA HIS S 12 -22.45 -1.79 -25.98
C HIS S 12 -22.66 -0.27 -25.83
N VAL S 13 -21.65 0.46 -25.34
CA VAL S 13 -21.80 1.90 -25.10
C VAL S 13 -20.69 2.64 -25.85
N ILE S 14 -21.08 3.63 -26.66
CA ILE S 14 -20.17 4.40 -27.49
C ILE S 14 -20.19 5.87 -27.09
N THR S 15 -18.99 6.49 -27.01
CA THR S 15 -18.82 7.90 -26.69
C THR S 15 -18.02 8.61 -27.78
N TYR S 16 -18.40 9.86 -28.06
CA TYR S 16 -17.73 10.72 -29.04
C TYR S 16 -17.26 12.01 -28.36
N SER S 17 -16.05 12.45 -28.68
CA SER S 17 -15.48 13.64 -28.05
C SER S 17 -14.75 14.51 -29.08
N LEU S 18 -14.64 15.79 -28.75
CA LEU S 18 -13.90 16.78 -29.53
C LEU S 18 -12.70 17.29 -28.73
N SER S 19 -11.66 17.68 -29.46
CA SER S 19 -10.48 18.27 -28.83
C SER S 19 -10.82 19.65 -28.25
N PRO S 20 -10.17 20.06 -27.16
CA PRO S 20 -10.45 21.38 -26.60
C PRO S 20 -9.98 22.53 -27.48
N PHE S 21 -8.95 22.30 -28.30
CA PHE S 21 -8.48 23.32 -29.24
C PHE S 21 -9.34 23.42 -30.49
N GLU S 22 -10.30 22.51 -30.69
CA GLU S 22 -11.17 22.55 -31.86
C GLU S 22 -12.51 23.21 -31.59
N GLN S 23 -12.80 23.53 -30.34
CA GLN S 23 -14.08 24.12 -29.96
C GLN S 23 -13.85 25.44 -29.26
N ARG S 24 -14.91 26.22 -29.15
CA ARG S 24 -14.85 27.49 -28.43
C ARG S 24 -15.22 27.26 -26.96
N ALA S 25 -14.44 27.86 -26.05
CA ALA S 25 -14.62 27.61 -24.63
C ALA S 25 -15.90 28.23 -24.08
N PHE S 26 -16.43 29.25 -24.76
CA PHE S 26 -17.71 29.85 -24.38
C PHE S 26 -18.70 29.65 -25.53
N PRO S 27 -19.50 28.58 -25.48
CA PRO S 27 -20.71 28.48 -26.30
C PRO S 27 -21.83 29.39 -25.79
N HIS S 28 -23.08 29.06 -26.19
CA HIS S 28 -24.27 29.78 -25.73
C HIS S 28 -24.29 29.98 -24.22
N TYR S 29 -24.14 31.28 -23.83
CA TYR S 29 -23.91 31.64 -22.43
C TYR S 29 -25.12 32.35 -21.82
N PHE S 30 -25.65 33.35 -22.51
CA PHE S 30 -26.89 33.99 -22.08
C PHE S 30 -28.10 33.52 -22.88
N THR S 31 -27.88 32.83 -23.99
CA THR S 31 -28.99 32.27 -24.75
C THR S 31 -29.52 31.00 -24.07
N LYS S 32 -28.63 30.13 -23.62
CA LYS S 32 -29.02 28.92 -22.90
C LYS S 32 -28.94 29.06 -21.39
N GLY S 33 -27.98 29.85 -20.89
CA GLY S 33 -27.68 29.83 -19.46
C GLY S 33 -28.73 30.53 -18.62
N ILE S 34 -29.23 31.67 -19.09
CA ILE S 34 -30.28 32.42 -18.38
C ILE S 34 -31.61 31.65 -18.33
N PRO S 35 -32.11 31.01 -19.41
CA PRO S 35 -33.30 30.15 -19.21
C PRO S 35 -33.03 28.89 -18.39
N ASN S 36 -31.77 28.45 -18.27
CA ASN S 36 -31.49 27.26 -17.48
C ASN S 36 -31.47 27.57 -16.00
N VAL S 37 -30.83 28.68 -15.60
CA VAL S 37 -30.76 29.04 -14.18
C VAL S 37 -32.07 29.60 -13.63
N LEU S 38 -33.10 29.77 -14.47
CA LEU S 38 -34.38 30.24 -13.99
C LEU S 38 -35.33 29.10 -13.66
N ARG S 39 -35.30 28.01 -14.43
CA ARG S 39 -36.11 26.85 -14.07
C ARG S 39 -35.46 26.01 -12.98
N ARG S 40 -34.14 26.13 -12.78
CA ARG S 40 -33.52 25.59 -11.58
C ARG S 40 -33.93 26.34 -10.33
N THR S 41 -34.13 27.65 -10.44
CA THR S 41 -34.62 28.45 -9.33
C THR S 41 -36.08 28.11 -9.03
N ARG S 42 -36.88 27.89 -10.07
CA ARG S 42 -38.29 27.54 -9.88
C ARG S 42 -38.46 26.16 -9.27
N ALA S 43 -37.56 25.23 -9.57
CA ALA S 43 -37.70 23.86 -9.09
C ALA S 43 -37.41 23.71 -7.61
N CYS S 44 -36.65 24.63 -7.02
CA CYS S 44 -36.26 24.51 -5.62
C CYS S 44 -36.80 25.60 -4.72
N ILE S 45 -37.65 26.50 -5.22
CA ILE S 45 -38.02 27.67 -4.41
C ILE S 45 -39.08 27.32 -3.36
N LEU S 46 -39.91 26.30 -3.59
CA LEU S 46 -40.94 25.95 -2.62
C LEU S 46 -40.43 25.05 -1.52
N ARG S 47 -39.20 24.56 -1.62
CA ARG S 47 -38.61 23.73 -0.59
C ARG S 47 -37.70 24.52 0.35
N VAL S 48 -36.94 25.47 -0.18
CA VAL S 48 -35.92 26.18 0.59
C VAL S 48 -36.49 27.42 1.27
N ALA S 49 -37.25 28.23 0.56
CA ALA S 49 -37.70 29.54 1.03
C ALA S 49 -38.72 29.59 2.18
N PRO S 50 -39.78 28.76 2.27
CA PRO S 50 -40.77 28.93 3.37
C PRO S 50 -40.24 28.72 4.79
N PRO S 51 -39.16 27.94 5.03
CA PRO S 51 -38.58 28.03 6.38
C PRO S 51 -37.99 29.39 6.74
N PHE S 52 -37.34 30.07 5.81
CA PHE S 52 -36.69 31.34 6.11
C PHE S 52 -37.68 32.50 6.18
N VAL S 53 -38.90 32.32 5.69
CA VAL S 53 -39.93 33.32 5.90
C VAL S 53 -40.43 33.30 7.35
N VAL S 54 -40.56 32.10 7.93
CA VAL S 54 -41.03 31.98 9.31
C VAL S 54 -39.97 32.48 10.30
N PHE S 55 -38.69 32.42 9.94
CA PHE S 55 -37.67 33.06 10.77
C PHE S 55 -37.82 34.58 10.76
N TYR S 56 -38.24 35.14 9.62
CA TYR S 56 -38.38 36.59 9.52
C TYR S 56 -39.54 37.10 10.36
N LEU S 57 -40.64 36.36 10.40
CA LEU S 57 -41.81 36.81 11.16
C LEU S 57 -41.58 36.68 12.66
N VAL S 58 -40.83 35.68 13.09
CA VAL S 58 -40.52 35.50 14.50
C VAL S 58 -39.51 36.56 14.95
N TYR S 59 -38.60 36.95 14.06
CA TYR S 59 -37.61 37.97 14.39
C TYR S 59 -38.25 39.34 14.56
N THR S 60 -39.27 39.65 13.76
CA THR S 60 -39.90 40.96 13.88
C THR S 60 -40.82 41.03 15.09
N TRP S 61 -41.52 39.94 15.40
CA TRP S 61 -42.35 39.88 16.59
C TRP S 61 -41.49 39.86 17.86
N GLY S 62 -40.26 39.38 17.77
CA GLY S 62 -39.44 39.26 18.96
C GLY S 62 -38.70 40.53 19.33
N THR S 63 -38.38 41.36 18.35
CA THR S 63 -37.73 42.64 18.63
C THR S 63 -38.72 43.74 18.92
N GLN S 64 -39.95 43.64 18.43
CA GLN S 64 -40.96 44.65 18.68
C GLN S 64 -41.66 44.46 20.02
N GLU S 65 -41.82 43.22 20.48
CA GLU S 65 -42.36 42.96 21.81
C GLU S 65 -41.31 43.11 22.90
N PHE S 66 -40.04 43.22 22.53
CA PHE S 66 -39.00 43.51 23.50
C PHE S 66 -39.03 44.96 23.94
N GLU S 67 -39.37 45.87 23.02
CA GLU S 67 -39.32 47.29 23.33
C GLU S 67 -40.51 47.76 24.13
N LYS S 68 -41.72 47.30 23.79
CA LYS S 68 -42.91 47.70 24.51
C LYS S 68 -43.20 46.82 25.71
N SER S 69 -42.25 45.97 26.10
CA SER S 69 -42.20 45.43 27.44
C SER S 69 -41.30 46.26 28.34
N LYS S 70 -40.22 46.80 27.77
CA LYS S 70 -39.32 47.74 28.42
C LYS S 70 -39.91 49.14 28.42
N ARG S 71 -39.10 50.14 28.44
CA ARG S 71 -39.40 51.55 28.67
C ARG S 71 -40.07 52.15 27.43
N LYS S 72 -41.37 51.67 27.24
CA LYS S 72 -42.32 52.26 26.31
C LYS S 72 -43.67 52.17 27.03
N ASN S 73 -44.11 53.27 27.63
CA ASN S 73 -45.19 53.20 28.62
C ASN S 73 -46.17 54.35 28.42
N PRO S 74 -47.13 54.20 27.49
CA PRO S 74 -48.08 55.29 27.23
C PRO S 74 -49.19 55.44 28.26
N ALA S 75 -49.81 54.33 28.68
CA ALA S 75 -51.10 54.39 29.36
C ALA S 75 -51.25 53.47 30.56
N ALA S 76 -50.30 52.58 30.83
CA ALA S 76 -50.36 51.69 31.99
C ALA S 76 -49.49 52.20 33.12
N TYR S 77 -49.47 53.51 33.31
CA TYR S 77 -48.39 54.18 34.01
C TYR S 77 -48.97 55.21 34.99
N GLU S 78 -49.94 54.75 35.78
CA GLU S 78 -50.72 55.61 36.66
C GLU S 78 -50.63 55.13 38.11
N ASN S 79 -51.44 55.73 38.98
CA ASN S 79 -51.46 55.37 40.39
C ASN S 79 -52.05 53.97 40.62
N ALA T 1 -10.40 33.04 -46.06
CA ALA T 1 -10.49 32.73 -44.63
C ALA T 1 -9.29 33.29 -43.86
N ALA T 2 -9.17 34.60 -43.84
CA ALA T 2 -8.09 35.25 -43.09
C ALA T 2 -8.39 35.17 -41.60
N PRO T 3 -7.43 34.78 -40.77
CA PRO T 3 -7.71 34.63 -39.33
C PRO T 3 -7.70 35.95 -38.59
N THR T 4 -7.91 35.91 -37.28
CA THR T 4 -7.80 37.09 -36.44
C THR T 4 -6.40 37.16 -35.84
N LEU T 5 -6.16 38.18 -35.03
CA LEU T 5 -4.87 38.36 -34.38
C LEU T 5 -4.79 37.61 -33.05
N THR T 6 -5.04 36.29 -33.10
CA THR T 6 -4.80 35.40 -31.98
C THR T 6 -3.61 34.48 -32.21
N ALA T 7 -3.02 34.49 -33.41
CA ALA T 7 -1.69 33.93 -33.64
C ALA T 7 -0.67 34.96 -33.15
N ARG T 8 -0.61 35.07 -31.82
CA ARG T 8 0.08 36.10 -31.05
C ARG T 8 1.59 36.08 -31.23
N LEU T 9 2.23 35.05 -30.70
CA LEU T 9 3.55 34.58 -31.11
C LEU T 9 3.63 33.06 -31.03
N TYR T 10 2.51 32.36 -31.25
CA TYR T 10 2.34 30.92 -31.03
C TYR T 10 3.35 30.09 -31.81
N SER T 11 3.69 30.51 -33.03
CA SER T 11 4.71 29.81 -33.81
C SER T 11 6.12 30.26 -33.44
N LEU T 12 6.27 31.27 -32.58
CA LEU T 12 7.54 31.92 -32.34
C LEU T 12 8.14 31.59 -30.98
N LEU T 13 7.32 31.57 -29.92
CA LEU T 13 7.80 31.29 -28.58
C LEU T 13 6.99 30.25 -27.81
N PHE T 14 5.73 30.01 -28.17
CA PHE T 14 4.80 29.33 -27.26
C PHE T 14 4.51 27.88 -27.61
N ARG T 15 5.10 27.34 -28.69
CA ARG T 15 4.74 25.99 -29.10
C ARG T 15 5.42 24.93 -28.25
N ARG T 16 6.73 25.07 -28.04
CA ARG T 16 7.52 24.01 -27.42
C ARG T 16 7.44 24.00 -25.90
N THR T 17 6.46 24.72 -25.31
CA THR T 17 6.25 25.00 -23.87
C THR T 17 7.55 25.31 -23.13
N SER T 18 8.45 26.03 -23.78
CA SER T 18 9.61 26.54 -23.07
C SER T 18 9.24 27.77 -22.25
N THR T 19 8.26 28.54 -22.73
CA THR T 19 7.76 29.70 -22.01
C THR T 19 7.05 29.32 -20.72
N PHE T 20 6.36 28.18 -20.68
CA PHE T 20 5.39 27.88 -19.64
C PHE T 20 6.05 27.49 -18.32
N ALA T 21 7.22 26.89 -18.38
CA ALA T 21 7.95 26.44 -17.22
C ALA T 21 8.53 27.60 -16.39
N LEU T 22 8.71 28.77 -16.99
CA LEU T 22 9.45 29.85 -16.36
C LEU T 22 8.76 31.20 -16.53
N THR T 23 7.42 31.23 -16.54
CA THR T 23 6.69 32.50 -16.53
C THR T 23 6.59 33.12 -15.15
N ILE T 24 7.01 32.41 -14.10
CA ILE T 24 7.17 33.06 -12.81
C ILE T 24 8.37 33.99 -12.84
N ALA T 25 9.33 33.71 -13.72
CA ALA T 25 10.63 34.38 -13.75
C ALA T 25 10.85 35.19 -15.02
N VAL T 26 10.78 34.56 -16.19
CA VAL T 26 11.07 35.23 -17.45
C VAL T 26 9.92 36.14 -17.87
N GLY T 27 8.74 35.55 -18.11
CA GLY T 27 7.58 36.32 -18.48
C GLY T 27 6.88 36.91 -17.26
N ALA T 28 7.58 37.82 -16.55
CA ALA T 28 7.10 38.30 -15.27
C ALA T 28 6.98 39.81 -15.17
N LEU T 29 7.40 40.55 -16.18
CA LEU T 29 7.49 42.00 -16.07
C LEU T 29 6.18 42.62 -16.56
N PHE T 30 6.17 43.93 -16.83
CA PHE T 30 5.03 44.75 -17.27
C PHE T 30 3.93 44.88 -16.23
N PHE T 31 4.10 44.38 -15.00
CA PHE T 31 2.99 44.41 -14.05
C PHE T 31 3.42 44.78 -12.63
N GLU T 32 4.61 45.36 -12.46
CA GLU T 32 4.85 46.18 -11.26
C GLU T 32 5.09 47.65 -11.56
N ARG T 33 6.05 47.99 -12.41
CA ARG T 33 6.40 49.37 -12.65
C ARG T 33 5.55 49.98 -13.76
N ALA T 34 4.95 49.15 -14.61
CA ALA T 34 3.99 49.65 -15.57
C ALA T 34 2.65 49.96 -14.92
N PHE T 35 2.38 49.34 -13.77
CA PHE T 35 1.24 49.72 -12.92
C PHE T 35 1.64 50.76 -11.89
N ASP T 36 2.28 51.84 -12.33
CA ASP T 36 2.16 53.12 -11.63
C ASP T 36 0.89 53.83 -12.06
N GLN T 37 0.30 53.37 -13.16
CA GLN T 37 -1.01 53.78 -13.64
C GLN T 37 -2.13 53.29 -12.72
N GLY T 38 -1.85 52.36 -11.81
CA GLY T 38 -2.88 51.70 -11.05
C GLY T 38 -3.28 52.41 -9.77
N ALA T 39 -3.01 51.77 -8.64
CA ALA T 39 -3.71 52.11 -7.39
C ALA T 39 -3.24 53.44 -6.81
N ASP T 40 -1.95 53.75 -6.91
CA ASP T 40 -1.39 54.92 -6.22
C ASP T 40 -1.85 56.23 -6.86
N ALA T 41 -2.02 56.25 -8.18
CA ALA T 41 -2.61 57.43 -8.82
C ALA T 41 -4.12 57.50 -8.59
N ILE T 42 -4.76 56.37 -8.29
CA ILE T 42 -6.18 56.40 -7.97
C ILE T 42 -6.41 56.76 -6.51
N TYR T 43 -5.58 56.21 -5.60
CA TYR T 43 -5.78 56.41 -4.17
C TYR T 43 -5.51 57.84 -3.75
N GLU T 44 -4.51 58.48 -4.35
CA GLU T 44 -4.22 59.88 -4.04
C GLU T 44 -5.18 60.85 -4.72
N HIS T 45 -5.97 60.38 -5.68
CA HIS T 45 -6.95 61.23 -6.33
C HIS T 45 -8.24 61.32 -5.53
N ILE T 46 -8.61 60.25 -4.83
CA ILE T 46 -9.76 60.29 -3.93
C ILE T 46 -9.43 61.07 -2.66
N ASN T 47 -8.15 61.17 -2.34
CA ASN T 47 -7.70 61.79 -1.09
C ASN T 47 -6.79 62.97 -1.38
N GLN T 48 -7.21 63.83 -2.30
CA GLN T 48 -6.39 64.97 -2.70
C GLN T 48 -6.36 66.02 -1.59
N GLY T 49 -5.15 66.43 -1.20
CA GLY T 49 -4.99 67.42 -0.16
C GLY T 49 -5.23 66.90 1.23
N LYS T 50 -5.18 65.59 1.43
CA LYS T 50 -5.38 64.99 2.74
C LYS T 50 -4.22 64.15 3.22
N LEU T 51 -3.36 63.66 2.35
CA LEU T 51 -2.20 62.89 2.76
C LEU T 51 -1.09 63.84 3.21
N TRP T 52 -0.04 63.27 3.80
CA TRP T 52 1.05 64.10 4.33
C TRP T 52 1.88 64.72 3.22
N LYS T 53 2.13 64.00 2.12
CA LYS T 53 2.98 64.56 1.08
C LYS T 53 2.23 65.55 0.19
N HIS T 54 0.96 65.81 0.48
CA HIS T 54 0.24 66.97 -0.06
C HIS T 54 0.45 68.20 0.83
N ILE T 55 0.24 68.08 2.13
CA ILE T 55 0.55 69.17 3.06
C ILE T 55 2.01 68.96 3.50
N LYS T 56 2.92 69.32 2.59
CA LYS T 56 4.34 69.18 2.90
C LYS T 56 5.15 70.43 2.64
N HIS T 57 4.85 71.21 1.59
CA HIS T 57 5.58 72.44 1.32
C HIS T 57 5.29 73.52 2.35
N LYS T 58 4.20 73.41 3.10
CA LYS T 58 3.87 74.37 4.13
C LYS T 58 4.80 74.29 5.34
N TYR T 59 5.55 73.20 5.51
CA TYR T 59 6.27 72.96 6.75
C TYR T 59 7.75 72.58 6.57
N GLU T 60 8.32 72.72 5.38
CA GLU T 60 9.77 72.69 5.24
C GLU T 60 10.25 74.01 4.65
N ASN T 61 11.55 74.28 4.88
CA ASN T 61 12.25 75.46 4.39
C ASN T 61 11.59 76.75 4.87
N LYS T 62 11.08 76.71 6.11
CA LYS T 62 10.38 77.84 6.73
C LYS T 62 11.41 78.81 7.32
N LEU U 2 38.95 5.20 -15.80
CA LEU U 2 37.66 4.50 -15.78
C LEU U 2 36.88 4.65 -17.07
N SER U 3 36.31 3.55 -17.55
CA SER U 3 35.36 3.57 -18.67
C SER U 3 33.93 3.50 -18.17
N ARG U 4 33.66 4.20 -17.06
CA ARG U 4 32.33 4.18 -16.44
C ARG U 4 31.30 4.87 -17.32
N PHE U 5 31.48 6.17 -17.56
CA PHE U 5 30.58 6.97 -18.39
C PHE U 5 31.24 7.38 -19.69
N LEU U 6 32.17 6.55 -20.19
CA LEU U 6 32.89 6.86 -21.40
C LEU U 6 31.99 6.69 -22.62
N GLY U 7 32.22 7.50 -23.63
CA GLY U 7 31.55 7.34 -24.90
C GLY U 7 31.30 8.64 -25.63
N PRO U 8 31.21 8.57 -26.96
CA PRO U 8 30.75 9.74 -27.73
C PRO U 8 29.26 9.99 -27.66
N ARG U 9 28.49 9.09 -27.05
CA ARG U 9 27.05 9.30 -26.84
C ARG U 9 26.76 10.15 -25.62
N TYR U 10 27.65 10.12 -24.62
CA TYR U 10 27.37 10.78 -23.34
C TYR U 10 27.42 12.30 -23.46
N ARG U 11 28.33 12.82 -24.29
CA ARG U 11 28.42 14.25 -24.53
C ARG U 11 27.79 14.68 -25.85
N GLU U 12 27.00 13.81 -26.46
CA GLU U 12 26.20 14.19 -27.63
C GLU U 12 24.83 14.72 -27.22
N LEU U 13 24.14 14.03 -26.31
CA LEU U 13 22.95 14.57 -25.68
C LEU U 13 23.28 15.72 -24.74
N ALA U 14 24.49 15.74 -24.18
CA ALA U 14 25.00 16.89 -23.44
C ALA U 14 25.56 17.98 -24.34
N ARG U 15 25.61 17.75 -25.66
CA ARG U 15 25.94 18.82 -26.59
C ARG U 15 24.72 19.66 -26.92
N ASN U 16 23.56 19.01 -27.10
CA ASN U 16 22.33 19.71 -27.43
C ASN U 16 21.57 20.20 -26.21
N TRP U 17 22.04 19.90 -25.00
CA TRP U 17 21.42 20.38 -23.79
C TRP U 17 22.15 21.56 -23.17
N ILE U 18 23.44 21.73 -23.44
CA ILE U 18 24.19 22.90 -22.98
C ILE U 18 23.68 24.24 -23.56
N PRO U 19 22.91 24.32 -24.67
CA PRO U 19 22.13 25.56 -24.86
C PRO U 19 21.03 25.77 -23.82
N THR U 20 20.30 24.72 -23.43
CA THR U 20 19.27 24.85 -22.41
C THR U 20 19.76 24.37 -21.04
N ALA U 21 21.07 24.39 -20.82
CA ALA U 21 21.63 24.17 -19.49
C ALA U 21 22.04 25.48 -18.83
N SER U 22 21.81 26.62 -19.49
CA SER U 22 21.69 27.87 -18.75
C SER U 22 20.32 28.00 -18.10
N MET U 23 19.40 27.09 -18.44
CA MET U 23 18.22 26.85 -17.61
C MET U 23 18.55 26.08 -16.32
N TRP U 24 19.81 25.64 -16.15
CA TRP U 24 20.30 25.11 -14.88
C TRP U 24 20.98 26.16 -14.02
N GLY U 25 21.82 27.01 -14.61
CA GLY U 25 22.60 27.95 -13.82
C GLY U 25 22.07 29.38 -13.77
N ALA U 26 21.64 29.92 -14.90
CA ALA U 26 21.08 31.27 -14.88
C ALA U 26 19.68 31.30 -14.32
N VAL U 27 18.97 30.17 -14.37
CA VAL U 27 17.67 30.07 -13.72
C VAL U 27 17.82 30.04 -12.21
N GLY U 28 18.90 29.42 -11.70
CA GLY U 28 19.24 29.63 -10.30
C GLY U 28 19.68 31.04 -10.01
N ALA U 29 20.25 31.73 -11.00
CA ALA U 29 20.66 33.12 -10.79
C ALA U 29 19.47 34.07 -10.81
N VAL U 30 18.41 33.73 -11.54
CA VAL U 30 17.17 34.51 -11.45
C VAL U 30 16.19 33.91 -10.45
N GLY U 31 16.45 32.69 -9.98
CA GLY U 31 15.69 32.10 -8.90
C GLY U 31 16.08 32.59 -7.52
N LEU U 32 17.10 33.44 -7.44
CA LEU U 32 17.49 34.08 -6.19
C LEU U 32 17.53 35.61 -6.31
N VAL U 33 16.56 36.18 -7.01
CA VAL U 33 16.44 37.64 -7.04
C VAL U 33 15.41 38.15 -6.04
N TRP U 34 14.26 37.50 -5.94
CA TRP U 34 13.22 37.90 -5.01
C TRP U 34 13.03 36.92 -3.86
N ALA U 35 13.66 35.75 -3.90
CA ALA U 35 13.65 34.86 -2.75
C ALA U 35 14.66 35.27 -1.69
N THR U 36 15.63 36.12 -2.06
CA THR U 36 16.77 36.44 -1.23
C THR U 36 16.87 37.93 -0.90
N ASP U 37 16.45 38.80 -1.82
CA ASP U 37 16.78 40.23 -1.85
C ASP U 37 18.31 40.39 -1.86
N TRP U 38 18.88 39.90 -2.95
CA TRP U 38 20.30 40.10 -3.24
C TRP U 38 20.55 41.57 -3.50
N ARG U 39 21.24 42.23 -2.57
CA ARG U 39 21.23 43.69 -2.50
C ARG U 39 22.01 44.35 -3.63
N LEU U 40 23.26 43.95 -3.85
CA LEU U 40 24.11 44.65 -4.82
C LEU U 40 23.91 44.16 -6.26
N ILE U 41 23.12 43.13 -6.50
CA ILE U 41 22.76 42.75 -7.86
C ILE U 41 21.25 42.91 -8.03
N LEU U 42 20.66 43.89 -7.33
CA LEU U 42 19.43 44.48 -7.83
C LEU U 42 19.69 45.70 -8.68
N ASP U 43 20.90 46.26 -8.59
CA ASP U 43 21.37 47.28 -9.52
C ASP U 43 22.03 46.67 -10.74
N TRP U 44 21.81 45.37 -10.97
CA TRP U 44 22.01 44.75 -12.28
C TRP U 44 21.25 45.52 -13.35
N VAL U 45 20.02 45.90 -13.06
CA VAL U 45 19.24 46.79 -13.92
C VAL U 45 18.99 48.08 -13.15
N PRO U 46 18.76 49.22 -13.84
CA PRO U 46 18.21 50.39 -13.16
C PRO U 46 16.71 50.28 -12.93
N TYR U 47 16.09 49.20 -13.39
CA TYR U 47 14.65 49.02 -13.41
C TYR U 47 14.05 48.61 -12.07
N ILE U 48 14.79 47.93 -11.20
CA ILE U 48 14.26 47.41 -9.94
C ILE U 48 14.60 48.42 -8.86
N ASN U 49 13.68 49.35 -8.62
CA ASN U 49 13.55 50.04 -7.34
C ASN U 49 12.41 49.37 -6.56
N GLY U 50 12.70 48.16 -6.09
CA GLY U 50 11.64 47.25 -5.67
C GLY U 50 11.17 47.45 -4.24
N LYS U 51 11.93 48.15 -3.41
CA LYS U 51 11.57 48.38 -2.00
C LYS U 51 11.64 49.87 -1.72
N PHE U 52 10.50 50.55 -1.89
CA PHE U 52 10.32 51.99 -1.63
C PHE U 52 11.33 52.87 -2.37
N MET V 1 10.28 -35.48 -57.83
CA MET V 1 10.97 -34.42 -58.54
C MET V 1 10.85 -33.09 -57.84
N LEU V 2 9.62 -32.70 -57.55
CA LEU V 2 9.27 -31.32 -57.24
C LEU V 2 8.99 -31.17 -55.74
N SER V 3 8.53 -29.98 -55.38
CA SER V 3 8.22 -29.64 -54.00
C SER V 3 6.94 -30.32 -53.54
N VAL V 4 6.62 -30.14 -52.26
CA VAL V 4 5.29 -30.48 -51.77
C VAL V 4 4.31 -29.34 -51.99
N ALA V 5 4.79 -28.14 -52.31
CA ALA V 5 3.91 -27.01 -52.58
C ALA V 5 3.44 -26.96 -54.02
N SER V 6 4.16 -27.62 -54.93
CA SER V 6 3.73 -27.68 -56.33
C SER V 6 2.48 -28.53 -56.48
N ARG V 7 2.53 -29.77 -55.99
CA ARG V 7 1.35 -30.64 -55.89
C ARG V 7 0.71 -30.30 -54.55
N SER V 8 -0.19 -29.33 -54.59
CA SER V 8 -0.52 -28.56 -53.40
C SER V 8 -1.39 -29.33 -52.42
N GLY V 9 -1.23 -29.01 -51.14
CA GLY V 9 -2.01 -29.63 -50.09
C GLY V 9 -1.33 -30.01 -48.78
N PRO V 10 -0.12 -30.55 -48.77
CA PRO V 10 0.57 -30.74 -47.48
C PRO V 10 1.19 -29.44 -47.03
N PHE V 11 1.09 -29.18 -45.73
CA PHE V 11 1.33 -27.84 -45.23
C PHE V 11 2.68 -27.70 -44.56
N ALA V 12 3.04 -26.44 -44.31
CA ALA V 12 4.35 -26.00 -43.91
C ALA V 12 4.22 -24.83 -42.94
N PRO V 13 4.95 -24.84 -41.81
CA PRO V 13 5.04 -23.63 -40.98
C PRO V 13 6.33 -22.84 -41.18
N VAL V 14 6.30 -21.54 -40.87
CA VAL V 14 7.51 -20.72 -40.90
C VAL V 14 7.67 -19.98 -39.57
N LEU V 15 8.93 -19.69 -39.23
CA LEU V 15 9.30 -18.76 -38.16
C LEU V 15 10.23 -17.71 -38.75
N SER V 16 10.03 -16.44 -38.40
CA SER V 16 10.95 -15.40 -38.81
C SER V 16 11.63 -14.78 -37.59
N ALA V 17 12.58 -13.88 -37.87
CA ALA V 17 13.23 -13.05 -36.86
C ALA V 17 12.52 -11.72 -36.67
N THR V 18 12.02 -11.11 -37.75
CA THR V 18 11.32 -9.84 -37.69
C THR V 18 9.95 -9.90 -38.37
N SER V 19 9.44 -11.09 -38.67
CA SER V 19 8.13 -11.23 -39.31
C SER V 19 7.34 -12.32 -38.60
N ARG V 20 6.08 -12.45 -38.98
CA ARG V 20 5.12 -13.27 -38.27
C ARG V 20 5.18 -14.73 -38.73
N GLY V 21 4.61 -15.62 -37.92
CA GLY V 21 4.54 -17.03 -38.24
C GLY V 21 3.36 -17.33 -39.14
N VAL V 22 3.62 -18.11 -40.19
CA VAL V 22 2.62 -18.46 -41.20
C VAL V 22 2.43 -19.98 -41.16
N ALA V 23 1.20 -20.43 -41.40
CA ALA V 23 0.88 -21.84 -41.51
C ALA V 23 0.36 -22.15 -42.91
N GLY V 24 1.02 -23.08 -43.60
CA GLY V 24 0.43 -23.73 -44.76
C GLY V 24 0.43 -22.88 -46.02
N ALA V 25 -0.10 -23.49 -47.08
CA ALA V 25 -0.26 -22.84 -48.37
C ALA V 25 -1.73 -22.72 -48.76
N LEU V 26 -2.45 -23.84 -48.88
CA LEU V 26 -3.84 -23.85 -49.31
C LEU V 26 -4.81 -24.12 -48.16
N ARG V 27 -4.41 -23.83 -46.92
CA ARG V 27 -5.32 -24.01 -45.80
C ARG V 27 -6.44 -22.97 -45.80
N PRO V 28 -6.19 -21.66 -46.02
CA PRO V 28 -7.40 -20.84 -46.27
C PRO V 28 -7.80 -20.83 -47.75
N LEU V 29 -8.20 -21.99 -48.26
CA LEU V 29 -8.65 -22.08 -49.65
C LEU V 29 -10.09 -21.59 -49.71
N VAL V 30 -10.44 -20.91 -50.80
CA VAL V 30 -11.58 -20.01 -50.77
C VAL V 30 -12.68 -20.50 -51.69
N GLN V 31 -13.74 -19.69 -51.78
CA GLN V 31 -15.13 -20.10 -52.07
C GLN V 31 -15.67 -21.09 -51.05
N ALA V 32 -15.12 -21.02 -49.85
CA ALA V 32 -15.87 -21.18 -48.62
C ALA V 32 -16.22 -19.84 -48.01
N ALA V 33 -15.60 -18.77 -48.51
CA ALA V 33 -15.79 -17.41 -48.03
C ALA V 33 -16.84 -16.64 -48.83
N LEU V 34 -17.03 -16.97 -50.11
CA LEU V 34 -18.16 -16.44 -50.87
C LEU V 34 -19.49 -17.09 -50.44
N PRO V 35 -19.56 -18.41 -50.17
CA PRO V 35 -20.67 -18.90 -49.34
C PRO V 35 -20.65 -18.25 -47.97
N ALA V 36 -21.84 -17.97 -47.45
CA ALA V 36 -22.02 -16.94 -46.42
C ALA V 36 -21.54 -17.40 -45.05
N THR V 37 -21.13 -16.42 -44.25
CA THR V 37 -20.81 -16.52 -42.82
C THR V 37 -19.68 -17.53 -42.58
N SER V 38 -18.51 -17.13 -43.07
CA SER V 38 -17.24 -17.69 -42.64
C SER V 38 -16.52 -16.59 -41.86
N GLU V 39 -16.57 -16.67 -40.54
CA GLU V 39 -15.98 -15.67 -39.66
C GLU V 39 -14.68 -16.18 -39.07
N SER V 40 -13.64 -15.37 -39.17
CA SER V 40 -12.42 -15.62 -38.42
C SER V 40 -12.60 -15.05 -37.02
N PRO V 41 -12.48 -15.85 -35.96
CA PRO V 41 -12.82 -15.37 -34.62
C PRO V 41 -11.78 -14.41 -34.06
N VAL V 42 -12.18 -13.74 -32.99
CA VAL V 42 -11.26 -12.94 -32.19
C VAL V 42 -10.37 -13.91 -31.41
N LEU V 43 -9.11 -13.55 -31.25
CA LEU V 43 -8.11 -14.44 -30.68
C LEU V 43 -7.62 -13.90 -29.34
N ASP V 44 -6.95 -14.77 -28.58
CA ASP V 44 -6.31 -14.38 -27.33
C ASP V 44 -4.83 -14.17 -27.48
N ALA V 45 -4.20 -14.94 -28.36
CA ALA V 45 -2.88 -14.62 -28.85
C ALA V 45 -2.97 -14.26 -30.33
N LYS V 46 -3.38 -13.03 -30.60
CA LYS V 46 -3.74 -12.69 -31.98
C LYS V 46 -2.54 -12.12 -32.74
N ARG V 47 -2.58 -12.29 -34.06
CA ARG V 47 -1.43 -12.05 -34.91
C ARG V 47 -1.85 -11.14 -36.07
N SER V 48 -0.85 -10.55 -36.72
CA SER V 48 -1.08 -9.78 -37.93
C SER V 48 -0.86 -10.70 -39.13
N PHE V 49 -1.83 -10.74 -40.04
CA PHE V 49 -1.85 -11.78 -41.06
C PHE V 49 -1.19 -11.32 -42.34
N LEU V 50 -1.34 -10.03 -42.69
CA LEU V 50 -0.65 -9.50 -43.85
C LEU V 50 0.84 -9.31 -43.53
N CYS V 51 1.14 -9.00 -42.27
CA CYS V 51 2.40 -9.29 -41.58
C CYS V 51 3.63 -8.73 -42.28
N ARG V 52 3.45 -7.57 -42.96
CA ARG V 52 4.44 -6.78 -43.69
C ARG V 52 4.90 -7.49 -44.97
N GLU V 53 4.49 -8.74 -45.18
CA GLU V 53 5.01 -9.61 -46.24
C GLU V 53 4.58 -9.16 -47.63
N SER V 54 3.52 -8.36 -47.73
CA SER V 54 3.19 -7.64 -48.96
C SER V 54 2.96 -6.17 -48.57
N LEU V 55 4.05 -5.44 -48.42
CA LEU V 55 4.02 -4.01 -48.15
C LEU V 55 4.51 -3.28 -49.39
N SER V 56 4.03 -2.05 -49.59
CA SER V 56 4.43 -1.33 -50.78
C SER V 56 5.84 -0.74 -50.68
N GLY V 57 6.40 -0.64 -49.48
CA GLY V 57 7.69 -0.01 -49.29
C GLY V 57 7.58 1.40 -48.74
#